data_7QY3
#
_entry.id   7QY3
#
_cell.length_a   195.080
_cell.length_b   195.080
_cell.length_c   195.064
_cell.angle_alpha   90.000
_cell.angle_beta   90.000
_cell.angle_gamma   120.000
#
_symmetry.space_group_name_H-M   'P 31 2 1'
#
loop_
_entity.id
_entity.type
_entity.pdbx_description
1 polymer 'Putative oxidoreductase'
2 non-polymer "1,1'-ethane-1,2-diylbis(1H-pyrrole-2,5-dione)"
3 non-polymer 'SULFATE ION'
4 water water
#
_entity_poly.entity_id   1
_entity_poly.type   'polypeptide(L)'
_entity_poly.pdbx_seq_one_letter_code
;MGSSHHHHHHSSGLVPRGSHMSNAENRPVALITMATGYVGPALARTMADRGFDLVLHGTAGDGTMVGVEESFDSQIADLA
KRGADVLTISDVDLTTRTGNQSMIERVLERFGRLDSACLVTGLIVTGKFLDMTCDQWAKVKATNLDMVFHGLQAVLPPMV
AAGAGQCVVFTSATGGRPDPMVSIYGGTRAGANGIVRAVGLEHARHGVQVNAIGTNYMDFPGFLKASRADGDPERRAMIE
AQVPLRRLGTMDELSSVTAGLLDGSNRFQTGQFFDFSGGWGA
;
_entity_poly.pdbx_strand_id   A,B,C,D,E,F,G,H,I,J
#
loop_
_chem_comp.id
_chem_comp.type
_chem_comp.name
_chem_comp.formula
ME7 non-polymer 1,1'-ethane-1,2-diylbis(1H-pyrrole-2,5-dione) 'C10 H8 N2 O4'
SO4 non-polymer 'SULFATE ION' 'O4 S -2'
#
# COMPACT_ATOMS: atom_id res chain seq x y z
N GLU A 25 -38.07 28.49 48.71
CA GLU A 25 -38.33 29.39 47.60
C GLU A 25 -38.99 28.65 46.44
N ASN A 26 -39.50 27.46 46.72
CA ASN A 26 -40.07 26.57 45.70
C ASN A 26 -39.07 26.33 44.57
N ARG A 27 -37.89 25.86 44.95
CA ARG A 27 -36.81 25.67 43.99
C ARG A 27 -36.98 24.35 43.26
N PRO A 28 -36.97 24.35 41.93
CA PRO A 28 -37.02 23.08 41.19
C PRO A 28 -35.90 22.15 41.62
N VAL A 29 -36.12 20.85 41.42
CA VAL A 29 -35.20 19.82 41.87
C VAL A 29 -34.67 19.04 40.67
N ALA A 30 -33.36 18.81 40.66
CA ALA A 30 -32.69 18.07 39.61
C ALA A 30 -32.09 16.80 40.20
N LEU A 31 -32.33 15.67 39.52
CA LEU A 31 -31.73 14.40 39.90
C LEU A 31 -30.58 14.09 38.95
N ILE A 32 -29.44 13.71 39.50
CA ILE A 32 -28.22 13.43 38.74
C ILE A 32 -27.66 12.11 39.23
N THR A 33 -27.75 11.08 38.41
CA THR A 33 -27.20 9.77 38.74
C THR A 33 -25.73 9.69 38.32
N MET A 34 -25.02 8.71 38.90
CA MET A 34 -23.58 8.57 38.73
C MET A 34 -22.82 9.83 39.15
N ALA A 35 -23.42 10.62 40.05
CA ALA A 35 -22.96 11.97 40.31
C ALA A 35 -21.62 12.04 41.02
N THR A 36 -21.09 10.93 41.52
CA THR A 36 -19.75 10.94 42.09
C THR A 36 -18.67 10.97 41.01
N GLY A 37 -19.04 10.90 39.73
CA GLY A 37 -18.06 10.87 38.66
C GLY A 37 -18.62 11.45 37.38
N TYR A 38 -17.74 11.52 36.38
CA TYR A 38 -18.12 11.91 35.01
C TYR A 38 -18.64 13.34 35.04
N VAL A 39 -19.82 13.63 34.48
CA VAL A 39 -20.33 14.99 34.44
C VAL A 39 -21.01 15.39 35.75
N GLY A 40 -21.51 14.41 36.51
CA GLY A 40 -22.27 14.65 37.72
C GLY A 40 -21.80 15.78 38.62
N PRO A 41 -20.53 15.74 39.04
CA PRO A 41 -20.05 16.81 39.95
C PRO A 41 -20.16 18.20 39.36
N ALA A 42 -19.70 18.40 38.11
CA ALA A 42 -19.75 19.73 37.51
C ALA A 42 -21.17 20.14 37.18
N LEU A 43 -22.01 19.19 36.76
CA LEU A 43 -23.40 19.52 36.46
C LEU A 43 -24.14 19.98 37.71
N ALA A 44 -23.86 19.35 38.85
CA ALA A 44 -24.54 19.73 40.09
C ALA A 44 -24.21 21.16 40.48
N ARG A 45 -22.94 21.56 40.36
CA ARG A 45 -22.54 22.91 40.71
C ARG A 45 -23.32 23.94 39.90
N THR A 46 -23.24 23.86 38.57
CA THR A 46 -23.97 24.81 37.74
C THR A 46 -25.47 24.71 38.00
N MET A 47 -26.02 23.49 37.99
CA MET A 47 -27.44 23.29 38.30
C MET A 47 -27.83 24.00 39.60
N ALA A 48 -26.95 23.96 40.60
CA ALA A 48 -27.21 24.71 41.83
C ALA A 48 -27.19 26.21 41.58
N ASP A 49 -26.23 26.68 40.79
CA ASP A 49 -26.14 28.11 40.51
C ASP A 49 -27.37 28.60 39.76
N ARG A 50 -28.03 27.74 39.00
CA ARG A 50 -29.30 28.09 38.39
C ARG A 50 -30.48 27.96 39.35
N GLY A 51 -30.21 27.78 40.64
CA GLY A 51 -31.27 27.76 41.65
C GLY A 51 -32.03 26.46 41.76
N PHE A 52 -31.36 25.33 41.66
CA PHE A 52 -31.98 24.03 41.74
C PHE A 52 -31.67 23.35 43.07
N ASP A 53 -32.58 22.49 43.52
CA ASP A 53 -32.28 21.53 44.57
C ASP A 53 -31.85 20.22 43.91
N LEU A 54 -31.02 19.47 44.62
CA LEU A 54 -30.29 18.37 43.99
C LEU A 54 -30.53 17.07 44.72
N VAL A 55 -30.62 15.98 43.94
CA VAL A 55 -30.62 14.62 44.45
C VAL A 55 -29.51 13.88 43.71
N LEU A 56 -28.41 13.62 44.40
CA LEU A 56 -27.22 13.04 43.77
C LEU A 56 -27.15 11.56 44.07
N HIS A 57 -27.34 10.75 43.03
CA HIS A 57 -27.05 9.32 43.11
C HIS A 57 -25.59 9.10 42.72
N GLY A 58 -24.93 8.17 43.41
CA GLY A 58 -23.54 7.92 43.10
C GLY A 58 -22.96 6.86 44.02
N THR A 59 -21.64 6.68 43.90
CA THR A 59 -20.92 5.67 44.66
C THR A 59 -20.45 6.26 45.98
N ALA A 60 -20.81 5.60 47.09
CA ALA A 60 -20.43 6.07 48.41
C ALA A 60 -18.98 5.69 48.71
N GLY A 61 -18.33 6.52 49.53
CA GLY A 61 -16.95 6.34 49.94
C GLY A 61 -16.15 7.61 49.73
N ASP A 62 -14.84 7.47 49.78
CA ASP A 62 -13.91 8.58 49.62
C ASP A 62 -13.25 8.51 48.25
N GLY A 63 -12.21 9.34 48.04
CA GLY A 63 -11.53 9.36 46.75
C GLY A 63 -10.76 8.09 46.46
N THR A 64 -10.32 7.39 47.51
CA THR A 64 -9.59 6.15 47.30
C THR A 64 -10.50 5.01 46.83
N MET A 65 -11.81 5.21 46.82
CA MET A 65 -12.73 4.18 46.36
C MET A 65 -12.85 4.22 44.84
N VAL A 66 -13.01 3.03 44.24
CA VAL A 66 -13.07 2.93 42.78
C VAL A 66 -14.37 3.56 42.28
N GLY A 67 -14.26 4.34 41.21
CA GLY A 67 -15.40 5.01 40.64
C GLY A 67 -15.75 6.33 41.30
N VAL A 68 -14.95 6.79 42.26
CA VAL A 68 -15.20 8.03 42.98
C VAL A 68 -14.08 8.99 42.60
N GLU A 69 -14.37 9.91 41.69
CA GLU A 69 -13.41 10.96 41.36
C GLU A 69 -13.59 12.18 42.25
N GLU A 70 -14.84 12.58 42.49
CA GLU A 70 -15.17 13.63 43.46
C GLU A 70 -16.09 13.00 44.50
N SER A 71 -15.58 12.84 45.72
CA SER A 71 -16.31 12.15 46.77
C SER A 71 -17.64 12.85 47.04
N PHE A 72 -18.57 12.09 47.62
CA PHE A 72 -19.84 12.64 48.05
C PHE A 72 -19.59 13.85 48.94
N ASP A 73 -18.95 13.62 50.09
CA ASP A 73 -18.83 14.63 51.14
C ASP A 73 -18.34 15.98 50.61
N SER A 74 -17.43 15.94 49.63
CA SER A 74 -16.90 17.19 49.08
C SER A 74 -17.98 18.03 48.42
N GLN A 75 -18.97 17.38 47.81
CA GLN A 75 -19.95 18.11 47.01
C GLN A 75 -21.00 18.81 47.85
N ILE A 76 -21.40 18.22 49.00
CA ILE A 76 -22.42 18.85 49.83
C ILE A 76 -21.91 20.18 50.38
N ALA A 77 -20.63 20.24 50.73
CA ALA A 77 -20.05 21.47 51.26
C ALA A 77 -20.12 22.59 50.21
N ASP A 78 -19.71 22.28 48.98
CA ASP A 78 -19.77 23.28 47.91
C ASP A 78 -21.21 23.57 47.51
N LEU A 79 -22.01 22.51 47.31
CA LEU A 79 -23.39 22.68 46.89
C LEU A 79 -24.16 23.53 47.89
N ALA A 80 -23.85 23.38 49.18
CA ALA A 80 -24.49 24.23 50.19
C ALA A 80 -24.07 25.69 50.04
N LYS A 81 -22.79 25.93 49.74
CA LYS A 81 -22.31 27.30 49.57
C LYS A 81 -23.06 28.01 48.45
N ARG A 82 -23.29 27.31 47.34
CA ARG A 82 -24.11 27.83 46.26
C ARG A 82 -25.60 27.83 46.61
N GLY A 83 -25.93 27.55 47.87
CA GLY A 83 -27.31 27.56 48.32
C GLY A 83 -28.12 26.43 47.73
N ALA A 84 -27.80 25.19 48.09
CA ALA A 84 -28.51 24.04 47.54
C ALA A 84 -28.60 22.92 48.56
N ASP A 85 -29.79 22.35 48.69
CA ASP A 85 -30.00 21.11 49.44
C ASP A 85 -29.72 19.94 48.53
N VAL A 86 -29.04 18.92 49.07
CA VAL A 86 -28.69 17.73 48.29
C VAL A 86 -29.06 16.49 49.10
N LEU A 87 -29.75 15.55 48.45
CA LEU A 87 -30.00 14.22 49.00
C LEU A 87 -29.14 13.23 48.25
N THR A 88 -28.37 12.44 49.00
CA THR A 88 -27.45 11.47 48.41
C THR A 88 -28.06 10.09 48.48
N ILE A 89 -28.09 9.40 47.35
CA ILE A 89 -28.62 8.05 47.22
C ILE A 89 -27.50 7.15 46.72
N SER A 90 -27.29 6.02 47.39
CA SER A 90 -26.17 5.15 47.04
C SER A 90 -26.47 3.67 47.21
N ASP A 91 -27.72 3.29 47.50
CA ASP A 91 -28.06 1.92 47.84
C ASP A 91 -29.11 1.35 46.89
N VAL A 92 -29.03 1.70 45.60
CA VAL A 92 -29.96 1.21 44.59
C VAL A 92 -29.17 0.62 43.43
N ASP A 93 -29.78 -0.35 42.77
CA ASP A 93 -29.25 -0.93 41.54
C ASP A 93 -30.06 -0.35 40.37
N LEU A 94 -29.47 0.59 39.64
CA LEU A 94 -30.21 1.34 38.63
C LEU A 94 -30.49 0.54 37.37
N THR A 95 -30.04 -0.70 37.28
CA THR A 95 -30.42 -1.56 36.16
C THR A 95 -31.75 -2.26 36.39
N THR A 96 -32.39 -2.05 37.53
CA THR A 96 -33.61 -2.75 37.90
C THR A 96 -34.77 -1.76 38.06
N ARG A 97 -35.99 -2.29 37.93
CA ARG A 97 -37.18 -1.47 38.14
C ARG A 97 -37.26 -0.98 39.57
N THR A 98 -36.95 -1.85 40.54
CA THR A 98 -37.04 -1.46 41.94
C THR A 98 -36.03 -0.36 42.28
N GLY A 99 -34.80 -0.47 41.75
CA GLY A 99 -33.80 0.53 42.05
C GLY A 99 -34.20 1.92 41.59
N ASN A 100 -34.83 2.02 40.42
CA ASN A 100 -35.22 3.33 39.89
C ASN A 100 -36.53 3.80 40.50
N GLN A 101 -37.48 2.89 40.74
CA GLN A 101 -38.72 3.28 41.40
C GLN A 101 -38.46 3.77 42.81
N SER A 102 -37.48 3.15 43.50
CA SER A 102 -37.15 3.59 44.85
C SER A 102 -36.46 4.95 44.84
N MET A 103 -35.54 5.18 43.89
CA MET A 103 -34.84 6.45 43.81
C MET A 103 -35.83 7.61 43.66
N ILE A 104 -36.81 7.46 42.76
CA ILE A 104 -37.76 8.54 42.53
C ILE A 104 -38.70 8.70 43.71
N GLU A 105 -39.04 7.60 44.38
CA GLU A 105 -39.87 7.70 45.58
C GLU A 105 -39.18 8.51 46.67
N ARG A 106 -37.86 8.33 46.82
CA ARG A 106 -37.11 9.08 47.81
C ARG A 106 -36.89 10.52 47.40
N VAL A 107 -36.95 10.83 46.10
CA VAL A 107 -36.90 12.22 45.66
C VAL A 107 -38.20 12.93 46.01
N LEU A 108 -39.33 12.32 45.65
CA LEU A 108 -40.65 12.91 45.90
C LEU A 108 -40.94 12.99 47.39
N GLU A 109 -40.04 12.48 48.23
CA GLU A 109 -40.18 12.57 49.68
C GLU A 109 -39.46 13.78 50.24
N ARG A 110 -38.14 13.86 50.00
CA ARG A 110 -37.35 14.96 50.55
C ARG A 110 -37.79 16.30 49.99
N PHE A 111 -38.06 16.35 48.69
CA PHE A 111 -38.38 17.61 48.02
C PHE A 111 -39.77 17.68 47.43
N GLY A 112 -40.46 16.54 47.28
CA GLY A 112 -41.84 16.55 46.81
C GLY A 112 -42.03 16.98 45.38
N ARG A 113 -40.98 17.05 44.58
CA ARG A 113 -41.10 17.47 43.19
C ARG A 113 -39.88 17.02 42.41
N LEU A 114 -40.09 16.73 41.13
CA LEU A 114 -39.02 16.32 40.22
C LEU A 114 -39.21 17.07 38.91
N ASP A 115 -38.39 18.10 38.68
CA ASP A 115 -38.47 18.91 37.48
C ASP A 115 -37.44 18.51 36.43
N SER A 116 -36.23 18.17 36.84
CA SER A 116 -35.16 17.82 35.92
C SER A 116 -34.49 16.53 36.35
N ALA A 117 -34.12 15.70 35.37
CA ALA A 117 -33.49 14.42 35.64
C ALA A 117 -32.39 14.18 34.62
N CYS A 118 -31.18 13.92 35.12
CA CYS A 118 -30.03 13.56 34.28
C CYS A 118 -29.64 12.13 34.61
N LEU A 119 -29.90 11.21 33.68
CA LEU A 119 -29.71 9.78 33.90
C LEU A 119 -28.47 9.32 33.14
N VAL A 120 -27.34 9.31 33.83
CA VAL A 120 -26.11 8.74 33.28
C VAL A 120 -26.24 7.23 33.28
N THR A 121 -26.10 6.61 32.11
CA THR A 121 -26.28 5.18 31.95
C THR A 121 -25.09 4.59 31.21
N GLY A 122 -25.05 3.26 31.17
CA GLY A 122 -24.13 2.54 30.32
C GLY A 122 -22.83 2.15 30.99
N LEU A 123 -22.12 1.24 30.32
CA LEU A 123 -20.82 0.78 30.77
C LEU A 123 -20.07 0.22 29.56
N ILE A 124 -18.82 0.63 29.39
CA ILE A 124 -18.10 0.35 28.17
C ILE A 124 -17.78 -1.14 28.06
N VAL A 125 -17.82 -1.66 26.84
CA VAL A 125 -17.28 -2.97 26.52
C VAL A 125 -16.87 -2.95 25.05
N THR A 126 -15.65 -3.41 24.78
CA THR A 126 -15.12 -3.39 23.41
C THR A 126 -14.46 -4.73 23.12
N GLY A 127 -14.15 -4.94 21.85
CA GLY A 127 -13.59 -6.19 21.37
C GLY A 127 -14.31 -6.68 20.14
N LYS A 128 -13.70 -7.68 19.50
CA LYS A 128 -14.27 -8.27 18.30
C LYS A 128 -15.67 -8.82 18.59
N PHE A 129 -16.56 -8.66 17.61
CA PHE A 129 -17.94 -9.12 17.79
C PHE A 129 -17.99 -10.61 18.07
N LEU A 130 -17.21 -11.40 17.32
CA LEU A 130 -17.23 -12.85 17.50
C LEU A 130 -16.54 -13.30 18.77
N ASP A 131 -15.88 -12.39 19.49
CA ASP A 131 -15.28 -12.70 20.78
C ASP A 131 -16.20 -12.39 21.95
N MET A 132 -17.39 -11.85 21.69
CA MET A 132 -18.25 -11.35 22.75
C MET A 132 -18.93 -12.50 23.48
N THR A 133 -18.67 -12.61 24.79
CA THR A 133 -19.25 -13.65 25.60
C THR A 133 -20.71 -13.33 25.92
N CYS A 134 -21.44 -14.34 26.40
CA CYS A 134 -22.83 -14.15 26.78
C CYS A 134 -22.96 -13.20 27.96
N ASP A 135 -21.95 -13.15 28.83
CA ASP A 135 -22.00 -12.23 29.97
C ASP A 135 -21.84 -10.78 29.50
N GLN A 136 -20.92 -10.53 28.58
CA GLN A 136 -20.76 -9.19 28.03
C GLN A 136 -22.05 -8.73 27.34
N TRP A 137 -22.74 -9.64 26.67
CA TRP A 137 -24.00 -9.29 26.02
C TRP A 137 -25.07 -8.95 27.04
N ALA A 138 -25.19 -9.77 28.09
CA ALA A 138 -26.18 -9.51 29.12
C ALA A 138 -25.88 -8.22 29.88
N LYS A 139 -24.59 -7.93 30.10
CA LYS A 139 -24.23 -6.75 30.87
C LYS A 139 -24.46 -5.47 30.06
N VAL A 140 -24.08 -5.47 28.78
CA VAL A 140 -24.28 -4.27 27.97
C VAL A 140 -25.76 -4.02 27.73
N LYS A 141 -26.58 -5.08 27.73
CA LYS A 141 -28.03 -4.88 27.66
C LYS A 141 -28.56 -4.30 28.96
N ALA A 142 -27.93 -4.65 30.10
CA ALA A 142 -28.40 -4.15 31.38
C ALA A 142 -28.00 -2.69 31.59
N THR A 143 -26.80 -2.32 31.17
CA THR A 143 -26.30 -0.97 31.43
C THR A 143 -26.73 0.04 30.36
N ASN A 144 -26.82 -0.38 29.10
CA ASN A 144 -27.18 0.54 28.03
C ASN A 144 -28.67 0.65 27.79
N LEU A 145 -29.45 -0.37 28.17
CA LEU A 145 -30.88 -0.38 27.87
C LEU A 145 -31.74 -0.43 29.12
N ASP A 146 -31.52 -1.41 30.01
CA ASP A 146 -32.36 -1.53 31.20
C ASP A 146 -32.30 -0.26 32.04
N MET A 147 -31.12 0.35 32.15
CA MET A 147 -31.00 1.59 32.89
C MET A 147 -31.87 2.69 32.28
N VAL A 148 -32.01 2.69 30.97
CA VAL A 148 -32.82 3.70 30.29
C VAL A 148 -34.30 3.40 30.43
N PHE A 149 -34.68 2.14 30.22
CA PHE A 149 -36.08 1.76 30.32
C PHE A 149 -36.62 1.99 31.72
N HIS A 150 -35.92 1.47 32.73
CA HIS A 150 -36.38 1.65 34.10
C HIS A 150 -36.16 3.07 34.59
N GLY A 151 -35.06 3.71 34.17
CA GLY A 151 -34.81 5.08 34.58
C GLY A 151 -35.88 6.04 34.08
N LEU A 152 -36.35 5.83 32.84
CA LEU A 152 -37.38 6.70 32.28
C LEU A 152 -38.75 6.37 32.85
N GLN A 153 -39.07 5.07 33.00
CA GLN A 153 -40.35 4.69 33.57
C GLN A 153 -40.52 5.19 35.00
N ALA A 154 -39.43 5.60 35.65
CA ALA A 154 -39.49 6.10 37.02
C ALA A 154 -39.61 7.62 37.10
N VAL A 155 -38.87 8.34 36.25
CA VAL A 155 -38.86 9.80 36.36
C VAL A 155 -40.02 10.45 35.63
N LEU A 156 -40.68 9.76 34.73
CA LEU A 156 -41.68 10.39 33.86
C LEU A 156 -43.04 10.60 34.54
N PRO A 157 -43.59 9.62 35.26
CA PRO A 157 -44.90 9.83 35.92
C PRO A 157 -44.94 11.08 36.78
N PRO A 158 -43.90 11.38 37.59
CA PRO A 158 -43.96 12.62 38.38
C PRO A 158 -44.00 13.88 37.52
N MET A 159 -43.36 13.88 36.36
CA MET A 159 -43.37 15.06 35.50
C MET A 159 -44.66 15.17 34.70
N VAL A 160 -45.16 14.04 34.18
CA VAL A 160 -46.40 14.06 33.41
C VAL A 160 -47.53 14.63 34.25
N ALA A 161 -47.53 14.33 35.55
CA ALA A 161 -48.56 14.87 36.44
C ALA A 161 -48.40 16.38 36.61
N ALA A 162 -47.16 16.84 36.82
CA ALA A 162 -46.92 18.27 37.00
C ALA A 162 -47.05 19.07 35.71
N GLY A 163 -47.20 18.39 34.57
CA GLY A 163 -47.32 19.09 33.30
C GLY A 163 -46.06 19.73 32.78
N ALA A 164 -44.91 19.46 33.41
CA ALA A 164 -43.65 20.06 33.00
C ALA A 164 -42.51 19.22 33.53
N GLY A 165 -41.55 18.91 32.65
CA GLY A 165 -40.39 18.14 33.04
C GLY A 165 -39.32 18.23 31.97
N GLN A 166 -38.10 17.91 32.38
CA GLN A 166 -36.96 17.97 31.46
C GLN A 166 -35.99 16.87 31.83
N CYS A 167 -35.71 15.97 30.90
CA CYS A 167 -34.89 14.80 31.15
C CYS A 167 -33.79 14.69 30.09
N VAL A 168 -32.57 14.44 30.54
CA VAL A 168 -31.43 14.21 29.66
C VAL A 168 -30.85 12.85 30.01
N VAL A 169 -30.89 11.92 29.06
CA VAL A 169 -30.32 10.59 29.21
C VAL A 169 -28.96 10.58 28.55
N PHE A 170 -27.95 10.10 29.26
CA PHE A 170 -26.59 10.04 28.75
C PHE A 170 -26.34 8.66 28.15
N THR A 171 -26.24 8.60 26.83
CA THR A 171 -25.91 7.36 26.15
C THR A 171 -24.44 7.37 25.75
N SER A 172 -24.16 7.41 24.45
CA SER A 172 -22.78 7.49 23.99
C SER A 172 -22.75 8.01 22.56
N ALA A 173 -21.66 8.70 22.23
CA ALA A 173 -21.45 9.13 20.85
C ALA A 173 -21.37 7.94 19.89
N THR A 174 -20.98 6.76 20.39
CA THR A 174 -21.00 5.56 19.56
C THR A 174 -22.40 5.21 19.08
N GLY A 175 -23.44 5.71 19.76
CA GLY A 175 -24.79 5.49 19.28
C GLY A 175 -25.01 6.05 17.89
N GLY A 176 -24.34 7.15 17.56
CA GLY A 176 -24.51 7.75 16.25
C GLY A 176 -23.72 7.04 15.16
N ARG A 177 -22.65 6.36 15.52
CA ARG A 177 -21.81 5.63 14.57
C ARG A 177 -21.29 4.35 15.20
N PRO A 178 -22.14 3.32 15.34
CA PRO A 178 -21.65 2.04 15.86
C PRO A 178 -20.62 1.41 14.94
N ASP A 179 -19.36 1.42 15.37
CA ASP A 179 -18.22 1.05 14.55
C ASP A 179 -17.68 -0.31 14.93
N PRO A 180 -16.84 -0.90 14.07
CA PRO A 180 -16.17 -2.16 14.44
C PRO A 180 -15.38 -2.00 15.74
N MET A 181 -15.32 -3.09 16.50
CA MET A 181 -14.74 -3.24 17.82
C MET A 181 -15.68 -2.70 18.91
N VAL A 182 -16.77 -2.03 18.55
CA VAL A 182 -17.73 -1.50 19.52
C VAL A 182 -19.13 -1.91 19.07
N SER A 183 -19.25 -3.15 18.60
CA SER A 183 -20.51 -3.59 17.98
C SER A 183 -21.66 -3.57 18.98
N ILE A 184 -21.56 -4.36 20.05
CA ILE A 184 -22.69 -4.49 20.96
C ILE A 184 -22.83 -3.28 21.87
N TYR A 185 -21.72 -2.61 22.21
CA TYR A 185 -21.83 -1.39 23.01
C TYR A 185 -22.48 -0.27 22.20
N GLY A 186 -21.90 0.04 21.03
CA GLY A 186 -22.46 1.10 20.21
C GLY A 186 -23.84 0.77 19.69
N GLY A 187 -24.09 -0.50 19.37
CA GLY A 187 -25.40 -0.89 18.89
C GLY A 187 -26.49 -0.67 19.91
N THR A 188 -26.23 -1.02 21.18
CA THR A 188 -27.23 -0.81 22.22
C THR A 188 -27.36 0.67 22.57
N ARG A 189 -26.28 1.44 22.46
CA ARG A 189 -26.40 2.89 22.59
C ARG A 189 -27.28 3.47 21.50
N ALA A 190 -27.24 2.88 20.30
CA ALA A 190 -28.16 3.29 19.25
C ALA A 190 -29.60 2.98 19.65
N GLY A 191 -29.83 1.80 20.20
CA GLY A 191 -31.18 1.47 20.66
C GLY A 191 -31.65 2.37 21.78
N ALA A 192 -30.73 2.76 22.67
CA ALA A 192 -31.09 3.69 23.74
C ALA A 192 -31.53 5.04 23.16
N ASN A 193 -30.74 5.58 22.22
CA ASN A 193 -31.14 6.79 21.52
C ASN A 193 -32.50 6.61 20.86
N GLY A 194 -32.72 5.45 20.22
CA GLY A 194 -34.00 5.18 19.60
C GLY A 194 -35.14 5.20 20.61
N ILE A 195 -34.91 4.63 21.80
CA ILE A 195 -35.92 4.68 22.85
C ILE A 195 -36.14 6.13 23.30
N VAL A 196 -35.04 6.87 23.50
CA VAL A 196 -35.14 8.27 23.92
C VAL A 196 -35.93 9.09 22.92
N ARG A 197 -35.84 8.75 21.64
CA ARG A 197 -36.58 9.50 20.62
C ARG A 197 -38.08 9.28 20.76
N ALA A 198 -38.52 8.02 20.81
CA ALA A 198 -39.94 7.73 20.89
C ALA A 198 -40.53 8.23 22.21
N VAL A 199 -39.78 8.08 23.30
CA VAL A 199 -40.26 8.55 24.60
C VAL A 199 -40.36 10.07 24.62
N GLY A 200 -39.35 10.76 24.11
CA GLY A 200 -39.38 12.22 24.09
C GLY A 200 -40.54 12.76 23.27
N LEU A 201 -40.89 12.07 22.19
CA LEU A 201 -42.03 12.49 21.38
C LEU A 201 -43.35 12.13 22.04
N GLU A 202 -43.43 10.92 22.62
CA GLU A 202 -44.69 10.43 23.15
C GLU A 202 -45.21 11.28 24.30
N HIS A 203 -44.31 11.84 25.10
CA HIS A 203 -44.70 12.62 26.27
C HIS A 203 -44.47 14.11 26.08
N ALA A 204 -44.21 14.54 24.84
CA ALA A 204 -44.08 15.98 24.59
C ALA A 204 -45.41 16.70 24.82
N ARG A 205 -46.54 16.05 24.53
CA ARG A 205 -47.84 16.67 24.74
C ARG A 205 -48.12 16.92 26.22
N HIS A 206 -47.41 16.27 27.12
CA HIS A 206 -47.49 16.56 28.54
C HIS A 206 -46.53 17.64 28.99
N GLY A 207 -45.81 18.25 28.05
CA GLY A 207 -44.91 19.34 28.38
C GLY A 207 -43.60 18.92 29.00
N VAL A 208 -43.17 17.67 28.81
CA VAL A 208 -41.91 17.19 29.34
C VAL A 208 -41.00 16.82 28.17
N GLN A 209 -39.72 17.16 28.29
CA GLN A 209 -38.73 16.89 27.27
C GLN A 209 -37.83 15.75 27.70
N VAL A 210 -37.57 14.82 26.78
CA VAL A 210 -36.63 13.74 26.98
C VAL A 210 -35.65 13.77 25.82
N ASN A 211 -34.39 14.10 26.10
CA ASN A 211 -33.34 14.17 25.11
C ASN A 211 -32.16 13.33 25.56
N ALA A 212 -31.34 12.92 24.60
CA ALA A 212 -30.14 12.14 24.86
C ALA A 212 -28.90 12.94 24.47
N ILE A 213 -27.84 12.75 25.25
CA ILE A 213 -26.53 13.31 24.96
C ILE A 213 -25.51 12.18 24.98
N GLY A 214 -24.78 12.04 23.88
CA GLY A 214 -23.75 11.02 23.80
C GLY A 214 -22.38 11.61 23.54
N THR A 215 -21.47 11.43 24.49
CA THR A 215 -20.14 12.04 24.42
C THR A 215 -19.09 10.99 24.06
N ASN A 216 -17.89 11.50 23.81
CA ASN A 216 -16.70 10.69 23.58
C ASN A 216 -15.50 11.63 23.68
N TYR A 217 -14.34 11.05 23.98
CA TYR A 217 -13.09 11.81 24.08
C TYR A 217 -13.19 12.89 25.16
N MET A 218 -13.69 12.50 26.33
CA MET A 218 -13.83 13.41 27.45
C MET A 218 -12.58 13.39 28.32
N ASP A 219 -12.33 14.51 28.99
CA ASP A 219 -11.16 14.68 29.85
C ASP A 219 -11.58 14.42 31.29
N PHE A 220 -11.45 13.17 31.73
CA PHE A 220 -11.76 12.80 33.09
C PHE A 220 -11.12 11.43 33.37
N PRO A 221 -10.91 11.08 34.64
CA PRO A 221 -10.15 9.85 34.96
C PRO A 221 -10.67 8.59 34.28
N GLY A 222 -11.98 8.47 34.06
CA GLY A 222 -12.53 7.29 33.41
C GLY A 222 -11.96 7.07 32.03
N PHE A 223 -12.20 8.01 31.12
CA PHE A 223 -11.67 7.89 29.76
C PHE A 223 -10.15 7.94 29.76
N LEU A 224 -9.56 8.77 30.63
CA LEU A 224 -8.11 8.97 30.60
C LEU A 224 -7.36 7.71 30.97
N LYS A 225 -7.94 6.84 31.80
CA LYS A 225 -7.28 5.59 32.17
C LYS A 225 -7.56 4.47 31.19
N ALA A 226 -8.73 4.46 30.55
CA ALA A 226 -9.06 3.39 29.61
C ALA A 226 -8.21 3.48 28.35
N SER A 227 -7.88 4.69 27.90
CA SER A 227 -7.08 4.89 26.71
C SER A 227 -5.58 4.96 27.01
N ARG A 228 -5.17 4.67 28.24
CA ARG A 228 -3.76 4.66 28.64
C ARG A 228 -3.08 6.00 28.40
N ALA A 229 -3.85 7.09 28.49
CA ALA A 229 -3.30 8.42 28.29
C ALA A 229 -2.77 9.05 29.57
N ASP A 230 -3.18 8.55 30.73
CA ASP A 230 -2.72 9.08 32.01
C ASP A 230 -1.28 8.69 32.28
N ASP A 232 1.17 9.18 29.95
CA ASP A 232 1.81 9.22 28.64
C ASP A 232 1.23 10.36 27.78
N PRO A 233 1.84 11.54 27.89
CA PRO A 233 1.42 12.64 27.01
C PRO A 233 1.52 12.31 25.52
N GLU A 234 2.41 11.38 25.15
CA GLU A 234 2.49 10.99 23.73
C GLU A 234 1.24 10.25 23.29
N ARG A 235 0.75 9.33 24.12
CA ARG A 235 -0.51 8.65 23.82
C ARG A 235 -1.66 9.65 23.79
N ARG A 236 -1.68 10.59 24.75
CA ARG A 236 -2.75 11.58 24.80
C ARG A 236 -2.78 12.43 23.54
N ALA A 237 -1.60 12.84 23.06
CA ALA A 237 -1.54 13.58 21.80
C ALA A 237 -2.10 12.76 20.65
N MET A 238 -1.90 11.43 20.68
CA MET A 238 -2.47 10.58 19.66
C MET A 238 -3.99 10.49 19.81
N ILE A 239 -4.49 10.46 21.05
CA ILE A 239 -5.93 10.48 21.29
C ILE A 239 -6.55 11.69 20.62
N GLU A 240 -6.03 12.88 20.94
CA GLU A 240 -6.62 14.13 20.46
C GLU A 240 -6.48 14.28 18.96
N ALA A 241 -5.47 13.64 18.35
CA ALA A 241 -5.36 13.66 16.90
C ALA A 241 -6.56 13.01 16.22
N GLN A 242 -7.26 12.11 16.91
CA GLN A 242 -8.46 11.50 16.37
C GLN A 242 -9.69 12.42 16.49
N VAL A 243 -9.62 13.45 17.31
CA VAL A 243 -10.71 14.40 17.47
C VAL A 243 -10.58 15.49 16.42
N PRO A 244 -11.64 15.83 15.70
CA PRO A 244 -11.53 16.91 14.69
C PRO A 244 -11.08 18.23 15.30
N LEU A 245 -11.57 18.56 16.50
CA LEU A 245 -11.13 19.78 17.17
C LEU A 245 -9.81 19.61 17.91
N ARG A 246 -9.19 18.43 17.79
CA ARG A 246 -7.82 18.19 18.28
C ARG A 246 -7.68 18.53 19.76
N ARG A 247 -8.59 18.01 20.57
CA ARG A 247 -8.59 18.24 22.01
C ARG A 247 -9.59 17.27 22.64
N LEU A 248 -9.54 17.22 23.97
CA LEU A 248 -10.53 16.47 24.75
C LEU A 248 -11.51 17.44 25.37
N GLY A 249 -12.77 17.01 25.47
CA GLY A 249 -13.80 17.85 26.05
C GLY A 249 -13.70 17.89 27.56
N THR A 250 -14.07 19.03 28.13
CA THR A 250 -14.01 19.23 29.56
C THR A 250 -15.41 19.15 30.17
N MET A 251 -15.46 18.74 31.45
CA MET A 251 -16.74 18.56 32.13
C MET A 251 -17.49 19.88 32.26
N ASP A 252 -16.77 20.99 32.41
CA ASP A 252 -17.42 22.30 32.46
C ASP A 252 -18.18 22.57 31.17
N GLU A 253 -17.61 22.19 30.03
CA GLU A 253 -18.31 22.34 28.77
C GLU A 253 -19.53 21.44 28.70
N LEU A 254 -19.36 20.17 29.06
CA LEU A 254 -20.47 19.22 28.97
C LEU A 254 -21.58 19.56 29.97
N SER A 255 -21.20 20.05 31.15
CA SER A 255 -22.22 20.47 32.12
C SER A 255 -23.04 21.63 31.57
N SER A 256 -22.39 22.56 30.88
CA SER A 256 -23.09 23.72 30.34
C SER A 256 -24.14 23.29 29.32
N VAL A 257 -23.75 22.48 28.35
CA VAL A 257 -24.71 22.01 27.34
C VAL A 257 -25.80 21.17 27.99
N THR A 258 -25.42 20.35 28.98
CA THR A 258 -26.40 19.50 29.64
C THR A 258 -27.36 20.34 30.48
N ALA A 259 -26.83 21.28 31.27
CA ALA A 259 -27.69 22.13 32.08
C ALA A 259 -28.64 22.96 31.22
N GLY A 260 -28.24 23.28 29.99
CA GLY A 260 -29.12 24.04 29.11
C GLY A 260 -30.39 23.30 28.76
N LEU A 261 -30.34 21.97 28.75
CA LEU A 261 -31.51 21.14 28.48
C LEU A 261 -32.24 20.72 29.76
N LEU A 262 -31.89 21.30 30.91
CA LEU A 262 -32.50 20.92 32.17
C LEU A 262 -32.87 22.09 33.06
N ASP A 263 -32.64 23.33 32.64
CA ASP A 263 -32.89 24.50 33.48
C ASP A 263 -34.17 25.23 33.11
N GLY A 264 -34.92 24.76 32.12
CA GLY A 264 -36.12 25.44 31.68
C GLY A 264 -35.90 26.54 30.66
N SER A 265 -34.65 26.90 30.38
CA SER A 265 -34.39 27.94 29.40
C SER A 265 -34.78 27.50 28.00
N ASN A 266 -34.50 26.24 27.66
CA ASN A 266 -34.86 25.65 26.38
C ASN A 266 -35.97 24.64 26.61
N ARG A 267 -37.14 24.88 25.98
CA ARG A 267 -38.26 23.96 26.08
C ARG A 267 -38.82 23.63 24.69
N PHE A 268 -38.02 23.78 23.64
CA PHE A 268 -38.44 23.50 22.28
C PHE A 268 -37.63 22.37 21.65
N GLN A 269 -37.05 21.50 22.46
CA GLN A 269 -36.26 20.38 21.97
C GLN A 269 -36.62 19.13 22.76
N THR A 270 -37.12 18.11 22.07
CA THR A 270 -37.47 16.85 22.71
C THR A 270 -37.29 15.70 21.73
N GLY A 271 -36.91 14.55 22.27
CA GLY A 271 -36.74 13.35 21.47
C GLY A 271 -35.54 13.34 20.56
N GLN A 272 -34.52 14.14 20.85
CA GLN A 272 -33.37 14.30 19.97
C GLN A 272 -32.10 13.78 20.63
N PHE A 273 -31.13 13.45 19.79
CA PHE A 273 -29.81 13.00 20.22
C PHE A 273 -28.78 14.04 19.82
N PHE A 274 -27.90 14.38 20.75
CA PHE A 274 -26.89 15.42 20.54
C PHE A 274 -25.51 14.80 20.71
N ASP A 275 -24.75 14.74 19.61
CA ASP A 275 -23.37 14.29 19.68
C ASP A 275 -22.52 15.34 20.39
N PHE A 276 -21.60 14.89 21.24
CA PHE A 276 -20.70 15.76 21.98
C PHE A 276 -19.32 15.10 22.02
N SER A 277 -18.64 15.07 20.87
CA SER A 277 -17.36 14.37 20.76
C SER A 277 -16.35 15.17 19.95
N GLY A 278 -16.50 16.49 19.91
CA GLY A 278 -15.58 17.31 19.15
C GLY A 278 -15.71 17.18 17.66
N GLY A 279 -16.87 16.80 17.17
CA GLY A 279 -17.07 16.54 15.75
C GLY A 279 -16.81 15.11 15.32
N TRP A 280 -16.34 14.26 16.25
CA TRP A 280 -16.05 12.87 15.91
C TRP A 280 -17.29 12.15 15.40
N GLY A 281 -18.46 12.48 15.94
CA GLY A 281 -19.68 11.81 15.54
C GLY A 281 -20.60 12.67 14.69
N ALA A 282 -20.03 13.69 14.04
CA ALA A 282 -20.82 14.54 13.16
C ALA A 282 -21.07 13.85 11.83
N GLU B 25 -44.46 -4.94 -30.17
CA GLU B 25 -45.20 -5.27 -28.95
C GLU B 25 -45.48 -4.01 -28.12
N ASN B 26 -45.54 -4.18 -26.80
CA ASN B 26 -45.73 -3.06 -25.89
C ASN B 26 -44.58 -2.99 -24.90
N ARG B 27 -43.36 -2.81 -25.40
CA ARG B 27 -42.20 -2.77 -24.53
C ARG B 27 -42.12 -1.43 -23.80
N PRO B 28 -41.69 -1.43 -22.55
CA PRO B 28 -41.52 -0.17 -21.82
C PRO B 28 -40.24 0.53 -22.22
N VAL B 29 -40.12 1.79 -21.82
CA VAL B 29 -39.05 2.65 -22.27
C VAL B 29 -38.28 3.17 -21.06
N ALA B 30 -36.97 2.96 -21.06
CA ALA B 30 -36.07 3.50 -20.06
C ALA B 30 -35.17 4.55 -20.69
N LEU B 31 -34.99 5.65 -19.98
CA LEU B 31 -34.10 6.74 -20.40
C LEU B 31 -32.87 6.73 -19.50
N ILE B 32 -31.69 6.73 -20.12
CA ILE B 32 -30.42 6.65 -19.40
C ILE B 32 -29.51 7.75 -19.94
N THR B 33 -29.24 8.76 -19.12
CA THR B 33 -28.35 9.85 -19.50
C THR B 33 -26.90 9.51 -19.17
N MET B 34 -25.98 10.22 -19.83
CA MET B 34 -24.54 9.95 -19.73
C MET B 34 -24.20 8.51 -20.07
N ALA B 35 -25.03 7.89 -20.93
CA ALA B 35 -24.97 6.46 -21.21
C ALA B 35 -23.72 6.04 -21.99
N THR B 36 -22.87 6.97 -22.39
CA THR B 36 -21.62 6.59 -23.04
C THR B 36 -20.52 6.26 -22.05
N GLY B 37 -20.79 6.35 -20.75
CA GLY B 37 -19.82 6.01 -19.74
C GLY B 37 -20.53 5.72 -18.43
N TYR B 38 -19.73 5.45 -17.40
CA TYR B 38 -20.22 5.20 -16.04
C TYR B 38 -21.14 3.98 -16.09
N VAL B 39 -22.35 4.05 -15.52
CA VAL B 39 -23.21 2.86 -15.44
C VAL B 39 -24.06 2.67 -16.68
N GLY B 40 -24.27 3.73 -17.47
CA GLY B 40 -25.14 3.71 -18.63
C GLY B 40 -25.06 2.47 -19.52
N PRO B 41 -23.86 2.14 -20.02
CA PRO B 41 -23.73 0.98 -20.90
C PRO B 41 -24.22 -0.32 -20.29
N ALA B 42 -23.70 -0.68 -19.10
CA ALA B 42 -24.13 -1.91 -18.45
C ALA B 42 -25.60 -1.84 -18.09
N LEU B 43 -26.07 -0.68 -17.62
CA LEU B 43 -27.49 -0.54 -17.30
C LEU B 43 -28.35 -0.74 -18.55
N ALA B 44 -27.89 -0.22 -19.70
CA ALA B 44 -28.66 -0.39 -20.92
C ALA B 44 -28.78 -1.86 -21.31
N ARG B 45 -27.70 -2.63 -21.12
CA ARG B 45 -27.71 -4.04 -21.51
C ARG B 45 -28.73 -4.82 -20.70
N THR B 46 -28.69 -4.69 -19.37
CA THR B 46 -29.63 -5.45 -18.55
C THR B 46 -31.05 -4.91 -18.69
N MET B 47 -31.20 -3.59 -18.82
CA MET B 47 -32.54 -3.03 -19.04
C MET B 47 -33.15 -3.60 -20.31
N ALA B 48 -32.34 -3.81 -21.35
CA ALA B 48 -32.84 -4.49 -22.54
C ALA B 48 -33.26 -5.92 -22.21
N ASP B 49 -32.45 -6.63 -21.42
CA ASP B 49 -32.80 -8.00 -21.04
C ASP B 49 -34.09 -8.04 -20.23
N ARG B 50 -34.38 -6.99 -19.47
CA ARG B 50 -35.66 -6.88 -18.79
C ARG B 50 -36.82 -6.67 -19.77
N GLY B 51 -36.52 -6.44 -21.04
CA GLY B 51 -37.53 -6.24 -22.05
C GLY B 51 -37.83 -4.80 -22.41
N PHE B 52 -36.91 -3.88 -22.13
CA PHE B 52 -37.15 -2.45 -22.29
C PHE B 52 -36.66 -1.95 -23.64
N ASP B 53 -37.24 -0.83 -24.07
CA ASP B 53 -36.67 0.01 -25.10
C ASP B 53 -35.90 1.14 -24.44
N LEU B 54 -34.87 1.64 -25.12
CA LEU B 54 -33.91 2.53 -24.49
C LEU B 54 -33.77 3.82 -25.27
N VAL B 55 -33.77 4.94 -24.54
CA VAL B 55 -33.35 6.24 -25.06
C VAL B 55 -32.08 6.61 -24.31
N LEU B 56 -30.94 6.51 -24.99
CA LEU B 56 -29.64 6.78 -24.40
C LEU B 56 -29.23 8.21 -24.71
N HIS B 57 -28.95 8.99 -23.68
CA HIS B 57 -28.29 10.27 -23.81
C HIS B 57 -26.81 10.10 -23.50
N GLY B 58 -25.97 10.71 -24.31
CA GLY B 58 -24.54 10.59 -24.09
C GLY B 58 -23.75 11.47 -25.02
N THR B 59 -22.45 11.21 -25.07
CA THR B 59 -21.52 11.98 -25.89
C THR B 59 -21.27 11.27 -27.20
N ALA B 60 -21.39 12.00 -28.31
CA ALA B 60 -21.17 11.42 -29.62
C ALA B 60 -19.67 11.32 -29.92
N GLY B 61 -19.32 10.36 -30.77
CA GLY B 61 -17.95 10.10 -31.14
C GLY B 61 -17.56 8.66 -30.86
N ASP B 62 -16.29 8.36 -31.15
CA ASP B 62 -15.75 7.03 -30.92
C ASP B 62 -15.03 6.99 -29.57
N GLY B 63 -14.35 5.86 -29.31
CA GLY B 63 -13.65 5.71 -28.05
C GLY B 63 -12.53 6.70 -27.82
N THR B 64 -11.98 7.28 -28.90
CA THR B 64 -10.94 8.28 -28.76
C THR B 64 -11.45 9.61 -28.22
N MET B 65 -12.77 9.81 -28.19
CA MET B 65 -13.33 11.05 -27.66
C MET B 65 -13.38 11.00 -26.14
N VAL B 66 -13.13 12.14 -25.51
CA VAL B 66 -13.15 12.21 -24.05
C VAL B 66 -14.55 11.95 -23.54
N GLY B 67 -14.64 11.27 -22.40
CA GLY B 67 -15.94 10.95 -21.82
C GLY B 67 -16.71 9.86 -22.54
N VAL B 68 -16.10 9.17 -23.50
CA VAL B 68 -16.75 8.09 -24.23
C VAL B 68 -16.02 6.81 -23.88
N GLU B 69 -16.59 6.03 -22.95
CA GLU B 69 -16.05 4.73 -22.59
C GLU B 69 -16.61 3.62 -23.46
N GLU B 70 -17.84 3.78 -23.96
CA GLU B 70 -18.43 2.84 -24.91
C GLU B 70 -19.23 3.68 -25.90
N SER B 71 -18.79 3.70 -27.16
CA SER B 71 -19.40 4.58 -28.15
C SER B 71 -20.87 4.21 -28.36
N PHE B 72 -21.64 5.21 -28.82
CA PHE B 72 -23.04 4.99 -29.13
C PHE B 72 -23.20 3.83 -30.12
N ASP B 73 -22.38 3.83 -31.17
CA ASP B 73 -22.49 2.81 -32.22
C ASP B 73 -22.28 1.41 -31.66
N SER B 74 -21.23 1.24 -30.84
CA SER B 74 -20.93 -0.07 -30.28
C SER B 74 -22.10 -0.62 -29.46
N GLN B 75 -22.84 0.26 -28.80
CA GLN B 75 -23.97 -0.21 -27.99
C GLN B 75 -25.14 -0.62 -28.87
N ILE B 76 -25.53 0.25 -29.82
CA ILE B 76 -26.70 0.00 -30.67
C ILE B 76 -26.70 -1.41 -31.22
N ALA B 77 -25.54 -1.89 -31.69
CA ALA B 77 -25.47 -3.22 -32.27
C ALA B 77 -25.74 -4.30 -31.23
N ASP B 78 -25.15 -4.18 -30.05
CA ASP B 78 -25.36 -5.19 -29.01
C ASP B 78 -26.77 -5.11 -28.43
N LEU B 79 -27.27 -3.89 -28.16
CA LEU B 79 -28.61 -3.76 -27.62
C LEU B 79 -29.66 -4.22 -28.61
N ALA B 80 -29.38 -4.13 -29.92
CA ALA B 80 -30.30 -4.68 -30.91
C ALA B 80 -30.38 -6.19 -30.80
N LYS B 81 -29.24 -6.86 -30.56
CA LYS B 81 -29.25 -8.31 -30.42
C LYS B 81 -30.10 -8.75 -29.23
N ARG B 82 -30.16 -7.94 -28.18
CA ARG B 82 -31.07 -8.20 -27.07
C ARG B 82 -32.51 -7.82 -27.41
N GLY B 83 -32.78 -7.38 -28.64
CA GLY B 83 -34.11 -7.05 -29.06
C GLY B 83 -34.56 -5.63 -28.75
N ALA B 84 -33.63 -4.73 -28.48
CA ALA B 84 -33.97 -3.39 -28.00
C ALA B 84 -33.90 -2.37 -29.14
N ASP B 85 -34.93 -1.54 -29.25
CA ASP B 85 -34.87 -0.33 -30.03
C ASP B 85 -34.22 0.77 -29.20
N VAL B 86 -33.31 1.52 -29.81
CA VAL B 86 -32.55 2.54 -29.09
C VAL B 86 -32.60 3.84 -29.88
N LEU B 87 -32.91 4.93 -29.19
CA LEU B 87 -32.80 6.29 -29.72
C LEU B 87 -31.69 7.01 -28.98
N THR B 88 -30.77 7.61 -29.72
CA THR B 88 -29.64 8.31 -29.12
C THR B 88 -29.86 9.82 -29.17
N ILE B 89 -29.37 10.49 -28.14
CA ILE B 89 -29.51 11.94 -27.98
C ILE B 89 -28.16 12.49 -27.53
N SER B 90 -27.67 13.53 -28.22
CA SER B 90 -26.36 14.04 -27.88
C SER B 90 -26.22 15.56 -28.07
N ASP B 91 -27.30 16.31 -28.23
CA ASP B 91 -27.23 17.73 -28.54
C ASP B 91 -28.07 18.54 -27.57
N VAL B 92 -28.06 18.18 -26.29
CA VAL B 92 -28.82 18.87 -25.26
C VAL B 92 -27.91 19.19 -24.09
N ASP B 93 -28.14 20.34 -23.47
CA ASP B 93 -27.47 20.72 -22.23
C ASP B 93 -28.40 20.38 -21.06
N LEU B 94 -28.03 19.38 -20.28
CA LEU B 94 -28.92 18.86 -19.24
C LEU B 94 -28.89 19.68 -17.95
N THR B 95 -28.11 20.76 -17.90
CA THR B 95 -28.18 21.67 -16.76
C THR B 95 -29.25 22.74 -16.94
N THR B 96 -29.91 22.77 -18.09
CA THR B 96 -30.92 23.78 -18.39
C THR B 96 -32.30 23.13 -18.50
N ARG B 97 -33.33 23.96 -18.31
CA ARG B 97 -34.70 23.51 -18.53
C ARG B 97 -34.89 23.03 -19.97
N THR B 98 -34.47 23.85 -20.94
CA THR B 98 -34.70 23.52 -22.35
C THR B 98 -34.09 22.18 -22.72
N GLY B 99 -32.84 21.94 -22.30
CA GLY B 99 -32.19 20.70 -22.66
C GLY B 99 -32.92 19.47 -22.15
N ASN B 100 -33.45 19.54 -20.93
CA ASN B 100 -34.17 18.39 -20.38
C ASN B 100 -35.58 18.28 -20.94
N GLN B 101 -36.26 19.42 -21.15
CA GLN B 101 -37.59 19.38 -21.77
C GLN B 101 -37.51 18.84 -23.18
N SER B 102 -36.48 19.24 -23.94
CA SER B 102 -36.32 18.74 -25.30
C SER B 102 -35.98 17.26 -25.32
N MET B 103 -35.26 16.77 -24.30
CA MET B 103 -34.91 15.36 -24.24
C MET B 103 -36.16 14.50 -24.07
N ILE B 104 -37.05 14.89 -23.15
CA ILE B 104 -38.23 14.09 -22.87
C ILE B 104 -39.20 14.13 -24.06
N GLU B 105 -39.30 15.28 -24.72
CA GLU B 105 -40.16 15.38 -25.90
C GLU B 105 -39.70 14.44 -27.00
N ARG B 106 -38.38 14.30 -27.18
CA ARG B 106 -37.87 13.40 -28.19
C ARG B 106 -38.01 11.93 -27.78
N VAL B 107 -38.21 11.65 -26.49
CA VAL B 107 -38.54 10.30 -26.06
C VAL B 107 -40.00 9.99 -26.39
N LEU B 108 -40.91 10.83 -25.91
CA LEU B 108 -42.33 10.62 -26.15
C LEU B 108 -42.68 10.64 -27.63
N GLU B 109 -41.88 11.30 -28.46
CA GLU B 109 -42.13 11.28 -29.90
C GLU B 109 -41.75 9.94 -30.51
N ARG B 110 -40.57 9.43 -30.16
CA ARG B 110 -40.08 8.18 -30.75
C ARG B 110 -40.86 6.98 -30.25
N PHE B 111 -41.20 6.96 -28.95
CA PHE B 111 -41.77 5.78 -28.32
C PHE B 111 -43.15 5.98 -27.71
N GLY B 112 -43.55 7.23 -27.43
CA GLY B 112 -44.87 7.47 -26.87
C GLY B 112 -45.03 7.16 -25.41
N ARG B 113 -43.95 6.82 -24.71
CA ARG B 113 -44.07 6.45 -23.30
C ARG B 113 -42.73 6.64 -22.62
N LEU B 114 -42.79 6.93 -21.32
CA LEU B 114 -41.61 7.00 -20.46
C LEU B 114 -41.95 6.28 -19.16
N ASP B 115 -41.44 5.06 -19.00
CA ASP B 115 -41.69 4.26 -17.81
C ASP B 115 -40.57 4.35 -16.78
N SER B 116 -39.32 4.36 -17.23
CA SER B 116 -38.17 4.41 -16.32
C SER B 116 -37.19 5.48 -16.78
N ALA B 117 -36.57 6.15 -15.82
CA ALA B 117 -35.58 7.18 -16.10
C ALA B 117 -34.43 7.05 -15.12
N CYS B 118 -33.21 7.04 -15.65
CA CYS B 118 -31.99 7.01 -14.84
C CYS B 118 -31.19 8.26 -15.19
N LEU B 119 -31.23 9.26 -14.31
CA LEU B 119 -30.60 10.56 -14.55
C LEU B 119 -29.25 10.59 -13.83
N VAL B 120 -28.18 10.43 -14.59
CA VAL B 120 -26.83 10.55 -14.03
C VAL B 120 -26.44 12.03 -14.03
N THR B 121 -26.10 12.55 -12.86
CA THR B 121 -25.85 13.97 -12.68
C THR B 121 -24.51 14.19 -11.98
N GLY B 122 -24.00 15.40 -12.10
CA GLY B 122 -22.90 15.85 -11.26
C GLY B 122 -21.56 15.83 -11.96
N LEU B 123 -20.63 16.59 -11.39
CA LEU B 123 -19.25 16.66 -11.87
C LEU B 123 -18.37 16.95 -10.66
N ILE B 124 -17.28 16.21 -10.53
CA ILE B 124 -16.49 16.22 -9.30
C ILE B 124 -15.67 17.50 -9.21
N VAL B 125 -15.63 18.09 -8.02
CA VAL B 125 -14.73 19.17 -7.68
C VAL B 125 -14.31 18.99 -6.23
N THR B 126 -12.99 19.04 -5.98
CA THR B 126 -12.46 18.87 -4.64
C THR B 126 -11.44 19.98 -4.36
N GLY B 127 -11.06 20.08 -3.10
CA GLY B 127 -10.12 21.10 -2.65
C GLY B 127 -10.60 21.79 -1.39
N LYS B 128 -9.70 22.61 -0.84
CA LYS B 128 -10.03 23.37 0.37
C LYS B 128 -11.23 24.27 0.12
N PHE B 129 -12.07 24.41 1.15
CA PHE B 129 -13.26 25.24 1.02
C PHE B 129 -12.90 26.69 0.74
N LEU B 130 -11.86 27.19 1.43
CA LEU B 130 -11.42 28.57 1.25
C LEU B 130 -10.67 28.79 -0.06
N ASP B 131 -10.42 27.73 -0.82
CA ASP B 131 -9.78 27.83 -2.13
C ASP B 131 -10.79 27.77 -3.28
N MET B 132 -12.06 27.58 -2.98
CA MET B 132 -13.06 27.39 -4.03
C MET B 132 -13.39 28.72 -4.68
N THR B 133 -13.21 28.78 -6.00
CA THR B 133 -13.54 29.95 -6.79
C THR B 133 -15.05 30.04 -7.02
N CYS B 134 -15.50 31.19 -7.51
CA CYS B 134 -16.92 31.35 -7.83
C CYS B 134 -17.31 30.50 -9.02
N ASP B 135 -16.37 30.19 -9.91
CA ASP B 135 -16.67 29.32 -11.05
C ASP B 135 -16.89 27.88 -10.58
N GLN B 136 -16.08 27.42 -9.62
CA GLN B 136 -16.30 26.09 -9.06
C GLN B 136 -17.65 26.02 -8.33
N TRP B 137 -18.03 27.10 -7.64
CA TRP B 137 -19.32 27.12 -6.96
C TRP B 137 -20.48 27.15 -7.96
N ALA B 138 -20.33 27.90 -9.05
CA ALA B 138 -21.38 27.92 -10.06
C ALA B 138 -21.48 26.60 -10.79
N LYS B 139 -20.34 25.96 -11.05
CA LYS B 139 -20.36 24.70 -11.79
C LYS B 139 -20.94 23.57 -10.95
N VAL B 140 -20.60 23.52 -9.65
CA VAL B 140 -21.10 22.42 -8.83
C VAL B 140 -22.59 22.58 -8.58
N LYS B 141 -23.10 23.81 -8.56
CA LYS B 141 -24.55 24.00 -8.46
C LYS B 141 -25.25 23.56 -9.73
N ALA B 142 -24.63 23.81 -10.88
CA ALA B 142 -25.25 23.45 -12.15
C ALA B 142 -25.28 21.95 -12.35
N THR B 143 -24.19 21.26 -12.02
CA THR B 143 -24.12 19.83 -12.29
C THR B 143 -24.79 18.99 -11.20
N ASN B 144 -24.73 19.43 -9.94
CA ASN B 144 -25.30 18.65 -8.85
C ASN B 144 -26.75 18.99 -8.54
N LEU B 145 -27.21 20.20 -8.86
CA LEU B 145 -28.55 20.61 -8.50
C LEU B 145 -29.42 20.94 -9.71
N ASP B 146 -28.96 21.84 -10.58
CA ASP B 146 -29.75 22.19 -11.76
C ASP B 146 -30.05 20.97 -12.62
N MET B 147 -29.12 20.02 -12.68
CA MET B 147 -29.34 18.80 -13.44
C MET B 147 -30.47 17.98 -12.84
N VAL B 148 -30.57 17.96 -11.51
CA VAL B 148 -31.62 17.21 -10.85
C VAL B 148 -32.96 17.93 -10.96
N PHE B 149 -32.96 19.25 -10.73
CA PHE B 149 -34.19 20.02 -10.79
C PHE B 149 -34.83 19.95 -12.18
N HIS B 150 -34.08 20.37 -13.20
CA HIS B 150 -34.62 20.32 -14.56
C HIS B 150 -34.79 18.88 -15.05
N GLY B 151 -33.99 17.96 -14.54
CA GLY B 151 -34.13 16.57 -14.94
C GLY B 151 -35.44 15.97 -14.44
N LEU B 152 -35.76 16.18 -13.17
CA LEU B 152 -36.99 15.64 -12.62
C LEU B 152 -38.22 16.34 -13.18
N GLN B 153 -38.15 17.67 -13.32
CA GLN B 153 -39.29 18.43 -13.84
C GLN B 153 -39.66 18.00 -15.26
N ALA B 154 -38.76 17.32 -15.97
CA ALA B 154 -39.02 16.88 -17.32
C ALA B 154 -39.48 15.42 -17.42
N VAL B 155 -39.01 14.55 -16.53
CA VAL B 155 -39.40 13.14 -16.59
C VAL B 155 -40.64 12.83 -15.76
N LEU B 156 -41.04 13.70 -14.85
CA LEU B 156 -42.18 13.42 -13.98
C LEU B 156 -43.53 13.60 -14.68
N PRO B 157 -43.77 14.67 -15.44
CA PRO B 157 -45.08 14.85 -16.08
C PRO B 157 -45.54 13.63 -16.88
N PRO B 158 -44.69 13.02 -17.72
CA PRO B 158 -45.19 11.86 -18.47
C PRO B 158 -45.53 10.67 -17.59
N MET B 159 -44.88 10.52 -16.44
CA MET B 159 -45.18 9.41 -15.55
C MET B 159 -46.43 9.67 -14.71
N VAL B 160 -46.58 10.89 -14.20
CA VAL B 160 -47.76 11.23 -13.41
C VAL B 160 -49.03 11.05 -14.24
N ALA B 161 -48.94 11.34 -15.54
CA ALA B 161 -50.10 11.15 -16.41
C ALA B 161 -50.40 9.67 -16.62
N ALA B 162 -49.36 8.86 -16.83
CA ALA B 162 -49.56 7.43 -17.03
C ALA B 162 -49.87 6.67 -15.75
N GLY B 163 -49.77 7.33 -14.59
CA GLY B 163 -50.05 6.69 -13.32
C GLY B 163 -48.98 5.75 -12.82
N ALA B 164 -47.88 5.58 -13.55
CA ALA B 164 -46.81 4.67 -13.16
C ALA B 164 -45.49 5.21 -13.69
N GLY B 165 -44.47 5.18 -12.83
CA GLY B 165 -43.15 5.64 -13.22
C GLY B 165 -42.08 5.23 -12.22
N GLN B 166 -40.85 5.11 -12.68
CA GLN B 166 -39.74 4.74 -11.83
C GLN B 166 -38.52 5.55 -12.24
N CYS B 167 -37.93 6.26 -11.27
CA CYS B 167 -36.82 7.16 -11.54
C CYS B 167 -35.71 6.96 -10.52
N VAL B 168 -34.48 6.84 -11.00
CA VAL B 168 -33.30 6.78 -10.16
C VAL B 168 -32.40 7.96 -10.53
N VAL B 169 -32.17 8.85 -9.57
CA VAL B 169 -31.26 9.97 -9.75
C VAL B 169 -29.90 9.55 -9.18
N PHE B 170 -28.86 9.65 -10.00
CA PHE B 170 -27.51 9.26 -9.59
C PHE B 170 -26.80 10.49 -9.04
N THR B 171 -26.66 10.54 -7.71
CA THR B 171 -25.97 11.65 -7.06
C THR B 171 -24.55 11.25 -6.71
N SER B 172 -24.25 11.12 -5.41
CA SER B 172 -22.93 10.68 -4.99
C SER B 172 -23.01 10.15 -3.56
N ALA B 173 -22.12 9.20 -3.25
CA ALA B 173 -22.04 8.68 -1.89
C ALA B 173 -21.63 9.78 -0.91
N THR B 174 -20.91 10.80 -1.39
CA THR B 174 -20.55 11.93 -0.53
C THR B 174 -21.78 12.68 -0.04
N GLY B 175 -22.93 12.48 -0.67
CA GLY B 175 -24.16 13.10 -0.17
C GLY B 175 -24.50 12.67 1.24
N GLY B 176 -24.15 11.45 1.61
CA GLY B 176 -24.41 10.95 2.95
C GLY B 176 -23.32 11.26 3.95
N ARG B 177 -22.19 11.78 3.50
CA ARG B 177 -21.13 12.20 4.39
C ARG B 177 -20.27 13.29 3.74
N PRO B 178 -20.79 14.51 3.61
CA PRO B 178 -19.96 15.60 3.08
C PRO B 178 -18.75 15.85 3.95
N ASP B 179 -17.58 15.59 3.43
CA ASP B 179 -16.33 15.56 4.19
C ASP B 179 -15.44 16.73 3.84
N PRO B 180 -14.42 17.00 4.67
CA PRO B 180 -13.39 17.98 4.28
C PRO B 180 -12.83 17.67 2.90
N MET B 181 -12.41 18.73 2.21
CA MET B 181 -11.88 18.71 0.84
C MET B 181 -12.98 18.44 -0.19
N VAL B 182 -14.19 18.14 0.27
CA VAL B 182 -15.31 17.84 -0.63
C VAL B 182 -16.52 18.65 -0.17
N SER B 183 -16.26 19.86 0.33
CA SER B 183 -17.32 20.64 0.99
C SER B 183 -18.46 20.96 0.02
N ILE B 184 -18.15 21.70 -1.05
CA ILE B 184 -19.24 22.17 -1.92
C ILE B 184 -19.75 21.04 -2.82
N TYR B 185 -18.90 20.05 -3.13
CA TYR B 185 -19.38 18.90 -3.89
C TYR B 185 -20.28 18.02 -3.04
N GLY B 186 -19.77 17.57 -1.89
CA GLY B 186 -20.57 16.73 -1.02
C GLY B 186 -21.82 17.42 -0.52
N GLY B 187 -21.72 18.72 -0.24
CA GLY B 187 -22.87 19.45 0.28
C GLY B 187 -24.01 19.52 -0.73
N THR B 188 -23.69 19.85 -1.99
CA THR B 188 -24.74 19.92 -2.99
C THR B 188 -25.29 18.54 -3.33
N ARG B 189 -24.45 17.51 -3.28
CA ARG B 189 -24.96 16.14 -3.40
C ARG B 189 -25.92 15.82 -2.27
N ALA B 190 -25.64 16.32 -1.07
CA ALA B 190 -26.59 16.19 0.03
C ALA B 190 -27.88 16.93 -0.27
N GLY B 191 -27.77 18.07 -0.94
CA GLY B 191 -28.97 18.79 -1.34
C GLY B 191 -29.77 18.06 -2.40
N ALA B 192 -29.07 17.41 -3.34
CA ALA B 192 -29.76 16.65 -4.37
C ALA B 192 -30.53 15.49 -3.78
N ASN B 193 -29.94 14.78 -2.81
CA ASN B 193 -30.66 13.73 -2.12
C ASN B 193 -31.88 14.27 -1.41
N GLY B 194 -31.74 15.41 -0.72
CA GLY B 194 -32.89 16.03 -0.08
C GLY B 194 -33.99 16.37 -1.05
N ILE B 195 -33.63 16.84 -2.25
CA ILE B 195 -34.63 17.10 -3.28
C ILE B 195 -35.29 15.80 -3.72
N VAL B 196 -34.48 14.75 -3.91
CA VAL B 196 -35.01 13.46 -4.35
C VAL B 196 -35.97 12.89 -3.31
N ARG B 197 -35.66 13.09 -2.03
CA ARG B 197 -36.57 12.62 -0.98
C ARG B 197 -37.91 13.34 -1.05
N ALA B 198 -37.86 14.67 -1.13
CA ALA B 198 -39.10 15.45 -1.21
C ALA B 198 -39.90 15.09 -2.46
N VAL B 199 -39.23 15.09 -3.61
CA VAL B 199 -39.90 14.75 -4.86
C VAL B 199 -40.40 13.32 -4.83
N GLY B 200 -39.60 12.40 -4.26
CA GLY B 200 -40.01 11.01 -4.19
C GLY B 200 -41.28 10.81 -3.39
N LEU B 201 -41.45 11.60 -2.33
CA LEU B 201 -42.67 11.51 -1.52
C LEU B 201 -43.82 12.30 -2.12
N GLU B 202 -43.54 13.41 -2.80
CA GLU B 202 -44.60 14.27 -3.33
C GLU B 202 -45.40 13.56 -4.41
N HIS B 203 -44.73 12.78 -5.26
CA HIS B 203 -45.39 12.10 -6.36
C HIS B 203 -45.58 10.62 -6.12
N ALA B 204 -45.44 10.17 -4.87
CA ALA B 204 -45.70 8.76 -4.57
C ALA B 204 -47.16 8.41 -4.78
N ARG B 205 -48.07 9.34 -4.44
CA ARG B 205 -49.50 9.05 -4.57
C ARG B 205 -49.94 8.91 -6.02
N HIS B 206 -49.16 9.41 -6.97
CA HIS B 206 -49.44 9.19 -8.38
C HIS B 206 -48.86 7.87 -8.90
N GLY B 207 -48.22 7.10 -8.03
CA GLY B 207 -47.71 5.80 -8.42
C GLY B 207 -46.36 5.81 -9.10
N VAL B 208 -45.57 6.87 -8.90
CA VAL B 208 -44.23 6.95 -9.48
C VAL B 208 -43.22 6.97 -8.34
N GLN B 209 -42.07 6.32 -8.56
CA GLN B 209 -41.00 6.27 -7.59
C GLN B 209 -39.81 7.08 -8.10
N VAL B 210 -39.26 7.91 -7.22
CA VAL B 210 -38.01 8.62 -7.48
C VAL B 210 -37.06 8.32 -6.33
N ASN B 211 -35.92 7.72 -6.64
CA ASN B 211 -34.93 7.37 -5.63
C ASN B 211 -33.55 7.82 -6.09
N ALA B 212 -32.66 7.97 -5.13
CA ALA B 212 -31.29 8.37 -5.38
C ALA B 212 -30.33 7.23 -5.07
N ILE B 213 -29.29 7.09 -5.90
CA ILE B 213 -28.21 6.15 -5.66
C ILE B 213 -26.91 6.94 -5.66
N GLY B 214 -26.17 6.85 -4.57
CA GLY B 214 -24.89 7.52 -4.46
C GLY B 214 -23.75 6.53 -4.36
N THR B 215 -22.85 6.54 -5.34
CA THR B 215 -21.75 5.59 -5.40
C THR B 215 -20.42 6.27 -5.12
N ASN B 216 -19.41 5.44 -4.91
CA ASN B 216 -18.03 5.84 -4.75
C ASN B 216 -17.18 4.59 -4.88
N TYR B 217 -15.90 4.78 -5.22
CA TYR B 217 -14.95 3.68 -5.37
C TYR B 217 -15.45 2.66 -6.40
N MET B 218 -15.86 3.18 -7.56
CA MET B 218 -16.36 2.35 -8.65
C MET B 218 -15.24 2.05 -9.64
N ASP B 219 -15.24 0.84 -10.19
CA ASP B 219 -14.22 0.40 -11.13
C ASP B 219 -14.67 0.74 -12.54
N PHE B 220 -14.39 1.97 -12.96
CA PHE B 220 -14.61 2.40 -14.32
C PHE B 220 -13.55 3.43 -14.67
N PRO B 221 -13.26 3.62 -15.97
CA PRO B 221 -12.12 4.47 -16.36
C PRO B 221 -12.11 5.85 -15.72
N GLY B 222 -13.27 6.45 -15.45
CA GLY B 222 -13.32 7.75 -14.82
C GLY B 222 -12.67 7.78 -13.46
N PHE B 223 -13.16 6.96 -12.54
CA PHE B 223 -12.60 6.94 -11.19
C PHE B 223 -11.15 6.49 -11.18
N LEU B 224 -10.78 5.58 -12.08
CA LEU B 224 -9.41 5.08 -12.12
C LEU B 224 -8.43 6.19 -12.49
N LYS B 225 -8.79 7.03 -13.45
CA LYS B 225 -7.90 8.11 -13.86
C LYS B 225 -7.89 9.23 -12.82
N ALA B 226 -9.01 9.47 -12.15
CA ALA B 226 -9.08 10.55 -11.17
C ALA B 226 -8.18 10.28 -9.98
N SER B 227 -8.22 9.05 -9.45
CA SER B 227 -7.44 8.69 -8.28
C SER B 227 -6.02 8.28 -8.62
N ARG B 228 -5.60 8.42 -9.88
CA ARG B 228 -4.28 8.00 -10.35
C ARG B 228 -4.01 6.52 -10.11
N ALA B 229 -5.08 5.72 -9.98
CA ALA B 229 -4.93 4.28 -9.79
C ALA B 229 -4.65 3.55 -11.09
N ASP B 230 -4.86 4.20 -12.23
CA ASP B 230 -4.59 3.58 -13.52
C ASP B 230 -3.11 3.31 -13.66
N GLY B 231 -2.77 2.04 -13.94
CA GLY B 231 -1.39 1.64 -14.16
C GLY B 231 -0.55 1.49 -12.92
N ASP B 232 -0.98 2.03 -11.78
CA ASP B 232 -0.21 1.93 -10.55
C ASP B 232 -0.87 0.90 -9.64
N PRO B 233 -0.38 -0.35 -9.60
CA PRO B 233 -1.03 -1.35 -8.75
C PRO B 233 -0.97 -1.03 -7.27
N GLU B 234 0.07 -0.32 -6.83
CA GLU B 234 0.17 0.05 -5.42
C GLU B 234 -0.88 1.08 -5.04
N ARG B 235 -1.01 2.15 -5.85
CA ARG B 235 -2.00 3.17 -5.58
C ARG B 235 -3.41 2.60 -5.62
N ARG B 236 -3.65 1.60 -6.48
CA ARG B 236 -4.96 0.96 -6.50
C ARG B 236 -5.20 0.16 -5.22
N ALA B 237 -4.16 -0.49 -4.70
CA ALA B 237 -4.28 -1.19 -3.42
C ALA B 237 -4.59 -0.22 -2.30
N MET B 238 -3.99 0.98 -2.34
CA MET B 238 -4.28 1.98 -1.32
CA MET B 238 -4.28 1.98 -1.32
C MET B 238 -5.70 2.48 -1.43
N ILE B 239 -6.18 2.72 -2.65
CA ILE B 239 -7.56 3.15 -2.84
C ILE B 239 -8.53 2.08 -2.36
N GLU B 240 -8.22 0.81 -2.63
CA GLU B 240 -9.08 -0.27 -2.18
C GLU B 240 -9.06 -0.43 -0.66
N ALA B 241 -7.93 -0.11 -0.02
CA ALA B 241 -7.84 -0.20 1.43
C ALA B 241 -8.73 0.82 2.15
N GLN B 242 -9.25 1.82 1.44
CA GLN B 242 -10.21 2.76 2.00
C GLN B 242 -11.63 2.25 1.96
N VAL B 243 -11.90 1.21 1.19
CA VAL B 243 -13.23 0.61 1.09
C VAL B 243 -13.35 -0.46 2.16
N PRO B 244 -14.40 -0.44 3.00
CA PRO B 244 -14.57 -1.52 3.97
C PRO B 244 -14.52 -2.90 3.34
N LEU B 245 -15.14 -3.08 2.18
CA LEU B 245 -15.13 -4.37 1.50
C LEU B 245 -13.85 -4.59 0.70
N ARG B 246 -12.89 -3.67 0.78
CA ARG B 246 -11.52 -3.89 0.28
C ARG B 246 -11.49 -4.16 -1.23
N ARG B 247 -12.36 -3.49 -1.98
CA ARG B 247 -12.42 -3.68 -3.42
C ARG B 247 -13.11 -2.48 -4.05
N LEU B 248 -13.06 -2.45 -5.39
CA LEU B 248 -13.80 -1.47 -6.17
C LEU B 248 -15.07 -2.13 -6.71
N GLY B 249 -16.17 -1.39 -6.66
CA GLY B 249 -17.42 -1.90 -7.19
C GLY B 249 -17.43 -1.94 -8.70
N THR B 250 -18.10 -2.95 -9.24
CA THR B 250 -18.14 -3.16 -10.68
C THR B 250 -19.44 -2.62 -11.27
N MET B 251 -19.36 -2.22 -12.54
CA MET B 251 -20.53 -1.66 -13.22
C MET B 251 -21.67 -2.67 -13.29
N ASP B 252 -21.36 -3.96 -13.39
CA ASP B 252 -22.41 -4.97 -13.44
C ASP B 252 -23.13 -5.08 -12.10
N GLU B 253 -22.41 -4.89 -10.99
CA GLU B 253 -23.07 -4.84 -9.68
C GLU B 253 -23.96 -3.61 -9.58
N LEU B 254 -23.44 -2.45 -10.00
CA LEU B 254 -24.24 -1.22 -9.93
C LEU B 254 -25.46 -1.30 -10.84
N SER B 255 -25.27 -1.80 -12.07
CA SER B 255 -26.39 -1.91 -12.99
C SER B 255 -27.49 -2.80 -12.44
N SER B 256 -27.10 -3.92 -11.82
CA SER B 256 -28.09 -4.83 -11.24
C SER B 256 -28.93 -4.15 -10.17
N VAL B 257 -28.28 -3.43 -9.25
CA VAL B 257 -29.01 -2.71 -8.22
C VAL B 257 -29.84 -1.59 -8.84
N THR B 258 -29.26 -0.87 -9.80
CA THR B 258 -29.98 0.23 -10.44
C THR B 258 -31.18 -0.28 -11.23
N ALA B 259 -31.00 -1.36 -12.00
CA ALA B 259 -32.11 -1.90 -12.77
C ALA B 259 -33.24 -2.37 -11.86
N GLY B 260 -32.90 -2.91 -10.69
CA GLY B 260 -33.92 -3.37 -9.75
C GLY B 260 -34.85 -2.29 -9.27
N LEU B 261 -34.43 -1.03 -9.34
CA LEU B 261 -35.28 0.11 -9.00
C LEU B 261 -35.90 0.75 -10.23
N LEU B 262 -35.80 0.12 -11.39
CA LEU B 262 -36.33 0.70 -12.62
C LEU B 262 -37.03 -0.32 -13.53
N ASP B 263 -37.17 -1.57 -13.11
CA ASP B 263 -37.72 -2.62 -13.97
C ASP B 263 -39.10 -3.09 -13.53
N GLY B 264 -39.74 -2.39 -12.58
CA GLY B 264 -41.05 -2.75 -12.12
C GLY B 264 -41.09 -3.86 -11.09
N SER B 265 -39.96 -4.47 -10.76
CA SER B 265 -39.96 -5.57 -9.78
C SER B 265 -40.21 -5.04 -8.38
N ASN B 266 -39.61 -3.89 -8.03
CA ASN B 266 -39.80 -3.27 -6.72
C ASN B 266 -40.56 -1.97 -6.92
N ARG B 267 -41.74 -1.87 -6.29
CA ARG B 267 -42.56 -0.67 -6.36
C ARG B 267 -42.94 -0.15 -4.97
N PHE B 268 -42.17 -0.50 -3.94
CA PHE B 268 -42.46 -0.11 -2.57
C PHE B 268 -41.35 0.75 -1.96
N GLN B 269 -40.56 1.43 -2.79
CA GLN B 269 -39.48 2.28 -2.31
C GLN B 269 -39.48 3.57 -3.12
N THR B 270 -39.59 4.70 -2.42
CA THR B 270 -39.52 6.01 -3.07
C THR B 270 -38.98 7.03 -2.06
N GLY B 271 -38.34 8.06 -2.59
CA GLY B 271 -37.81 9.13 -1.76
C GLY B 271 -36.64 8.73 -0.88
N GLN B 272 -35.88 7.72 -1.27
CA GLN B 272 -34.82 7.17 -0.45
C GLN B 272 -33.47 7.29 -1.15
N PHE B 273 -32.41 7.34 -0.34
CA PHE B 273 -31.04 7.44 -0.83
C PHE B 273 -30.32 6.15 -0.48
N PHE B 274 -29.78 5.48 -1.50
CA PHE B 274 -29.09 4.21 -1.33
C PHE B 274 -27.59 4.42 -1.55
N ASP B 275 -26.80 4.16 -0.51
CA ASP B 275 -25.35 4.23 -0.62
C ASP B 275 -24.82 2.98 -1.30
N PHE B 276 -23.90 3.17 -2.26
CA PHE B 276 -23.30 2.08 -3.01
C PHE B 276 -21.79 2.35 -3.10
N SER B 277 -21.10 2.20 -1.98
CA SER B 277 -19.67 2.51 -1.92
C SER B 277 -18.89 1.46 -1.15
N GLY B 278 -19.37 0.22 -1.13
CA GLY B 278 -18.68 -0.85 -0.44
C GLY B 278 -18.67 -0.72 1.06
N GLY B 279 -19.63 0.00 1.64
CA GLY B 279 -19.67 0.26 3.06
C GLY B 279 -19.07 1.59 3.47
N TRP B 280 -18.40 2.28 2.54
CA TRP B 280 -17.74 3.55 2.86
C TRP B 280 -18.71 4.58 3.41
N GLY B 281 -19.97 4.53 2.97
CA GLY B 281 -20.95 5.51 3.41
C GLY B 281 -21.98 4.94 4.37
N ALA B 282 -21.65 3.83 5.02
CA ALA B 282 -22.57 3.20 5.96
C ALA B 282 -22.73 4.04 7.23
N GLU C 25 -9.60 46.48 28.61
CA GLU C 25 -10.21 45.17 28.42
C GLU C 25 -10.31 44.83 26.93
N ASN C 26 -10.41 43.55 26.60
CA ASN C 26 -10.58 43.10 25.21
C ASN C 26 -11.93 42.38 25.05
N ARG C 27 -12.96 43.14 24.74
CA ARG C 27 -14.26 42.52 24.58
C ARG C 27 -14.27 41.74 23.27
N PRO C 28 -14.69 40.48 23.29
CA PRO C 28 -14.83 39.72 22.04
C PRO C 28 -15.98 40.28 21.20
N VAL C 29 -15.99 39.86 19.93
CA VAL C 29 -16.89 40.44 18.94
C VAL C 29 -17.71 39.33 18.29
N ALA C 30 -19.02 39.55 18.21
CA ALA C 30 -19.93 38.64 17.53
C ALA C 30 -20.65 39.39 16.41
N LEU C 31 -20.81 38.72 15.27
CA LEU C 31 -21.54 39.26 14.14
C LEU C 31 -22.87 38.54 14.00
N ILE C 32 -23.95 39.29 13.80
CA ILE C 32 -25.28 38.74 13.67
C ILE C 32 -25.95 39.40 12.47
N THR C 33 -26.25 38.62 11.44
CA THR C 33 -26.93 39.13 10.27
C THR C 33 -28.44 38.98 10.43
N MET C 34 -29.19 39.75 9.63
CA MET C 34 -30.65 39.81 9.69
C MET C 34 -31.12 40.16 11.12
N ALA C 35 -30.33 40.95 11.82
CA ALA C 35 -30.57 41.24 13.24
C ALA C 35 -31.75 42.16 13.48
N THR C 36 -32.48 42.57 12.45
CA THR C 36 -33.74 43.28 12.63
C THR C 36 -34.93 42.35 12.79
N GLY C 37 -34.70 41.03 12.69
CA GLY C 37 -35.75 40.06 12.84
C GLY C 37 -35.17 38.75 13.34
N TYR C 38 -36.07 37.81 13.60
CA TYR C 38 -35.70 36.43 13.93
C TYR C 38 -34.90 36.45 15.24
N VAL C 39 -33.85 35.65 15.35
CA VAL C 39 -33.12 35.53 16.62
C VAL C 39 -32.28 36.77 16.88
N GLY C 40 -31.89 37.49 15.83
CA GLY C 40 -31.00 38.62 15.91
C GLY C 40 -31.17 39.55 17.09
N PRO C 41 -32.38 40.11 17.25
CA PRO C 41 -32.63 41.02 18.39
C PRO C 41 -32.33 40.37 19.74
N ALA C 42 -33.00 39.25 20.02
CA ALA C 42 -32.82 38.59 21.31
C ALA C 42 -31.41 38.04 21.46
N LEU C 43 -30.83 37.51 20.37
CA LEU C 43 -29.46 37.02 20.44
C LEU C 43 -28.48 38.15 20.77
N ALA C 44 -28.76 39.35 20.25
CA ALA C 44 -27.89 40.49 20.53
C ALA C 44 -27.83 40.80 22.01
N ARG C 45 -28.98 40.76 22.70
CA ARG C 45 -29.03 41.10 24.11
C ARG C 45 -28.18 40.14 24.93
N THR C 46 -28.43 38.84 24.81
CA THR C 46 -27.74 37.87 25.65
C THR C 46 -26.24 37.82 25.34
N MET C 47 -25.87 37.99 24.07
CA MET C 47 -24.46 38.01 23.73
C MET C 47 -23.77 39.27 24.27
N ALA C 48 -24.51 40.37 24.36
CA ALA C 48 -23.99 41.55 25.06
C ALA C 48 -23.81 41.25 26.54
N ASP C 49 -24.81 40.62 27.17
CA ASP C 49 -24.69 40.24 28.57
C ASP C 49 -23.50 39.33 28.80
N ARG C 50 -23.16 38.50 27.82
CA ARG C 50 -22.00 37.63 27.90
C ARG C 50 -20.69 38.35 27.58
N GLY C 51 -20.69 39.68 27.56
CA GLY C 51 -19.48 40.43 27.38
C GLY C 51 -18.93 40.47 25.97
N PHE C 52 -19.80 40.59 24.97
CA PHE C 52 -19.40 40.56 23.57
C PHE C 52 -19.76 41.89 22.90
N ASP C 53 -18.82 42.41 22.11
CA ASP C 53 -19.13 43.51 21.21
C ASP C 53 -19.89 42.96 20.00
N LEU C 54 -20.69 43.81 19.38
CA LEU C 54 -21.66 43.36 18.39
C LEU C 54 -21.48 44.08 17.05
N VAL C 55 -21.77 43.35 15.98
CA VAL C 55 -21.92 43.90 14.64
C VAL C 55 -23.22 43.32 14.10
N LEU C 56 -24.24 44.16 13.92
CA LEU C 56 -25.54 43.72 13.46
C LEU C 56 -25.73 44.11 11.99
N HIS C 57 -26.03 43.13 11.16
CA HIS C 57 -26.49 43.37 9.80
C HIS C 57 -28.00 43.23 9.76
N GLY C 58 -28.66 44.13 9.04
CA GLY C 58 -30.10 44.06 8.92
C GLY C 58 -30.61 45.04 7.90
N THR C 59 -31.92 45.25 7.92
CA THR C 59 -32.60 46.15 6.99
C THR C 59 -32.90 47.46 7.71
N ALA C 60 -32.32 48.55 7.22
CA ALA C 60 -32.45 49.84 7.87
C ALA C 60 -33.87 50.39 7.69
N GLY C 61 -34.25 51.27 8.61
CA GLY C 61 -35.55 51.91 8.62
C GLY C 61 -36.21 51.76 9.97
N ASP C 62 -37.49 52.06 10.02
CA ASP C 62 -38.29 51.96 11.23
C ASP C 62 -39.16 50.72 11.19
N GLY C 63 -39.99 50.56 12.22
CA GLY C 63 -40.87 49.41 12.32
C GLY C 63 -41.86 49.29 11.18
N THR C 64 -42.16 50.40 10.51
CA THR C 64 -43.06 50.36 9.36
C THR C 64 -42.44 49.68 8.15
N MET C 65 -41.11 49.66 8.05
CA MET C 65 -40.46 49.03 6.91
C MET C 65 -40.62 47.52 6.98
N VAL C 66 -40.85 46.91 5.81
CA VAL C 66 -41.09 45.47 5.75
C VAL C 66 -39.83 44.72 6.19
N GLY C 67 -40.03 43.73 7.06
CA GLY C 67 -38.93 42.93 7.57
C GLY C 67 -38.30 43.45 8.84
N VAL C 68 -38.78 44.58 9.37
CA VAL C 68 -38.22 45.18 10.58
C VAL C 68 -39.22 44.92 11.70
N GLU C 69 -39.00 43.86 12.47
CA GLU C 69 -39.78 43.62 13.67
C GLU C 69 -39.22 44.35 14.88
N GLU C 70 -37.91 44.54 14.93
CA GLU C 70 -37.24 45.34 15.94
C GLU C 70 -36.31 46.30 15.22
N SER C 71 -36.69 47.59 15.20
CA SER C 71 -35.91 48.58 14.48
C SER C 71 -34.46 48.60 14.98
N PHE C 72 -33.57 49.06 14.10
CA PHE C 72 -32.18 49.23 14.51
C PHE C 72 -32.11 50.10 15.74
N ASP C 73 -32.45 51.39 15.58
CA ASP C 73 -32.30 52.40 16.64
C ASP C 73 -32.71 51.90 18.02
N SER C 74 -33.85 51.21 18.11
CA SER C 74 -34.32 50.72 19.40
C SER C 74 -33.32 49.75 20.03
N GLN C 75 -32.51 49.08 19.21
CA GLN C 75 -31.53 48.14 19.75
C GLN C 75 -30.33 48.87 20.34
N ILE C 76 -29.63 49.68 19.53
CA ILE C 76 -28.38 50.31 19.96
C ILE C 76 -28.50 50.92 21.35
N ALA C 77 -29.68 51.45 21.69
CA ALA C 77 -29.91 51.95 23.05
C ALA C 77 -29.77 50.82 24.07
N ASP C 78 -30.38 49.66 23.79
CA ASP C 78 -30.39 48.58 24.76
C ASP C 78 -29.02 47.93 24.90
N LEU C 79 -28.40 47.56 23.78
CA LEU C 79 -27.07 46.93 23.86
C LEU C 79 -26.05 47.86 24.50
N ALA C 80 -26.19 49.18 24.30
CA ALA C 80 -25.31 50.11 24.99
C ALA C 80 -25.50 50.04 26.50
N LYS C 81 -26.75 49.85 26.95
CA LYS C 81 -26.99 49.70 28.38
C LYS C 81 -26.37 48.42 28.91
N ARG C 82 -26.40 47.34 28.13
CA ARG C 82 -25.74 46.10 28.52
C ARG C 82 -24.23 46.15 28.34
N GLY C 83 -23.69 47.28 27.89
CA GLY C 83 -22.25 47.46 27.82
C GLY C 83 -21.60 47.09 26.52
N ALA C 84 -22.35 47.05 25.41
CA ALA C 84 -21.85 46.54 24.15
C ALA C 84 -21.75 47.65 23.11
N ASP C 85 -20.57 47.79 22.50
CA ASP C 85 -20.43 48.58 21.30
C ASP C 85 -21.05 47.84 20.12
N VAL C 86 -21.74 48.57 19.25
CA VAL C 86 -22.46 47.96 18.14
C VAL C 86 -22.21 48.75 16.87
N LEU C 87 -21.77 48.06 15.82
CA LEU C 87 -21.63 48.63 14.49
C LEU C 87 -22.73 48.08 13.60
N THR C 88 -23.37 48.97 12.85
CA THR C 88 -24.52 48.61 12.03
C THR C 88 -24.13 48.53 10.56
N ILE C 89 -24.75 47.60 9.83
CA ILE C 89 -24.49 47.39 8.41
C ILE C 89 -25.81 47.07 7.72
N SER C 90 -26.13 47.83 6.66
CA SER C 90 -27.39 47.64 5.97
C SER C 90 -27.28 47.84 4.46
N ASP C 91 -26.07 47.83 3.91
CA ASP C 91 -25.83 48.16 2.51
C ASP C 91 -25.01 47.08 1.82
N VAL C 92 -25.32 45.81 2.09
CA VAL C 92 -24.59 44.69 1.49
C VAL C 92 -25.60 43.65 1.01
N ASP C 93 -25.30 43.04 -0.13
CA ASP C 93 -26.05 41.89 -0.63
C ASP C 93 -25.37 40.64 -0.12
N LEU C 94 -26.01 39.95 0.82
CA LEU C 94 -25.37 38.80 1.46
C LEU C 94 -25.37 37.55 0.59
N THR C 95 -26.07 37.56 -0.54
CA THR C 95 -26.05 36.46 -1.47
C THR C 95 -24.89 36.53 -2.46
N THR C 96 -24.04 37.55 -2.36
CA THR C 96 -22.91 37.74 -3.25
C THR C 96 -21.61 37.66 -2.46
N ARG C 97 -20.52 37.37 -3.18
CA ARG C 97 -19.21 37.37 -2.55
C ARG C 97 -18.84 38.76 -2.03
N THR C 98 -19.20 39.80 -2.79
CA THR C 98 -18.79 41.16 -2.42
C THR C 98 -19.44 41.61 -1.12
N GLY C 99 -20.76 41.42 -1.00
CA GLY C 99 -21.46 41.85 0.20
C GLY C 99 -20.89 41.22 1.46
N ASN C 100 -20.64 39.91 1.41
CA ASN C 100 -20.08 39.21 2.57
C ASN C 100 -18.65 39.65 2.84
N GLN C 101 -17.82 39.71 1.79
CA GLN C 101 -16.44 40.13 1.98
C GLN C 101 -16.35 41.54 2.52
N SER C 102 -17.27 42.42 2.12
CA SER C 102 -17.27 43.78 2.65
C SER C 102 -17.74 43.82 4.10
N MET C 103 -18.77 43.03 4.43
CA MET C 103 -19.28 42.98 5.79
C MET C 103 -18.17 42.63 6.78
N ILE C 104 -17.38 41.61 6.45
CA ILE C 104 -16.32 41.18 7.34
C ILE C 104 -15.14 42.16 7.27
N GLU C 105 -14.94 42.80 6.12
CA GLU C 105 -13.95 43.87 6.02
C GLU C 105 -14.24 44.99 7.02
N ARG C 106 -15.51 45.39 7.11
CA ARG C 106 -15.90 46.47 8.02
C ARG C 106 -15.94 46.03 9.48
N VAL C 107 -16.06 44.72 9.73
CA VAL C 107 -15.98 44.23 11.10
C VAL C 107 -14.56 44.34 11.63
N LEU C 108 -13.59 43.82 10.87
CA LEU C 108 -12.19 43.92 11.26
C LEU C 108 -11.69 45.35 11.29
N GLU C 109 -12.43 46.29 10.71
CA GLU C 109 -12.05 47.70 10.77
C GLU C 109 -12.45 48.31 12.11
N ARG C 110 -13.73 48.16 12.48
CA ARG C 110 -14.22 48.81 13.69
C ARG C 110 -13.69 48.16 14.95
N PHE C 111 -13.63 46.83 14.99
CA PHE C 111 -13.25 46.10 16.19
C PHE C 111 -11.96 45.32 16.08
N GLY C 112 -11.45 45.10 14.87
CA GLY C 112 -10.19 44.42 14.68
C GLY C 112 -10.20 42.92 14.94
N ARG C 113 -11.37 42.32 15.18
CA ARG C 113 -11.42 40.91 15.50
C ARG C 113 -12.84 40.38 15.27
N LEU C 114 -12.91 39.11 14.89
CA LEU C 114 -14.18 38.39 14.75
C LEU C 114 -14.05 37.08 15.51
N ASP C 115 -14.83 36.93 16.58
CA ASP C 115 -14.81 35.72 17.39
C ASP C 115 -16.01 34.81 17.13
N SER C 116 -17.19 35.39 16.89
CA SER C 116 -18.40 34.61 16.72
C SER C 116 -19.23 35.20 15.60
N ALA C 117 -19.89 34.33 14.84
CA ALA C 117 -20.73 34.76 13.73
C ALA C 117 -21.99 33.92 13.70
N CYS C 118 -23.14 34.61 13.61
CA CYS C 118 -24.44 33.96 13.44
C CYS C 118 -24.99 34.41 12.09
N LEU C 119 -24.93 33.52 11.10
CA LEU C 119 -25.30 33.83 9.73
C LEU C 119 -26.71 33.31 9.46
N VAL C 120 -27.69 34.19 9.59
CA VAL C 120 -29.08 33.83 9.29
C VAL C 120 -29.28 33.90 7.78
N THR C 121 -29.67 32.78 7.18
CA THR C 121 -29.79 32.65 5.73
C THR C 121 -31.16 32.12 5.36
N GLY C 122 -31.46 32.19 4.06
CA GLY C 122 -32.61 31.51 3.51
C GLY C 122 -33.80 32.43 3.28
N LEU C 123 -34.71 31.98 2.42
CA LEU C 123 -35.97 32.65 2.18
C LEU C 123 -36.99 31.59 1.79
N ILE C 124 -38.16 31.63 2.44
CA ILE C 124 -39.13 30.55 2.30
C ILE C 124 -39.75 30.57 0.91
N VAL C 125 -39.91 29.38 0.33
CA VAL C 125 -40.75 29.18 -0.85
C VAL C 125 -41.34 27.79 -0.76
N THR C 126 -42.62 27.68 -1.08
CA THR C 126 -43.33 26.40 -1.02
C THR C 126 -44.19 26.26 -2.27
N GLY C 127 -44.76 25.07 -2.42
CA GLY C 127 -45.61 24.75 -3.55
C GLY C 127 -45.22 23.42 -4.17
N LYS C 128 -46.06 22.99 -5.13
CA LYS C 128 -45.79 21.76 -5.84
C LYS C 128 -44.46 21.85 -6.58
N PHE C 129 -43.74 20.72 -6.60
CA PHE C 129 -42.44 20.70 -7.27
C PHE C 129 -42.56 21.06 -8.74
N LEU C 130 -43.56 20.49 -9.43
CA LEU C 130 -43.72 20.73 -10.85
C LEU C 130 -44.25 22.11 -11.18
N ASP C 131 -44.67 22.88 -10.18
CA ASP C 131 -45.13 24.25 -10.39
C ASP C 131 -44.03 25.28 -10.15
N MET C 132 -42.81 24.84 -9.87
CA MET C 132 -41.75 25.76 -9.48
C MET C 132 -41.12 26.39 -10.71
N THR C 133 -41.18 27.71 -10.78
CA THR C 133 -40.60 28.47 -11.88
C THR C 133 -39.08 28.51 -11.74
N CYS C 134 -38.42 28.84 -12.86
CA CYS C 134 -36.96 28.94 -12.85
CA CYS C 134 -36.96 28.95 -12.84
C CYS C 134 -36.49 30.09 -11.97
N ASP C 135 -37.34 31.09 -11.71
CA ASP C 135 -36.97 32.18 -10.82
C ASP C 135 -36.98 31.72 -9.36
N GLN C 136 -37.95 30.90 -8.99
CA GLN C 136 -37.99 30.33 -7.65
C GLN C 136 -36.77 29.45 -7.40
N TRP C 137 -36.43 28.60 -8.37
CA TRP C 137 -35.23 27.78 -8.27
C TRP C 137 -33.99 28.64 -8.13
N ALA C 138 -33.88 29.70 -8.92
CA ALA C 138 -32.74 30.60 -8.83
C ALA C 138 -32.73 31.33 -7.50
N LYS C 139 -33.90 31.79 -7.04
CA LYS C 139 -33.97 32.55 -5.79
C LYS C 139 -33.65 31.67 -4.59
N VAL C 140 -34.13 30.43 -4.58
CA VAL C 140 -33.90 29.57 -3.43
C VAL C 140 -32.45 29.08 -3.41
N LYS C 141 -31.81 28.94 -4.57
CA LYS C 141 -30.39 28.63 -4.60
C LYS C 141 -29.57 29.78 -4.04
N ALA C 142 -30.01 31.02 -4.26
CA ALA C 142 -29.27 32.18 -3.79
C ALA C 142 -29.46 32.39 -2.29
N THR C 143 -30.66 32.15 -1.78
CA THR C 143 -30.92 32.45 -0.38
C THR C 143 -30.49 31.30 0.53
N ASN C 144 -30.65 30.05 0.09
CA ASN C 144 -30.32 28.91 0.94
C ASN C 144 -28.88 28.43 0.80
N LEU C 145 -28.21 28.73 -0.32
CA LEU C 145 -26.88 28.22 -0.57
C LEU C 145 -25.85 29.32 -0.77
N ASP C 146 -26.08 30.24 -1.71
CA ASP C 146 -25.10 31.29 -1.97
C ASP C 146 -24.81 32.10 -0.72
N MET C 147 -25.83 32.34 0.11
CA MET C 147 -25.61 33.06 1.36
C MET C 147 -24.70 32.27 2.30
N VAL C 148 -24.75 30.94 2.25
CA VAL C 148 -23.92 30.14 3.13
C VAL C 148 -22.49 30.04 2.60
N PHE C 149 -22.35 29.75 1.30
CA PHE C 149 -21.01 29.61 0.72
C PHE C 149 -20.22 30.91 0.86
N HIS C 150 -20.83 32.04 0.53
CA HIS C 150 -20.13 33.32 0.66
C HIS C 150 -20.02 33.75 2.11
N GLY C 151 -21.03 33.43 2.93
CA GLY C 151 -20.95 33.78 4.34
C GLY C 151 -19.79 33.12 5.04
N LEU C 152 -19.60 31.82 4.79
CA LEU C 152 -18.51 31.09 5.46
C LEU C 152 -17.15 31.47 4.87
N GLN C 153 -17.09 31.68 3.55
CA GLN C 153 -15.82 32.08 2.94
C GLN C 153 -15.32 33.42 3.48
N ALA C 154 -16.22 34.23 4.04
CA ALA C 154 -15.86 35.54 4.57
C ALA C 154 -15.51 35.50 6.06
N VAL C 155 -16.32 34.81 6.86
CA VAL C 155 -16.09 34.82 8.31
C VAL C 155 -14.96 33.88 8.73
N LEU C 156 -14.63 32.89 7.92
CA LEU C 156 -13.68 31.86 8.33
C LEU C 156 -12.22 32.29 8.33
N PRO C 157 -11.73 33.02 7.32
CA PRO C 157 -10.30 33.41 7.31
C PRO C 157 -9.88 34.15 8.58
N PRO C 158 -10.66 35.11 9.10
CA PRO C 158 -10.19 35.79 10.32
C PRO C 158 -10.07 34.87 11.52
N MET C 159 -10.97 33.91 11.68
CA MET C 159 -10.88 33.02 12.84
C MET C 159 -9.77 31.98 12.69
N VAL C 160 -9.50 31.53 11.47
CA VAL C 160 -8.42 30.56 11.26
C VAL C 160 -7.08 31.17 11.64
N ALA C 161 -6.87 32.44 11.27
CA ALA C 161 -5.64 33.13 11.65
C ALA C 161 -5.59 33.40 13.15
N ALA C 162 -6.75 33.65 13.76
CA ALA C 162 -6.79 33.85 15.20
C ALA C 162 -6.63 32.54 15.97
N GLY C 163 -6.88 31.41 15.33
CA GLY C 163 -6.80 30.13 15.99
C GLY C 163 -8.02 29.75 16.79
N ALA C 164 -9.10 30.52 16.70
CA ALA C 164 -10.32 30.24 17.44
C ALA C 164 -11.48 30.97 16.79
N GLY C 165 -12.65 30.34 16.80
CA GLY C 165 -13.84 30.93 16.22
C GLY C 165 -15.03 30.04 16.44
N GLN C 166 -16.21 30.65 16.39
CA GLN C 166 -17.46 29.94 16.61
C GLN C 166 -18.51 30.49 15.65
N CYS C 167 -19.02 29.63 14.77
CA CYS C 167 -20.01 30.05 13.78
CA CYS C 167 -19.99 30.02 13.76
C CYS C 167 -21.26 29.18 13.90
N VAL C 168 -22.41 29.82 13.73
CA VAL C 168 -23.70 29.16 13.71
C VAL C 168 -24.44 29.64 12.47
N VAL C 169 -24.66 28.74 11.51
CA VAL C 169 -25.40 29.05 10.30
C VAL C 169 -26.85 28.64 10.50
N PHE C 170 -27.77 29.57 10.26
CA PHE C 170 -29.18 29.30 10.44
C PHE C 170 -29.77 28.83 9.11
N THR C 171 -30.16 27.57 9.05
CA THR C 171 -30.79 27.00 7.87
C THR C 171 -32.29 26.85 8.11
N SER C 172 -32.78 25.61 8.11
CA SER C 172 -34.17 25.35 8.41
C SER C 172 -34.32 23.93 8.93
N ALA C 173 -35.33 23.73 9.79
CA ALA C 173 -35.65 22.39 10.26
C ALA C 173 -36.10 21.49 9.10
N THR C 174 -36.57 22.09 8.00
CA THR C 174 -36.91 21.30 6.82
C THR C 174 -35.69 20.62 6.21
N GLY C 175 -34.48 21.08 6.54
CA GLY C 175 -33.28 20.42 6.03
C GLY C 175 -33.15 18.99 6.52
N GLY C 176 -33.66 18.70 7.71
CA GLY C 176 -33.64 17.34 8.23
C GLY C 176 -34.74 16.44 7.71
N ARG C 177 -35.78 17.01 7.10
CA ARG C 177 -36.87 16.23 6.51
C ARG C 177 -37.50 17.02 5.38
N PRO C 178 -36.79 17.17 4.24
CA PRO C 178 -37.40 17.85 3.09
C PRO C 178 -38.65 17.15 2.62
N ASP C 179 -39.80 17.75 2.91
CA ASP C 179 -41.10 17.12 2.72
C ASP C 179 -41.76 17.61 1.43
N PRO C 180 -42.79 16.91 0.96
CA PRO C 180 -43.59 17.44 -0.16
C PRO C 180 -44.08 18.85 0.11
N MET C 181 -44.30 19.59 -0.98
CA MET C 181 -44.71 21.00 -0.97
C MET C 181 -43.58 21.91 -0.50
N VAL C 182 -42.48 21.33 -0.04
CA VAL C 182 -41.30 22.09 0.37
C VAL C 182 -40.08 21.47 -0.33
N SER C 183 -40.24 21.15 -1.61
CA SER C 183 -39.23 20.34 -2.32
C SER C 183 -37.89 21.07 -2.41
N ILE C 184 -37.83 22.17 -3.17
CA ILE C 184 -36.52 22.79 -3.39
C ILE C 184 -36.09 23.69 -2.22
N TYR C 185 -37.02 24.10 -1.37
CA TYR C 185 -36.60 24.83 -0.17
C TYR C 185 -35.93 23.88 0.81
N GLY C 186 -36.62 22.79 1.19
CA GLY C 186 -36.03 21.85 2.12
C GLY C 186 -34.82 21.13 1.55
N GLY C 187 -34.84 20.84 0.25
CA GLY C 187 -33.72 20.17 -0.36
C GLY C 187 -32.45 21.00 -0.34
N THR C 188 -32.58 22.30 -0.60
CA THR C 188 -31.40 23.18 -0.56
C THR C 188 -30.95 23.41 0.89
N ARG C 189 -31.90 23.47 1.82
CA ARG C 189 -31.52 23.55 3.23
C ARG C 189 -30.74 22.32 3.66
N ALA C 190 -31.05 21.16 3.09
CA ALA C 190 -30.26 19.96 3.35
C ALA C 190 -28.86 20.09 2.78
N GLY C 191 -28.73 20.70 1.60
CA GLY C 191 -27.41 20.96 1.05
C GLY C 191 -26.64 21.96 1.88
N ALA C 192 -27.34 22.95 2.44
CA ALA C 192 -26.68 23.91 3.33
C ALA C 192 -26.12 23.22 4.55
N ASN C 193 -26.88 22.29 5.15
CA ASN C 193 -26.37 21.53 6.29
C ASN C 193 -25.20 20.67 5.88
N GLY C 194 -25.25 20.05 4.70
CA GLY C 194 -24.15 19.24 4.22
C GLY C 194 -22.87 20.03 4.08
N ILE C 195 -22.98 21.29 3.61
CA ILE C 195 -21.80 22.15 3.53
C ILE C 195 -21.29 22.49 4.92
N VAL C 196 -22.20 22.82 5.84
CA VAL C 196 -21.80 23.18 7.20
C VAL C 196 -21.06 22.04 7.87
N ARG C 197 -21.51 20.80 7.64
CA ARG C 197 -20.83 19.65 8.22
C ARG C 197 -19.42 19.52 7.69
N ALA C 198 -19.26 19.60 6.37
CA ALA C 198 -17.92 19.49 5.78
C ALA C 198 -17.04 20.66 6.21
N VAL C 199 -17.58 21.87 6.20
CA VAL C 199 -16.80 23.04 6.61
C VAL C 199 -16.47 22.97 8.09
N GLY C 200 -17.45 22.60 8.92
CA GLY C 200 -17.19 22.48 10.35
C GLY C 200 -16.13 21.45 10.68
N LEU C 201 -16.07 20.37 9.90
CA LEU C 201 -15.02 19.37 10.10
C LEU C 201 -13.69 19.81 9.50
N GLU C 202 -13.73 20.54 8.38
CA GLU C 202 -12.50 20.91 7.70
C GLU C 202 -11.68 21.92 8.49
N HIS C 203 -12.33 22.76 9.31
CA HIS C 203 -11.65 23.83 10.01
C HIS C 203 -11.66 23.65 11.53
N ALA C 204 -12.20 22.55 12.04
CA ALA C 204 -12.05 22.26 13.47
C ALA C 204 -10.58 22.21 13.86
N ARG C 205 -9.77 21.59 13.00
CA ARG C 205 -8.31 21.70 12.93
C ARG C 205 -7.77 23.01 13.50
N HIS C 206 -8.29 24.14 13.00
CA HIS C 206 -7.80 25.46 13.38
C HIS C 206 -8.52 26.02 14.60
N GLY C 207 -9.22 25.18 15.36
CA GLY C 207 -9.89 25.65 16.56
C GLY C 207 -11.16 26.43 16.33
N VAL C 208 -11.73 26.38 15.13
CA VAL C 208 -12.98 27.08 14.85
C VAL C 208 -14.09 26.06 14.69
N GLN C 209 -15.29 26.44 15.11
CA GLN C 209 -16.46 25.58 15.07
C GLN C 209 -17.51 26.20 14.17
N VAL C 210 -18.06 25.40 13.26
CA VAL C 210 -19.16 25.81 12.39
C VAL C 210 -20.30 24.81 12.57
N ASN C 211 -21.44 25.30 13.04
CA ASN C 211 -22.59 24.45 13.30
C ASN C 211 -23.85 25.08 12.71
N ALA C 212 -24.88 24.26 12.54
CA ALA C 212 -26.12 24.68 11.92
C ALA C 212 -27.28 24.53 12.90
N ILE C 213 -28.18 25.50 12.88
CA ILE C 213 -29.43 25.45 13.63
C ILE C 213 -30.57 25.68 12.66
N GLY C 214 -31.43 24.67 12.51
CA GLY C 214 -32.59 24.79 11.65
C GLY C 214 -33.88 24.71 12.43
N THR C 215 -34.67 25.77 12.40
CA THR C 215 -35.86 25.88 13.23
C THR C 215 -37.13 25.76 12.39
N ASN C 216 -38.26 25.71 13.10
CA ASN C 216 -39.59 25.70 12.53
C ASN C 216 -40.58 25.91 13.66
N TYR C 217 -41.75 26.45 13.31
CA TYR C 217 -42.82 26.73 14.27
C TYR C 217 -42.35 27.70 15.35
N MET C 218 -41.88 28.87 14.91
CA MET C 218 -41.40 29.90 15.81
C MET C 218 -42.43 31.01 15.97
N ASP C 219 -42.37 31.69 17.12
CA ASP C 219 -43.31 32.77 17.45
C ASP C 219 -42.62 34.10 17.15
N PHE C 220 -42.66 34.48 15.88
CA PHE C 220 -42.19 35.79 15.44
C PHE C 220 -43.05 36.21 14.26
N PRO C 221 -43.20 37.52 14.01
CA PRO C 221 -44.15 37.99 12.99
C PRO C 221 -44.02 37.33 11.63
N GLY C 222 -42.83 36.83 11.28
CA GLY C 222 -42.64 36.15 10.02
C GLY C 222 -43.47 34.89 9.87
N PHE C 223 -43.25 33.92 10.77
CA PHE C 223 -44.01 32.67 10.72
C PHE C 223 -45.47 32.89 11.08
N LEU C 224 -45.76 33.84 11.97
CA LEU C 224 -47.14 34.09 12.40
C LEU C 224 -48.00 34.52 11.21
N LYS C 225 -47.45 35.35 10.32
CA LYS C 225 -48.23 35.84 9.19
C LYS C 225 -48.30 34.83 8.05
N ALA C 226 -47.24 34.04 7.85
CA ALA C 226 -47.23 33.09 6.74
C ALA C 226 -48.27 32.00 6.93
N SER C 227 -48.39 31.47 8.14
CA SER C 227 -49.38 30.43 8.44
C SER C 227 -50.75 31.01 8.79
N ARG C 228 -50.96 32.32 8.57
CA ARG C 228 -52.24 32.98 8.81
C ARG C 228 -52.67 32.85 10.27
N ALA C 229 -51.71 32.68 11.18
CA ALA C 229 -52.03 32.53 12.59
C ALA C 229 -52.24 33.86 13.30
N ASP C 230 -51.75 34.96 12.73
CA ASP C 230 -51.91 36.28 13.35
C ASP C 230 -53.29 36.85 13.03
N ASP C 232 -55.93 34.48 13.48
CA ASP C 232 -56.92 33.47 13.81
C ASP C 232 -56.40 32.54 14.91
N PRO C 233 -56.94 32.69 16.11
CA PRO C 233 -56.64 31.73 17.18
C PRO C 233 -56.90 30.27 16.82
N GLU C 234 -57.89 29.98 15.98
CA GLU C 234 -58.15 28.60 15.62
C GLU C 234 -57.05 28.07 14.70
N ARG C 235 -56.54 28.90 13.80
CA ARG C 235 -55.42 28.49 12.96
C ARG C 235 -54.15 28.36 13.79
N ARG C 236 -53.95 29.26 14.76
CA ARG C 236 -52.79 29.15 15.64
C ARG C 236 -52.84 27.86 16.45
N ALA C 237 -54.01 27.54 17.01
CA ALA C 237 -54.15 26.31 17.77
C ALA C 237 -53.91 25.09 16.88
N MET C 238 -54.41 25.12 15.64
CA MET C 238 -54.13 24.04 14.71
C MET C 238 -52.65 23.98 14.35
N ILE C 239 -51.97 25.13 14.34
CA ILE C 239 -50.53 25.14 14.08
C ILE C 239 -49.78 24.48 15.22
N GLU C 240 -50.12 24.82 16.46
CA GLU C 240 -49.47 24.21 17.62
C GLU C 240 -49.81 22.74 17.75
N ALA C 241 -50.88 22.27 17.11
CA ALA C 241 -51.23 20.85 17.17
C ALA C 241 -50.28 19.98 16.34
N GLN C 242 -49.62 20.57 15.34
CA GLN C 242 -48.63 19.83 14.55
C GLN C 242 -47.29 19.72 15.26
N VAL C 243 -47.07 20.48 16.33
CA VAL C 243 -45.84 20.44 17.10
C VAL C 243 -45.98 19.38 18.20
N PRO C 244 -44.99 18.49 18.38
CA PRO C 244 -45.10 17.50 19.46
C PRO C 244 -45.20 18.15 20.84
N LEU C 245 -44.39 19.17 21.12
CA LEU C 245 -44.48 19.88 22.38
C LEU C 245 -45.66 20.84 22.44
N ARG C 246 -46.50 20.87 21.40
CA ARG C 246 -47.76 21.61 21.36
C ARG C 246 -47.57 23.06 21.83
N ARG C 247 -46.68 23.75 21.13
CA ARG C 247 -46.37 25.15 21.44
C ARG C 247 -45.49 25.71 20.32
N LEU C 248 -45.33 27.03 20.33
CA LEU C 248 -44.45 27.72 19.42
C LEU C 248 -43.21 28.20 20.17
N GLY C 249 -42.04 28.07 19.53
CA GLY C 249 -40.81 28.48 20.16
C GLY C 249 -40.69 29.99 20.22
N THR C 250 -40.00 30.47 21.25
CA THR C 250 -39.77 31.89 21.46
C THR C 250 -38.31 32.23 21.14
N MET C 251 -38.09 33.46 20.69
CA MET C 251 -36.75 33.90 20.31
C MET C 251 -35.82 33.91 21.52
N ASP C 252 -36.38 34.12 22.73
CA ASP C 252 -35.55 34.04 23.93
CA ASP C 252 -35.56 34.04 23.93
C ASP C 252 -35.03 32.63 24.17
N GLU C 253 -35.80 31.62 23.76
CA GLU C 253 -35.33 30.24 23.86
C GLU C 253 -34.27 29.96 22.80
N LEU C 254 -34.55 30.34 21.55
CA LEU C 254 -33.61 30.12 20.46
C LEU C 254 -32.29 30.83 20.71
N SER C 255 -32.35 32.08 21.19
CA SER C 255 -31.12 32.83 21.45
C SER C 255 -30.26 32.16 22.50
N SER C 256 -30.89 31.52 23.51
CA SER C 256 -30.13 30.81 24.53
C SER C 256 -29.31 29.68 23.92
N VAL C 257 -29.96 28.84 23.11
CA VAL C 257 -29.24 27.74 22.47
C VAL C 257 -28.18 28.27 21.52
N THR C 258 -28.53 29.30 20.74
CA THR C 258 -27.58 29.88 19.79
C THR C 258 -26.39 30.50 20.51
N ALA C 259 -26.65 31.26 21.57
CA ALA C 259 -25.56 31.91 22.30
C ALA C 259 -24.63 30.89 22.91
N GLY C 260 -25.17 29.77 23.39
CA GLY C 260 -24.35 28.71 23.94
C GLY C 260 -23.32 28.16 22.98
N LEU C 261 -23.59 28.23 21.68
CA LEU C 261 -22.66 27.78 20.64
C LEU C 261 -21.72 28.88 20.18
N LEU C 262 -21.88 30.11 20.67
CA LEU C 262 -21.09 31.24 20.22
C LEU C 262 -20.31 31.95 21.32
N ASP C 263 -20.52 31.59 22.58
CA ASP C 263 -19.95 32.33 23.70
C ASP C 263 -18.69 31.69 24.27
N GLY C 264 -18.12 30.71 23.58
CA GLY C 264 -16.91 30.08 24.09
C GLY C 264 -17.12 29.13 25.24
N SER C 265 -18.37 28.90 25.66
CA SER C 265 -18.62 27.93 26.72
C SER C 265 -18.51 26.50 26.19
N ASN C 266 -19.18 26.22 25.07
CA ASN C 266 -19.11 24.92 24.40
C ASN C 266 -18.13 25.04 23.25
N ARG C 267 -17.07 24.23 23.30
CA ARG C 267 -16.05 24.21 22.26
C ARG C 267 -15.78 22.80 21.76
N PHE C 268 -16.74 21.91 21.92
CA PHE C 268 -16.57 20.50 21.56
C PHE C 268 -17.64 20.02 20.59
N GLN C 269 -18.21 20.93 19.81
CA GLN C 269 -19.20 20.57 18.79
C GLN C 269 -18.90 21.36 17.53
N THR C 270 -18.72 20.66 16.41
CA THR C 270 -18.48 21.30 15.14
C THR C 270 -19.01 20.42 14.01
N GLY C 271 -19.49 21.08 12.95
CA GLY C 271 -20.02 20.38 11.80
C GLY C 271 -21.34 19.66 12.03
N GLN C 272 -22.15 20.14 12.97
CA GLN C 272 -23.36 19.45 13.38
C GLN C 272 -24.59 20.31 13.10
N PHE C 273 -25.73 19.64 12.97
CA PHE C 273 -27.01 20.28 12.69
C PHE C 273 -27.97 19.99 13.83
N PHE C 274 -28.45 21.04 14.48
CA PHE C 274 -29.34 20.92 15.64
C PHE C 274 -30.74 21.33 15.24
N ASP C 275 -31.68 20.39 15.35
CA ASP C 275 -33.08 20.70 15.11
C ASP C 275 -33.64 21.52 16.26
N PHE C 276 -34.52 22.48 15.94
CA PHE C 276 -35.16 23.33 16.93
C PHE C 276 -36.59 23.61 16.46
N SER C 277 -37.45 22.60 16.59
CA SER C 277 -38.83 22.71 16.12
C SER C 277 -39.81 22.06 17.09
N GLY C 278 -39.47 22.02 18.38
CA GLY C 278 -40.33 21.39 19.35
C GLY C 278 -40.46 19.89 19.17
N GLY C 279 -39.49 19.25 18.53
CA GLY C 279 -39.57 17.85 18.22
C GLY C 279 -40.13 17.52 16.85
N TRP C 280 -40.52 18.54 16.08
CA TRP C 280 -41.09 18.29 14.75
C TRP C 280 -40.10 17.62 13.83
N GLY C 281 -38.81 17.91 13.98
CA GLY C 281 -37.79 17.33 13.14
C GLY C 281 -36.95 16.28 13.85
N ALA C 282 -37.54 15.58 14.81
CA ALA C 282 -36.82 14.57 15.58
C ALA C 282 -36.88 13.21 14.90
N GLU D 25 -24.65 -29.76 -8.06
CA GLU D 25 -23.19 -29.77 -8.16
C GLU D 25 -22.62 -28.38 -7.87
N ASN D 26 -22.10 -28.22 -6.65
CA ASN D 26 -21.49 -26.96 -6.20
C ASN D 26 -22.51 -25.81 -6.23
N ARG D 27 -23.69 -26.05 -5.66
CA ARG D 27 -24.74 -25.04 -5.59
C ARG D 27 -24.69 -24.35 -4.24
N PRO D 28 -24.60 -23.01 -4.22
CA PRO D 28 -24.52 -22.30 -2.93
C PRO D 28 -25.73 -22.55 -2.06
N VAL D 29 -25.58 -22.24 -0.77
CA VAL D 29 -26.58 -22.56 0.24
C VAL D 29 -27.07 -21.25 0.86
N ALA D 30 -28.39 -21.11 0.97
CA ALA D 30 -29.02 -19.96 1.60
C ALA D 30 -29.87 -20.44 2.78
N LEU D 31 -29.65 -19.83 3.93
CA LEU D 31 -30.46 -20.10 5.12
C LEU D 31 -31.52 -19.02 5.27
N ILE D 32 -32.77 -19.43 5.47
CA ILE D 32 -33.89 -18.51 5.66
C ILE D 32 -34.66 -18.97 6.89
N THR D 33 -34.66 -18.14 7.92
CA THR D 33 -35.41 -18.42 9.13
C THR D 33 -36.82 -17.85 9.04
N MET D 34 -37.72 -18.38 9.88
CA MET D 34 -39.14 -18.06 9.87
C MET D 34 -39.79 -18.36 8.52
N ALA D 35 -39.20 -19.27 7.75
CA ALA D 35 -39.55 -19.49 6.34
C ALA D 35 -40.93 -20.09 6.14
N THR D 36 -41.73 -20.25 7.18
CA THR D 36 -43.10 -20.69 7.01
C THR D 36 -44.07 -19.54 6.83
N GLY D 37 -43.59 -18.30 6.96
CA GLY D 37 -44.41 -17.12 6.74
C GLY D 37 -43.54 -15.95 6.35
N TYR D 38 -44.18 -14.80 6.18
CA TYR D 38 -43.49 -13.53 5.88
C TYR D 38 -42.77 -13.68 4.55
N VAL D 39 -41.51 -13.25 4.43
CA VAL D 39 -40.82 -13.29 3.15
C VAL D 39 -40.24 -14.66 2.83
N GLY D 40 -40.13 -15.54 3.84
CA GLY D 40 -39.52 -16.84 3.69
C GLY D 40 -39.93 -17.64 2.47
N PRO D 41 -41.24 -17.91 2.33
CA PRO D 41 -41.70 -18.70 1.17
C PRO D 41 -41.30 -18.10 -0.16
N ALA D 42 -41.69 -16.84 -0.39
CA ALA D 42 -41.39 -16.18 -1.66
C ALA D 42 -39.88 -16.08 -1.88
N LEU D 43 -39.12 -15.81 -0.82
CA LEU D 43 -37.66 -15.73 -0.95
C LEU D 43 -37.08 -17.08 -1.34
N ALA D 44 -37.60 -18.17 -0.75
CA ALA D 44 -37.07 -19.49 -1.05
C ALA D 44 -37.24 -19.84 -2.52
N ARG D 45 -38.38 -19.46 -3.11
CA ARG D 45 -38.64 -19.79 -4.51
C ARG D 45 -37.63 -19.10 -5.42
N THR D 46 -37.44 -17.79 -5.24
CA THR D 46 -36.55 -17.06 -6.14
C THR D 46 -35.10 -17.42 -5.88
N MET D 47 -34.72 -17.62 -4.60
CA MET D 47 -33.35 -18.02 -4.30
C MET D 47 -33.01 -19.37 -4.93
N ALA D 48 -33.99 -20.29 -4.95
CA ALA D 48 -33.80 -21.54 -5.67
C ALA D 48 -33.62 -21.29 -7.16
N ASP D 49 -34.32 -20.29 -7.69
CA ASP D 49 -34.16 -19.94 -9.11
C ASP D 49 -32.79 -19.33 -9.38
N ARG D 50 -32.19 -18.65 -8.40
CA ARG D 50 -30.81 -18.21 -8.53
C ARG D 50 -29.82 -19.36 -8.43
N GLY D 51 -30.30 -20.59 -8.26
CA GLY D 51 -29.42 -21.74 -8.19
C GLY D 51 -28.92 -22.11 -6.82
N PHE D 52 -29.71 -21.83 -5.78
CA PHE D 52 -29.28 -22.02 -4.40
C PHE D 52 -29.96 -23.24 -3.78
N ASP D 53 -29.21 -23.98 -2.97
CA ASP D 53 -29.80 -24.92 -2.04
C ASP D 53 -30.26 -24.16 -0.80
N LEU D 54 -31.30 -24.68 -0.16
CA LEU D 54 -31.96 -23.96 0.92
C LEU D 54 -31.96 -24.75 2.22
N VAL D 55 -31.91 -24.01 3.32
CA VAL D 55 -32.17 -24.53 4.65
C VAL D 55 -33.25 -23.64 5.26
N LEU D 56 -34.47 -24.15 5.38
CA LEU D 56 -35.60 -23.37 5.85
C LEU D 56 -35.87 -23.70 7.31
N HIS D 57 -35.73 -22.69 8.17
CA HIS D 57 -36.20 -22.78 9.55
C HIS D 57 -37.59 -22.19 9.64
N GLY D 58 -38.44 -22.82 10.44
CA GLY D 58 -39.78 -22.33 10.61
C GLY D 58 -40.59 -23.19 11.56
N THR D 59 -41.91 -23.02 11.49
CA THR D 59 -42.85 -23.73 12.34
C THR D 59 -43.37 -24.96 11.60
N ALA D 60 -43.24 -26.13 12.24
CA ALA D 60 -43.76 -27.35 11.66
C ALA D 60 -45.27 -27.44 11.85
N GLY D 61 -45.90 -28.21 10.97
CA GLY D 61 -47.34 -28.37 10.95
C GLY D 61 -47.93 -28.02 9.60
N ASP D 62 -49.25 -27.89 9.58
CA ASP D 62 -49.96 -27.56 8.35
C ASP D 62 -50.39 -26.09 8.37
N GLY D 63 -51.23 -25.71 7.41
CA GLY D 63 -51.66 -24.33 7.31
C GLY D 63 -52.52 -23.88 8.48
N THR D 64 -53.22 -24.81 9.13
CA THR D 64 -54.07 -24.45 10.24
C THR D 64 -53.29 -24.04 11.48
N MET D 65 -51.99 -24.35 11.54
CA MET D 65 -51.20 -24.03 12.72
C MET D 65 -50.88 -22.55 12.75
N VAL D 66 -50.85 -21.99 13.96
CA VAL D 66 -50.62 -20.56 14.14
C VAL D 66 -49.21 -20.20 13.68
N GLY D 67 -49.11 -19.20 12.82
CA GLY D 67 -47.83 -18.76 12.30
C GLY D 67 -47.35 -19.50 11.07
N VAL D 68 -48.19 -20.33 10.46
CA VAL D 68 -47.83 -21.10 9.28
C VAL D 68 -48.74 -20.66 8.16
N GLU D 69 -48.28 -19.68 7.37
CA GLU D 69 -49.03 -19.26 6.19
C GLU D 69 -48.82 -20.22 5.03
N GLU D 70 -47.57 -20.62 4.80
CA GLU D 70 -47.23 -21.65 3.84
C GLU D 70 -46.53 -22.78 4.59
N SER D 71 -47.17 -23.95 4.63
CA SER D 71 -46.62 -25.08 5.36
C SER D 71 -45.25 -25.47 4.81
N PHE D 72 -44.51 -26.22 5.61
CA PHE D 72 -43.25 -26.80 5.14
C PHE D 72 -43.52 -27.66 3.91
N ASP D 73 -44.31 -28.72 4.07
CA ASP D 73 -44.43 -29.78 3.07
C ASP D 73 -44.73 -29.23 1.67
N SER D 74 -45.51 -28.16 1.58
CA SER D 74 -45.84 -27.60 0.28
C SER D 74 -44.61 -27.01 -0.41
N GLN D 75 -43.65 -26.52 0.37
CA GLN D 75 -42.51 -25.81 -0.22
C GLN D 75 -41.48 -26.76 -0.81
N ILE D 76 -41.15 -27.86 -0.11
CA ILE D 76 -40.14 -28.78 -0.65
C ILE D 76 -40.58 -29.33 -2.00
N ALA D 77 -41.89 -29.46 -2.21
CA ALA D 77 -42.38 -29.86 -3.53
C ALA D 77 -41.99 -28.83 -4.59
N ASP D 78 -42.31 -27.56 -4.33
CA ASP D 78 -42.02 -26.51 -5.30
C ASP D 78 -40.51 -26.30 -5.45
N LEU D 79 -39.78 -26.24 -4.33
CA LEU D 79 -38.35 -25.96 -4.40
C LEU D 79 -37.57 -27.08 -5.07
N ALA D 80 -38.03 -28.32 -4.95
CA ALA D 80 -37.39 -29.42 -5.67
C ALA D 80 -37.59 -29.28 -7.17
N LYS D 81 -38.76 -28.76 -7.59
CA LYS D 81 -39.00 -28.53 -9.01
C LYS D 81 -37.99 -27.56 -9.60
N ARG D 82 -37.69 -26.48 -8.87
CA ARG D 82 -36.72 -25.50 -9.33
C ARG D 82 -35.28 -26.01 -9.22
N GLY D 83 -35.07 -27.16 -8.60
CA GLY D 83 -33.75 -27.77 -8.52
C GLY D 83 -33.02 -27.60 -7.22
N ALA D 84 -33.72 -27.41 -6.11
CA ALA D 84 -33.10 -27.07 -4.84
C ALA D 84 -33.29 -28.20 -3.83
N ASP D 85 -32.18 -28.64 -3.24
CA ASP D 85 -32.26 -29.47 -2.05
C ASP D 85 -32.64 -28.60 -0.86
N VAL D 86 -33.47 -29.15 0.03
CA VAL D 86 -34.02 -28.39 1.15
C VAL D 86 -33.80 -29.17 2.43
N LEU D 87 -33.34 -28.47 3.47
CA LEU D 87 -33.27 -29.01 4.82
C LEU D 87 -34.20 -28.19 5.71
N THR D 88 -35.05 -28.90 6.46
CA THR D 88 -36.02 -28.26 7.35
C THR D 88 -35.52 -28.33 8.79
N ILE D 89 -35.77 -27.26 9.55
CA ILE D 89 -35.35 -27.17 10.95
C ILE D 89 -36.46 -26.47 11.71
N SER D 90 -36.92 -27.07 12.81
CA SER D 90 -38.02 -26.50 13.57
C SER D 90 -37.89 -26.75 15.08
N ASP D 91 -36.76 -27.25 15.56
CA ASP D 91 -36.62 -27.58 16.98
C ASP D 91 -35.53 -26.77 17.64
N VAL D 92 -35.51 -25.45 17.40
CA VAL D 92 -34.48 -24.58 17.93
C VAL D 92 -35.10 -23.30 18.45
N ASP D 93 -34.50 -22.74 19.50
CA ASP D 93 -34.89 -21.46 20.07
C ASP D 93 -33.90 -20.42 19.55
N LEU D 94 -34.35 -19.61 18.58
CA LEU D 94 -33.47 -18.66 17.93
C LEU D 94 -33.17 -17.43 18.78
N THR D 95 -33.77 -17.32 19.97
CA THR D 95 -33.42 -16.26 20.91
C THR D 95 -32.23 -16.65 21.79
N THR D 96 -31.72 -17.87 21.65
CA THR D 96 -30.64 -18.38 22.49
C THR D 96 -29.42 -18.68 21.64
N ARG D 97 -28.26 -18.74 22.30
CA ARG D 97 -27.04 -19.14 21.62
C ARG D 97 -27.15 -20.57 21.10
N THR D 98 -27.68 -21.48 21.91
CA THR D 98 -27.73 -22.89 21.54
C THR D 98 -28.59 -23.11 20.30
N GLY D 99 -29.76 -22.45 20.23
CA GLY D 99 -30.64 -22.64 19.08
C GLY D 99 -29.99 -22.22 17.78
N ASN D 100 -29.33 -21.05 17.78
CA ASN D 100 -28.69 -20.57 16.57
C ASN D 100 -27.42 -21.36 16.25
N GLN D 101 -26.66 -21.74 17.30
CA GLN D 101 -25.47 -22.57 17.08
C GLN D 101 -25.85 -23.92 16.51
N SER D 102 -26.97 -24.49 16.96
CA SER D 102 -27.41 -25.78 16.45
C SER D 102 -27.90 -25.66 15.00
N MET D 103 -28.55 -24.54 14.67
CA MET D 103 -29.04 -24.34 13.32
C MET D 103 -27.90 -24.35 12.31
N ILE D 104 -26.82 -23.61 12.60
CA ILE D 104 -25.70 -23.53 11.68
C ILE D 104 -24.94 -24.85 11.65
N GLU D 105 -24.81 -25.50 12.81
CA GLU D 105 -24.18 -26.82 12.86
C GLU D 105 -24.85 -27.79 11.91
N ARG D 106 -26.18 -27.81 11.90
CA ARG D 106 -26.92 -28.71 11.02
C ARG D 106 -26.93 -28.24 9.57
N VAL D 107 -26.67 -26.96 9.32
CA VAL D 107 -26.49 -26.50 7.95
C VAL D 107 -25.16 -27.00 7.40
N LEU D 108 -24.08 -26.78 8.15
CA LEU D 108 -22.75 -27.22 7.74
C LEU D 108 -22.62 -28.73 7.66
N GLU D 109 -23.61 -29.47 8.17
CA GLU D 109 -23.59 -30.93 8.07
C GLU D 109 -24.24 -31.42 6.78
N ARG D 110 -25.44 -30.93 6.47
CA ARG D 110 -26.16 -31.39 5.29
C ARG D 110 -25.48 -30.92 4.01
N PHE D 111 -25.01 -29.66 3.98
CA PHE D 111 -24.45 -29.09 2.77
C PHE D 111 -22.97 -28.72 2.88
N GLY D 112 -22.43 -28.58 4.09
CA GLY D 112 -21.02 -28.28 4.23
C GLY D 112 -20.61 -26.87 3.88
N ARG D 113 -21.56 -25.95 3.78
CA ARG D 113 -21.25 -24.58 3.39
C ARG D 113 -22.45 -23.68 3.69
N LEU D 114 -22.15 -22.42 4.01
CA LEU D 114 -23.17 -21.40 4.21
C LEU D 114 -22.73 -20.15 3.44
N ASP D 115 -23.37 -19.89 2.30
CA ASP D 115 -23.03 -18.73 1.50
C ASP D 115 -23.90 -17.53 1.83
N SER D 116 -25.19 -17.73 2.07
CA SER D 116 -26.10 -16.63 2.35
C SER D 116 -27.03 -17.01 3.49
N ALA D 117 -27.43 -16.00 4.26
CA ALA D 117 -28.33 -16.18 5.39
C ALA D 117 -29.30 -15.01 5.45
N CYS D 118 -30.57 -15.31 5.71
CA CYS D 118 -31.62 -14.31 5.87
C CYS D 118 -32.25 -14.53 7.24
N LEU D 119 -31.88 -13.70 8.21
CA LEU D 119 -32.27 -13.88 9.60
C LEU D 119 -33.48 -13.00 9.89
N VAL D 120 -34.67 -13.58 9.77
CA VAL D 120 -35.88 -12.89 10.20
C VAL D 120 -35.93 -12.88 11.72
N THR D 121 -36.14 -11.71 12.31
CA THR D 121 -36.10 -11.54 13.75
C THR D 121 -37.29 -10.68 14.20
N GLY D 122 -37.52 -10.68 15.50
CA GLY D 122 -38.38 -9.69 16.11
C GLY D 122 -39.81 -10.20 16.31
N LEU D 123 -40.52 -9.50 17.19
CA LEU D 123 -41.93 -9.77 17.46
C LEU D 123 -42.59 -8.47 17.89
N ILE D 124 -43.75 -8.17 17.30
CA ILE D 124 -44.36 -6.86 17.45
C ILE D 124 -44.91 -6.67 18.87
N VAL D 125 -44.77 -5.46 19.39
CA VAL D 125 -45.39 -5.06 20.65
C VAL D 125 -45.56 -3.55 20.62
N THR D 126 -46.78 -3.09 20.91
CA THR D 126 -47.09 -1.67 20.90
C THR D 126 -47.85 -1.30 22.16
N GLY D 127 -47.89 -0.01 22.45
CA GLY D 127 -48.56 0.51 23.62
C GLY D 127 -47.77 1.66 24.23
N LYS D 128 -48.45 2.42 25.09
CA LYS D 128 -47.81 3.54 25.76
C LYS D 128 -46.58 3.08 26.52
N PHE D 129 -45.55 3.94 26.54
CA PHE D 129 -44.27 3.54 27.15
C PHE D 129 -44.44 3.24 28.63
N LEU D 130 -45.24 4.04 29.34
CA LEU D 130 -45.43 3.84 30.77
C LEU D 130 -46.31 2.64 31.08
N ASP D 131 -47.01 2.08 30.09
CA ASP D 131 -47.83 0.90 30.28
C ASP D 131 -47.09 -0.40 29.99
N MET D 132 -45.80 -0.33 29.65
CA MET D 132 -45.05 -1.52 29.27
C MET D 132 -44.62 -2.28 30.51
N THR D 133 -44.99 -3.57 30.56
CA THR D 133 -44.62 -4.42 31.67
C THR D 133 -43.20 -4.96 31.49
N CYS D 134 -42.63 -5.44 32.60
CA CYS D 134 -41.28 -5.98 32.55
CA CYS D 134 -41.28 -5.98 32.55
C CYS D 134 -41.20 -7.20 31.64
N ASP D 135 -42.32 -7.91 31.45
CA ASP D 135 -42.33 -9.05 30.54
C ASP D 135 -42.21 -8.60 29.10
N GLN D 136 -42.97 -7.57 28.72
CA GLN D 136 -42.88 -7.01 27.37
C GLN D 136 -41.47 -6.51 27.08
N TRP D 137 -40.86 -5.83 28.06
CA TRP D 137 -39.49 -5.38 27.91
C TRP D 137 -38.53 -6.55 27.72
N ALA D 138 -38.77 -7.65 28.45
CA ALA D 138 -37.89 -8.81 28.33
C ALA D 138 -38.10 -9.53 27.01
N LYS D 139 -39.33 -9.57 26.51
CA LYS D 139 -39.60 -10.25 25.24
C LYS D 139 -39.08 -9.45 24.06
N VAL D 140 -39.26 -8.12 24.08
CA VAL D 140 -38.78 -7.32 22.97
C VAL D 140 -37.26 -7.34 22.90
N LYS D 141 -36.57 -7.43 24.06
CA LYS D 141 -35.12 -7.53 24.04
C LYS D 141 -34.67 -8.89 23.52
N ALA D 142 -35.50 -9.93 23.66
CA ALA D 142 -35.12 -11.25 23.21
C ALA D 142 -35.36 -11.44 21.72
N THR D 143 -36.47 -10.90 21.20
CA THR D 143 -36.79 -11.10 19.79
C THR D 143 -36.09 -10.09 18.89
N ASN D 144 -35.90 -8.86 19.36
CA ASN D 144 -35.29 -7.83 18.52
C ASN D 144 -33.78 -7.78 18.61
N LEU D 145 -33.19 -8.23 19.72
CA LEU D 145 -31.75 -8.12 19.92
C LEU D 145 -31.07 -9.48 20.08
N ASP D 146 -31.60 -10.35 20.94
CA ASP D 146 -30.94 -11.64 21.16
C ASP D 146 -30.90 -12.47 19.89
N MET D 147 -31.99 -12.45 19.11
CA MET D 147 -32.00 -13.19 17.85
C MET D 147 -30.92 -12.67 16.90
N VAL D 148 -30.70 -11.36 16.90
CA VAL D 148 -29.70 -10.78 16.00
C VAL D 148 -28.29 -11.10 16.51
N PHE D 149 -28.06 -10.92 17.81
CA PHE D 149 -26.73 -11.18 18.36
C PHE D 149 -26.34 -12.63 18.19
N HIS D 150 -27.21 -13.56 18.62
CA HIS D 150 -26.89 -14.97 18.50
C HIS D 150 -26.95 -15.44 17.06
N GLY D 151 -27.90 -14.93 16.29
CA GLY D 151 -27.99 -15.31 14.89
C GLY D 151 -26.76 -14.92 14.09
N LEU D 152 -26.23 -13.71 14.33
CA LEU D 152 -25.05 -13.27 13.60
C LEU D 152 -23.80 -13.96 14.10
N GLN D 153 -23.70 -14.18 15.41
CA GLN D 153 -22.56 -14.91 15.96
C GLN D 153 -22.46 -16.33 15.41
N ALA D 154 -23.58 -16.89 14.94
CA ALA D 154 -23.60 -18.25 14.43
C ALA D 154 -23.26 -18.32 12.95
N VAL D 155 -23.88 -17.45 12.13
CA VAL D 155 -23.71 -17.56 10.68
C VAL D 155 -22.40 -16.95 10.19
N LEU D 156 -21.76 -16.11 10.97
CA LEU D 156 -20.57 -15.40 10.49
C LEU D 156 -19.32 -16.26 10.42
N PRO D 157 -19.02 -17.11 11.41
CA PRO D 157 -17.79 -17.92 11.34
C PRO D 157 -17.65 -18.72 10.06
N PRO D 158 -18.71 -19.42 9.59
CA PRO D 158 -18.53 -20.18 8.33
C PRO D 158 -18.23 -19.30 7.14
N MET D 159 -18.78 -18.08 7.08
CA MET D 159 -18.51 -17.20 5.95
C MET D 159 -17.12 -16.57 6.05
N VAL D 160 -16.71 -16.19 7.26
CA VAL D 160 -15.36 -15.65 7.44
C VAL D 160 -14.31 -16.66 7.01
N ALA D 161 -14.52 -17.92 7.38
CA ALA D 161 -13.60 -18.98 6.94
C ALA D 161 -13.60 -19.11 5.42
N ALA D 162 -14.77 -19.00 4.79
CA ALA D 162 -14.86 -19.14 3.35
C ALA D 162 -14.31 -17.92 2.61
N GLY D 163 -14.23 -16.76 3.26
CA GLY D 163 -13.78 -15.56 2.59
C GLY D 163 -14.84 -14.90 1.74
N ALA D 164 -16.12 -15.23 1.96
CA ALA D 164 -17.23 -14.67 1.21
C ALA D 164 -18.52 -15.03 1.91
N GLY D 165 -19.49 -14.13 1.87
CA GLY D 165 -20.78 -14.37 2.50
C GLY D 165 -21.71 -13.17 2.45
N GLN D 166 -23.01 -13.43 2.37
CA GLN D 166 -24.03 -12.38 2.30
C GLN D 166 -25.08 -12.64 3.36
N CYS D 167 -25.32 -11.65 4.21
CA CYS D 167 -26.30 -11.78 5.28
CA CYS D 167 -26.29 -11.76 5.31
C CYS D 167 -27.26 -10.60 5.25
N VAL D 168 -28.55 -10.91 5.40
CA VAL D 168 -29.60 -9.90 5.51
C VAL D 168 -30.35 -10.16 6.80
N VAL D 169 -30.33 -9.19 7.71
CA VAL D 169 -31.04 -9.29 8.98
C VAL D 169 -32.32 -8.47 8.86
N PHE D 170 -33.46 -9.12 9.05
CA PHE D 170 -34.76 -8.46 8.94
C PHE D 170 -35.12 -7.87 10.30
N THR D 171 -35.07 -6.55 10.40
CA THR D 171 -35.51 -5.86 11.61
C THR D 171 -36.88 -5.24 11.35
N SER D 172 -37.03 -3.93 11.53
CA SER D 172 -38.30 -3.27 11.26
C SER D 172 -38.04 -1.87 10.72
N ALA D 173 -38.97 -1.41 9.89
CA ALA D 173 -38.91 -0.03 9.41
C ALA D 173 -39.03 0.98 10.53
N THR D 174 -39.60 0.57 11.67
CA THR D 174 -39.67 1.43 12.84
C THR D 174 -38.28 1.76 13.39
N GLY D 175 -37.27 0.96 13.04
CA GLY D 175 -35.92 1.23 13.50
C GLY D 175 -35.39 2.57 12.99
N GLY D 176 -35.86 3.00 11.82
CA GLY D 176 -35.49 4.31 11.31
C GLY D 176 -36.28 5.46 11.90
N ARG D 177 -37.44 5.17 12.47
CA ARG D 177 -38.28 6.20 13.08
C ARG D 177 -39.02 5.62 14.28
N PRO D 178 -38.32 5.40 15.40
CA PRO D 178 -39.01 4.96 16.62
C PRO D 178 -40.02 5.99 17.10
N ASP D 179 -41.30 5.72 16.87
CA ASP D 179 -42.37 6.67 17.09
C ASP D 179 -43.10 6.37 18.40
N PRO D 180 -43.89 7.34 18.90
CA PRO D 180 -44.77 7.05 20.04
C PRO D 180 -45.65 5.84 19.77
N MET D 181 -46.06 5.17 20.85
CA MET D 181 -46.81 3.92 20.87
C MET D 181 -45.98 2.73 20.42
N VAL D 182 -44.74 2.95 19.99
CA VAL D 182 -43.84 1.86 19.55
C VAL D 182 -42.46 2.12 20.15
N SER D 183 -42.42 2.52 21.42
CA SER D 183 -41.18 2.99 22.01
C SER D 183 -40.14 1.87 22.10
N ILE D 184 -40.46 0.80 22.82
CA ILE D 184 -39.47 -0.23 23.07
C ILE D 184 -39.25 -1.12 21.85
N TYR D 185 -40.31 -1.38 21.07
CA TYR D 185 -40.14 -2.18 19.86
C TYR D 185 -39.27 -1.46 18.85
N GLY D 186 -39.66 -0.24 18.47
CA GLY D 186 -38.87 0.53 17.52
C GLY D 186 -37.47 0.84 18.04
N GLY D 187 -37.37 1.15 19.33
CA GLY D 187 -36.07 1.48 19.89
C GLY D 187 -35.08 0.33 19.80
N THR D 188 -35.53 -0.88 20.15
CA THR D 188 -34.65 -2.04 20.05
C THR D 188 -34.37 -2.41 18.60
N ARG D 189 -35.31 -2.15 17.70
CA ARG D 189 -35.04 -2.31 16.27
C ARG D 189 -33.95 -1.33 15.81
N ALA D 190 -33.96 -0.12 16.37
CA ALA D 190 -32.88 0.82 16.09
C ALA D 190 -31.54 0.28 16.59
N GLY D 191 -31.56 -0.42 17.72
CA GLY D 191 -30.34 -1.05 18.20
C GLY D 191 -29.90 -2.20 17.33
N ALA D 192 -30.86 -2.96 16.79
CA ALA D 192 -30.51 -4.06 15.90
C ALA D 192 -29.85 -3.56 14.63
N ASN D 193 -30.42 -2.50 14.03
CA ASN D 193 -29.76 -1.88 12.88
C ASN D 193 -28.37 -1.38 13.27
N GLY D 194 -28.23 -0.79 14.45
CA GLY D 194 -26.93 -0.33 14.90
C GLY D 194 -25.91 -1.46 15.00
N ILE D 195 -26.34 -2.61 15.55
CA ILE D 195 -25.47 -3.78 15.59
C ILE D 195 -25.11 -4.21 14.18
N VAL D 196 -26.09 -4.21 13.27
CA VAL D 196 -25.85 -4.66 11.91
C VAL D 196 -24.83 -3.76 11.21
N ARG D 197 -24.89 -2.45 11.47
CA ARG D 197 -23.93 -1.54 10.87
C ARG D 197 -22.51 -1.86 11.35
N ALA D 198 -22.35 -2.04 12.66
CA ALA D 198 -21.02 -2.33 13.21
C ALA D 198 -20.52 -3.69 12.74
N VAL D 199 -21.38 -4.71 12.79
CA VAL D 199 -20.98 -6.04 12.35
C VAL D 199 -20.69 -6.05 10.85
N GLY D 200 -21.55 -5.42 10.07
CA GLY D 200 -21.33 -5.37 8.62
C GLY D 200 -20.03 -4.72 8.23
N LEU D 201 -19.60 -3.71 8.98
CA LEU D 201 -18.30 -3.08 8.73
C LEU D 201 -17.16 -3.91 9.28
N GLU D 202 -17.39 -4.63 10.39
CA GLU D 202 -16.30 -5.32 11.06
C GLU D 202 -15.79 -6.52 10.27
N HIS D 203 -16.66 -7.14 9.47
CA HIS D 203 -16.29 -8.34 8.73
C HIS D 203 -16.24 -8.09 7.23
N ALA D 204 -16.30 -6.83 6.79
CA ALA D 204 -16.19 -6.54 5.38
C ALA D 204 -14.80 -6.88 4.85
N ARG D 205 -13.78 -6.85 5.70
CA ARG D 205 -12.44 -7.23 5.29
C ARG D 205 -12.30 -8.72 5.02
N HIS D 206 -13.28 -9.53 5.40
CA HIS D 206 -13.29 -10.96 5.10
C HIS D 206 -14.18 -11.29 3.92
N GLY D 207 -14.66 -10.29 3.18
CA GLY D 207 -15.56 -10.51 2.06
C GLY D 207 -16.99 -10.80 2.44
N VAL D 208 -17.38 -10.53 3.69
CA VAL D 208 -18.71 -10.85 4.20
C VAL D 208 -19.52 -9.57 4.30
N GLN D 209 -20.72 -9.59 3.73
CA GLN D 209 -21.64 -8.46 3.82
C GLN D 209 -22.77 -8.80 4.79
N VAL D 210 -23.11 -7.84 5.64
CA VAL D 210 -24.25 -7.95 6.55
C VAL D 210 -25.05 -6.67 6.43
N ASN D 211 -26.32 -6.81 6.05
CA ASN D 211 -27.20 -5.66 5.85
C ASN D 211 -28.54 -5.92 6.52
N ALA D 212 -29.28 -4.84 6.76
CA ALA D 212 -30.56 -4.89 7.43
C ALA D 212 -31.65 -4.37 6.51
N ILE D 213 -32.75 -5.11 6.42
CA ILE D 213 -33.97 -4.65 5.76
C ILE D 213 -35.04 -4.48 6.82
N GLY D 214 -35.72 -3.35 6.81
CA GLY D 214 -36.79 -3.09 7.74
C GLY D 214 -38.06 -2.67 7.04
N THR D 215 -39.08 -3.52 7.08
CA THR D 215 -40.29 -3.30 6.31
C THR D 215 -41.42 -2.80 7.22
N ASN D 216 -42.52 -2.45 6.56
CA ASN D 216 -43.77 -2.05 7.20
C ASN D 216 -44.83 -1.98 6.11
N TYR D 217 -46.09 -2.15 6.52
CA TYR D 217 -47.23 -2.16 5.60
C TYR D 217 -47.05 -3.22 4.50
N MET D 218 -46.78 -4.44 4.93
CA MET D 218 -46.62 -5.56 4.01
C MET D 218 -47.95 -6.29 3.82
N ASP D 219 -48.11 -6.87 2.64
CA ASP D 219 -49.33 -7.63 2.33
C ASP D 219 -49.08 -9.10 2.63
N PHE D 220 -49.35 -9.48 3.89
CA PHE D 220 -49.27 -10.87 4.31
C PHE D 220 -50.14 -11.03 5.55
N PRO D 221 -50.64 -12.25 5.83
CA PRO D 221 -51.67 -12.39 6.88
C PRO D 221 -51.25 -11.89 8.24
N GLY D 222 -49.95 -11.87 8.56
CA GLY D 222 -49.50 -11.37 9.84
C GLY D 222 -49.88 -9.93 10.09
N PHE D 223 -49.49 -9.04 9.17
CA PHE D 223 -49.84 -7.63 9.29
C PHE D 223 -51.31 -7.40 8.96
N LEU D 224 -51.88 -8.21 8.07
CA LEU D 224 -53.28 -8.03 7.69
C LEU D 224 -54.21 -8.26 8.88
N LYS D 225 -53.85 -9.19 9.76
CA LYS D 225 -54.67 -9.46 10.93
C LYS D 225 -54.36 -8.51 12.08
N ALA D 226 -53.12 -8.03 12.18
CA ALA D 226 -52.77 -7.11 13.26
C ALA D 226 -53.39 -5.74 13.02
N SER D 227 -53.47 -5.31 11.76
CA SER D 227 -54.07 -4.04 11.41
C SER D 227 -55.58 -4.10 11.31
N ARG D 228 -56.18 -5.24 11.64
CA ARG D 228 -57.63 -5.44 11.56
C ARG D 228 -58.16 -5.17 10.16
N ALA D 229 -57.39 -5.60 9.15
CA ALA D 229 -57.73 -5.33 7.76
C ALA D 229 -57.86 -6.59 6.92
N ASP D 230 -57.86 -7.77 7.55
CA ASP D 230 -58.07 -9.00 6.80
C ASP D 230 -59.44 -9.01 6.11
N GLY D 231 -60.43 -8.37 6.73
CA GLY D 231 -61.72 -8.19 6.10
C GLY D 231 -61.91 -6.76 5.63
N ASP D 232 -62.55 -5.94 6.47
CA ASP D 232 -62.85 -4.51 6.33
C ASP D 232 -62.00 -3.82 5.27
N PRO D 233 -62.47 -3.76 4.01
CA PRO D 233 -61.68 -3.06 2.98
C PRO D 233 -61.59 -1.56 3.21
N GLU D 234 -62.48 -0.98 4.02
CA GLU D 234 -62.34 0.42 4.37
C GLU D 234 -61.21 0.65 5.36
N ARG D 235 -60.99 -0.30 6.27
CA ARG D 235 -59.83 -0.23 7.15
C ARG D 235 -58.54 -0.44 6.37
N ARG D 236 -58.57 -1.32 5.36
CA ARG D 236 -57.42 -1.50 4.49
C ARG D 236 -57.15 -0.23 3.68
N ALA D 237 -58.22 0.42 3.20
CA ALA D 237 -58.05 1.65 2.41
C ALA D 237 -57.47 2.77 3.27
N MET D 238 -57.92 2.87 4.53
CA MET D 238 -57.33 3.85 5.44
C MET D 238 -55.92 3.46 5.87
N ILE D 239 -55.56 2.19 5.73
CA ILE D 239 -54.19 1.77 6.03
C ILE D 239 -53.25 2.17 4.90
N GLU D 240 -53.63 1.86 3.65
CA GLU D 240 -52.84 2.29 2.51
C GLU D 240 -52.79 3.81 2.39
N ALA D 241 -53.76 4.51 2.99
CA ALA D 241 -53.72 5.97 3.00
C ALA D 241 -52.56 6.52 3.81
N GLN D 242 -51.97 5.70 4.69
CA GLN D 242 -50.79 6.10 5.44
C GLN D 242 -49.50 5.83 4.69
N VAL D 243 -49.53 4.97 3.69
CA VAL D 243 -48.35 4.71 2.86
C VAL D 243 -48.25 5.77 1.78
N PRO D 244 -47.10 6.42 1.62
CA PRO D 244 -46.95 7.39 0.52
C PRO D 244 -47.31 6.83 -0.84
N LEU D 245 -46.90 5.61 -1.14
CA LEU D 245 -47.22 4.98 -2.42
C LEU D 245 -48.64 4.41 -2.47
N ARG D 246 -49.41 4.56 -1.39
CA ARG D 246 -50.84 4.25 -1.38
C ARG D 246 -51.12 2.81 -1.76
N ARG D 247 -50.40 1.89 -1.14
CA ARG D 247 -50.61 0.46 -1.34
C ARG D 247 -49.82 -0.29 -0.28
N LEU D 248 -50.01 -1.61 -0.25
CA LEU D 248 -49.28 -2.50 0.63
C LEU D 248 -48.24 -3.28 -0.17
N GLY D 249 -47.11 -3.54 0.45
CA GLY D 249 -46.03 -4.24 -0.23
C GLY D 249 -46.29 -5.73 -0.32
N THR D 250 -45.93 -6.31 -1.46
CA THR D 250 -46.07 -7.74 -1.68
C THR D 250 -44.78 -8.47 -1.35
N MET D 251 -44.92 -9.76 -1.03
CA MET D 251 -43.76 -10.58 -0.69
C MET D 251 -42.88 -10.83 -1.91
N ASP D 252 -43.47 -10.85 -3.11
CA ASP D 252 -42.69 -11.07 -4.32
C ASP D 252 -41.76 -9.90 -4.60
N GLU D 253 -42.15 -8.68 -4.19
CA GLU D 253 -41.24 -7.55 -4.30
C GLU D 253 -40.14 -7.63 -3.25
N LEU D 254 -40.52 -7.88 -2.00
CA LEU D 254 -39.54 -7.96 -0.92
C LEU D 254 -38.53 -9.07 -1.17
N SER D 255 -39.00 -10.21 -1.68
CA SER D 255 -38.08 -11.30 -2.01
C SER D 255 -37.10 -10.88 -3.09
N SER D 256 -37.54 -10.06 -4.04
CA SER D 256 -36.64 -9.59 -5.09
C SER D 256 -35.54 -8.70 -4.52
N VAL D 257 -35.92 -7.73 -3.69
CA VAL D 257 -34.93 -6.86 -3.04
C VAL D 257 -34.02 -7.69 -2.14
N THR D 258 -34.61 -8.55 -1.32
CA THR D 258 -33.81 -9.37 -0.40
C THR D 258 -32.87 -10.30 -1.16
N ALA D 259 -33.35 -10.92 -2.23
CA ALA D 259 -32.48 -11.81 -3.01
C ALA D 259 -31.32 -11.08 -3.63
N GLY D 260 -31.53 -9.82 -4.04
CA GLY D 260 -30.44 -9.02 -4.59
C GLY D 260 -29.27 -8.84 -3.66
N LEU D 261 -29.50 -8.93 -2.35
CA LEU D 261 -28.45 -8.83 -1.34
C LEU D 261 -27.96 -10.19 -0.87
N LEU D 262 -28.43 -11.28 -1.47
CA LEU D 262 -28.07 -12.63 -1.03
C LEU D 262 -27.61 -13.54 -2.15
N ASP D 263 -27.67 -13.11 -3.41
CA ASP D 263 -27.41 -13.99 -4.54
C ASP D 263 -26.01 -13.85 -5.13
N GLY D 264 -25.21 -12.91 -4.64
CA GLY D 264 -23.89 -12.68 -5.16
C GLY D 264 -23.81 -11.67 -6.29
N SER D 265 -24.94 -11.09 -6.71
CA SER D 265 -24.93 -10.10 -7.77
C SER D 265 -24.53 -8.71 -7.28
N ASN D 266 -24.65 -8.45 -5.98
CA ASN D 266 -24.26 -7.17 -5.39
C ASN D 266 -23.33 -7.48 -4.22
N ARG D 267 -22.05 -7.13 -4.37
CA ARG D 267 -21.05 -7.34 -3.33
C ARG D 267 -20.38 -6.03 -2.92
N PHE D 268 -21.11 -4.92 -3.03
CA PHE D 268 -20.56 -3.61 -2.70
C PHE D 268 -21.46 -2.86 -1.72
N GLN D 269 -22.13 -3.59 -0.83
CA GLN D 269 -22.97 -2.99 0.20
C GLN D 269 -22.88 -3.81 1.47
N THR D 270 -22.58 -3.14 2.58
CA THR D 270 -22.51 -3.82 3.88
C THR D 270 -22.71 -2.79 4.99
N GLY D 271 -23.25 -3.27 6.10
CA GLY D 271 -23.50 -2.42 7.26
C GLY D 271 -24.58 -1.39 7.07
N GLN D 272 -25.49 -1.60 6.12
CA GLN D 272 -26.49 -0.61 5.76
C GLN D 272 -27.89 -1.10 6.09
N PHE D 273 -28.79 -0.15 6.32
CA PHE D 273 -30.19 -0.43 6.64
C PHE D 273 -31.06 0.10 5.51
N PHE D 274 -31.91 -0.76 4.96
CA PHE D 274 -32.76 -0.43 3.82
C PHE D 274 -34.22 -0.40 4.26
N ASP D 275 -34.86 0.76 4.12
CA ASP D 275 -36.27 0.89 4.42
C ASP D 275 -37.11 0.34 3.27
N PHE D 276 -38.15 -0.42 3.61
CA PHE D 276 -39.05 -1.03 2.63
C PHE D 276 -40.49 -0.86 3.15
N SER D 277 -40.98 0.38 3.09
CA SER D 277 -42.29 0.69 3.65
C SER D 277 -43.08 1.63 2.74
N GLY D 278 -42.85 1.57 1.44
CA GLY D 278 -43.56 2.44 0.51
C GLY D 278 -43.28 3.91 0.71
N GLY D 279 -42.09 4.26 1.20
CA GLY D 279 -41.76 5.63 1.49
C GLY D 279 -42.14 6.09 2.88
N TRP D 280 -42.78 5.22 3.68
CA TRP D 280 -43.17 5.60 5.04
C TRP D 280 -41.96 5.98 5.89
N GLY D 281 -40.85 5.27 5.72
CA GLY D 281 -39.66 5.53 6.52
C GLY D 281 -38.58 6.28 5.78
N ALA D 282 -38.96 7.03 4.75
CA ALA D 282 -37.99 7.79 3.96
C ALA D 282 -37.50 9.02 4.72
N GLU E 25 24.94 -29.32 33.07
CA GLU E 25 23.99 -28.70 32.14
C GLU E 25 24.65 -28.43 30.78
N ASN E 26 25.62 -27.53 30.77
CA ASN E 26 26.31 -27.11 29.55
C ASN E 26 25.34 -26.51 28.54
N ARG E 27 24.56 -25.53 29.00
CA ARG E 27 23.62 -24.83 28.14
C ARG E 27 24.35 -23.76 27.33
N PRO E 28 24.05 -23.64 26.03
CA PRO E 28 24.66 -22.57 25.25
C PRO E 28 24.09 -21.21 25.60
N VAL E 29 24.82 -20.17 25.24
CA VAL E 29 24.50 -18.80 25.65
C VAL E 29 24.17 -17.97 24.42
N ALA E 30 23.07 -17.22 24.51
CA ALA E 30 22.62 -16.34 23.44
C ALA E 30 22.55 -14.92 23.97
N LEU E 31 23.18 -13.99 23.26
CA LEU E 31 23.15 -12.58 23.60
C LEU E 31 22.13 -11.87 22.71
N ILE E 32 21.28 -11.06 23.32
CA ILE E 32 20.25 -10.31 22.62
C ILE E 32 20.28 -8.87 23.12
N THR E 33 20.47 -7.92 22.21
CA THR E 33 20.48 -6.50 22.53
C THR E 33 19.14 -5.87 22.17
N MET E 34 18.88 -4.71 22.78
CA MET E 34 17.58 -4.02 22.66
C MET E 34 16.44 -4.94 23.08
N ALA E 35 16.72 -5.90 23.95
CA ALA E 35 15.82 -7.00 24.26
C ALA E 35 14.56 -6.59 25.01
N THR E 36 14.41 -5.31 25.36
CA THR E 36 13.18 -4.84 25.99
C THR E 36 12.13 -4.40 24.98
N GLY E 37 12.39 -4.58 23.69
CA GLY E 37 11.42 -4.27 22.65
C GLY E 37 11.81 -5.01 21.39
N TYR E 38 10.97 -4.84 20.37
CA TYR E 38 11.22 -5.39 19.02
C TYR E 38 11.23 -6.92 19.14
N VAL E 39 12.23 -7.61 18.60
CA VAL E 39 12.23 -9.07 18.58
C VAL E 39 12.74 -9.67 19.88
N GLY E 40 13.43 -8.88 20.71
CA GLY E 40 14.06 -9.34 21.92
C GLY E 40 13.23 -10.27 22.79
N PRO E 41 12.06 -9.82 23.24
CA PRO E 41 11.23 -10.68 24.12
C PRO E 41 10.85 -12.00 23.47
N ALA E 42 10.31 -11.97 22.26
CA ALA E 42 9.90 -13.22 21.61
C ALA E 42 11.11 -14.10 21.29
N LEU E 43 12.22 -13.49 20.88
CA LEU E 43 13.42 -14.26 20.60
C LEU E 43 13.96 -14.93 21.86
N ALA E 44 13.90 -14.22 23.00
CA ALA E 44 14.37 -14.80 24.25
C ALA E 44 13.56 -16.03 24.64
N ARG E 45 12.24 -15.97 24.48
CA ARG E 45 11.40 -17.09 24.88
C ARG E 45 11.71 -18.34 24.07
N THR E 46 11.76 -18.22 22.75
CA THR E 46 12.04 -19.39 21.92
C THR E 46 13.49 -19.85 22.10
N MET E 47 14.43 -18.91 22.20
CA MET E 47 15.82 -19.28 22.45
C MET E 47 15.96 -20.03 23.76
N ALA E 48 15.18 -19.65 24.78
CA ALA E 48 15.16 -20.43 26.01
C ALA E 48 14.56 -21.81 25.78
N ASP E 49 13.54 -21.91 24.93
CA ASP E 49 12.96 -23.21 24.61
C ASP E 49 13.95 -24.08 23.85
N ARG E 50 14.76 -23.47 22.96
CA ARG E 50 15.81 -24.22 22.28
C ARG E 50 16.87 -24.75 23.24
N GLY E 51 16.84 -24.33 24.50
CA GLY E 51 17.79 -24.79 25.49
C GLY E 51 18.94 -23.85 25.79
N PHE E 52 18.78 -22.56 25.54
CA PHE E 52 19.85 -21.58 25.69
C PHE E 52 19.75 -20.85 27.01
N ASP E 53 20.91 -20.41 27.51
CA ASP E 53 20.97 -19.38 28.52
C ASP E 53 21.06 -18.01 27.83
N LEU E 54 20.58 -16.98 28.50
CA LEU E 54 20.35 -15.70 27.83
C LEU E 54 21.06 -14.56 28.56
N VAL E 55 21.62 -13.65 27.77
CA VAL E 55 22.11 -12.36 28.24
C VAL E 55 21.33 -11.31 27.47
N LEU E 56 20.51 -10.55 28.19
CA LEU E 56 19.61 -9.56 27.58
C LEU E 56 20.14 -8.17 27.85
N HIS E 57 20.59 -7.49 26.80
CA HIS E 57 20.85 -6.06 26.87
C HIS E 57 19.58 -5.30 26.51
N GLY E 58 19.33 -4.20 27.21
CA GLY E 58 18.15 -3.41 26.94
C GLY E 58 18.00 -2.20 27.83
N THR E 59 16.76 -1.75 28.01
CA THR E 59 16.46 -0.55 28.77
C THR E 59 15.90 -0.93 30.13
N ALA E 60 16.48 -0.35 31.18
CA ALA E 60 15.99 -0.61 32.53
C ALA E 60 14.74 0.20 32.82
N GLY E 61 13.85 -0.37 33.60
CA GLY E 61 12.61 0.27 33.99
C GLY E 61 11.41 -0.58 33.69
N ASP E 62 10.24 -0.03 33.99
CA ASP E 62 8.97 -0.71 33.81
C ASP E 62 8.34 -0.30 32.47
N GLY E 63 7.11 -0.76 32.25
CA GLY E 63 6.43 -0.51 30.98
C GLY E 63 6.18 0.96 30.69
N THR E 64 6.17 1.80 31.73
CA THR E 64 5.96 3.23 31.52
C THR E 64 7.19 3.92 30.92
N MET E 65 8.33 3.26 30.89
CA MET E 65 9.55 3.86 30.36
C MET E 65 9.56 3.82 28.84
N VAL E 66 10.17 4.84 28.25
CA VAL E 66 10.26 4.94 26.80
C VAL E 66 11.14 3.81 26.27
N GLY E 67 10.66 3.11 25.24
CA GLY E 67 11.42 2.03 24.64
C GLY E 67 11.33 0.71 25.34
N VAL E 68 10.48 0.59 26.37
CA VAL E 68 10.29 -0.66 27.10
C VAL E 68 8.89 -1.16 26.74
N GLU E 69 8.83 -2.14 25.84
CA GLU E 69 7.57 -2.79 25.52
C GLU E 69 7.32 -4.01 26.39
N GLU E 70 8.38 -4.70 26.79
CA GLU E 70 8.31 -5.78 27.77
C GLU E 70 9.42 -5.55 28.78
N SER E 71 9.05 -5.17 30.00
CA SER E 71 10.03 -4.86 31.03
C SER E 71 10.96 -6.04 31.26
N PHE E 72 12.17 -5.73 31.75
CA PHE E 72 13.10 -6.77 32.17
C PHE E 72 12.41 -7.74 33.12
N ASP E 73 11.93 -7.22 34.26
CA ASP E 73 11.42 -8.07 35.35
C ASP E 73 10.42 -9.10 34.87
N SER E 74 9.52 -8.73 33.97
CA SER E 74 8.54 -9.66 33.46
C SER E 74 9.20 -10.82 32.70
N GLN E 75 10.37 -10.58 32.10
CA GLN E 75 10.98 -11.59 31.26
C GLN E 75 11.70 -12.66 32.06
N ILE E 76 12.48 -12.27 33.08
CA ILE E 76 13.23 -13.28 33.83
C ILE E 76 12.28 -14.28 34.48
N ALA E 77 11.10 -13.85 34.89
CA ALA E 77 10.12 -14.78 35.45
C ALA E 77 9.72 -15.83 34.41
N ASP E 78 9.40 -15.39 33.20
CA ASP E 78 9.02 -16.33 32.14
C ASP E 78 10.21 -17.16 31.69
N LEU E 79 11.37 -16.52 31.50
CA LEU E 79 12.54 -17.23 30.99
C LEU E 79 13.06 -18.26 31.99
N ALA E 80 12.95 -17.98 33.28
CA ALA E 80 13.34 -18.98 34.28
C ALA E 80 12.38 -20.16 34.26
N LYS E 81 11.09 -19.90 34.04
CA LYS E 81 10.11 -20.98 33.91
C LYS E 81 10.48 -21.92 32.77
N ARG E 82 11.04 -21.37 31.69
CA ARG E 82 11.53 -22.18 30.59
C ARG E 82 12.91 -22.75 30.84
N GLY E 83 13.48 -22.52 32.03
CA GLY E 83 14.72 -23.16 32.41
C GLY E 83 15.98 -22.46 31.97
N ALA E 84 15.96 -21.14 31.83
CA ALA E 84 17.11 -20.38 31.33
C ALA E 84 17.60 -19.41 32.39
N ASP E 85 18.92 -19.38 32.59
CA ASP E 85 19.54 -18.33 33.39
C ASP E 85 19.71 -17.08 32.55
N VAL E 86 19.37 -15.93 33.13
CA VAL E 86 19.37 -14.67 32.40
C VAL E 86 20.17 -13.63 33.17
N LEU E 87 21.13 -13.01 32.49
CA LEU E 87 21.85 -11.85 33.02
C LEU E 87 21.47 -10.63 32.19
N THR E 88 21.12 -9.53 32.86
CA THR E 88 20.71 -8.32 32.20
C THR E 88 21.84 -7.30 32.18
N ILE E 89 21.83 -6.46 31.14
CA ILE E 89 22.82 -5.41 30.96
C ILE E 89 22.11 -4.17 30.44
N SER E 90 22.29 -3.03 31.12
CA SER E 90 21.58 -1.82 30.74
C SER E 90 22.40 -0.55 30.89
N ASP E 91 23.71 -0.64 31.10
CA ASP E 91 24.54 0.51 31.40
C ASP E 91 25.72 0.62 30.44
N VAL E 92 25.50 0.29 29.18
CA VAL E 92 26.54 0.39 28.15
C VAL E 92 25.99 1.16 26.96
N ASP E 93 26.88 1.85 26.27
CA ASP E 93 26.56 2.55 25.03
C ASP E 93 27.06 1.68 23.87
N LEU E 94 26.14 1.01 23.19
CA LEU E 94 26.51 0.04 22.16
C LEU E 94 27.00 0.69 20.88
N THR E 95 27.10 2.02 20.82
CA THR E 95 27.67 2.70 19.65
C THR E 95 29.17 2.94 19.79
N THR E 96 29.78 2.50 20.90
CA THR E 96 31.19 2.70 21.16
C THR E 96 31.88 1.36 21.30
N ARG E 97 33.23 1.37 21.25
CA ARG E 97 33.96 0.14 21.51
C ARG E 97 33.80 -0.31 22.97
N THR E 98 33.81 0.64 23.90
CA THR E 98 33.77 0.29 25.31
C THR E 98 32.46 -0.40 25.67
N GLY E 99 31.34 0.17 25.23
CA GLY E 99 30.05 -0.43 25.56
C GLY E 99 29.91 -1.85 25.07
N ASN E 100 30.38 -2.12 23.85
CA ASN E 100 30.26 -3.47 23.29
C ASN E 100 31.30 -4.41 23.90
N GLN E 101 32.53 -3.95 24.07
CA GLN E 101 33.56 -4.81 24.67
C GLN E 101 33.21 -5.14 26.12
N SER E 102 32.67 -4.18 26.86
CA SER E 102 32.26 -4.45 28.24
C SER E 102 31.09 -5.40 28.29
N MET E 103 30.17 -5.31 27.32
CA MET E 103 29.03 -6.22 27.28
C MET E 103 29.49 -7.67 27.15
N ILE E 104 30.39 -7.94 26.20
CA ILE E 104 30.89 -9.29 26.02
C ILE E 104 31.75 -9.70 27.20
N GLU E 105 32.45 -8.76 27.82
CA GLU E 105 33.20 -9.04 29.04
C GLU E 105 32.30 -9.66 30.10
N ARG E 106 31.15 -9.04 30.33
CA ARG E 106 30.21 -9.53 31.34
C ARG E 106 29.45 -10.77 30.89
N VAL E 107 29.45 -11.09 29.59
CA VAL E 107 28.87 -12.35 29.13
C VAL E 107 29.78 -13.52 29.48
N LEU E 108 31.07 -13.39 29.18
CA LEU E 108 32.04 -14.44 29.50
C LEU E 108 32.27 -14.56 31.01
N GLU E 109 32.02 -13.50 31.77
CA GLU E 109 32.23 -13.56 33.21
C GLU E 109 31.11 -14.34 33.91
N ARG E 110 29.88 -14.18 33.44
CA ARG E 110 28.73 -14.85 34.06
C ARG E 110 28.53 -16.26 33.53
N PHE E 111 28.79 -16.49 32.24
CA PHE E 111 28.50 -17.78 31.62
C PHE E 111 29.71 -18.47 31.00
N GLY E 112 30.80 -17.76 30.74
CA GLY E 112 31.99 -18.39 30.21
C GLY E 112 31.93 -18.79 28.76
N ARG E 113 30.89 -18.39 28.03
CA ARG E 113 30.75 -18.78 26.63
C ARG E 113 29.77 -17.85 25.94
N LEU E 114 29.97 -17.65 24.64
CA LEU E 114 29.06 -16.89 23.80
C LEU E 114 28.92 -17.67 22.49
N ASP E 115 27.78 -18.35 22.34
CA ASP E 115 27.52 -19.16 21.15
C ASP E 115 26.71 -18.43 20.10
N SER E 116 25.74 -17.61 20.52
CA SER E 116 24.86 -16.93 19.60
C SER E 116 24.71 -15.48 20.03
N ALA E 117 24.67 -14.58 19.04
CA ALA E 117 24.53 -13.15 19.30
C ALA E 117 23.54 -12.56 18.32
N CYS E 118 22.52 -11.90 18.84
CA CYS E 118 21.55 -11.16 18.02
C CYS E 118 21.72 -9.69 18.34
N LEU E 119 22.37 -8.96 17.43
CA LEU E 119 22.69 -7.55 17.62
C LEU E 119 21.64 -6.71 16.90
N VAL E 120 20.61 -6.31 17.63
CA VAL E 120 19.67 -5.33 17.12
C VAL E 120 20.36 -3.96 17.08
N THR E 121 20.36 -3.34 15.91
CA THR E 121 21.04 -2.07 15.70
C THR E 121 20.15 -1.12 14.91
N GLY E 122 20.47 0.16 15.00
CA GLY E 122 19.90 1.15 14.11
C GLY E 122 18.83 2.00 14.76
N LEU E 123 18.56 3.14 14.14
CA LEU E 123 17.49 4.04 14.58
C LEU E 123 16.99 4.81 13.37
N ILE E 124 15.67 4.93 13.26
CA ILE E 124 15.04 5.41 12.04
C ILE E 124 15.22 6.92 11.90
N VAL E 125 15.54 7.37 10.69
CA VAL E 125 15.55 8.78 10.34
C VAL E 125 15.10 8.90 8.89
N THR E 126 14.11 9.74 8.64
CA THR E 126 13.55 9.90 7.32
C THR E 126 13.40 11.39 6.98
N GLY E 127 13.31 11.67 5.69
CA GLY E 127 13.16 13.02 5.21
C GLY E 127 13.91 13.26 3.92
N LYS E 128 13.69 14.43 3.30
CA LYS E 128 14.41 14.77 2.08
C LYS E 128 15.91 14.78 2.33
N PHE E 129 16.67 14.33 1.33
CA PHE E 129 18.12 14.27 1.47
C PHE E 129 18.70 15.65 1.76
N LEU E 130 18.25 16.66 1.02
CA LEU E 130 18.76 18.01 1.19
C LEU E 130 18.30 18.68 2.48
N ASP E 131 17.42 18.02 3.25
CA ASP E 131 17.00 18.52 4.57
C ASP E 131 17.75 17.85 5.70
N MET E 132 18.66 16.92 5.40
CA MET E 132 19.36 16.15 6.42
C MET E 132 20.42 17.00 7.09
N THR E 133 20.36 17.10 8.43
CA THR E 133 21.30 17.91 9.18
C THR E 133 22.54 17.10 9.55
N CYS E 134 23.54 17.81 10.09
CA CYS E 134 24.75 17.16 10.56
C CYS E 134 24.43 16.12 11.62
N ASP E 135 23.56 16.47 12.57
CA ASP E 135 23.24 15.56 13.67
C ASP E 135 22.54 14.30 13.16
N GLN E 136 21.65 14.45 12.18
CA GLN E 136 21.00 13.28 11.59
C GLN E 136 22.02 12.40 10.86
N TRP E 137 22.97 13.02 10.16
CA TRP E 137 24.01 12.25 9.49
C TRP E 137 24.91 11.55 10.50
N ALA E 138 25.33 12.26 11.55
CA ALA E 138 26.18 11.64 12.57
C ALA E 138 25.43 10.57 13.34
N LYS E 139 24.16 10.81 13.66
CA LYS E 139 23.39 9.83 14.43
C LYS E 139 23.17 8.55 13.63
N VAL E 140 22.84 8.67 12.35
CA VAL E 140 22.56 7.48 11.56
C VAL E 140 23.84 6.68 11.31
N LYS E 141 25.00 7.33 11.32
CA LYS E 141 26.25 6.59 11.21
C LYS E 141 26.58 5.87 12.51
N ALA E 142 26.13 6.40 13.65
CA ALA E 142 26.41 5.76 14.92
C ALA E 142 25.48 4.57 15.15
N THR E 143 24.19 4.72 14.85
CA THR E 143 23.24 3.66 15.13
C THR E 143 23.27 2.56 14.07
N ASN E 144 23.43 2.92 12.80
CA ASN E 144 23.37 1.94 11.73
C ASN E 144 24.72 1.31 11.40
N LEU E 145 25.83 1.96 11.73
CA LEU E 145 27.15 1.46 11.38
C LEU E 145 28.03 1.21 12.59
N ASP E 146 28.15 2.18 13.50
CA ASP E 146 29.03 2.01 14.66
C ASP E 146 28.58 0.86 15.53
N MET E 147 27.27 0.68 15.68
CA MET E 147 26.76 -0.47 16.43
C MET E 147 27.17 -1.78 15.79
N VAL E 148 27.25 -1.82 14.46
CA VAL E 148 27.63 -3.04 13.76
C VAL E 148 29.13 -3.30 13.88
N PHE E 149 29.94 -2.26 13.61
CA PHE E 149 31.39 -2.43 13.64
C PHE E 149 31.86 -2.83 15.04
N HIS E 150 31.36 -2.14 16.07
CA HIS E 150 31.79 -2.45 17.43
C HIS E 150 31.07 -3.67 17.98
N GLY E 151 29.82 -3.92 17.57
CA GLY E 151 29.14 -5.12 18.01
C GLY E 151 29.79 -6.37 17.50
N LEU E 152 30.23 -6.36 16.24
CA LEU E 152 30.88 -7.54 15.68
C LEU E 152 32.29 -7.72 16.23
N GLN E 153 33.04 -6.63 16.37
CA GLN E 153 34.39 -6.72 16.91
C GLN E 153 34.42 -7.23 18.34
N ALA E 154 33.28 -7.21 19.03
CA ALA E 154 33.21 -7.66 20.42
C ALA E 154 32.73 -9.10 20.54
N VAL E 155 31.76 -9.51 19.71
CA VAL E 155 31.22 -10.86 19.82
C VAL E 155 32.04 -11.90 19.08
N LEU E 156 32.81 -11.49 18.06
CA LEU E 156 33.51 -12.46 17.23
C LEU E 156 34.65 -13.16 17.94
N PRO E 157 35.55 -12.48 18.66
CA PRO E 157 36.75 -13.15 19.21
C PRO E 157 36.41 -14.38 20.05
N PRO E 158 35.41 -14.34 20.93
CA PRO E 158 35.09 -15.58 21.68
C PRO E 158 34.63 -16.72 20.79
N MET E 159 33.89 -16.44 19.73
CA MET E 159 33.42 -17.51 18.85
C MET E 159 34.55 -18.08 18.01
N VAL E 160 35.44 -17.22 17.51
CA VAL E 160 36.58 -17.71 16.74
C VAL E 160 37.43 -18.64 17.59
N ALA E 161 37.64 -18.29 18.85
CA ALA E 161 38.43 -19.13 19.74
C ALA E 161 37.76 -20.49 19.95
N ALA E 162 36.44 -20.50 20.16
CA ALA E 162 35.72 -21.75 20.34
C ALA E 162 35.62 -22.55 19.05
N GLY E 163 35.85 -21.92 17.90
CA GLY E 163 35.69 -22.61 16.64
C GLY E 163 34.25 -22.83 16.24
N ALA E 164 33.32 -22.05 16.77
CA ALA E 164 31.89 -22.18 16.49
C ALA E 164 31.15 -20.99 17.06
N GLY E 165 30.23 -20.45 16.27
CA GLY E 165 29.43 -19.32 16.72
C GLY E 165 28.44 -18.93 15.64
N GLN E 166 27.38 -18.25 16.08
CA GLN E 166 26.33 -17.83 15.17
C GLN E 166 25.91 -16.41 15.51
N CYS E 167 25.91 -15.53 14.51
CA CYS E 167 25.55 -14.13 14.72
CA CYS E 167 25.57 -14.12 14.69
C CYS E 167 24.49 -13.70 13.70
N VAL E 168 23.52 -12.94 14.19
CA VAL E 168 22.51 -12.31 13.35
C VAL E 168 22.52 -10.82 13.68
N VAL E 169 22.81 -9.99 12.69
CA VAL E 169 22.83 -8.54 12.85
C VAL E 169 21.55 -7.99 12.24
N PHE E 170 20.74 -7.32 13.05
CA PHE E 170 19.47 -6.78 12.60
C PHE E 170 19.71 -5.40 11.98
N THR E 171 19.64 -5.32 10.66
CA THR E 171 19.73 -4.05 9.97
C THR E 171 18.33 -3.58 9.61
N SER E 172 18.06 -3.37 8.32
CA SER E 172 16.72 -2.97 7.90
C SER E 172 16.47 -3.45 6.48
N ALA E 173 15.20 -3.72 6.17
CA ALA E 173 14.82 -4.10 4.83
C ALA E 173 15.14 -2.99 3.83
N THR E 174 15.18 -1.74 4.29
CA THR E 174 15.57 -0.63 3.41
C THR E 174 16.99 -0.77 2.90
N GLY E 175 17.82 -1.58 3.58
CA GLY E 175 19.16 -1.82 3.07
C GLY E 175 19.18 -2.49 1.71
N GLY E 176 18.11 -3.24 1.38
CA GLY E 176 18.01 -3.85 0.07
C GLY E 176 17.44 -2.92 -0.98
N ARG E 177 16.77 -1.85 -0.59
CA ARG E 177 16.20 -0.88 -1.53
C ARG E 177 16.18 0.50 -0.89
N PRO E 178 17.35 1.15 -0.82
CA PRO E 178 17.40 2.52 -0.29
C PRO E 178 16.64 3.48 -1.18
N ASP E 179 15.48 3.92 -0.73
CA ASP E 179 14.54 4.69 -1.54
C ASP E 179 14.60 6.16 -1.21
N PRO E 180 14.03 7.01 -2.07
CA PRO E 180 13.83 8.42 -1.69
C PRO E 180 13.12 8.53 -0.35
N MET E 181 13.45 9.61 0.37
CA MET E 181 12.99 9.93 1.72
C MET E 181 13.64 9.06 2.79
N VAL E 182 14.46 8.08 2.41
CA VAL E 182 15.18 7.23 3.36
C VAL E 182 16.61 7.07 2.85
N SER E 183 17.21 8.18 2.41
CA SER E 183 18.51 8.11 1.77
C SER E 183 19.59 7.64 2.75
N ILE E 184 19.83 8.43 3.79
CA ILE E 184 20.97 8.14 4.66
C ILE E 184 20.68 6.97 5.60
N TYR E 185 19.41 6.75 5.96
CA TYR E 185 19.08 5.56 6.75
C TYR E 185 19.24 4.31 5.92
N GLY E 186 18.52 4.22 4.79
CA GLY E 186 18.66 3.06 3.92
C GLY E 186 20.07 2.89 3.38
N GLY E 187 20.73 4.01 3.07
CA GLY E 187 22.09 3.92 2.54
C GLY E 187 23.04 3.28 3.53
N THR E 188 23.02 3.74 4.78
CA THR E 188 23.90 3.14 5.79
C THR E 188 23.47 1.73 6.14
N ARG E 189 22.16 1.43 6.08
CA ARG E 189 21.71 0.06 6.28
C ARG E 189 22.27 -0.86 5.19
N ALA E 190 22.37 -0.35 3.96
CA ALA E 190 23.03 -1.12 2.91
C ALA E 190 24.52 -1.28 3.19
N GLY E 191 25.14 -0.28 3.82
CA GLY E 191 26.54 -0.42 4.20
C GLY E 191 26.72 -1.43 5.32
N ALA E 192 25.79 -1.47 6.28
CA ALA E 192 25.84 -2.47 7.33
C ALA E 192 25.74 -3.87 6.76
N ASN E 193 24.85 -4.07 5.79
CA ASN E 193 24.74 -5.39 5.14
C ASN E 193 26.03 -5.75 4.42
N GLY E 194 26.67 -4.76 3.79
CA GLY E 194 27.94 -5.03 3.12
C GLY E 194 29.02 -5.47 4.09
N ILE E 195 29.04 -4.86 5.29
CA ILE E 195 29.99 -5.27 6.32
C ILE E 195 29.68 -6.69 6.78
N VAL E 196 28.39 -6.99 6.97
CA VAL E 196 27.98 -8.32 7.43
C VAL E 196 28.40 -9.38 6.42
N ARG E 197 28.34 -9.05 5.13
CA ARG E 197 28.76 -10.01 4.10
C ARG E 197 30.25 -10.30 4.21
N ALA E 198 31.07 -9.25 4.21
CA ALA E 198 32.52 -9.45 4.28
C ALA E 198 32.93 -10.15 5.57
N VAL E 199 32.30 -9.77 6.68
CA VAL E 199 32.65 -10.39 7.96
C VAL E 199 32.15 -11.82 8.03
N GLY E 200 30.92 -12.07 7.55
CA GLY E 200 30.39 -13.42 7.56
C GLY E 200 31.20 -14.38 6.70
N LEU E 201 31.84 -13.86 5.66
CA LEU E 201 32.70 -14.68 4.82
C LEU E 201 34.12 -14.77 5.33
N GLU E 202 34.61 -13.71 6.00
CA GLU E 202 35.99 -13.70 6.48
C GLU E 202 36.20 -14.67 7.64
N HIS E 203 35.19 -14.83 8.49
CA HIS E 203 35.30 -15.66 9.67
C HIS E 203 34.61 -17.02 9.51
N ALA E 204 34.14 -17.34 8.30
CA ALA E 204 33.53 -18.64 8.07
C ALA E 204 34.52 -19.77 8.28
N ARG E 205 35.82 -19.52 8.03
CA ARG E 205 36.83 -20.56 8.21
C ARG E 205 36.92 -21.01 9.66
N HIS E 206 36.60 -20.12 10.61
CA HIS E 206 36.57 -20.47 12.02
C HIS E 206 35.24 -21.07 12.44
N GLY E 207 34.39 -21.43 11.49
CA GLY E 207 33.14 -22.08 11.82
C GLY E 207 32.09 -21.19 12.45
N VAL E 208 32.18 -19.87 12.28
CA VAL E 208 31.21 -18.93 12.82
C VAL E 208 30.48 -18.28 11.65
N GLN E 209 29.15 -18.20 11.76
CA GLN E 209 28.31 -17.55 10.76
C GLN E 209 27.90 -16.16 11.25
N VAL E 210 27.88 -15.21 10.32
CA VAL E 210 27.34 -13.88 10.57
C VAL E 210 26.39 -13.55 9.43
N ASN E 211 25.13 -13.29 9.78
CA ASN E 211 24.10 -12.98 8.79
C ASN E 211 23.34 -11.74 9.22
N ALA E 212 22.66 -11.13 8.26
CA ALA E 212 21.85 -9.96 8.50
C ALA E 212 20.40 -10.24 8.14
N ILE E 213 19.49 -9.81 9.01
CA ILE E 213 18.06 -9.79 8.73
C ILE E 213 17.62 -8.34 8.68
N GLY E 214 16.86 -7.99 7.65
CA GLY E 214 16.34 -6.65 7.51
C GLY E 214 14.83 -6.65 7.40
N THR E 215 14.15 -5.96 8.32
CA THR E 215 12.70 -6.04 8.41
C THR E 215 12.06 -4.67 8.15
N ASN E 216 10.79 -4.74 7.78
CA ASN E 216 9.92 -3.58 7.72
C ASN E 216 8.49 -4.09 7.92
N TYR E 217 7.57 -3.15 8.19
CA TYR E 217 6.16 -3.47 8.34
C TYR E 217 5.94 -4.54 9.40
N MET E 218 6.62 -4.37 10.53
CA MET E 218 6.51 -5.30 11.65
C MET E 218 5.47 -4.79 12.65
N ASP E 219 4.66 -5.72 13.15
CA ASP E 219 3.61 -5.40 14.11
C ASP E 219 4.22 -5.37 15.52
N PHE E 220 4.68 -4.19 15.92
CA PHE E 220 5.17 -3.96 17.27
C PHE E 220 5.04 -2.48 17.58
N PRO E 221 4.93 -2.10 18.86
CA PRO E 221 4.57 -0.71 19.19
C PRO E 221 5.44 0.36 18.53
N GLY E 222 6.71 0.07 18.26
CA GLY E 222 7.56 1.08 17.63
C GLY E 222 7.07 1.47 16.25
N PHE E 223 6.83 0.48 15.39
CA PHE E 223 6.38 0.77 14.03
C PHE E 223 4.95 1.28 14.01
N LEU E 224 4.10 0.80 14.93
CA LEU E 224 2.70 1.22 14.94
C LEU E 224 2.58 2.69 15.30
N LYS E 225 3.45 3.19 16.19
CA LYS E 225 3.41 4.60 16.55
C LYS E 225 4.08 5.46 15.48
N ALA E 226 5.14 4.95 14.85
CA ALA E 226 5.85 5.73 13.84
C ALA E 226 5.00 5.94 12.59
N SER E 227 4.24 4.93 12.20
CA SER E 227 3.38 5.01 11.01
C SER E 227 2.00 5.58 11.33
N ARG E 228 1.78 6.04 12.56
CA ARG E 228 0.50 6.58 13.01
C ARG E 228 -0.64 5.57 12.85
N ALA E 229 -0.32 4.29 12.74
CA ALA E 229 -1.32 3.26 12.58
C ALA E 229 -1.97 2.86 13.89
N ASP E 230 -1.35 3.19 15.02
CA ASP E 230 -1.93 2.88 16.32
C ASP E 230 -3.19 3.71 16.53
N GLY E 231 -4.33 3.04 16.66
CA GLY E 231 -5.59 3.72 16.90
C GLY E 231 -6.42 3.93 15.65
N ASP E 232 -5.78 4.18 14.52
CA ASP E 232 -6.48 4.46 13.27
C ASP E 232 -6.54 3.20 12.43
N PRO E 233 -7.68 2.52 12.32
CA PRO E 233 -7.75 1.34 11.46
C PRO E 233 -7.65 1.68 9.98
N GLU E 234 -8.06 2.88 9.58
CA GLU E 234 -7.92 3.28 8.18
C GLU E 234 -6.47 3.51 7.81
N ARG E 235 -5.71 4.14 8.70
CA ARG E 235 -4.27 4.31 8.47
C ARG E 235 -3.56 2.96 8.49
N ARG E 236 -4.01 2.03 9.33
CA ARG E 236 -3.37 0.72 9.41
C ARG E 236 -3.61 -0.09 8.14
N ALA E 237 -4.87 -0.16 7.69
CA ALA E 237 -5.15 -0.83 6.42
C ALA E 237 -4.36 -0.19 5.28
N MET E 238 -4.26 1.14 5.30
CA MET E 238 -3.41 1.84 4.34
C MET E 238 -1.98 1.34 4.40
N ILE E 239 -1.45 1.11 5.61
CA ILE E 239 -0.09 0.64 5.75
C ILE E 239 0.05 -0.78 5.23
N GLU E 240 -0.89 -1.66 5.58
CA GLU E 240 -0.81 -3.05 5.15
C GLU E 240 -0.99 -3.19 3.64
N ALA E 241 -1.63 -2.23 2.98
CA ALA E 241 -1.81 -2.31 1.54
C ALA E 241 -0.50 -2.12 0.78
N GLN E 242 0.53 -1.58 1.44
CA GLN E 242 1.85 -1.44 0.82
C GLN E 242 2.68 -2.71 0.92
N VAL E 243 2.24 -3.69 1.71
CA VAL E 243 2.93 -4.97 1.82
C VAL E 243 2.33 -5.90 0.77
N PRO E 244 3.15 -6.64 0.01
CA PRO E 244 2.59 -7.63 -0.91
C PRO E 244 1.68 -8.63 -0.23
N LEU E 245 2.05 -9.11 0.97
CA LEU E 245 1.25 -10.07 1.70
C LEU E 245 0.11 -9.43 2.48
N ARG E 246 -0.06 -8.11 2.38
CA ARG E 246 -1.24 -7.42 2.91
C ARG E 246 -1.42 -7.64 4.40
N ARG E 247 -0.32 -7.59 5.15
CA ARG E 247 -0.38 -7.77 6.60
C ARG E 247 0.92 -7.24 7.20
N LEU E 248 0.89 -7.06 8.52
CA LEU E 248 2.09 -6.75 9.28
C LEU E 248 2.67 -8.03 9.84
N GLY E 249 4.00 -8.12 9.86
CA GLY E 249 4.65 -9.28 10.42
C GLY E 249 4.57 -9.29 11.93
N THR E 250 4.44 -10.50 12.48
CA THR E 250 4.35 -10.67 13.92
C THR E 250 5.72 -11.05 14.50
N MET E 251 5.92 -10.70 15.77
CA MET E 251 7.20 -10.97 16.42
C MET E 251 7.47 -12.46 16.53
N ASP E 252 6.41 -13.27 16.65
CA ASP E 252 6.61 -14.72 16.73
C ASP E 252 7.11 -15.29 15.42
N GLU E 253 6.72 -14.70 14.29
CA GLU E 253 7.28 -15.12 13.00
C GLU E 253 8.74 -14.73 12.89
N LEU E 254 9.07 -13.49 13.27
CA LEU E 254 10.44 -13.02 13.17
C LEU E 254 11.36 -13.80 14.09
N SER E 255 10.92 -14.05 15.33
CA SER E 255 11.75 -14.81 16.26
C SER E 255 11.98 -16.23 15.76
N SER E 256 10.98 -16.82 15.12
CA SER E 256 11.14 -18.16 14.56
C SER E 256 12.23 -18.18 13.50
N VAL E 257 12.17 -17.25 12.55
CA VAL E 257 13.20 -17.14 11.52
C VAL E 257 14.55 -16.86 12.15
N THR E 258 14.60 -15.91 13.09
CA THR E 258 15.86 -15.49 13.67
C THR E 258 16.50 -16.61 14.50
N ALA E 259 15.69 -17.33 15.28
CA ALA E 259 16.23 -18.41 16.10
C ALA E 259 16.82 -19.51 15.22
N GLY E 260 16.22 -19.75 14.04
CA GLY E 260 16.77 -20.73 13.12
C GLY E 260 18.17 -20.44 12.66
N LEU E 261 18.60 -19.18 12.73
CA LEU E 261 19.96 -18.81 12.40
C LEU E 261 20.86 -18.72 13.61
N LEU E 262 20.37 -19.09 14.80
CA LEU E 262 21.13 -18.94 16.03
C LEU E 262 21.07 -20.16 16.95
N ASP E 263 20.34 -21.21 16.59
CA ASP E 263 20.15 -22.37 17.45
C ASP E 263 20.95 -23.58 17.02
N GLY E 264 21.94 -23.40 16.15
CA GLY E 264 22.75 -24.50 15.68
C GLY E 264 22.05 -25.44 14.71
N SER E 265 20.77 -25.22 14.41
CA SER E 265 20.06 -26.11 13.50
C SER E 265 20.49 -25.90 12.06
N ASN E 266 20.91 -24.69 11.71
CA ASN E 266 21.36 -24.36 10.35
C ASN E 266 22.74 -23.75 10.45
N ARG E 267 23.74 -24.43 9.88
CA ARG E 267 25.13 -23.99 9.93
C ARG E 267 25.72 -23.86 8.53
N PHE E 268 24.89 -23.61 7.53
CA PHE E 268 25.34 -23.55 6.14
C PHE E 268 24.99 -22.23 5.46
N GLN E 269 24.80 -21.16 6.23
CA GLN E 269 24.55 -19.84 5.66
C GLN E 269 25.38 -18.82 6.42
N THR E 270 26.13 -18.00 5.69
CA THR E 270 26.95 -16.97 6.31
C THR E 270 27.17 -15.82 5.32
N GLY E 271 27.33 -14.62 5.87
CA GLY E 271 27.55 -13.45 5.05
C GLY E 271 26.38 -13.03 4.19
N GLN E 272 25.17 -13.45 4.53
CA GLN E 272 24.00 -13.22 3.70
C GLN E 272 23.03 -12.26 4.40
N PHE E 273 22.17 -11.66 3.58
CA PHE E 273 21.15 -10.73 4.05
C PHE E 273 19.78 -11.29 3.71
N PHE E 274 18.88 -11.29 4.68
CA PHE E 274 17.55 -11.87 4.53
C PHE E 274 16.50 -10.79 4.71
N ASP E 275 15.78 -10.49 3.63
CA ASP E 275 14.67 -9.56 3.71
C ASP E 275 13.50 -10.22 4.43
N PHE E 276 12.93 -9.50 5.41
CA PHE E 276 11.77 -9.97 6.18
C PHE E 276 10.77 -8.82 6.21
N SER E 277 10.08 -8.61 5.10
CA SER E 277 9.17 -7.47 4.97
C SER E 277 7.92 -7.82 4.18
N GLY E 278 7.46 -9.08 4.27
CA GLY E 278 6.26 -9.48 3.56
C GLY E 278 6.38 -9.41 2.05
N GLY E 279 7.59 -9.52 1.51
CA GLY E 279 7.83 -9.38 0.10
C GLY E 279 8.16 -7.98 -0.35
N TRP E 280 8.01 -6.98 0.54
CA TRP E 280 8.28 -5.60 0.19
C TRP E 280 9.69 -5.41 -0.36
N GLY E 281 10.66 -6.16 0.19
CA GLY E 281 12.03 -6.03 -0.24
C GLY E 281 12.49 -7.10 -1.20
N ALA E 282 11.55 -7.82 -1.82
CA ALA E 282 11.88 -8.88 -2.76
C ALA E 282 12.47 -8.28 -4.04
N GLU F 25 40.55 -0.23 -46.55
CA GLU F 25 39.61 0.54 -45.74
C GLU F 25 39.57 0.03 -44.31
N ASN F 26 40.16 -1.15 -44.09
CA ASN F 26 40.11 -1.94 -42.85
C ASN F 26 39.08 -1.45 -41.83
N ARG F 27 37.82 -1.34 -42.25
CA ARG F 27 36.75 -0.88 -41.37
C ARG F 27 36.19 -2.04 -40.57
N PRO F 28 36.14 -1.94 -39.25
CA PRO F 28 35.52 -3.02 -38.45
C PRO F 28 34.05 -3.19 -38.81
N VAL F 29 33.51 -4.35 -38.44
CA VAL F 29 32.17 -4.76 -38.85
C VAL F 29 31.31 -4.95 -37.63
N ALA F 30 30.12 -4.35 -37.65
CA ALA F 30 29.14 -4.47 -36.57
C ALA F 30 27.87 -5.09 -37.12
N LEU F 31 27.35 -6.09 -36.42
CA LEU F 31 26.10 -6.74 -36.77
C LEU F 31 25.01 -6.25 -35.83
N ILE F 32 23.86 -5.87 -36.39
CA ILE F 32 22.71 -5.39 -35.63
C ILE F 32 21.49 -6.15 -36.12
N THR F 33 20.79 -6.81 -35.21
CA THR F 33 19.57 -7.53 -35.53
C THR F 33 18.35 -6.68 -35.19
N MET F 34 17.21 -7.05 -35.79
CA MET F 34 15.97 -6.28 -35.68
C MET F 34 16.19 -4.82 -36.09
N ALA F 35 17.14 -4.59 -36.99
CA ALA F 35 17.64 -3.25 -37.28
C ALA F 35 16.66 -2.39 -38.07
N THR F 36 15.47 -2.89 -38.39
CA THR F 36 14.45 -2.06 -39.03
C THR F 36 13.61 -1.29 -38.02
N GLY F 37 13.84 -1.47 -36.74
CA GLY F 37 13.12 -0.74 -35.71
C GLY F 37 13.92 -0.74 -34.42
N TYR F 38 13.31 -0.16 -33.39
CA TYR F 38 13.90 -0.11 -32.04
C TYR F 38 15.20 0.68 -32.14
N VAL F 39 16.29 0.20 -31.53
CA VAL F 39 17.56 0.94 -31.54
C VAL F 39 18.34 0.77 -32.83
N GLY F 40 17.95 -0.19 -33.68
CA GLY F 40 18.69 -0.54 -34.87
C GLY F 40 19.11 0.62 -35.75
N PRO F 41 18.15 1.41 -36.23
CA PRO F 41 18.51 2.53 -37.13
C PRO F 41 19.46 3.54 -36.50
N ALA F 42 19.14 4.04 -35.29
CA ALA F 42 19.99 5.03 -34.66
C ALA F 42 21.37 4.45 -34.33
N LEU F 43 21.43 3.16 -33.96
CA LEU F 43 22.71 2.55 -33.68
C LEU F 43 23.54 2.40 -34.94
N ALA F 44 22.90 2.13 -36.08
CA ALA F 44 23.64 1.98 -37.33
C ALA F 44 24.29 3.29 -37.75
N ARG F 45 23.60 4.41 -37.57
CA ARG F 45 24.15 5.70 -37.95
C ARG F 45 25.40 6.02 -37.14
N THR F 46 25.31 5.92 -35.81
CA THR F 46 26.47 6.25 -34.99
C THR F 46 27.60 5.24 -35.19
N MET F 47 27.27 3.95 -35.29
CA MET F 47 28.29 2.95 -35.57
C MET F 47 29.02 3.24 -36.87
N ALA F 48 28.28 3.72 -37.88
CA ALA F 48 28.92 4.13 -39.13
C ALA F 48 29.83 5.32 -38.90
N ASP F 49 29.44 6.22 -38.00
CA ASP F 49 30.29 7.38 -37.71
C ASP F 49 31.58 6.98 -36.99
N ARG F 50 31.53 5.89 -36.21
CA ARG F 50 32.75 5.38 -35.57
C ARG F 50 33.65 4.63 -36.55
N GLY F 51 33.29 4.57 -37.83
CA GLY F 51 34.12 3.92 -38.82
C GLY F 51 33.82 2.45 -39.06
N PHE F 52 32.59 2.01 -38.81
CA PHE F 52 32.22 0.61 -38.90
C PHE F 52 31.50 0.32 -40.20
N ASP F 53 31.80 -0.84 -40.79
CA ASP F 53 30.90 -1.43 -41.76
C ASP F 53 29.77 -2.15 -41.02
N LEU F 54 28.64 -2.29 -41.70
CA LEU F 54 27.43 -2.74 -41.03
C LEU F 54 26.80 -3.93 -41.73
N VAL F 55 26.26 -4.85 -40.95
CA VAL F 55 25.40 -5.93 -41.41
C VAL F 55 24.09 -5.80 -40.65
N LEU F 56 23.03 -5.40 -41.33
CA LEU F 56 21.75 -5.14 -40.70
C LEU F 56 20.80 -6.29 -40.99
N HIS F 57 20.33 -6.94 -39.94
CA HIS F 57 19.22 -7.88 -40.03
C HIS F 57 17.94 -7.17 -39.66
N GLY F 58 16.85 -7.48 -40.37
CA GLY F 58 15.59 -6.86 -40.07
C GLY F 58 14.48 -7.41 -40.93
N THR F 59 13.39 -6.64 -41.01
CA THR F 59 12.22 -7.01 -41.79
C THR F 59 12.25 -6.28 -43.12
N ALA F 60 12.13 -7.03 -44.21
CA ALA F 60 12.16 -6.44 -45.53
C ALA F 60 10.81 -5.78 -45.86
N GLY F 61 10.86 -4.81 -46.77
CA GLY F 61 9.68 -4.07 -47.16
C GLY F 61 9.84 -2.57 -46.97
N ASP F 62 8.73 -1.84 -46.93
CA ASP F 62 8.75 -0.41 -46.72
C ASP F 62 8.14 -0.06 -45.35
N GLY F 63 7.90 1.23 -45.13
CA GLY F 63 7.33 1.68 -43.87
C GLY F 63 5.94 1.15 -43.60
N THR F 64 5.20 0.76 -44.64
CA THR F 64 3.87 0.22 -44.43
C THR F 64 3.91 -1.20 -43.89
N MET F 65 5.04 -1.90 -44.02
CA MET F 65 5.16 -3.24 -43.49
C MET F 65 5.20 -3.21 -41.96
N VAL F 66 4.52 -4.17 -41.34
CA VAL F 66 4.45 -4.23 -39.88
C VAL F 66 5.83 -4.56 -39.33
N GLY F 67 6.29 -3.75 -38.38
CA GLY F 67 7.61 -3.94 -37.79
C GLY F 67 8.72 -3.15 -38.44
N VAL F 68 8.41 -2.27 -39.38
CA VAL F 68 9.41 -1.47 -40.09
C VAL F 68 9.18 -0.01 -39.70
N GLU F 69 9.98 0.49 -38.77
CA GLU F 69 9.98 1.91 -38.45
C GLU F 69 10.92 2.69 -39.35
N GLU F 70 11.99 2.06 -39.84
CA GLU F 70 12.88 2.65 -40.82
C GLU F 70 13.30 1.56 -41.79
N SER F 71 12.92 1.72 -43.05
CA SER F 71 13.12 0.68 -44.05
C SER F 71 14.60 0.46 -44.34
N PHE F 72 14.91 -0.73 -44.86
CA PHE F 72 16.26 -1.03 -45.31
C PHE F 72 16.75 0.00 -46.32
N ASP F 73 15.88 0.39 -47.24
CA ASP F 73 16.28 1.27 -48.34
C ASP F 73 16.65 2.66 -47.83
N SER F 74 15.87 3.22 -46.91
CA SER F 74 16.17 4.54 -46.38
C SER F 74 17.48 4.56 -45.62
N GLN F 75 17.83 3.44 -44.96
CA GLN F 75 19.04 3.40 -44.16
C GLN F 75 20.29 3.29 -45.04
N ILE F 76 20.26 2.40 -46.03
CA ILE F 76 21.44 2.16 -46.88
C ILE F 76 21.92 3.46 -47.52
N ALA F 77 21.01 4.35 -47.88
CA ALA F 77 21.40 5.65 -48.41
C ALA F 77 22.18 6.46 -47.37
N ASP F 78 21.64 6.55 -46.15
CA ASP F 78 22.28 7.34 -45.10
C ASP F 78 23.62 6.75 -44.69
N LEU F 79 23.67 5.43 -44.49
CA LEU F 79 24.90 4.80 -44.00
C LEU F 79 26.01 4.86 -45.04
N ALA F 80 25.66 4.90 -46.33
CA ALA F 80 26.68 5.06 -47.36
C ALA F 80 27.33 6.43 -47.28
N LYS F 81 26.54 7.48 -47.02
CA LYS F 81 27.09 8.81 -46.89
C LYS F 81 28.07 8.91 -45.72
N ARG F 82 27.84 8.12 -44.66
CA ARG F 82 28.73 8.11 -43.50
C ARG F 82 29.96 7.25 -43.72
N GLY F 83 30.09 6.61 -44.89
CA GLY F 83 31.28 5.86 -45.23
C GLY F 83 31.20 4.37 -44.97
N ALA F 84 30.02 3.80 -44.80
CA ALA F 84 29.86 2.42 -44.38
C ALA F 84 29.29 1.56 -45.49
N ASP F 85 29.81 0.35 -45.62
CA ASP F 85 29.23 -0.69 -46.46
C ASP F 85 28.18 -1.44 -45.64
N VAL F 86 27.06 -1.76 -46.28
CA VAL F 86 25.91 -2.34 -45.60
C VAL F 86 25.50 -3.62 -46.30
N LEU F 87 25.33 -4.69 -45.52
CA LEU F 87 24.76 -5.95 -46.00
C LEU F 87 23.46 -6.22 -45.23
N THR F 88 22.39 -6.44 -45.97
CA THR F 88 21.08 -6.69 -45.37
C THR F 88 20.77 -8.18 -45.37
N ILE F 89 20.05 -8.63 -44.33
CA ILE F 89 19.70 -10.02 -44.13
C ILE F 89 18.30 -10.07 -43.57
N SER F 90 17.38 -10.73 -44.28
CA SER F 90 15.98 -10.74 -43.84
C SER F 90 15.30 -12.10 -43.99
N ASP F 91 16.05 -13.17 -44.29
CA ASP F 91 15.46 -14.47 -44.54
C ASP F 91 15.95 -15.52 -43.55
N VAL F 92 16.08 -15.13 -42.28
CA VAL F 92 16.53 -16.03 -41.24
C VAL F 92 15.56 -15.99 -40.06
N ASP F 93 15.44 -17.12 -39.38
CA ASP F 93 14.65 -17.24 -38.15
C ASP F 93 15.64 -17.24 -36.99
N LEU F 94 15.73 -16.11 -36.30
CA LEU F 94 16.74 -15.93 -35.27
C LEU F 94 16.44 -16.67 -33.97
N THR F 95 15.31 -17.36 -33.87
CA THR F 95 15.05 -18.23 -32.74
C THR F 95 15.61 -19.63 -32.92
N THR F 96 16.34 -19.87 -34.01
CA THR F 96 16.85 -21.20 -34.34
C THR F 96 18.36 -21.15 -34.53
N ARG F 97 19.00 -22.29 -34.32
CA ARG F 97 20.44 -22.40 -34.58
C ARG F 97 20.75 -22.10 -36.04
N THR F 98 19.99 -22.71 -36.96
CA THR F 98 20.24 -22.52 -38.38
C THR F 98 20.14 -21.05 -38.77
N GLY F 99 19.15 -20.34 -38.24
CA GLY F 99 19.00 -18.93 -38.58
C GLY F 99 20.19 -18.10 -38.18
N ASN F 100 20.67 -18.27 -36.94
CA ASN F 100 21.79 -17.49 -36.45
C ASN F 100 23.11 -17.93 -37.09
N GLN F 101 23.28 -19.24 -37.30
CA GLN F 101 24.50 -19.72 -37.93
C GLN F 101 24.61 -19.23 -39.37
N SER F 102 23.48 -19.20 -40.09
CA SER F 102 23.48 -18.67 -41.45
C SER F 102 23.82 -17.19 -41.47
N MET F 103 23.29 -16.43 -40.49
CA MET F 103 23.54 -15.00 -40.42
C MET F 103 25.03 -14.70 -40.31
N ILE F 104 25.71 -15.37 -39.37
CA ILE F 104 27.13 -15.10 -39.17
C ILE F 104 27.94 -15.61 -40.35
N GLU F 105 27.53 -16.73 -40.96
CA GLU F 105 28.19 -17.20 -42.17
C GLU F 105 28.18 -16.14 -43.26
N ARG F 106 27.05 -15.47 -43.43
CA ARG F 106 26.93 -14.44 -44.47
C ARG F 106 27.59 -13.13 -44.09
N VAL F 107 27.85 -12.91 -42.80
CA VAL F 107 28.68 -11.77 -42.40
C VAL F 107 30.13 -12.02 -42.78
N LEU F 108 30.66 -13.18 -42.38
CA LEU F 108 32.04 -13.54 -42.71
C LEU F 108 32.27 -13.73 -44.21
N GLU F 109 31.20 -13.85 -45.00
CA GLU F 109 31.36 -13.96 -46.45
C GLU F 109 31.73 -12.61 -47.06
N ARG F 110 30.95 -11.57 -46.74
CA ARG F 110 31.15 -10.28 -47.38
C ARG F 110 32.37 -9.56 -46.82
N PHE F 111 32.44 -9.42 -45.50
CA PHE F 111 33.46 -8.59 -44.87
C PHE F 111 34.62 -9.38 -44.29
N GLY F 112 34.45 -10.67 -44.04
CA GLY F 112 35.53 -11.48 -43.51
C GLY F 112 35.88 -11.25 -42.06
N ARG F 113 35.01 -10.59 -41.30
CA ARG F 113 35.28 -10.26 -39.91
C ARG F 113 33.98 -9.91 -39.21
N LEU F 114 33.96 -10.12 -37.90
CA LEU F 114 32.82 -9.73 -37.07
C LEU F 114 33.37 -9.19 -35.75
N ASP F 115 33.45 -7.87 -35.64
CA ASP F 115 33.99 -7.24 -34.44
C ASP F 115 32.93 -6.97 -33.38
N SER F 116 31.72 -6.57 -33.79
CA SER F 116 30.68 -6.17 -32.85
C SER F 116 29.36 -6.78 -33.25
N ALA F 117 28.56 -7.16 -32.26
CA ALA F 117 27.23 -7.72 -32.48
C ALA F 117 26.26 -7.09 -31.49
N CYS F 118 25.14 -6.61 -32.00
CA CYS F 118 24.04 -6.11 -31.17
C CYS F 118 22.85 -7.03 -31.41
N LEU F 119 22.65 -7.99 -30.52
CA LEU F 119 21.62 -9.00 -30.68
C LEU F 119 20.36 -8.53 -29.96
N VAL F 120 19.42 -7.97 -30.72
CA VAL F 120 18.10 -7.64 -30.18
C VAL F 120 17.27 -8.91 -30.09
N THR F 121 16.66 -9.14 -28.93
CA THR F 121 15.90 -10.36 -28.69
C THR F 121 14.62 -10.03 -27.94
N GLY F 122 13.69 -10.98 -27.94
CA GLY F 122 12.55 -10.93 -27.06
C GLY F 122 11.28 -10.48 -27.76
N LEU F 123 10.15 -10.86 -27.17
CA LEU F 123 8.82 -10.44 -27.60
C LEU F 123 7.95 -10.33 -26.36
N ILE F 124 7.25 -9.20 -26.21
CA ILE F 124 6.54 -8.92 -24.96
C ILE F 124 5.33 -9.83 -24.84
N VAL F 125 5.13 -10.39 -23.65
CA VAL F 125 3.90 -11.05 -23.26
C VAL F 125 3.62 -10.68 -21.81
N THR F 126 2.36 -10.34 -21.52
CA THR F 126 1.96 -9.95 -20.17
C THR F 126 0.66 -10.67 -19.81
N GLY F 127 0.26 -10.52 -18.56
CA GLY F 127 -0.97 -11.11 -18.06
C GLY F 127 -0.72 -11.98 -16.83
N LYS F 128 -1.84 -12.36 -16.21
CA LYS F 128 -1.78 -13.16 -15.00
C LYS F 128 -1.05 -14.48 -15.26
N PHE F 129 -0.24 -14.89 -14.29
CA PHE F 129 0.57 -16.10 -14.45
C PHE F 129 -0.30 -17.33 -14.67
N LEU F 130 -1.43 -17.42 -13.97
CA LEU F 130 -2.33 -18.55 -14.11
C LEU F 130 -3.17 -18.51 -15.38
N ASP F 131 -3.11 -17.40 -16.14
CA ASP F 131 -3.76 -17.32 -17.43
C ASP F 131 -2.81 -17.65 -18.58
N MET F 132 -1.55 -17.93 -18.29
CA MET F 132 -0.56 -18.11 -19.34
C MET F 132 -0.74 -19.46 -20.03
N THR F 133 -1.07 -19.41 -21.31
CA THR F 133 -1.25 -20.63 -22.10
C THR F 133 0.10 -21.25 -22.44
N CYS F 134 0.06 -22.50 -22.89
CA CYS F 134 1.29 -23.20 -23.26
C CYS F 134 1.97 -22.55 -24.45
N ASP F 135 1.20 -21.92 -25.33
CA ASP F 135 1.79 -21.25 -26.49
C ASP F 135 2.53 -19.99 -26.07
N GLN F 136 1.96 -19.23 -25.14
CA GLN F 136 2.68 -18.06 -24.61
C GLN F 136 3.97 -18.47 -23.94
N TRP F 137 3.96 -19.59 -23.20
CA TRP F 137 5.16 -20.06 -22.52
C TRP F 137 6.21 -20.53 -23.53
N ALA F 138 5.78 -21.18 -24.61
CA ALA F 138 6.74 -21.62 -25.62
C ALA F 138 7.29 -20.44 -26.39
N LYS F 139 6.45 -19.44 -26.68
CA LYS F 139 6.89 -18.28 -27.44
C LYS F 139 7.92 -17.46 -26.66
N VAL F 140 7.65 -17.20 -25.38
CA VAL F 140 8.56 -16.39 -24.58
C VAL F 140 9.90 -17.09 -24.40
N LYS F 141 9.90 -18.43 -24.35
CA LYS F 141 11.15 -19.16 -24.27
C LYS F 141 11.92 -19.07 -25.59
N ALA F 142 11.21 -19.11 -26.72
CA ALA F 142 11.89 -19.02 -28.01
C ALA F 142 12.43 -17.61 -28.25
N THR F 143 11.70 -16.59 -27.78
CA THR F 143 12.13 -15.22 -28.04
C THR F 143 13.14 -14.73 -27.03
N ASN F 144 12.84 -14.89 -25.73
CA ASN F 144 13.72 -14.35 -24.71
C ASN F 144 14.97 -15.18 -24.46
N LEU F 145 14.94 -16.47 -24.79
CA LEU F 145 16.04 -17.37 -24.45
C LEU F 145 16.69 -18.02 -25.66
N ASP F 146 15.90 -18.64 -26.54
CA ASP F 146 16.48 -19.30 -27.72
C ASP F 146 17.22 -18.30 -28.59
N MET F 147 16.70 -17.09 -28.72
CA MET F 147 17.37 -16.08 -29.54
C MET F 147 18.70 -15.67 -28.94
N VAL F 148 18.88 -15.85 -27.62
CA VAL F 148 20.14 -15.50 -26.98
C VAL F 148 21.13 -16.66 -27.10
N PHE F 149 20.68 -17.87 -26.81
CA PHE F 149 21.56 -19.04 -26.84
C PHE F 149 22.15 -19.25 -28.23
N HIS F 150 21.30 -19.21 -29.25
CA HIS F 150 21.77 -19.42 -30.62
C HIS F 150 22.51 -18.19 -31.13
N GLY F 151 22.03 -16.99 -30.78
CA GLY F 151 22.71 -15.78 -31.20
C GLY F 151 24.13 -15.73 -30.69
N LEU F 152 24.34 -16.07 -29.42
CA LEU F 152 25.68 -16.04 -28.85
C LEU F 152 26.54 -17.17 -29.41
N GLN F 153 25.97 -18.36 -29.61
CA GLN F 153 26.73 -19.45 -30.18
C GLN F 153 27.17 -19.15 -31.61
N ALA F 154 26.50 -18.23 -32.29
CA ALA F 154 26.84 -17.89 -33.66
C ALA F 154 27.89 -16.78 -33.75
N VAL F 155 27.77 -15.74 -32.94
CA VAL F 155 28.68 -14.60 -33.06
C VAL F 155 30.00 -14.80 -32.32
N LEU F 156 30.06 -15.74 -31.38
CA LEU F 156 31.23 -15.86 -30.53
C LEU F 156 32.43 -16.52 -31.19
N PRO F 157 32.28 -17.62 -31.95
CA PRO F 157 33.46 -18.29 -32.52
C PRO F 157 34.36 -17.36 -33.33
N PRO F 158 33.81 -16.52 -34.22
CA PRO F 158 34.72 -15.63 -34.98
C PRO F 158 35.44 -14.63 -34.09
N MET F 159 34.80 -14.16 -33.01
CA MET F 159 35.46 -13.23 -32.11
C MET F 159 36.56 -13.92 -31.30
N VAL F 160 36.29 -15.14 -30.83
CA VAL F 160 37.32 -15.90 -30.12
C VAL F 160 38.53 -16.12 -31.02
N ALA F 161 38.28 -16.43 -32.29
CA ALA F 161 39.39 -16.67 -33.22
C ALA F 161 40.21 -15.42 -33.44
N ALA F 162 39.56 -14.25 -33.51
CA ALA F 162 40.27 -13.00 -33.73
C ALA F 162 40.90 -12.43 -32.46
N GLY F 163 40.59 -13.00 -31.30
CA GLY F 163 41.14 -12.49 -30.05
C GLY F 163 40.50 -11.22 -29.54
N ALA F 164 39.41 -10.77 -30.15
CA ALA F 164 38.73 -9.55 -29.73
C ALA F 164 37.30 -9.58 -30.26
N GLY F 165 36.42 -8.91 -29.52
CA GLY F 165 35.02 -8.85 -29.91
C GLY F 165 34.22 -8.14 -28.85
N GLN F 166 33.04 -7.68 -29.27
CA GLN F 166 32.14 -6.96 -28.37
C GLN F 166 30.71 -7.28 -28.77
N CYS F 167 29.92 -7.78 -27.83
CA CYS F 167 28.51 -8.05 -28.07
C CYS F 167 27.67 -7.38 -26.99
N VAL F 168 26.56 -6.81 -27.41
CA VAL F 168 25.49 -6.38 -26.51
C VAL F 168 24.25 -7.20 -26.86
N VAL F 169 23.67 -7.84 -25.86
CA VAL F 169 22.41 -8.58 -26.02
C VAL F 169 21.31 -7.75 -25.39
N PHE F 170 20.29 -7.43 -26.17
CA PHE F 170 19.19 -6.61 -25.69
C PHE F 170 18.14 -7.52 -25.06
N THR F 171 18.05 -7.50 -23.73
CA THR F 171 17.03 -8.24 -23.02
C THR F 171 15.87 -7.30 -22.69
N SER F 172 15.66 -7.03 -21.40
CA SER F 172 14.61 -6.09 -20.99
C SER F 172 14.90 -5.62 -19.58
N ALA F 173 14.44 -4.41 -19.27
CA ALA F 173 14.59 -3.89 -17.91
C ALA F 173 13.82 -4.74 -16.92
N THR F 174 12.78 -5.44 -17.37
CA THR F 174 12.05 -6.35 -16.50
C THR F 174 12.91 -7.51 -16.02
N GLY F 175 14.00 -7.82 -16.74
CA GLY F 175 14.89 -8.86 -16.27
C GLY F 175 15.51 -8.56 -14.93
N GLY F 176 15.63 -7.27 -14.58
CA GLY F 176 16.14 -6.85 -13.29
C GLY F 176 15.11 -6.74 -12.20
N ARG F 177 13.82 -6.80 -12.53
CA ARG F 177 12.75 -6.77 -11.54
C ARG F 177 11.52 -7.47 -12.11
N PRO F 178 11.56 -8.82 -12.21
CA PRO F 178 10.40 -9.56 -12.73
C PRO F 178 9.19 -9.42 -11.83
N ASP F 179 8.21 -8.66 -12.28
CA ASP F 179 7.08 -8.22 -11.46
C ASP F 179 5.83 -9.01 -11.81
N PRO F 180 4.79 -8.91 -10.97
CA PRO F 180 3.48 -9.46 -11.36
C PRO F 180 3.03 -8.91 -12.70
N MET F 181 2.25 -9.73 -13.43
CA MET F 181 1.74 -9.45 -14.77
C MET F 181 2.83 -9.56 -15.83
N VAL F 182 4.08 -9.75 -15.41
CA VAL F 182 5.20 -9.93 -16.33
C VAL F 182 6.03 -11.11 -15.82
N SER F 183 5.33 -12.16 -15.37
CA SER F 183 6.01 -13.28 -14.73
C SER F 183 6.92 -14.03 -15.69
N ILE F 184 6.34 -14.60 -16.75
CA ILE F 184 7.14 -15.43 -17.65
C ILE F 184 8.02 -14.57 -18.56
N TYR F 185 7.58 -13.36 -18.91
CA TYR F 185 8.42 -12.49 -19.71
C TYR F 185 9.59 -11.96 -18.88
N GLY F 186 9.31 -11.43 -17.70
CA GLY F 186 10.38 -10.92 -16.86
C GLY F 186 11.31 -12.02 -16.37
N GLY F 187 10.76 -13.21 -16.09
CA GLY F 187 11.58 -14.30 -15.60
C GLY F 187 12.60 -14.77 -16.62
N THR F 188 12.15 -14.95 -17.87
CA THR F 188 13.07 -15.43 -18.89
C THR F 188 14.09 -14.37 -19.29
N ARG F 189 13.74 -13.09 -19.20
CA ARG F 189 14.73 -12.04 -19.38
C ARG F 189 15.78 -12.10 -18.28
N ALA F 190 15.37 -12.39 -17.05
CA ALA F 190 16.33 -12.60 -15.98
C ALA F 190 17.22 -13.80 -16.29
N GLY F 191 16.67 -14.84 -16.90
CA GLY F 191 17.48 -15.96 -17.34
C GLY F 191 18.43 -15.58 -18.47
N ALA F 192 17.94 -14.73 -19.40
CA ALA F 192 18.81 -14.24 -20.46
C ALA F 192 20.00 -13.48 -19.88
N ASN F 193 19.75 -12.63 -18.89
CA ASN F 193 20.85 -11.90 -18.24
C ASN F 193 21.80 -12.87 -17.55
N GLY F 194 21.27 -13.91 -16.90
CA GLY F 194 22.14 -14.88 -16.27
C GLY F 194 23.04 -15.58 -17.27
N ILE F 195 22.51 -15.94 -18.44
CA ILE F 195 23.34 -16.54 -19.49
C ILE F 195 24.40 -15.55 -19.95
N VAL F 196 24.03 -14.29 -20.13
CA VAL F 196 24.97 -13.28 -20.61
C VAL F 196 26.10 -13.09 -19.60
N ARG F 197 25.78 -13.13 -18.31
CA ARG F 197 26.82 -13.00 -17.29
C ARG F 197 27.81 -14.16 -17.37
N ALA F 198 27.30 -15.38 -17.46
CA ALA F 198 28.18 -16.54 -17.55
C ALA F 198 28.99 -16.53 -18.83
N VAL F 199 28.33 -16.31 -19.96
CA VAL F 199 29.03 -16.28 -21.25
C VAL F 199 30.02 -15.13 -21.29
N GLY F 200 29.63 -13.96 -20.77
CA GLY F 200 30.54 -12.83 -20.77
C GLY F 200 31.78 -13.08 -19.93
N LEU F 201 31.62 -13.80 -18.82
CA LEU F 201 32.77 -14.15 -17.99
C LEU F 201 33.60 -15.27 -18.62
N GLU F 202 32.93 -16.23 -19.27
CA GLU F 202 33.62 -17.40 -19.79
C GLU F 202 34.55 -17.05 -20.96
N HIS F 203 34.19 -16.06 -21.75
CA HIS F 203 34.97 -15.67 -22.92
C HIS F 203 35.75 -14.38 -22.71
N ALA F 204 35.85 -13.90 -21.48
CA ALA F 204 36.63 -12.69 -21.22
C ALA F 204 38.11 -12.95 -21.45
N ARG F 205 38.60 -14.15 -21.11
CA ARG F 205 40.01 -14.47 -21.32
C ARG F 205 40.39 -14.49 -22.79
N HIS F 206 39.41 -14.56 -23.69
CA HIS F 206 39.67 -14.48 -25.12
C HIS F 206 39.60 -13.04 -25.63
N GLY F 207 39.41 -12.06 -24.75
CA GLY F 207 39.37 -10.69 -25.16
C GLY F 207 38.07 -10.22 -25.77
N VAL F 208 36.98 -10.97 -25.58
CA VAL F 208 35.67 -10.58 -26.09
C VAL F 208 34.76 -10.27 -24.92
N GLN F 209 33.88 -9.29 -25.12
CA GLN F 209 32.95 -8.84 -24.08
C GLN F 209 31.53 -9.16 -24.50
N VAL F 210 30.74 -9.67 -23.55
CA VAL F 210 29.31 -9.90 -23.75
C VAL F 210 28.58 -9.24 -22.59
N ASN F 211 27.77 -8.24 -22.91
CA ASN F 211 26.97 -7.54 -21.91
C ASN F 211 25.52 -7.47 -22.37
N ALA F 212 24.64 -7.15 -21.43
CA ALA F 212 23.22 -7.04 -21.69
C ALA F 212 22.73 -5.66 -21.30
N ILE F 213 21.81 -5.12 -22.09
CA ILE F 213 21.14 -3.86 -21.78
C ILE F 213 19.65 -4.13 -21.67
N GLY F 214 19.05 -3.66 -20.58
CA GLY F 214 17.63 -3.81 -20.39
C GLY F 214 16.91 -2.48 -20.39
N THR F 215 16.04 -2.26 -21.37
CA THR F 215 15.34 -0.98 -21.51
C THR F 215 13.88 -1.12 -21.12
N ASN F 216 13.26 0.03 -20.91
CA ASN F 216 11.84 0.17 -20.65
C ASN F 216 11.49 1.64 -20.80
N TYR F 217 10.22 1.91 -21.08
CA TYR F 217 9.73 3.28 -21.27
C TYR F 217 10.54 4.01 -22.35
N MET F 218 10.73 3.34 -23.49
CA MET F 218 11.46 3.92 -24.60
C MET F 218 10.49 4.58 -25.57
N ASP F 219 10.97 5.68 -26.18
CA ASP F 219 10.15 6.46 -27.11
C ASP F 219 10.41 5.97 -28.53
N PHE F 220 9.67 4.92 -28.92
CA PHE F 220 9.68 4.43 -30.29
C PHE F 220 8.31 3.82 -30.55
N PRO F 221 7.86 3.78 -31.82
CA PRO F 221 6.46 3.39 -32.10
C PRO F 221 6.04 2.07 -31.48
N GLY F 222 6.96 1.13 -31.28
CA GLY F 222 6.61 -0.13 -30.65
C GLY F 222 6.02 0.04 -29.27
N PHE F 223 6.79 0.68 -28.36
CA PHE F 223 6.31 0.89 -27.00
C PHE F 223 5.15 1.86 -26.95
N LEU F 224 5.17 2.88 -27.82
CA LEU F 224 4.10 3.88 -27.82
C LEU F 224 2.75 3.26 -28.14
N LYS F 225 2.72 2.27 -29.04
CA LYS F 225 1.46 1.65 -29.42
C LYS F 225 0.99 0.63 -28.40
N ALA F 226 1.91 -0.01 -27.67
CA ALA F 226 1.51 -1.03 -26.71
C ALA F 226 0.85 -0.42 -25.48
N SER F 227 1.35 0.72 -25.01
CA SER F 227 0.80 1.38 -23.84
C SER F 227 -0.37 2.29 -24.17
N ARG F 228 -0.83 2.29 -25.42
CA ARG F 228 -1.90 3.16 -25.89
C ARG F 228 -1.58 4.64 -25.70
N ALA F 229 -0.30 4.97 -25.51
CA ALA F 229 0.11 6.36 -25.34
C ALA F 229 0.14 7.11 -26.67
N ASP F 230 0.24 6.39 -27.80
CA ASP F 230 0.21 7.02 -29.11
C ASP F 230 -1.19 7.57 -29.37
N GLY F 231 -1.30 8.89 -29.43
CA GLY F 231 -2.56 9.56 -29.69
C GLY F 231 -3.23 10.15 -28.47
N ASP F 232 -2.91 9.66 -27.27
CA ASP F 232 -3.50 10.14 -26.03
C ASP F 232 -2.43 10.84 -25.19
N PRO F 233 -2.29 12.16 -25.30
CA PRO F 233 -1.30 12.85 -24.47
C PRO F 233 -1.54 12.69 -22.98
N GLU F 234 -2.78 12.47 -22.55
CA GLU F 234 -3.05 12.26 -21.13
C GLU F 234 -2.53 10.90 -20.67
N ARG F 235 -2.65 9.87 -21.52
CA ARG F 235 -2.08 8.57 -21.18
C ARG F 235 -0.56 8.62 -21.21
N ARG F 236 0.02 9.35 -22.17
CA ARG F 236 1.47 9.49 -22.23
C ARG F 236 2.02 10.13 -20.96
N ALA F 237 1.27 11.08 -20.39
CA ALA F 237 1.71 11.70 -19.14
C ALA F 237 1.67 10.72 -17.98
N MET F 238 0.67 9.84 -17.96
CA MET F 238 0.62 8.81 -16.93
C MET F 238 1.76 7.82 -17.08
N ILE F 239 2.12 7.48 -18.32
CA ILE F 239 3.27 6.62 -18.55
C ILE F 239 4.54 7.28 -18.03
N GLU F 240 4.74 8.55 -18.36
CA GLU F 240 5.94 9.26 -17.93
C GLU F 240 5.97 9.46 -16.42
N ALA F 241 4.81 9.58 -15.78
CA ALA F 241 4.77 9.75 -14.33
C ALA F 241 5.24 8.50 -13.60
N GLN F 242 5.29 7.35 -14.28
CA GLN F 242 5.82 6.14 -13.68
C GLN F 242 7.34 6.04 -13.77
N VAL F 243 7.98 6.90 -14.55
CA VAL F 243 9.43 6.91 -14.66
C VAL F 243 9.99 7.87 -13.62
N PRO F 244 11.05 7.51 -12.90
CA PRO F 244 11.65 8.47 -11.96
C PRO F 244 12.09 9.76 -12.62
N LEU F 245 12.69 9.67 -13.82
CA LEU F 245 13.11 10.87 -14.54
C LEU F 245 11.98 11.50 -15.35
N ARG F 246 10.76 10.98 -15.23
CA ARG F 246 9.55 11.63 -15.75
C ARG F 246 9.66 11.93 -17.24
N ARG F 247 10.16 10.96 -18.00
CA ARG F 247 10.30 11.13 -19.44
C ARG F 247 10.48 9.75 -20.07
N LEU F 248 10.33 9.70 -21.38
CA LEU F 248 10.60 8.50 -22.16
C LEU F 248 11.98 8.61 -22.79
N GLY F 249 12.70 7.50 -22.84
CA GLY F 249 14.04 7.50 -23.39
C GLY F 249 14.01 7.54 -24.91
N THR F 250 14.97 8.25 -25.49
CA THR F 250 15.07 8.39 -26.93
C THR F 250 16.14 7.44 -27.48
N MET F 251 15.94 7.03 -28.73
CA MET F 251 16.86 6.08 -29.36
C MET F 251 18.25 6.66 -29.56
N ASP F 252 18.38 7.99 -29.63
CA ASP F 252 19.70 8.58 -29.71
C ASP F 252 20.48 8.37 -28.42
N GLU F 253 19.80 8.48 -27.28
CA GLU F 253 20.45 8.17 -26.01
C GLU F 253 20.85 6.70 -25.94
N LEU F 254 19.92 5.80 -26.26
CA LEU F 254 20.19 4.37 -26.15
C LEU F 254 21.30 3.94 -27.11
N SER F 255 21.32 4.51 -28.31
CA SER F 255 22.38 4.18 -29.26
C SER F 255 23.74 4.64 -28.75
N SER F 256 23.79 5.81 -28.11
CA SER F 256 25.05 6.29 -27.53
C SER F 256 25.57 5.33 -26.48
N VAL F 257 24.69 4.90 -25.57
CA VAL F 257 25.07 3.93 -24.54
C VAL F 257 25.51 2.62 -25.19
N THR F 258 24.69 2.14 -26.13
CA THR F 258 24.98 0.85 -26.77
C THR F 258 26.29 0.90 -27.56
N ALA F 259 26.46 1.95 -28.37
CA ALA F 259 27.67 2.07 -29.19
C ALA F 259 28.93 2.14 -28.32
N GLY F 260 28.81 2.71 -27.12
CA GLY F 260 29.94 2.76 -26.20
C GLY F 260 30.46 1.39 -25.80
N LEU F 261 29.60 0.36 -25.86
CA LEU F 261 30.00 -1.01 -25.57
C LEU F 261 30.40 -1.80 -26.81
N LEU F 262 30.37 -1.17 -27.99
CA LEU F 262 30.63 -1.88 -29.23
C LEU F 262 31.67 -1.20 -30.13
N ASP F 263 32.19 -0.04 -29.77
CA ASP F 263 33.08 0.72 -30.64
C ASP F 263 34.55 0.61 -30.24
N GLY F 264 34.88 -0.28 -29.31
CA GLY F 264 36.26 -0.45 -28.88
C GLY F 264 36.77 0.61 -27.92
N SER F 265 35.96 1.62 -27.60
CA SER F 265 36.39 2.66 -26.67
C SER F 265 36.39 2.17 -25.21
N ASN F 266 35.60 1.14 -24.90
CA ASN F 266 35.50 0.60 -23.55
C ASN F 266 35.66 -0.91 -23.64
N ARG F 267 36.78 -1.43 -23.12
CA ARG F 267 37.08 -2.85 -23.14
C ARG F 267 37.32 -3.40 -21.74
N PHE F 268 36.64 -2.82 -20.74
CA PHE F 268 36.84 -3.24 -19.36
C PHE F 268 35.52 -3.56 -18.67
N GLN F 269 34.52 -4.00 -19.44
CA GLN F 269 33.24 -4.41 -18.89
C GLN F 269 32.75 -5.63 -19.65
N THR F 270 32.51 -6.73 -18.94
CA THR F 270 32.00 -7.94 -19.58
C THR F 270 31.12 -8.69 -18.58
N GLY F 271 30.11 -9.38 -19.12
CA GLY F 271 29.21 -10.16 -18.30
C GLY F 271 28.27 -9.37 -17.43
N GLN F 272 28.00 -8.12 -17.77
CA GLN F 272 27.22 -7.23 -16.92
C GLN F 272 25.89 -6.89 -17.58
N PHE F 273 24.92 -6.52 -16.74
CA PHE F 273 23.59 -6.10 -17.16
C PHE F 273 23.40 -4.64 -16.79
N PHE F 274 22.98 -3.82 -17.75
CA PHE F 274 22.82 -2.39 -17.56
C PHE F 274 21.35 -2.02 -17.74
N ASP F 275 20.73 -1.51 -16.68
CA ASP F 275 19.37 -1.03 -16.76
C ASP F 275 19.32 0.33 -17.46
N PHE F 276 18.34 0.49 -18.37
CA PHE F 276 18.16 1.71 -19.14
C PHE F 276 16.66 2.02 -19.18
N SER F 277 16.12 2.49 -18.06
CA SER F 277 14.69 2.74 -17.96
C SER F 277 14.37 4.01 -17.17
N GLY F 278 15.29 4.97 -17.18
CA GLY F 278 15.06 6.21 -16.48
C GLY F 278 15.05 6.11 -14.97
N GLY F 279 15.71 5.09 -14.41
CA GLY F 279 15.70 4.83 -12.99
C GLY F 279 14.66 3.84 -12.54
N TRP F 280 13.79 3.39 -13.44
CA TRP F 280 12.71 2.48 -13.08
C TRP F 280 13.24 1.13 -12.59
N GLY F 281 14.41 0.73 -13.05
CA GLY F 281 14.96 -0.56 -12.67
C GLY F 281 16.18 -0.49 -11.78
N ALA F 282 16.38 0.65 -11.13
CA ALA F 282 17.53 0.83 -10.24
C ALA F 282 17.32 0.10 -8.92
N ASN G 26 34.43 -63.28 -36.28
CA ASN G 26 33.83 -62.15 -36.97
C ASN G 26 32.32 -62.31 -37.06
N ARG G 27 31.68 -62.47 -35.89
CA ARG G 27 30.25 -62.68 -35.84
C ARG G 27 29.51 -61.37 -36.11
N PRO G 28 28.42 -61.41 -36.88
CA PRO G 28 27.63 -60.19 -37.09
C PRO G 28 27.11 -59.61 -35.78
N VAL G 29 26.77 -58.33 -35.83
CA VAL G 29 26.27 -57.60 -34.67
C VAL G 29 24.87 -57.08 -35.00
N ALA G 30 23.93 -57.32 -34.10
CA ALA G 30 22.54 -56.90 -34.28
C ALA G 30 22.09 -56.09 -33.08
N LEU G 31 21.51 -54.92 -33.35
CA LEU G 31 21.04 -54.01 -32.31
C LEU G 31 19.53 -54.17 -32.13
N ILE G 32 19.09 -54.28 -30.89
CA ILE G 32 17.68 -54.49 -30.57
C ILE G 32 17.31 -53.56 -29.42
N THR G 33 16.55 -52.51 -29.72
CA THR G 33 16.09 -51.60 -28.68
C THR G 33 14.84 -52.13 -28.00
N MET G 34 14.54 -51.57 -26.83
CA MET G 34 13.39 -51.96 -26.02
C MET G 34 13.38 -53.47 -25.73
N ALA G 35 14.58 -54.06 -25.71
CA ALA G 35 14.80 -55.50 -25.64
C ALA G 35 14.46 -56.11 -24.28
N THR G 36 13.83 -55.43 -23.33
CA THR G 36 13.39 -56.06 -22.09
C THR G 36 11.93 -56.47 -22.13
N GLY G 37 11.23 -56.19 -23.23
CA GLY G 37 9.86 -56.62 -23.43
C GLY G 37 9.59 -56.70 -24.92
N TYR G 38 8.34 -57.03 -25.25
CA TYR G 38 7.88 -57.07 -26.65
C TYR G 38 8.73 -58.11 -27.38
N VAL G 39 9.17 -57.82 -28.62
CA VAL G 39 9.87 -58.81 -29.43
C VAL G 39 11.30 -59.01 -28.95
N GLY G 40 11.87 -58.02 -28.27
CA GLY G 40 13.25 -58.01 -27.83
C GLY G 40 13.82 -59.34 -27.34
N PRO G 41 13.23 -59.90 -26.26
CA PRO G 41 13.77 -61.16 -25.71
C PRO G 41 13.80 -62.29 -26.72
N ALA G 42 12.64 -62.59 -27.31
CA ALA G 42 12.55 -63.69 -28.26
C ALA G 42 13.42 -63.44 -29.49
N LEU G 43 13.47 -62.19 -29.96
CA LEU G 43 14.30 -61.87 -31.11
C LEU G 43 15.77 -62.07 -30.78
N ALA G 44 16.18 -61.73 -29.56
CA ALA G 44 17.58 -61.87 -29.17
C ALA G 44 18.04 -63.32 -29.25
N ARG G 45 17.21 -64.25 -28.76
CA ARG G 45 17.61 -65.65 -28.74
C ARG G 45 17.80 -66.21 -30.15
N THR G 46 16.80 -66.02 -31.01
CA THR G 46 16.88 -66.59 -32.36
C THR G 46 17.97 -65.91 -33.18
N MET G 47 18.15 -64.60 -33.03
CA MET G 47 19.23 -63.93 -33.75
C MET G 47 20.59 -64.38 -33.26
N ALA G 48 20.68 -64.80 -32.00
CA ALA G 48 21.92 -65.43 -31.53
C ALA G 48 22.11 -66.80 -32.18
N ASP G 49 21.02 -67.52 -32.43
CA ASP G 49 21.12 -68.81 -33.10
C ASP G 49 21.63 -68.65 -34.52
N ARG G 50 21.33 -67.53 -35.17
CA ARG G 50 21.91 -67.24 -36.48
C ARG G 50 23.39 -66.90 -36.42
N GLY G 51 23.99 -66.96 -35.23
CA GLY G 51 25.41 -66.73 -35.08
C GLY G 51 25.79 -65.26 -35.11
N PHE G 52 25.17 -64.44 -34.27
CA PHE G 52 25.41 -63.01 -34.27
C PHE G 52 25.48 -62.49 -32.84
N ASP G 53 26.24 -61.41 -32.67
CA ASP G 53 26.32 -60.71 -31.39
C ASP G 53 25.17 -59.71 -31.29
N LEU G 54 24.69 -59.51 -30.06
CA LEU G 54 23.47 -58.76 -29.83
C LEU G 54 23.71 -57.70 -28.75
N VAL G 55 23.65 -56.43 -29.14
CA VAL G 55 23.62 -55.34 -28.17
C VAL G 55 22.18 -54.98 -27.88
N LEU G 56 21.85 -54.87 -26.60
CA LEU G 56 20.46 -54.77 -26.15
C LEU G 56 20.25 -53.46 -25.43
N HIS G 57 19.37 -52.61 -25.97
CA HIS G 57 18.87 -51.47 -25.25
C HIS G 57 17.56 -51.84 -24.56
N GLY G 58 17.35 -51.28 -23.37
CA GLY G 58 16.13 -51.55 -22.65
C GLY G 58 16.16 -50.95 -21.27
N THR G 59 15.13 -51.29 -20.49
CA THR G 59 14.97 -50.80 -19.13
C THR G 59 15.71 -51.71 -18.16
N ALA G 60 16.56 -51.12 -17.34
CA ALA G 60 17.32 -51.89 -16.37
C ALA G 60 16.47 -52.18 -15.13
N GLY G 61 16.83 -53.25 -14.44
CA GLY G 61 16.10 -53.66 -13.25
C GLY G 61 15.70 -55.11 -13.27
N ASP G 62 14.57 -55.44 -12.63
CA ASP G 62 14.08 -56.81 -12.58
C ASP G 62 12.63 -56.89 -13.04
N GLY G 63 12.01 -58.06 -12.89
CA GLY G 63 10.62 -58.23 -13.29
C GLY G 63 9.65 -57.34 -12.54
N THR G 64 10.05 -56.83 -11.37
CA THR G 64 9.19 -55.91 -10.63
C THR G 64 9.16 -54.52 -11.23
N MET G 65 10.19 -54.13 -11.98
CA MET G 65 10.24 -52.80 -12.58
C MET G 65 9.29 -52.73 -13.78
N VAL G 66 8.58 -51.59 -13.87
CA VAL G 66 7.61 -51.42 -14.94
C VAL G 66 8.32 -51.41 -16.28
N GLY G 67 7.74 -52.11 -17.25
CA GLY G 67 8.32 -52.22 -18.57
C GLY G 67 9.35 -53.32 -18.72
N VAL G 68 9.49 -54.19 -17.73
CA VAL G 68 10.47 -55.26 -17.76
C VAL G 68 9.69 -56.58 -17.68
N GLU G 69 9.35 -57.13 -18.84
CA GLU G 69 8.74 -58.46 -18.87
C GLU G 69 9.79 -59.54 -18.64
N GLU G 70 10.93 -59.43 -19.31
CA GLU G 70 12.07 -60.31 -19.10
C GLU G 70 13.27 -59.44 -18.71
N SER G 71 13.84 -59.73 -17.55
CA SER G 71 14.93 -58.91 -17.02
C SER G 71 16.18 -59.03 -17.90
N PHE G 72 17.02 -58.00 -17.83
CA PHE G 72 18.29 -58.03 -18.54
C PHE G 72 19.16 -59.18 -18.04
N ASP G 73 19.09 -59.49 -16.75
CA ASP G 73 19.92 -60.55 -16.19
C ASP G 73 19.47 -61.92 -16.69
N SER G 74 18.16 -62.16 -16.76
CA SER G 74 17.69 -63.45 -17.26
C SER G 74 18.09 -63.68 -18.71
N GLN G 75 18.43 -62.62 -19.44
CA GLN G 75 18.73 -62.72 -20.86
C GLN G 75 20.20 -63.00 -21.15
N ILE G 76 21.11 -62.27 -20.48
CA ILE G 76 22.52 -62.39 -20.83
C ILE G 76 23.07 -63.77 -20.48
N ALA G 77 22.38 -64.53 -19.64
CA ALA G 77 22.78 -65.91 -19.39
C ALA G 77 22.41 -66.80 -20.56
N ASP G 78 21.14 -66.73 -21.00
CA ASP G 78 20.69 -67.54 -22.12
C ASP G 78 21.47 -67.20 -23.39
N LEU G 79 21.66 -65.91 -23.67
CA LEU G 79 22.43 -65.51 -24.84
C LEU G 79 23.87 -65.99 -24.77
N ALA G 80 24.43 -66.09 -23.57
CA ALA G 80 25.78 -66.62 -23.42
C ALA G 80 25.82 -68.12 -23.70
N LYS G 81 24.74 -68.84 -23.39
CA LYS G 81 24.69 -70.27 -23.70
C LYS G 81 24.73 -70.50 -25.20
N ARG G 82 24.07 -69.64 -25.98
CA ARG G 82 24.14 -69.71 -27.43
C ARG G 82 25.44 -69.16 -27.99
N GLY G 83 26.37 -68.75 -27.13
CA GLY G 83 27.64 -68.21 -27.57
C GLY G 83 27.62 -66.73 -27.91
N ALA G 84 26.53 -66.03 -27.65
CA ALA G 84 26.40 -64.64 -28.05
C ALA G 84 27.06 -63.71 -27.03
N ASP G 85 27.73 -62.68 -27.53
CA ASP G 85 28.32 -61.63 -26.71
C ASP G 85 27.32 -60.48 -26.64
N VAL G 86 26.85 -60.18 -25.43
CA VAL G 86 25.78 -59.21 -25.23
C VAL G 86 26.36 -57.94 -24.60
N LEU G 87 26.04 -56.80 -25.19
CA LEU G 87 26.40 -55.49 -24.66
C LEU G 87 25.15 -54.78 -24.16
N THR G 88 25.29 -54.07 -23.05
CA THR G 88 24.16 -53.46 -22.36
C THR G 88 24.11 -51.95 -22.57
N ILE G 89 22.90 -51.42 -22.76
CA ILE G 89 22.65 -49.99 -22.89
C ILE G 89 21.30 -49.67 -22.26
N SER G 90 21.31 -48.80 -21.24
CA SER G 90 20.05 -48.45 -20.59
C SER G 90 20.00 -47.00 -20.13
N ASP G 91 20.93 -46.14 -20.55
CA ASP G 91 21.02 -44.77 -20.07
C ASP G 91 20.88 -43.76 -21.19
N VAL G 92 20.07 -44.07 -22.20
CA VAL G 92 19.89 -43.20 -23.35
C VAL G 92 18.40 -42.94 -23.56
N ASP G 93 18.10 -41.74 -24.06
CA ASP G 93 16.75 -41.37 -24.45
C ASP G 93 16.68 -41.41 -25.97
N LEU G 94 15.99 -42.41 -26.51
CA LEU G 94 16.02 -42.68 -27.94
C LEU G 94 15.15 -41.74 -28.75
N THR G 95 14.40 -40.84 -28.11
CA THR G 95 13.67 -39.81 -28.84
C THR G 95 14.54 -38.63 -29.21
N THR G 96 15.79 -38.60 -28.78
CA THR G 96 16.70 -37.50 -29.04
C THR G 96 17.88 -37.97 -29.90
N ARG G 97 18.48 -37.01 -30.61
CA ARG G 97 19.67 -37.31 -31.41
C ARG G 97 20.79 -37.85 -30.53
N THR G 98 21.01 -37.24 -29.36
CA THR G 98 22.13 -37.64 -28.51
C THR G 98 21.99 -39.08 -28.02
N GLY G 99 20.78 -39.46 -27.60
CA GLY G 99 20.57 -40.83 -27.15
C GLY G 99 20.84 -41.84 -28.24
N ASN G 100 20.41 -41.54 -29.47
CA ASN G 100 20.64 -42.47 -30.58
C ASN G 100 22.08 -42.43 -31.05
N GLN G 101 22.68 -41.24 -31.11
CA GLN G 101 24.06 -41.15 -31.57
C GLN G 101 25.04 -41.78 -30.58
N SER G 102 24.73 -41.74 -29.29
CA SER G 102 25.61 -42.35 -28.31
C SER G 102 25.46 -43.87 -28.27
N MET G 103 24.26 -44.39 -28.55
CA MET G 103 24.07 -45.83 -28.59
C MET G 103 24.86 -46.46 -29.74
N ILE G 104 24.86 -45.80 -30.91
CA ILE G 104 25.64 -46.31 -32.03
C ILE G 104 27.13 -46.08 -31.79
N GLU G 105 27.49 -45.00 -31.12
CA GLU G 105 28.88 -44.80 -30.75
C GLU G 105 29.37 -45.91 -29.84
N ARG G 106 28.50 -46.40 -28.95
CA ARG G 106 28.88 -47.46 -28.03
C ARG G 106 28.83 -48.85 -28.67
N VAL G 107 28.16 -49.01 -29.82
CA VAL G 107 28.15 -50.31 -30.47
C VAL G 107 29.39 -50.49 -31.34
N LEU G 108 29.91 -49.41 -31.92
CA LEU G 108 31.13 -49.49 -32.71
C LEU G 108 32.39 -49.57 -31.84
N GLU G 109 32.25 -49.35 -30.53
CA GLU G 109 33.37 -49.48 -29.62
C GLU G 109 33.53 -50.91 -29.12
N ARG G 110 32.43 -51.53 -28.68
CA ARG G 110 32.52 -52.88 -28.13
C ARG G 110 32.75 -53.92 -29.21
N PHE G 111 32.03 -53.82 -30.34
CA PHE G 111 32.09 -54.83 -31.39
C PHE G 111 32.71 -54.36 -32.69
N GLY G 112 32.82 -53.05 -32.90
CA GLY G 112 33.49 -52.53 -34.08
C GLY G 112 32.73 -52.60 -35.38
N ARG G 113 31.48 -53.09 -35.36
CA ARG G 113 30.70 -53.19 -36.59
C ARG G 113 29.23 -53.29 -36.25
N LEU G 114 28.40 -52.75 -37.14
CA LEU G 114 26.95 -52.84 -37.03
C LEU G 114 26.41 -53.28 -38.39
N ASP G 115 25.70 -54.40 -38.42
CA ASP G 115 25.11 -54.93 -39.64
C ASP G 115 23.60 -55.04 -39.60
N SER G 116 23.01 -55.25 -38.42
CA SER G 116 21.57 -55.37 -38.28
C SER G 116 21.08 -54.47 -37.16
N ALA G 117 19.91 -53.87 -37.34
CA ALA G 117 19.33 -52.95 -36.37
C ALA G 117 17.82 -53.16 -36.33
N CYS G 118 17.29 -53.43 -35.15
CA CYS G 118 15.85 -53.57 -34.93
C CYS G 118 15.43 -52.47 -33.97
N LEU G 119 14.87 -51.39 -34.50
CA LEU G 119 14.51 -50.20 -33.71
C LEU G 119 13.03 -50.27 -33.35
N VAL G 120 12.74 -50.75 -32.15
CA VAL G 120 11.37 -50.72 -31.64
C VAL G 120 11.05 -49.30 -31.20
N THR G 121 9.97 -48.74 -31.76
CA THR G 121 9.58 -47.37 -31.50
C THR G 121 8.10 -47.29 -31.17
N GLY G 122 7.69 -46.17 -30.60
CA GLY G 122 6.29 -45.85 -30.45
C GLY G 122 5.78 -46.02 -29.03
N LEU G 123 4.70 -45.30 -28.73
CA LEU G 123 3.98 -45.44 -27.47
C LEU G 123 2.51 -45.19 -27.74
N ILE G 124 1.66 -46.14 -27.32
CA ILE G 124 0.26 -46.12 -27.67
C ILE G 124 -0.44 -44.94 -27.00
N VAL G 125 -1.31 -44.27 -27.76
CA VAL G 125 -2.24 -43.28 -27.22
C VAL G 125 -3.53 -43.38 -28.01
N THR G 126 -4.66 -43.47 -27.31
CA THR G 126 -5.97 -43.60 -27.94
C THR G 126 -6.91 -42.55 -27.36
N GLY G 127 -8.05 -42.40 -28.02
CA GLY G 127 -9.06 -41.44 -27.60
C GLY G 127 -9.62 -40.63 -28.74
N LYS G 128 -10.69 -39.88 -28.49
CA LYS G 128 -11.26 -39.01 -29.50
C LYS G 128 -10.21 -37.99 -29.98
N PHE G 129 -10.29 -37.66 -31.26
CA PHE G 129 -9.38 -36.67 -31.82
C PHE G 129 -9.53 -35.33 -31.12
N LEU G 130 -10.76 -34.84 -31.00
CA LEU G 130 -11.03 -33.55 -30.39
C LEU G 130 -10.79 -33.54 -28.88
N ASP G 131 -10.45 -34.68 -28.28
CA ASP G 131 -10.06 -34.75 -26.88
C ASP G 131 -8.55 -34.84 -26.70
N MET G 132 -7.78 -34.79 -27.79
CA MET G 132 -6.34 -34.98 -27.71
C MET G 132 -5.67 -33.70 -27.24
N THR G 133 -4.86 -33.82 -26.18
CA THR G 133 -4.15 -32.67 -25.63
C THR G 133 -2.84 -32.45 -26.38
N CYS G 134 -2.31 -31.23 -26.26
CA CYS G 134 -1.03 -30.91 -26.88
CA CYS G 134 -1.03 -30.92 -26.90
C CYS G 134 0.10 -31.78 -26.33
N ASP G 135 -0.06 -32.28 -25.10
CA ASP G 135 0.94 -33.18 -24.54
C ASP G 135 0.90 -34.54 -25.20
N GLN G 136 -0.31 -35.05 -25.47
CA GLN G 136 -0.43 -36.29 -26.24
C GLN G 136 0.12 -36.11 -27.64
N TRP G 137 -0.19 -34.98 -28.28
CA TRP G 137 0.33 -34.70 -29.61
C TRP G 137 1.85 -34.65 -29.60
N ALA G 138 2.43 -33.94 -28.64
CA ALA G 138 3.89 -33.87 -28.55
C ALA G 138 4.50 -35.24 -28.22
N LYS G 139 3.81 -36.02 -27.40
CA LYS G 139 4.34 -37.33 -27.02
C LYS G 139 4.30 -38.31 -28.18
N VAL G 140 3.22 -38.28 -28.98
CA VAL G 140 3.11 -39.23 -30.07
C VAL G 140 4.10 -38.90 -31.18
N LYS G 141 4.37 -37.61 -31.42
CA LYS G 141 5.42 -37.26 -32.38
C LYS G 141 6.79 -37.67 -31.88
N ALA G 142 6.99 -37.66 -30.56
CA ALA G 142 8.29 -38.02 -30.02
C ALA G 142 8.55 -39.52 -30.10
N THR G 143 7.54 -40.33 -29.78
CA THR G 143 7.73 -41.77 -29.75
C THR G 143 7.59 -42.41 -31.14
N ASN G 144 6.68 -41.89 -31.96
CA ASN G 144 6.40 -42.50 -33.26
C ASN G 144 7.29 -41.98 -34.38
N LEU G 145 7.72 -40.72 -34.32
CA LEU G 145 8.49 -40.13 -35.40
C LEU G 145 9.92 -39.77 -35.01
N ASP G 146 10.12 -39.21 -33.82
CA ASP G 146 11.46 -38.78 -33.42
C ASP G 146 12.39 -39.98 -33.23
N MET G 147 11.88 -41.06 -32.63
CA MET G 147 12.70 -42.27 -32.48
C MET G 147 13.09 -42.85 -33.83
N VAL G 148 12.24 -42.71 -34.84
CA VAL G 148 12.56 -43.22 -36.17
C VAL G 148 13.61 -42.35 -36.83
N PHE G 149 13.40 -41.03 -36.83
CA PHE G 149 14.34 -40.11 -37.48
C PHE G 149 15.72 -40.20 -36.84
N HIS G 150 15.80 -40.04 -35.53
CA HIS G 150 17.09 -40.10 -34.85
C HIS G 150 17.64 -41.51 -34.83
N GLY G 151 16.76 -42.51 -34.70
CA GLY G 151 17.22 -43.89 -34.73
C GLY G 151 17.82 -44.27 -36.07
N LEU G 152 17.21 -43.81 -37.17
CA LEU G 152 17.73 -44.12 -38.49
C LEU G 152 18.96 -43.29 -38.83
N GLN G 153 18.96 -42.00 -38.45
CA GLN G 153 20.16 -41.18 -38.64
C GLN G 153 21.34 -41.72 -37.86
N ALA G 154 21.09 -42.57 -36.86
CA ALA G 154 22.16 -43.12 -36.04
C ALA G 154 22.71 -44.43 -36.58
N VAL G 155 21.87 -45.27 -37.19
CA VAL G 155 22.29 -46.61 -37.58
C VAL G 155 22.78 -46.72 -39.02
N LEU G 156 22.50 -45.72 -39.86
CA LEU G 156 22.75 -45.86 -41.29
C LEU G 156 24.20 -45.62 -41.70
N PRO G 157 24.87 -44.56 -41.25
CA PRO G 157 26.27 -44.33 -41.67
C PRO G 157 27.18 -45.53 -41.42
N PRO G 158 27.09 -46.22 -40.27
CA PRO G 158 27.95 -47.39 -40.10
C PRO G 158 27.64 -48.51 -41.09
N MET G 159 26.41 -48.58 -41.58
CA MET G 159 26.04 -49.58 -42.59
C MET G 159 26.38 -49.10 -44.00
N VAL G 160 26.21 -47.80 -44.27
CA VAL G 160 26.54 -47.27 -45.59
C VAL G 160 28.02 -47.40 -45.87
N ALA G 161 28.85 -47.16 -44.86
CA ALA G 161 30.30 -47.30 -45.03
C ALA G 161 30.68 -48.75 -45.29
N ALA G 162 30.08 -49.69 -44.55
CA ALA G 162 30.37 -51.10 -44.73
C ALA G 162 29.81 -51.65 -46.03
N GLY G 163 28.91 -50.92 -46.69
CA GLY G 163 28.30 -51.39 -47.91
C GLY G 163 27.26 -52.47 -47.72
N ALA G 164 26.89 -52.79 -46.48
CA ALA G 164 25.91 -53.83 -46.22
C ALA G 164 25.24 -53.54 -44.88
N GLY G 165 23.96 -53.84 -44.81
CA GLY G 165 23.22 -53.64 -43.58
C GLY G 165 21.75 -53.97 -43.77
N GLN G 166 21.10 -54.28 -42.65
CA GLN G 166 19.68 -54.61 -42.64
C GLN G 166 19.05 -53.97 -41.42
N CYS G 167 17.98 -53.21 -41.63
CA CYS G 167 17.30 -52.50 -40.55
CA CYS G 167 17.30 -52.50 -40.55
C CYS G 167 15.80 -52.75 -40.63
N VAL G 168 15.20 -53.03 -39.48
CA VAL G 168 13.76 -53.25 -39.35
C VAL G 168 13.24 -52.29 -38.29
N VAL G 169 12.40 -51.35 -38.71
CA VAL G 169 11.82 -50.35 -37.82
C VAL G 169 10.43 -50.82 -37.41
N PHE G 170 10.20 -50.93 -36.11
CA PHE G 170 8.94 -51.43 -35.58
C PHE G 170 7.98 -50.26 -35.39
N THR G 171 6.96 -50.17 -36.23
CA THR G 171 5.93 -49.16 -36.09
C THR G 171 4.68 -49.78 -35.46
N SER G 172 3.57 -49.77 -36.19
CA SER G 172 2.34 -50.37 -35.71
C SER G 172 1.46 -50.70 -36.90
N ALA G 173 0.64 -51.75 -36.75
CA ALA G 173 -0.30 -52.10 -37.80
C ALA G 173 -1.30 -50.99 -38.07
N THR G 174 -1.53 -50.10 -37.08
CA THR G 174 -2.41 -48.97 -37.29
C THR G 174 -1.88 -48.01 -38.35
N GLY G 175 -0.61 -48.12 -38.71
CA GLY G 175 -0.06 -47.30 -39.78
C GLY G 175 -0.61 -47.62 -41.16
N GLY G 176 -1.22 -48.80 -41.31
CA GLY G 176 -1.85 -49.18 -42.56
C GLY G 176 -3.33 -48.83 -42.60
N ARG G 177 -3.94 -48.71 -41.43
CA ARG G 177 -5.34 -48.30 -41.30
C ARG G 177 -5.49 -47.37 -40.11
N PRO G 178 -5.06 -46.11 -40.24
CA PRO G 178 -5.35 -45.12 -39.19
C PRO G 178 -6.84 -44.97 -38.98
N ASP G 179 -7.37 -45.57 -37.94
CA ASP G 179 -8.79 -45.70 -37.71
C ASP G 179 -9.26 -44.71 -36.67
N PRO G 180 -10.58 -44.50 -36.56
CA PRO G 180 -11.13 -43.70 -35.45
C PRO G 180 -10.62 -44.18 -34.10
N MET G 181 -10.53 -43.24 -33.16
CA MET G 181 -9.99 -43.40 -31.81
C MET G 181 -8.49 -43.66 -31.79
N VAL G 182 -7.84 -43.77 -32.96
CA VAL G 182 -6.39 -43.93 -33.04
C VAL G 182 -5.89 -42.93 -34.07
N SER G 183 -6.42 -41.70 -34.01
CA SER G 183 -6.12 -40.71 -35.04
C SER G 183 -4.64 -40.33 -35.03
N ILE G 184 -4.18 -39.72 -33.94
CA ILE G 184 -2.81 -39.22 -33.92
C ILE G 184 -1.82 -40.37 -33.80
N TYR G 185 -2.18 -41.45 -33.11
CA TYR G 185 -1.28 -42.59 -33.01
C TYR G 185 -1.10 -43.27 -34.37
N GLY G 186 -2.20 -43.71 -34.98
CA GLY G 186 -2.10 -44.37 -36.27
C GLY G 186 -1.61 -43.45 -37.37
N GLY G 187 -1.98 -42.17 -37.30
CA GLY G 187 -1.55 -41.23 -38.33
C GLY G 187 -0.04 -41.08 -38.37
N THR G 188 0.59 -40.89 -37.20
CA THR G 188 2.04 -40.74 -37.16
C THR G 188 2.74 -42.06 -37.48
N ARG G 189 2.13 -43.19 -37.13
CA ARG G 189 2.69 -44.48 -37.53
C ARG G 189 2.71 -44.61 -39.05
N ALA G 190 1.67 -44.10 -39.72
CA ALA G 190 1.70 -44.04 -41.18
C ALA G 190 2.84 -43.14 -41.65
N GLY G 191 3.07 -42.03 -40.96
CA GLY G 191 4.21 -41.17 -41.30
C GLY G 191 5.53 -41.88 -41.10
N ALA G 192 5.64 -42.69 -40.03
CA ALA G 192 6.84 -43.46 -39.82
C ALA G 192 7.06 -44.46 -40.94
N ASN G 193 5.99 -45.11 -41.39
CA ASN G 193 6.09 -46.01 -42.54
C ASN G 193 6.58 -45.26 -43.78
N GLY G 194 6.05 -44.06 -44.00
CA GLY G 194 6.48 -43.27 -45.15
C GLY G 194 7.95 -42.90 -45.09
N ILE G 195 8.45 -42.61 -43.89
CA ILE G 195 9.87 -42.32 -43.72
C ILE G 195 10.70 -43.56 -44.05
N VAL G 196 10.32 -44.71 -43.47
CA VAL G 196 11.05 -45.95 -43.71
C VAL G 196 11.08 -46.27 -45.20
N ARG G 197 9.99 -46.02 -45.91
CA ARG G 197 9.95 -46.30 -47.34
C ARG G 197 10.97 -45.44 -48.08
N ALA G 198 10.90 -44.12 -47.89
CA ALA G 198 11.84 -43.23 -48.57
C ALA G 198 13.28 -43.52 -48.18
N VAL G 199 13.51 -43.92 -46.93
CA VAL G 199 14.88 -44.17 -46.48
C VAL G 199 15.40 -45.48 -47.07
N GLY G 200 14.54 -46.52 -47.11
CA GLY G 200 14.98 -47.78 -47.68
C GLY G 200 15.32 -47.67 -49.15
N LEU G 201 14.59 -46.83 -49.88
CA LEU G 201 14.87 -46.64 -51.30
C LEU G 201 16.09 -45.74 -51.53
N GLU G 202 16.30 -44.75 -50.65
CA GLU G 202 17.43 -43.84 -50.82
C GLU G 202 18.77 -44.57 -50.64
N HIS G 203 18.85 -45.45 -49.65
CA HIS G 203 20.10 -46.12 -49.31
C HIS G 203 20.13 -47.57 -49.80
N ALA G 204 19.24 -47.93 -50.72
CA ALA G 204 19.30 -49.26 -51.31
C ALA G 204 20.57 -49.45 -52.14
N ARG G 205 21.00 -48.38 -52.83
CA ARG G 205 22.21 -48.46 -53.65
C ARG G 205 23.46 -48.71 -52.83
N HIS G 206 23.41 -48.48 -51.52
CA HIS G 206 24.53 -48.76 -50.64
C HIS G 206 24.47 -50.16 -50.03
N GLY G 207 23.52 -50.98 -50.46
CA GLY G 207 23.42 -52.35 -50.00
C GLY G 207 22.81 -52.53 -48.63
N VAL G 208 22.15 -51.51 -48.09
CA VAL G 208 21.51 -51.59 -46.78
C VAL G 208 20.00 -51.55 -46.99
N GLN G 209 19.29 -52.43 -46.27
CA GLN G 209 17.83 -52.52 -46.35
C GLN G 209 17.20 -51.94 -45.10
N VAL G 210 16.19 -51.09 -45.30
CA VAL G 210 15.38 -50.56 -44.20
C VAL G 210 13.93 -50.91 -44.49
N ASN G 211 13.32 -51.70 -43.61
CA ASN G 211 11.94 -52.11 -43.73
C ASN G 211 11.22 -51.86 -42.42
N ALA G 212 9.89 -51.89 -42.46
CA ALA G 212 9.06 -51.63 -41.30
C ALA G 212 8.11 -52.79 -41.07
N ILE G 213 7.92 -53.15 -39.80
CA ILE G 213 6.96 -54.16 -39.39
C ILE G 213 5.97 -53.50 -38.43
N GLY G 214 4.69 -53.60 -38.75
CA GLY G 214 3.66 -53.04 -37.89
C GLY G 214 2.67 -54.09 -37.42
N THR G 215 2.65 -54.35 -36.12
CA THR G 215 1.87 -55.43 -35.56
C THR G 215 0.65 -54.90 -34.80
N ASN G 216 -0.19 -55.84 -34.39
CA ASN G 216 -1.36 -55.60 -33.55
C ASN G 216 -1.89 -56.95 -33.10
N TYR G 217 -2.60 -56.95 -31.98
CA TYR G 217 -3.14 -58.16 -31.36
C TYR G 217 -2.02 -59.17 -31.09
N MET G 218 -1.21 -58.84 -30.09
CA MET G 218 -0.05 -59.62 -29.72
C MET G 218 -0.21 -60.18 -28.30
N ASP G 219 0.64 -61.14 -27.98
CA ASP G 219 0.70 -61.73 -26.64
C ASP G 219 1.87 -61.17 -25.86
N PHE G 220 1.95 -59.85 -25.77
CA PHE G 220 2.93 -59.16 -24.95
C PHE G 220 2.20 -58.54 -23.75
N PRO G 221 2.60 -58.88 -22.51
CA PRO G 221 1.80 -58.49 -21.33
C PRO G 221 1.31 -57.05 -21.31
N GLY G 222 1.97 -56.17 -22.07
CA GLY G 222 1.45 -54.82 -22.21
C GLY G 222 0.13 -54.78 -22.96
N PHE G 223 0.04 -55.53 -24.06
CA PHE G 223 -1.22 -55.61 -24.81
C PHE G 223 -2.28 -56.33 -24.00
N LEU G 224 -1.91 -57.40 -23.29
CA LEU G 224 -2.86 -58.11 -22.45
C LEU G 224 -3.40 -57.22 -21.34
N LYS G 225 -2.63 -56.22 -20.92
CA LYS G 225 -3.04 -55.35 -19.82
C LYS G 225 -3.80 -54.11 -20.29
N ALA G 226 -3.57 -53.67 -21.52
CA ALA G 226 -4.31 -52.52 -22.04
C ALA G 226 -5.80 -52.81 -22.13
N SER G 227 -6.16 -54.08 -22.31
CA SER G 227 -7.55 -54.52 -22.27
C SER G 227 -7.57 -55.93 -21.70
N ARG G 228 -8.44 -56.15 -20.71
CA ARG G 228 -8.48 -57.42 -19.97
C ARG G 228 -7.19 -57.64 -19.20
N ASP G 232 -9.41 -61.79 -17.49
CA ASP G 232 -10.73 -62.21 -17.93
C ASP G 232 -10.67 -62.96 -19.26
N PRO G 233 -10.82 -64.28 -19.21
CA PRO G 233 -10.84 -65.05 -20.47
C PRO G 233 -11.98 -64.67 -21.39
N GLU G 234 -13.08 -64.16 -20.84
CA GLU G 234 -14.17 -63.68 -21.69
C GLU G 234 -13.79 -62.41 -22.42
N ARG G 235 -13.14 -61.46 -21.73
CA ARG G 235 -12.65 -60.26 -22.39
C ARG G 235 -11.54 -60.60 -23.39
N ARG G 236 -10.78 -61.66 -23.13
CA ARG G 236 -9.83 -62.14 -24.12
C ARG G 236 -10.55 -62.75 -25.32
N ALA G 237 -11.60 -63.54 -25.07
CA ALA G 237 -12.32 -64.20 -26.14
C ALA G 237 -12.88 -63.20 -27.15
N MET G 238 -13.27 -62.01 -26.68
CA MET G 238 -13.76 -60.98 -27.58
C MET G 238 -12.64 -60.28 -28.35
N ILE G 239 -11.38 -60.54 -28.00
CA ILE G 239 -10.27 -59.89 -28.70
C ILE G 239 -9.93 -60.65 -29.98
N GLU G 240 -9.71 -61.96 -29.88
CA GLU G 240 -9.46 -62.76 -31.08
C GLU G 240 -10.67 -62.80 -32.00
N ALA G 241 -11.86 -62.49 -31.48
CA ALA G 241 -13.05 -62.45 -32.33
C ALA G 241 -12.95 -61.35 -33.37
N GLN G 242 -12.24 -60.25 -33.05
CA GLN G 242 -12.02 -59.17 -34.00
C GLN G 242 -10.85 -59.44 -34.93
N VAL G 243 -10.02 -60.43 -34.63
CA VAL G 243 -8.84 -60.73 -35.44
C VAL G 243 -9.21 -61.77 -36.49
N PRO G 244 -8.96 -61.52 -37.77
CA PRO G 244 -8.89 -62.64 -38.72
C PRO G 244 -7.81 -63.60 -38.27
N LEU G 245 -8.00 -64.89 -38.61
CA LEU G 245 -7.24 -66.02 -38.10
C LEU G 245 -7.58 -66.33 -36.64
N ARG G 246 -8.44 -65.52 -36.01
CA ARG G 246 -9.02 -65.78 -34.69
C ARG G 246 -7.99 -66.27 -33.67
N ARG G 247 -7.03 -65.42 -33.32
CA ARG G 247 -6.00 -65.76 -32.35
C ARG G 247 -5.15 -64.53 -32.04
N LEU G 248 -4.20 -64.69 -31.11
CA LEU G 248 -3.22 -63.65 -30.81
C LEU G 248 -1.84 -64.11 -31.25
N GLY G 249 -1.01 -63.16 -31.68
CA GLY G 249 0.32 -63.49 -32.14
C GLY G 249 1.28 -63.78 -31.00
N THR G 250 2.23 -64.67 -31.27
CA THR G 250 3.27 -65.03 -30.31
C THR G 250 4.58 -64.36 -30.69
N MET G 251 5.41 -64.10 -29.68
CA MET G 251 6.69 -63.46 -29.91
C MET G 251 7.67 -64.38 -30.64
N ASP G 252 7.47 -65.70 -30.56
CA ASP G 252 8.29 -66.61 -31.36
C ASP G 252 7.98 -66.49 -32.84
N GLU G 253 6.73 -66.17 -33.18
CA GLU G 253 6.36 -65.99 -34.58
C GLU G 253 6.96 -64.72 -35.15
N LEU G 254 6.81 -63.59 -34.44
CA LEU G 254 7.36 -62.33 -34.92
C LEU G 254 8.88 -62.39 -35.03
N SER G 255 9.55 -62.94 -34.01
CA SER G 255 11.01 -63.04 -34.06
C SER G 255 11.47 -63.76 -35.31
N SER G 256 10.73 -64.79 -35.75
CA SER G 256 11.07 -65.49 -36.96
C SER G 256 10.95 -64.59 -38.19
N VAL G 257 9.86 -63.83 -38.28
CA VAL G 257 9.68 -62.92 -39.40
C VAL G 257 10.70 -61.79 -39.33
N THR G 258 10.93 -61.23 -38.14
CA THR G 258 11.87 -60.14 -38.01
C THR G 258 13.30 -60.59 -38.34
N ALA G 259 13.71 -61.73 -37.79
CA ALA G 259 15.08 -62.19 -37.99
C ALA G 259 15.36 -62.43 -39.47
N GLY G 260 14.37 -62.91 -40.23
CA GLY G 260 14.60 -63.19 -41.64
C GLY G 260 14.96 -61.95 -42.43
N LEU G 261 14.59 -60.78 -41.94
CA LEU G 261 14.92 -59.52 -42.62
C LEU G 261 16.25 -58.93 -42.14
N LEU G 262 16.85 -59.48 -41.09
CA LEU G 262 18.08 -58.94 -40.53
C LEU G 262 19.28 -59.88 -40.63
N ASP G 263 19.06 -61.18 -40.83
CA ASP G 263 20.14 -62.14 -40.80
C ASP G 263 20.94 -62.24 -42.09
N GLY G 264 20.51 -61.55 -43.14
CA GLY G 264 21.18 -61.63 -44.42
C GLY G 264 20.69 -62.72 -45.35
N SER G 265 19.71 -63.51 -44.92
CA SER G 265 19.13 -64.50 -45.82
C SER G 265 18.31 -63.82 -46.92
N ASN G 266 17.46 -62.88 -46.54
CA ASN G 266 16.71 -62.07 -47.50
C ASN G 266 17.42 -60.72 -47.65
N ARG G 267 17.75 -60.38 -48.91
CA ARG G 267 18.41 -59.10 -49.20
C ARG G 267 17.79 -58.45 -50.44
N PHE G 268 16.51 -58.71 -50.70
CA PHE G 268 15.83 -58.18 -51.88
C PHE G 268 14.54 -57.45 -51.51
N GLN G 269 14.42 -56.97 -50.28
CA GLN G 269 13.25 -56.21 -49.84
C GLN G 269 13.72 -55.00 -49.04
N THR G 270 13.41 -53.80 -49.52
CA THR G 270 13.74 -52.58 -48.81
C THR G 270 12.62 -51.57 -48.99
N GLY G 271 12.49 -50.67 -48.01
CA GLY G 271 11.49 -49.62 -48.07
C GLY G 271 10.06 -50.09 -48.08
N GLN G 272 9.78 -51.23 -47.44
CA GLN G 272 8.45 -51.83 -47.47
C GLN G 272 7.89 -51.95 -46.06
N PHE G 273 6.57 -52.09 -45.99
CA PHE G 273 5.84 -52.21 -44.73
C PHE G 273 5.12 -53.55 -44.71
N PHE G 274 5.39 -54.35 -43.67
CA PHE G 274 4.84 -55.69 -43.54
C PHE G 274 3.89 -55.74 -42.35
N ASP G 275 2.60 -55.90 -42.64
CA ASP G 275 1.63 -56.06 -41.58
C ASP G 275 1.80 -57.40 -40.88
N PHE G 276 1.61 -57.40 -39.56
CA PHE G 276 1.69 -58.61 -38.74
C PHE G 276 0.56 -58.52 -37.70
N SER G 277 -0.68 -58.68 -38.16
CA SER G 277 -1.85 -58.54 -37.30
C SER G 277 -2.87 -59.63 -37.58
N GLY G 278 -2.43 -60.75 -38.14
CA GLY G 278 -3.34 -61.84 -38.45
C GLY G 278 -4.30 -61.54 -39.57
N GLY G 279 -3.98 -60.57 -40.41
CA GLY G 279 -4.90 -60.13 -41.45
C GLY G 279 -5.78 -58.96 -41.05
N TRP G 280 -5.66 -58.46 -39.82
CA TRP G 280 -6.43 -57.30 -39.40
C TRP G 280 -6.08 -56.08 -40.23
N GLY G 281 -4.85 -56.00 -40.73
CA GLY G 281 -4.44 -54.89 -41.58
C GLY G 281 -4.13 -55.32 -43.00
N ALA G 282 -4.86 -56.33 -43.49
CA ALA G 282 -4.66 -56.81 -44.85
C ALA G 282 -5.54 -56.04 -45.83
N ASN H 26 -20.18 -27.42 -82.71
CA ASN H 26 -19.09 -28.35 -82.43
C ASN H 26 -19.11 -28.79 -80.97
N ARG H 27 -20.25 -29.27 -80.52
CA ARG H 27 -20.39 -29.69 -79.13
C ARG H 27 -19.71 -31.06 -78.93
N PRO H 28 -18.95 -31.22 -77.85
CA PRO H 28 -18.34 -32.52 -77.58
C PRO H 28 -19.38 -33.61 -77.42
N VAL H 29 -18.93 -34.85 -77.57
CA VAL H 29 -19.80 -36.02 -77.48
C VAL H 29 -19.34 -36.89 -76.32
N ALA H 30 -20.30 -37.41 -75.55
CA ALA H 30 -20.02 -38.23 -74.39
C ALA H 30 -20.79 -39.54 -74.48
N LEU H 31 -20.11 -40.64 -74.23
CA LEU H 31 -20.71 -41.98 -74.25
C LEU H 31 -20.99 -42.42 -72.82
N ILE H 32 -22.21 -42.90 -72.58
CA ILE H 32 -22.61 -43.41 -71.28
C ILE H 32 -23.31 -44.75 -71.44
N THR H 33 -22.62 -45.84 -71.11
CA THR H 33 -23.23 -47.18 -71.20
C THR H 33 -24.14 -47.43 -70.00
N MET H 34 -25.01 -48.42 -70.15
CA MET H 34 -25.97 -48.81 -69.11
C MET H 34 -26.80 -47.62 -68.64
N ALA H 35 -27.09 -46.69 -69.55
CA ALA H 35 -27.66 -45.40 -69.22
C ALA H 35 -29.16 -45.45 -68.93
N THR H 36 -29.75 -46.63 -68.75
CA THR H 36 -31.15 -46.74 -68.37
C THR H 36 -31.34 -46.92 -66.87
N GLY H 37 -30.26 -47.12 -66.13
CA GLY H 37 -30.30 -47.18 -64.68
C GLY H 37 -28.97 -46.74 -64.12
N TYR H 38 -28.80 -46.86 -62.80
CA TYR H 38 -27.54 -46.53 -62.13
C TYR H 38 -27.25 -45.05 -62.39
N VAL H 39 -26.03 -44.67 -62.79
CA VAL H 39 -25.67 -43.27 -62.93
C VAL H 39 -26.06 -42.68 -64.28
N GLY H 40 -26.29 -43.51 -65.30
CA GLY H 40 -26.58 -43.08 -66.64
C GLY H 40 -27.57 -41.93 -66.78
N PRO H 41 -28.78 -42.07 -66.21
CA PRO H 41 -29.78 -41.01 -66.32
C PRO H 41 -29.30 -39.67 -65.77
N ALA H 42 -28.97 -39.62 -64.48
CA ALA H 42 -28.55 -38.36 -63.87
C ALA H 42 -27.28 -37.84 -64.51
N LEU H 43 -26.35 -38.73 -64.88
CA LEU H 43 -25.15 -38.30 -65.59
C LEU H 43 -25.49 -37.67 -66.92
N ALA H 44 -26.47 -38.22 -67.64
CA ALA H 44 -26.84 -37.69 -68.95
C ALA H 44 -27.32 -36.26 -68.86
N ARG H 45 -28.16 -35.94 -67.87
CA ARG H 45 -28.69 -34.59 -67.74
C ARG H 45 -27.56 -33.59 -67.49
N THR H 46 -26.63 -33.93 -66.59
CA THR H 46 -25.58 -32.98 -66.22
C THR H 46 -24.60 -32.77 -67.37
N MET H 47 -24.27 -33.82 -68.12
CA MET H 47 -23.36 -33.66 -69.25
C MET H 47 -23.98 -32.81 -70.35
N ALA H 48 -25.30 -32.87 -70.52
CA ALA H 48 -25.95 -32.00 -71.47
C ALA H 48 -25.88 -30.54 -71.03
N ASP H 49 -25.89 -30.29 -69.71
CA ASP H 49 -25.80 -28.93 -69.21
C ASP H 49 -24.43 -28.31 -69.45
N ARG H 50 -23.39 -29.14 -69.55
CA ARG H 50 -22.05 -28.65 -69.85
C ARG H 50 -21.81 -28.46 -71.34
N GLY H 51 -22.84 -28.61 -72.17
CA GLY H 51 -22.70 -28.38 -73.59
C GLY H 51 -22.14 -29.54 -74.38
N PHE H 52 -22.61 -30.76 -74.10
CA PHE H 52 -22.08 -31.95 -74.74
C PHE H 52 -23.20 -32.68 -75.49
N ASP H 53 -22.81 -33.39 -76.54
CA ASP H 53 -23.69 -34.32 -77.24
C ASP H 53 -23.51 -35.72 -76.66
N LEU H 54 -24.54 -36.54 -76.81
CA LEU H 54 -24.63 -37.76 -76.02
C LEU H 54 -24.99 -38.97 -76.88
N VAL H 55 -24.44 -40.11 -76.48
CA VAL H 55 -24.76 -41.41 -77.08
C VAL H 55 -25.06 -42.36 -75.92
N LEU H 56 -26.33 -42.69 -75.73
CA LEU H 56 -26.79 -43.46 -74.59
C LEU H 56 -26.97 -44.92 -74.97
N HIS H 57 -26.50 -45.81 -74.10
CA HIS H 57 -26.67 -47.25 -74.27
C HIS H 57 -27.47 -47.80 -73.09
N GLY H 58 -28.27 -48.81 -73.36
CA GLY H 58 -29.03 -49.44 -72.29
C GLY H 58 -29.95 -50.52 -72.81
N THR H 59 -30.90 -50.89 -71.96
CA THR H 59 -31.86 -51.96 -72.24
C THR H 59 -33.18 -51.34 -72.69
N ALA H 60 -33.56 -51.60 -73.94
CA ALA H 60 -34.74 -50.98 -74.52
C ALA H 60 -36.02 -51.48 -73.85
N GLY H 61 -37.06 -50.64 -73.89
CA GLY H 61 -38.34 -50.95 -73.30
C GLY H 61 -38.86 -49.74 -72.53
N ASP H 62 -39.80 -50.00 -71.62
CA ASP H 62 -40.36 -48.98 -70.77
C ASP H 62 -39.91 -49.19 -69.32
N GLY H 63 -40.66 -48.61 -68.38
CA GLY H 63 -40.32 -48.74 -66.98
C GLY H 63 -40.59 -50.12 -66.41
N THR H 64 -41.60 -50.81 -66.95
CA THR H 64 -41.92 -52.16 -66.48
C THR H 64 -40.86 -53.18 -66.86
N MET H 65 -39.89 -52.82 -67.71
CA MET H 65 -38.90 -53.76 -68.19
C MET H 65 -37.70 -53.80 -67.25
N VAL H 66 -37.24 -55.02 -66.96
CA VAL H 66 -36.17 -55.21 -65.99
C VAL H 66 -34.90 -54.49 -66.44
N GLY H 67 -34.23 -53.85 -65.50
CA GLY H 67 -33.00 -53.13 -65.78
C GLY H 67 -33.20 -51.73 -66.32
N VAL H 68 -34.44 -51.30 -66.55
CA VAL H 68 -34.73 -49.97 -67.07
C VAL H 68 -35.37 -49.17 -65.93
N GLU H 69 -34.57 -48.29 -65.33
CA GLU H 69 -35.09 -47.36 -64.35
C GLU H 69 -35.50 -46.02 -64.96
N GLU H 70 -34.94 -45.68 -66.12
CA GLU H 70 -35.31 -44.48 -66.86
C GLU H 70 -35.24 -44.83 -68.35
N SER H 71 -36.40 -44.94 -68.98
CA SER H 71 -36.45 -45.37 -70.38
C SER H 71 -35.77 -44.35 -71.29
N PHE H 72 -35.35 -44.83 -72.46
CA PHE H 72 -34.69 -43.97 -73.45
C PHE H 72 -35.58 -42.79 -73.83
N ASP H 73 -36.88 -43.04 -73.96
CA ASP H 73 -37.80 -42.00 -74.42
C ASP H 73 -37.90 -40.87 -73.42
N SER H 74 -38.06 -41.20 -72.13
CA SER H 74 -38.17 -40.17 -71.11
C SER H 74 -36.92 -39.30 -71.06
N GLN H 75 -35.76 -39.91 -71.28
CA GLN H 75 -34.53 -39.12 -71.30
C GLN H 75 -34.43 -38.30 -72.58
N ILE H 76 -34.71 -38.91 -73.74
CA ILE H 76 -34.63 -38.21 -75.01
C ILE H 76 -35.46 -36.92 -74.98
N ALA H 77 -36.51 -36.88 -74.16
CA ALA H 77 -37.33 -35.67 -74.03
C ALA H 77 -36.59 -34.61 -73.22
N ASP H 78 -36.19 -34.94 -71.99
CA ASP H 78 -35.51 -33.97 -71.14
C ASP H 78 -34.16 -33.58 -71.70
N LEU H 79 -33.49 -34.51 -72.38
CA LEU H 79 -32.15 -34.23 -72.90
C LEU H 79 -32.20 -33.32 -74.12
N ALA H 80 -33.29 -33.37 -74.89
CA ALA H 80 -33.50 -32.38 -75.94
C ALA H 80 -33.92 -31.04 -75.36
N LYS H 81 -34.62 -31.06 -74.22
CA LYS H 81 -35.00 -29.81 -73.56
C LYS H 81 -33.76 -29.06 -73.08
N ARG H 82 -32.78 -29.77 -72.55
CA ARG H 82 -31.48 -29.18 -72.22
C ARG H 82 -30.64 -28.93 -73.46
N GLY H 83 -31.23 -29.06 -74.65
CA GLY H 83 -30.54 -28.82 -75.90
C GLY H 83 -29.40 -29.79 -76.13
N ALA H 84 -29.72 -31.05 -76.42
CA ALA H 84 -28.70 -32.06 -76.65
C ALA H 84 -29.25 -33.13 -77.57
N ASP H 85 -28.50 -33.46 -78.61
CA ASP H 85 -28.86 -34.52 -79.53
C ASP H 85 -28.36 -35.86 -78.99
N VAL H 86 -29.26 -36.84 -78.92
CA VAL H 86 -28.94 -38.14 -78.33
C VAL H 86 -29.07 -39.21 -79.40
N LEU H 87 -28.22 -40.22 -79.30
CA LEU H 87 -28.29 -41.42 -80.12
C LEU H 87 -28.33 -42.63 -79.19
N THR H 88 -29.36 -43.45 -79.32
CA THR H 88 -29.55 -44.60 -78.46
C THR H 88 -29.05 -45.87 -79.13
N ILE H 89 -28.49 -46.76 -78.32
CA ILE H 89 -27.89 -48.01 -78.80
C ILE H 89 -28.26 -49.11 -77.82
N SER H 90 -28.84 -50.20 -78.33
CA SER H 90 -29.32 -51.27 -77.45
C SER H 90 -29.11 -52.67 -78.02
N ASP H 91 -28.39 -52.82 -79.13
CA ASP H 91 -28.25 -54.11 -79.79
C ASP H 91 -26.83 -54.66 -79.73
N VAL H 92 -26.03 -54.22 -78.77
CA VAL H 92 -24.63 -54.62 -78.67
C VAL H 92 -24.42 -55.43 -77.41
N ASP H 93 -23.56 -56.44 -77.49
CA ASP H 93 -23.08 -57.17 -76.33
C ASP H 93 -21.71 -56.61 -75.97
N LEU H 94 -21.64 -55.88 -74.87
CA LEU H 94 -20.45 -55.11 -74.51
C LEU H 94 -19.35 -55.95 -73.88
N THR H 95 -19.62 -57.20 -73.55
CA THR H 95 -18.55 -58.11 -73.11
C THR H 95 -17.73 -58.63 -74.29
N THR H 96 -18.10 -58.28 -75.51
CA THR H 96 -17.40 -58.73 -76.70
C THR H 96 -16.71 -57.55 -77.40
N ARG H 97 -15.60 -57.85 -78.07
CA ARG H 97 -14.91 -56.84 -78.85
C ARG H 97 -15.82 -56.26 -79.93
N THR H 98 -16.63 -57.11 -80.56
CA THR H 98 -17.48 -56.66 -81.66
C THR H 98 -18.57 -55.72 -81.18
N GLY H 99 -19.19 -56.03 -80.03
CA GLY H 99 -20.22 -55.15 -79.51
C GLY H 99 -19.71 -53.76 -79.19
N ASN H 100 -18.51 -53.67 -78.62
CA ASN H 100 -17.94 -52.38 -78.29
C ASN H 100 -17.38 -51.67 -79.52
N GLN H 101 -16.79 -52.42 -80.44
CA GLN H 101 -16.23 -51.81 -81.64
C GLN H 101 -17.33 -51.22 -82.52
N SER H 102 -18.47 -51.90 -82.62
CA SER H 102 -19.60 -51.35 -83.37
C SER H 102 -20.22 -50.17 -82.64
N MET H 103 -20.17 -50.16 -81.31
CA MET H 103 -20.70 -49.03 -80.55
C MET H 103 -19.92 -47.76 -80.84
N ILE H 104 -18.59 -47.87 -80.96
CA ILE H 104 -17.77 -46.71 -81.25
C ILE H 104 -17.93 -46.30 -82.71
N GLU H 105 -18.07 -47.27 -83.61
CA GLU H 105 -18.28 -46.96 -85.02
C GLU H 105 -19.56 -46.16 -85.24
N ARG H 106 -20.63 -46.52 -84.53
CA ARG H 106 -21.88 -45.77 -84.65
C ARG H 106 -21.81 -44.42 -83.96
N VAL H 107 -20.84 -44.21 -83.08
CA VAL H 107 -20.63 -42.90 -82.49
C VAL H 107 -19.97 -41.96 -83.49
N LEU H 108 -18.86 -42.38 -84.07
CA LEU H 108 -18.15 -41.57 -85.06
C LEU H 108 -18.96 -41.35 -86.33
N GLU H 109 -20.05 -42.10 -86.52
CA GLU H 109 -20.91 -41.87 -87.67
C GLU H 109 -21.92 -40.76 -87.39
N ARG H 110 -22.65 -40.87 -86.27
CA ARG H 110 -23.68 -39.90 -85.95
C ARG H 110 -23.08 -38.55 -85.60
N PHE H 111 -22.10 -38.52 -84.69
CA PHE H 111 -21.56 -37.27 -84.19
C PHE H 111 -20.14 -36.97 -84.66
N GLY H 112 -19.41 -37.95 -85.16
CA GLY H 112 -18.11 -37.70 -85.76
C GLY H 112 -16.99 -37.39 -84.81
N ARG H 113 -17.18 -37.60 -83.50
CA ARG H 113 -16.14 -37.33 -82.52
C ARG H 113 -16.52 -37.99 -81.21
N LEU H 114 -15.50 -38.44 -80.48
CA LEU H 114 -15.68 -38.99 -79.14
C LEU H 114 -14.69 -38.29 -78.21
N ASP H 115 -15.21 -37.48 -77.29
CA ASP H 115 -14.37 -36.78 -76.32
C ASP H 115 -14.45 -37.38 -74.93
N SER H 116 -15.60 -37.89 -74.52
CA SER H 116 -15.78 -38.44 -73.19
C SER H 116 -16.48 -39.79 -73.29
N ALA H 117 -16.12 -40.70 -72.39
CA ALA H 117 -16.69 -42.04 -72.36
C ALA H 117 -16.84 -42.49 -70.91
N CYS H 118 -18.05 -42.93 -70.56
CA CYS H 118 -18.34 -43.47 -69.23
C CYS H 118 -18.79 -44.91 -69.40
N LEU H 119 -17.89 -45.85 -69.13
CA LEU H 119 -18.15 -47.28 -69.36
C LEU H 119 -18.55 -47.93 -68.03
N VAL H 120 -19.85 -47.99 -67.79
CA VAL H 120 -20.36 -48.73 -66.64
C VAL H 120 -20.23 -50.22 -66.93
N THR H 121 -19.54 -50.93 -66.04
CA THR H 121 -19.28 -52.35 -66.22
C THR H 121 -19.55 -53.10 -64.92
N GLY H 122 -19.81 -54.39 -65.05
CA GLY H 122 -19.85 -55.28 -63.91
C GLY H 122 -21.23 -55.83 -63.64
N LEU H 123 -21.25 -56.95 -62.92
CA LEU H 123 -22.47 -57.59 -62.45
C LEU H 123 -22.17 -58.26 -61.12
N ILE H 124 -23.02 -58.05 -60.13
CA ILE H 124 -22.73 -58.47 -58.76
C ILE H 124 -22.86 -59.99 -58.64
N VAL H 125 -21.96 -60.60 -57.88
CA VAL H 125 -22.06 -62.01 -57.51
C VAL H 125 -21.41 -62.20 -56.15
N THR H 126 -22.16 -62.72 -55.19
CA THR H 126 -21.68 -62.94 -53.83
C THR H 126 -21.79 -64.41 -53.47
N GLY H 127 -21.23 -64.76 -52.31
CA GLY H 127 -21.25 -66.11 -51.83
C GLY H 127 -19.87 -66.62 -51.46
N LYS H 128 -19.82 -67.73 -50.72
CA LYS H 128 -18.55 -68.31 -50.32
C LYS H 128 -17.69 -68.63 -51.53
N PHE H 129 -16.37 -68.47 -51.38
CA PHE H 129 -15.46 -68.72 -52.48
C PHE H 129 -15.54 -70.18 -52.94
N LEU H 130 -15.51 -71.11 -51.98
CA LEU H 130 -15.57 -72.53 -52.29
C LEU H 130 -16.92 -72.99 -52.79
N ASP H 131 -17.92 -72.11 -52.83
CA ASP H 131 -19.24 -72.42 -53.37
C ASP H 131 -19.44 -71.86 -54.78
N MET H 132 -18.46 -71.15 -55.32
CA MET H 132 -18.62 -70.46 -56.59
C MET H 132 -18.55 -71.46 -57.75
N THR H 133 -19.62 -71.50 -58.55
CA THR H 133 -19.68 -72.40 -59.68
C THR H 133 -18.86 -71.85 -60.84
N CYS H 134 -18.56 -72.73 -61.80
CA CYS H 134 -17.72 -72.33 -62.94
C CYS H 134 -18.40 -71.28 -63.80
N ASP H 135 -19.73 -71.24 -63.80
CA ASP H 135 -20.43 -70.22 -64.57
C ASP H 135 -20.30 -68.85 -63.92
N GLN H 136 -20.30 -68.80 -62.59
CA GLN H 136 -20.08 -67.54 -61.89
C GLN H 136 -18.69 -66.99 -62.18
N TRP H 137 -17.68 -67.85 -62.19
CA TRP H 137 -16.32 -67.42 -62.47
C TRP H 137 -16.20 -66.88 -63.89
N ALA H 138 -16.76 -67.61 -64.86
CA ALA H 138 -16.70 -67.14 -66.24
C ALA H 138 -17.55 -65.89 -66.46
N LYS H 139 -18.67 -65.78 -65.74
CA LYS H 139 -19.52 -64.60 -65.89
C LYS H 139 -18.87 -63.37 -65.25
N VAL H 140 -18.26 -63.54 -64.08
CA VAL H 140 -17.64 -62.39 -63.43
C VAL H 140 -16.41 -61.92 -64.21
N LYS H 141 -15.71 -62.85 -64.87
CA LYS H 141 -14.62 -62.44 -65.74
C LYS H 141 -15.13 -61.67 -66.95
N ALA H 142 -16.35 -61.99 -67.41
CA ALA H 142 -16.91 -61.32 -68.56
C ALA H 142 -17.46 -59.94 -68.21
N THR H 143 -18.07 -59.79 -67.04
CA THR H 143 -18.67 -58.52 -66.68
C THR H 143 -17.68 -57.56 -66.06
N ASN H 144 -16.69 -58.06 -65.31
CA ASN H 144 -15.76 -57.18 -64.60
C ASN H 144 -14.53 -56.82 -65.42
N LEU H 145 -14.04 -57.74 -66.26
CA LEU H 145 -12.81 -57.53 -67.01
C LEU H 145 -13.04 -57.38 -68.50
N ASP H 146 -13.85 -58.26 -69.09
CA ASP H 146 -14.01 -58.26 -70.54
C ASP H 146 -14.62 -56.95 -71.03
N MET H 147 -15.64 -56.45 -70.33
CA MET H 147 -16.23 -55.16 -70.69
C MET H 147 -15.18 -54.06 -70.67
N VAL H 148 -14.29 -54.08 -69.67
CA VAL H 148 -13.27 -53.03 -69.56
C VAL H 148 -12.22 -53.18 -70.65
N PHE H 149 -11.82 -54.42 -70.94
CA PHE H 149 -10.80 -54.64 -71.97
C PHE H 149 -11.30 -54.20 -73.34
N HIS H 150 -12.52 -54.60 -73.69
CA HIS H 150 -13.07 -54.26 -75.00
C HIS H 150 -13.58 -52.82 -75.03
N GLY H 151 -14.18 -52.36 -73.92
CA GLY H 151 -14.64 -50.98 -73.88
C GLY H 151 -13.51 -49.99 -74.01
N LEU H 152 -12.36 -50.28 -73.40
CA LEU H 152 -11.22 -49.38 -73.49
C LEU H 152 -10.52 -49.51 -74.84
N GLN H 153 -10.45 -50.72 -75.38
CA GLN H 153 -9.84 -50.91 -76.69
C GLN H 153 -10.64 -50.25 -77.80
N ALA H 154 -11.89 -49.87 -77.52
CA ALA H 154 -12.77 -49.25 -78.51
C ALA H 154 -12.80 -47.73 -78.42
N VAL H 155 -12.79 -47.17 -77.22
CA VAL H 155 -12.94 -45.72 -77.08
C VAL H 155 -11.62 -44.98 -77.19
N LEU H 156 -10.49 -45.66 -77.05
CA LEU H 156 -9.20 -44.99 -77.00
C LEU H 156 -8.66 -44.60 -78.37
N PRO H 157 -8.75 -45.44 -79.40
CA PRO H 157 -8.25 -45.03 -80.74
C PRO H 157 -8.84 -43.72 -81.21
N PRO H 158 -10.17 -43.49 -81.11
CA PRO H 158 -10.68 -42.17 -81.56
C PRO H 158 -10.21 -41.02 -80.70
N MET H 159 -9.76 -41.27 -79.48
CA MET H 159 -9.28 -40.23 -78.58
C MET H 159 -7.80 -39.94 -78.79
N VAL H 160 -6.98 -40.98 -78.96
CA VAL H 160 -5.56 -40.79 -79.20
C VAL H 160 -5.34 -40.00 -80.49
N ALA H 161 -6.15 -40.29 -81.51
CA ALA H 161 -6.05 -39.55 -82.76
C ALA H 161 -6.39 -38.08 -82.56
N ALA H 162 -7.50 -37.80 -81.87
CA ALA H 162 -7.91 -36.43 -81.62
C ALA H 162 -6.98 -35.70 -80.65
N GLY H 163 -6.10 -36.42 -79.96
CA GLY H 163 -5.16 -35.81 -79.04
C GLY H 163 -5.72 -35.42 -77.69
N ALA H 164 -7.02 -35.63 -77.47
CA ALA H 164 -7.64 -35.27 -76.20
C ALA H 164 -8.86 -36.16 -75.98
N GLY H 165 -9.04 -36.58 -74.73
CA GLY H 165 -10.18 -37.42 -74.40
C GLY H 165 -10.20 -37.70 -72.91
N GLN H 166 -11.40 -38.03 -72.43
CA GLN H 166 -11.63 -38.35 -71.02
C GLN H 166 -12.46 -39.61 -70.94
N CYS H 167 -12.11 -40.49 -69.99
CA CYS H 167 -12.79 -41.77 -69.88
C CYS H 167 -12.88 -42.18 -68.42
N VAL H 168 -14.08 -42.54 -67.98
CA VAL H 168 -14.32 -43.01 -66.62
C VAL H 168 -14.88 -44.42 -66.70
N VAL H 169 -14.17 -45.37 -66.10
CA VAL H 169 -14.58 -46.77 -66.07
C VAL H 169 -15.15 -47.06 -64.69
N PHE H 170 -16.39 -47.55 -64.64
CA PHE H 170 -17.07 -47.81 -63.38
C PHE H 170 -16.82 -49.24 -62.96
N THR H 171 -16.04 -49.42 -61.90
CA THR H 171 -15.83 -50.75 -61.32
C THR H 171 -16.67 -50.88 -60.06
N SER H 172 -16.03 -51.13 -58.92
CA SER H 172 -16.76 -51.25 -57.66
C SER H 172 -15.84 -50.82 -56.51
N ALA H 173 -16.46 -50.33 -55.43
CA ALA H 173 -15.69 -49.97 -54.25
C ALA H 173 -15.01 -51.18 -53.64
N THR H 174 -15.55 -52.38 -53.88
CA THR H 174 -14.92 -53.61 -53.41
C THR H 174 -13.58 -53.88 -54.09
N GLY H 175 -13.27 -53.16 -55.19
CA GLY H 175 -11.94 -53.27 -55.76
C GLY H 175 -10.86 -52.75 -54.83
N GLY H 176 -11.22 -51.84 -53.93
CA GLY H 176 -10.28 -51.37 -52.92
C GLY H 176 -10.17 -52.26 -51.70
N ARG H 177 -11.19 -53.09 -51.44
CA ARG H 177 -11.18 -54.00 -50.31
C ARG H 177 -11.91 -55.28 -50.68
N PRO H 178 -11.27 -56.16 -51.46
CA PRO H 178 -11.87 -57.48 -51.74
C PRO H 178 -12.05 -58.29 -50.47
N ASP H 179 -13.27 -58.35 -49.97
CA ASP H 179 -13.59 -58.94 -48.68
C ASP H 179 -14.19 -60.32 -48.87
N PRO H 180 -14.29 -61.11 -47.79
CA PRO H 180 -15.00 -62.40 -47.87
C PRO H 180 -16.42 -62.22 -48.40
N MET H 181 -16.95 -63.32 -48.94
CA MET H 181 -18.24 -63.42 -49.62
C MET H 181 -18.30 -62.61 -50.91
N VAL H 182 -17.26 -61.84 -51.22
CA VAL H 182 -17.17 -61.08 -52.48
C VAL H 182 -15.81 -61.37 -53.09
N SER H 183 -15.35 -62.61 -52.99
CA SER H 183 -14.02 -63.00 -53.44
C SER H 183 -13.81 -62.72 -54.92
N ILE H 184 -14.50 -63.47 -55.79
CA ILE H 184 -14.22 -63.34 -57.21
C ILE H 184 -14.81 -62.04 -57.78
N TYR H 185 -15.90 -61.53 -57.20
CA TYR H 185 -16.40 -60.24 -57.65
C TYR H 185 -15.43 -59.11 -57.30
N GLY H 186 -15.06 -59.01 -56.02
CA GLY H 186 -14.17 -57.94 -55.60
C GLY H 186 -12.78 -58.05 -56.22
N GLY H 187 -12.20 -59.25 -56.21
CA GLY H 187 -10.87 -59.42 -56.78
C GLY H 187 -10.81 -59.06 -58.26
N THR H 188 -11.88 -59.39 -59.00
CA THR H 188 -11.91 -59.03 -60.41
C THR H 188 -12.06 -57.53 -60.60
N ARG H 189 -12.82 -56.87 -59.72
CA ARG H 189 -12.88 -55.41 -59.74
C ARG H 189 -11.52 -54.80 -59.46
N ALA H 190 -10.75 -55.43 -58.55
CA ALA H 190 -9.38 -54.98 -58.32
C ALA H 190 -8.54 -55.12 -59.57
N GLY H 191 -8.78 -56.17 -60.37
CA GLY H 191 -8.08 -56.30 -61.63
C GLY H 191 -8.51 -55.26 -62.64
N ALA H 192 -9.79 -54.88 -62.61
CA ALA H 192 -10.27 -53.82 -63.50
C ALA H 192 -9.61 -52.49 -63.17
N ASN H 193 -9.47 -52.18 -61.87
CA ASN H 193 -8.74 -50.99 -61.46
C ASN H 193 -7.28 -51.06 -61.91
N GLY H 194 -6.64 -52.21 -61.71
CA GLY H 194 -5.26 -52.36 -62.14
C GLY H 194 -5.08 -52.09 -63.62
N ILE H 195 -6.03 -52.52 -64.43
CA ILE H 195 -5.96 -52.22 -65.86
C ILE H 195 -6.15 -50.73 -66.09
N VAL H 196 -7.19 -50.14 -65.50
CA VAL H 196 -7.46 -48.72 -65.67
C VAL H 196 -6.24 -47.88 -65.28
N ARG H 197 -5.49 -48.32 -64.25
CA ARG H 197 -4.26 -47.62 -63.90
C ARG H 197 -3.26 -47.67 -65.05
N ALA H 198 -2.97 -48.89 -65.55
CA ALA H 198 -1.96 -49.03 -66.59
C ALA H 198 -2.38 -48.34 -67.88
N VAL H 199 -3.67 -48.39 -68.22
CA VAL H 199 -4.14 -47.75 -69.44
C VAL H 199 -4.09 -46.24 -69.30
N GLY H 200 -4.52 -45.71 -68.16
CA GLY H 200 -4.50 -44.28 -67.95
C GLY H 200 -3.09 -43.69 -68.00
N LEU H 201 -2.10 -44.46 -67.55
CA LEU H 201 -0.72 -44.00 -67.60
C LEU H 201 -0.12 -44.15 -68.99
N GLU H 202 -0.52 -45.20 -69.73
CA GLU H 202 0.13 -45.49 -71.01
C GLU H 202 -0.28 -44.48 -72.08
N HIS H 203 -1.55 -44.07 -72.10
CA HIS H 203 -2.05 -43.12 -73.09
C HIS H 203 -2.12 -41.71 -72.54
N ALA H 204 -1.48 -41.46 -71.39
CA ALA H 204 -1.46 -40.12 -70.82
C ALA H 204 -0.75 -39.15 -71.74
N ARG H 205 0.33 -39.59 -72.39
CA ARG H 205 1.09 -38.72 -73.28
C ARG H 205 0.30 -38.31 -74.51
N HIS H 206 -0.78 -39.02 -74.84
CA HIS H 206 -1.68 -38.63 -75.92
C HIS H 206 -2.77 -37.69 -75.44
N GLY H 207 -2.69 -37.21 -74.21
CA GLY H 207 -3.66 -36.26 -73.70
C GLY H 207 -5.02 -36.83 -73.38
N VAL H 208 -5.12 -38.14 -73.18
CA VAL H 208 -6.38 -38.77 -72.80
C VAL H 208 -6.24 -39.36 -71.40
N GLN H 209 -7.26 -39.17 -70.57
CA GLN H 209 -7.27 -39.65 -69.20
C GLN H 209 -8.22 -40.83 -69.07
N VAL H 210 -7.78 -41.85 -68.32
CA VAL H 210 -8.61 -43.01 -68.00
C VAL H 210 -8.58 -43.18 -66.49
N ASN H 211 -9.73 -43.06 -65.84
CA ASN H 211 -9.83 -43.16 -64.39
C ASN H 211 -11.01 -44.05 -64.03
N ALA H 212 -10.93 -44.65 -62.84
CA ALA H 212 -11.93 -45.59 -62.37
C ALA H 212 -12.67 -45.01 -61.17
N ILE H 213 -13.97 -45.30 -61.09
CA ILE H 213 -14.81 -44.89 -59.96
C ILE H 213 -15.53 -46.13 -59.46
N GLY H 214 -15.22 -46.54 -58.23
CA GLY H 214 -15.89 -47.66 -57.61
C GLY H 214 -16.80 -47.23 -56.48
N THR H 215 -18.08 -47.58 -56.57
CA THR H 215 -19.07 -47.14 -55.61
C THR H 215 -19.62 -48.31 -54.81
N ASN H 216 -20.44 -47.97 -53.82
CA ASN H 216 -21.14 -48.93 -52.96
C ASN H 216 -22.11 -48.14 -52.09
N TYR H 217 -23.14 -48.83 -51.61
CA TYR H 217 -24.17 -48.22 -50.77
C TYR H 217 -24.81 -47.03 -51.50
N MET H 218 -25.41 -47.33 -52.64
CA MET H 218 -26.01 -46.31 -53.49
C MET H 218 -27.53 -46.32 -53.39
N ASP H 219 -28.13 -45.27 -53.91
CA ASP H 219 -29.58 -45.05 -53.89
C ASP H 219 -30.09 -45.14 -55.33
N PHE H 220 -30.34 -46.38 -55.78
CA PHE H 220 -30.93 -46.65 -57.09
C PHE H 220 -31.51 -48.05 -57.05
N PRO H 221 -32.68 -48.28 -57.67
CA PRO H 221 -33.43 -49.53 -57.45
C PRO H 221 -32.61 -50.82 -57.45
N GLY H 222 -31.42 -50.80 -58.05
CA GLY H 222 -30.60 -52.00 -58.09
C GLY H 222 -30.11 -52.42 -56.70
N PHE H 223 -29.55 -51.47 -55.95
CA PHE H 223 -28.96 -51.82 -54.66
C PHE H 223 -30.01 -51.96 -53.56
N LEU H 224 -31.08 -51.15 -53.59
CA LEU H 224 -32.12 -51.27 -52.58
C LEU H 224 -32.76 -52.65 -52.62
N LYS H 225 -32.93 -53.21 -53.82
CA LYS H 225 -33.55 -54.53 -53.94
C LYS H 225 -32.60 -55.66 -53.58
N ALA H 226 -31.30 -55.48 -53.83
CA ALA H 226 -30.34 -56.52 -53.48
C ALA H 226 -30.15 -56.62 -51.98
N SER H 227 -30.30 -55.52 -51.25
CA SER H 227 -30.14 -55.50 -49.80
C SER H 227 -31.47 -55.64 -49.06
N ARG H 228 -32.55 -55.96 -49.77
CA ARG H 228 -33.87 -56.15 -49.16
C ARG H 228 -34.31 -54.95 -48.33
N ASP H 232 -37.91 -53.36 -46.00
CA ASP H 232 -37.96 -53.00 -44.59
C ASP H 232 -37.11 -51.77 -44.29
N PRO H 233 -37.76 -50.69 -43.83
CA PRO H 233 -36.98 -49.52 -43.39
C PRO H 233 -36.05 -49.80 -42.23
N GLU H 234 -36.43 -50.74 -41.35
CA GLU H 234 -35.52 -51.17 -40.30
C GLU H 234 -34.27 -51.81 -40.87
N ARG H 235 -34.41 -52.51 -42.00
CA ARG H 235 -33.23 -53.01 -42.70
C ARG H 235 -32.41 -51.87 -43.26
N ARG H 236 -33.05 -50.95 -43.98
CA ARG H 236 -32.34 -49.81 -44.57
C ARG H 236 -31.57 -49.02 -43.52
N ALA H 237 -32.06 -48.98 -42.29
CA ALA H 237 -31.31 -48.35 -41.21
C ALA H 237 -30.12 -49.21 -40.80
N MET H 238 -30.28 -50.53 -40.85
CA MET H 238 -29.16 -51.42 -40.53
C MET H 238 -28.10 -51.37 -41.61
N ILE H 239 -28.51 -51.26 -42.88
CA ILE H 239 -27.53 -51.04 -43.94
C ILE H 239 -26.92 -49.67 -43.81
N GLU H 240 -27.62 -48.74 -43.15
CA GLU H 240 -27.11 -47.39 -42.95
C GLU H 240 -26.07 -47.33 -41.84
N ALA H 241 -26.16 -48.24 -40.87
CA ALA H 241 -25.17 -48.27 -39.79
C ALA H 241 -23.81 -48.73 -40.28
N GLN H 242 -23.74 -49.40 -41.43
CA GLN H 242 -22.46 -49.87 -41.97
C GLN H 242 -21.73 -48.80 -42.76
N VAL H 243 -22.40 -47.71 -43.13
CA VAL H 243 -21.76 -46.62 -43.86
C VAL H 243 -21.18 -45.63 -42.84
N PRO H 244 -19.92 -45.20 -43.00
CA PRO H 244 -19.38 -44.20 -42.06
C PRO H 244 -20.18 -42.91 -42.04
N LEU H 245 -20.53 -42.37 -43.21
CA LEU H 245 -21.27 -41.13 -43.28
C LEU H 245 -22.75 -41.28 -42.93
N ARG H 246 -23.20 -42.51 -42.68
CA ARG H 246 -24.57 -42.77 -42.20
C ARG H 246 -25.62 -42.23 -43.18
N ARG H 247 -25.32 -42.33 -44.47
CA ARG H 247 -26.28 -41.94 -45.50
C ARG H 247 -26.03 -42.80 -46.74
N LEU H 248 -27.05 -42.85 -47.60
CA LEU H 248 -26.95 -43.53 -48.89
C LEU H 248 -26.63 -42.51 -49.97
N GLY H 249 -25.73 -42.87 -50.88
CA GLY H 249 -25.29 -41.94 -51.91
C GLY H 249 -26.33 -41.79 -53.00
N THR H 250 -26.68 -40.54 -53.30
CA THR H 250 -27.63 -40.23 -54.36
C THR H 250 -26.92 -40.15 -55.70
N MET H 251 -27.67 -40.48 -56.76
CA MET H 251 -27.10 -40.51 -58.10
C MET H 251 -26.71 -39.12 -58.58
N ASP H 252 -27.37 -38.08 -58.07
CA ASP H 252 -27.01 -36.73 -58.46
C ASP H 252 -25.63 -36.35 -57.96
N GLU H 253 -25.23 -36.85 -56.78
CA GLU H 253 -23.88 -36.64 -56.30
C GLU H 253 -22.88 -37.38 -57.18
N LEU H 254 -23.15 -38.66 -57.46
CA LEU H 254 -22.26 -39.44 -58.31
C LEU H 254 -22.05 -38.79 -59.67
N SER H 255 -23.12 -38.27 -60.27
CA SER H 255 -23.01 -37.66 -61.58
C SER H 255 -22.09 -36.45 -61.57
N SER H 256 -22.16 -35.63 -60.52
CA SER H 256 -21.32 -34.45 -60.44
C SER H 256 -19.84 -34.82 -60.40
N VAL H 257 -19.49 -35.81 -59.58
CA VAL H 257 -18.09 -36.24 -59.50
C VAL H 257 -17.67 -36.92 -60.80
N THR H 258 -18.56 -37.71 -61.39
CA THR H 258 -18.26 -38.34 -62.69
C THR H 258 -18.15 -37.29 -63.78
N ALA H 259 -19.16 -36.42 -63.89
CA ALA H 259 -19.10 -35.36 -64.89
C ALA H 259 -17.90 -34.46 -64.67
N GLY H 260 -17.44 -34.34 -63.42
CA GLY H 260 -16.21 -33.60 -63.17
C GLY H 260 -15.01 -34.18 -63.88
N LEU H 261 -14.93 -35.50 -63.92
CA LEU H 261 -13.82 -36.20 -64.58
C LEU H 261 -14.04 -36.38 -66.08
N LEU H 262 -15.09 -35.79 -66.65
CA LEU H 262 -15.41 -35.99 -68.07
C LEU H 262 -15.67 -34.71 -68.84
N ASP H 263 -15.72 -33.56 -68.19
CA ASP H 263 -16.08 -32.30 -68.85
C ASP H 263 -14.87 -31.51 -69.34
N GLY H 264 -13.65 -31.95 -69.04
CA GLY H 264 -12.48 -31.20 -69.39
C GLY H 264 -12.05 -30.16 -68.36
N SER H 265 -12.79 -30.02 -67.27
CA SER H 265 -12.41 -29.07 -66.23
C SER H 265 -11.07 -29.46 -65.62
N ASN H 266 -10.97 -30.67 -65.10
CA ASN H 266 -9.69 -31.21 -64.66
C ASN H 266 -9.11 -32.08 -65.76
N ARG H 267 -7.85 -31.85 -66.10
CA ARG H 267 -7.12 -32.67 -67.05
C ARG H 267 -5.78 -33.07 -66.46
N PHE H 268 -5.77 -33.32 -65.15
CA PHE H 268 -4.55 -33.63 -64.42
C PHE H 268 -4.72 -34.85 -63.52
N GLN H 269 -5.65 -35.73 -63.88
CA GLN H 269 -5.87 -36.96 -63.11
C GLN H 269 -6.08 -38.10 -64.10
N THR H 270 -5.13 -39.03 -64.14
CA THR H 270 -5.25 -40.20 -65.01
C THR H 270 -4.71 -41.42 -64.28
N GLY H 271 -5.29 -42.58 -64.61
CA GLY H 271 -4.87 -43.83 -64.01
C GLY H 271 -5.12 -43.94 -62.52
N GLN H 272 -6.18 -43.30 -62.02
CA GLN H 272 -6.47 -43.28 -60.59
C GLN H 272 -7.85 -43.87 -60.32
N PHE H 273 -7.97 -44.56 -59.20
CA PHE H 273 -9.23 -45.16 -58.75
C PHE H 273 -9.77 -44.34 -57.59
N PHE H 274 -11.04 -43.96 -57.68
CA PHE H 274 -11.69 -43.12 -56.68
C PHE H 274 -12.80 -43.89 -56.01
N ASP H 275 -12.67 -44.11 -54.70
CA ASP H 275 -13.73 -44.75 -53.94
C ASP H 275 -14.91 -43.80 -53.77
N PHE H 276 -16.10 -44.38 -53.66
CA PHE H 276 -17.33 -43.62 -53.54
C PHE H 276 -18.36 -44.43 -52.76
N SER H 277 -18.02 -44.77 -51.51
CA SER H 277 -18.88 -45.61 -50.68
C SER H 277 -19.14 -44.95 -49.32
N GLY H 278 -19.07 -43.63 -49.26
CA GLY H 278 -19.27 -42.93 -48.00
C GLY H 278 -18.18 -43.17 -46.99
N GLY H 279 -16.94 -43.36 -47.43
CA GLY H 279 -15.85 -43.71 -46.56
C GLY H 279 -15.76 -45.18 -46.20
N TRP H 280 -16.67 -46.01 -46.73
CA TRP H 280 -16.61 -47.44 -46.47
C TRP H 280 -15.32 -48.05 -47.02
N GLY H 281 -14.87 -47.57 -48.17
CA GLY H 281 -13.65 -48.07 -48.77
C GLY H 281 -12.50 -47.09 -48.66
N ALA H 282 -12.50 -46.26 -47.63
CA ALA H 282 -11.45 -45.28 -47.41
C ALA H 282 -10.24 -45.91 -46.74
N ASN I 26 76.22 9.16 21.60
CA ASN I 26 75.04 9.10 22.44
C ASN I 26 74.35 10.46 22.55
N ARG I 27 74.36 11.21 21.45
CA ARG I 27 73.70 12.50 21.44
C ARG I 27 72.20 12.33 21.68
N PRO I 28 71.57 13.25 22.39
CA PRO I 28 70.14 13.12 22.66
C PRO I 28 69.29 13.65 21.51
N VAL I 29 68.01 13.31 21.55
CA VAL I 29 67.09 13.54 20.45
C VAL I 29 65.98 14.47 20.89
N ALA I 30 65.64 15.43 20.03
CA ALA I 30 64.54 16.35 20.24
C ALA I 30 63.60 16.27 19.04
N LEU I 31 62.32 16.12 19.31
CA LEU I 31 61.28 16.10 18.28
C LEU I 31 60.61 17.46 18.20
N ILE I 32 60.40 17.95 16.98
CA ILE I 32 59.80 19.26 16.78
C ILE I 32 58.80 19.18 15.64
N THR I 33 57.51 19.12 15.97
CA THR I 33 56.46 19.04 14.96
C THR I 33 56.27 20.39 14.27
N MET I 34 55.70 20.33 13.07
CA MET I 34 55.45 21.52 12.25
C MET I 34 56.73 22.34 12.06
N ALA I 35 57.85 21.63 11.89
CA ALA I 35 59.16 22.26 11.85
C ALA I 35 59.48 22.96 10.54
N THR I 36 58.54 22.98 9.59
CA THR I 36 58.74 23.74 8.35
C THR I 36 58.36 25.20 8.50
N GLY I 37 57.91 25.62 9.68
CA GLY I 37 57.59 27.00 9.95
C GLY I 37 57.56 27.23 11.45
N TYR I 38 57.22 28.46 11.83
CA TYR I 38 57.03 28.86 13.22
C TYR I 38 58.33 28.59 13.98
N VAL I 39 58.34 27.79 15.04
CA VAL I 39 59.54 27.62 15.86
C VAL I 39 60.53 26.67 15.19
N GLY I 40 60.01 25.63 14.52
CA GLY I 40 60.78 24.53 13.99
C GLY I 40 62.15 24.86 13.42
N PRO I 41 62.20 25.76 12.42
CA PRO I 41 63.50 26.11 11.83
C PRO I 41 64.49 26.65 12.85
N ALA I 42 64.12 27.74 13.52
CA ALA I 42 65.01 28.35 14.51
C ALA I 42 65.28 27.38 15.65
N LEU I 43 64.24 26.70 16.15
CA LEU I 43 64.40 25.77 17.25
C LEU I 43 65.39 24.66 16.91
N ALA I 44 65.36 24.18 15.66
CA ALA I 44 66.23 23.08 15.27
C ALA I 44 67.70 23.49 15.32
N ARG I 45 68.02 24.69 14.79
CA ARG I 45 69.40 25.14 14.75
C ARG I 45 69.99 25.25 16.14
N THR I 46 69.29 25.94 17.04
CA THR I 46 69.84 26.11 18.40
C THR I 46 69.89 24.78 19.14
N MET I 47 68.95 23.87 18.87
CA MET I 47 69.00 22.56 19.52
C MET I 47 70.15 21.73 19.00
N ALA I 48 70.47 21.83 17.71
CA ALA I 48 71.64 21.16 17.17
C ALA I 48 72.93 21.72 17.77
N ASP I 49 72.98 23.03 18.00
CA ASP I 49 74.14 23.63 18.64
C ASP I 49 74.29 23.15 20.07
N ARG I 50 73.18 22.83 20.75
CA ARG I 50 73.27 22.23 22.07
C ARG I 50 73.67 20.76 22.01
N GLY I 51 74.00 20.24 20.83
CA GLY I 51 74.49 18.88 20.69
C GLY I 51 73.41 17.83 20.70
N PHE I 52 72.36 18.04 19.93
CA PHE I 52 71.15 17.22 19.95
C PHE I 52 70.89 16.65 18.56
N ASP I 53 70.31 15.46 18.53
CA ASP I 53 69.79 14.91 17.28
C ASP I 53 68.34 15.33 17.09
N LEU I 54 67.95 15.56 15.84
CA LEU I 54 66.69 16.19 15.53
C LEU I 54 65.79 15.24 14.73
N VAL I 55 64.53 15.16 15.13
CA VAL I 55 63.47 14.57 14.31
C VAL I 55 62.46 15.67 14.03
N LEU I 56 62.43 16.14 12.79
CA LEU I 56 61.53 17.22 12.39
C LEU I 56 60.32 16.61 11.70
N HIS I 57 59.13 17.11 12.07
CA HIS I 57 57.90 16.83 11.37
C HIS I 57 57.42 18.12 10.71
N GLY I 58 56.84 18.00 9.52
CA GLY I 58 56.35 19.19 8.85
C GLY I 58 55.84 18.87 7.46
N THR I 59 55.54 19.95 6.75
CA THR I 59 54.97 19.87 5.40
C THR I 59 56.08 19.70 4.37
N ALA I 60 56.06 18.60 3.65
CA ALA I 60 57.04 18.38 2.59
C ALA I 60 56.76 19.29 1.40
N GLY I 61 57.82 19.63 0.67
CA GLY I 61 57.74 20.53 -0.46
C GLY I 61 58.77 21.63 -0.37
N ASP I 62 58.72 22.53 -1.34
CA ASP I 62 59.61 23.67 -1.39
C ASP I 62 58.94 24.90 -0.79
N GLY I 63 59.56 26.06 -0.96
CA GLY I 63 59.00 27.30 -0.42
C GLY I 63 57.70 27.71 -1.06
N THR I 64 57.37 27.16 -2.23
CA THR I 64 56.13 27.52 -2.91
C THR I 64 54.90 26.92 -2.24
N MET I 65 55.06 25.85 -1.47
CA MET I 65 53.90 25.18 -0.89
C MET I 65 53.38 25.93 0.32
N VAL I 66 52.05 26.04 0.40
CA VAL I 66 51.42 26.77 1.49
C VAL I 66 51.75 26.09 2.81
N GLY I 67 52.27 26.88 3.76
CA GLY I 67 52.70 26.36 5.04
C GLY I 67 54.17 26.00 5.12
N VAL I 68 54.94 26.28 4.07
CA VAL I 68 56.37 25.98 4.05
C VAL I 68 57.11 27.32 3.99
N GLU I 69 57.58 27.77 5.14
CA GLU I 69 58.48 28.92 5.19
C GLU I 69 59.95 28.53 5.24
N GLU I 70 60.25 27.30 5.67
CA GLU I 70 61.60 26.74 5.62
C GLU I 70 61.48 25.29 5.22
N SER I 71 62.10 24.92 4.10
CA SER I 71 61.96 23.58 3.56
C SER I 71 62.79 22.58 4.35
N PHE I 72 62.38 21.31 4.28
CA PHE I 72 63.13 20.24 4.92
C PHE I 72 64.53 20.11 4.34
N ASP I 73 64.68 20.44 3.05
CA ASP I 73 65.99 20.34 2.41
C ASP I 73 66.96 21.37 2.98
N SER I 74 66.55 22.65 2.98
CA SER I 74 67.44 23.71 3.45
C SER I 74 67.83 23.51 4.92
N GLN I 75 66.94 22.94 5.72
CA GLN I 75 67.26 22.70 7.13
C GLN I 75 68.17 21.50 7.30
N ILE I 76 68.04 20.48 6.44
CA ILE I 76 68.92 19.32 6.52
C ILE I 76 70.37 19.73 6.23
N ALA I 77 70.56 20.69 5.33
CA ALA I 77 71.92 21.13 5.01
C ALA I 77 72.55 21.90 6.16
N ASP I 78 71.77 22.73 6.84
CA ASP I 78 72.30 23.51 7.95
C ASP I 78 72.47 22.66 9.20
N LEU I 79 71.49 21.81 9.51
CA LEU I 79 71.60 20.97 10.70
C LEU I 79 72.74 19.97 10.57
N ALA I 80 73.07 19.57 9.34
CA ALA I 80 74.23 18.70 9.15
C ALA I 80 75.53 19.45 9.34
N LYS I 81 75.56 20.75 9.02
CA LYS I 81 76.74 21.55 9.28
C LYS I 81 77.00 21.68 10.77
N ARG I 82 75.94 21.73 11.57
CA ARG I 82 76.06 21.70 13.03
C ARG I 82 76.21 20.29 13.58
N GLY I 83 76.38 19.30 12.70
CA GLY I 83 76.64 17.94 13.11
C GLY I 83 75.44 17.13 13.52
N ALA I 84 74.23 17.62 13.28
CA ALA I 84 73.01 16.96 13.75
C ALA I 84 72.47 16.01 12.70
N ASP I 85 72.16 14.78 13.12
CA ASP I 85 71.47 13.83 12.26
C ASP I 85 69.97 14.11 12.31
N VAL I 86 69.34 14.17 11.14
CA VAL I 86 67.95 14.60 11.02
C VAL I 86 67.14 13.50 10.37
N LEU I 87 66.00 13.17 10.97
CA LEU I 87 65.00 12.30 10.36
C LEU I 87 63.79 13.15 9.97
N THR I 88 63.16 12.78 8.86
CA THR I 88 62.09 13.55 8.25
C THR I 88 60.78 12.78 8.30
N ILE I 89 59.72 13.46 8.76
CA ILE I 89 58.37 12.90 8.79
C ILE I 89 57.42 13.89 8.14
N SER I 90 56.55 13.38 7.27
CA SER I 90 55.54 14.24 6.65
C SER I 90 54.28 13.47 6.26
N ASP I 91 54.09 12.25 6.74
CA ASP I 91 52.99 11.39 6.30
C ASP I 91 52.11 10.96 7.46
N VAL I 92 51.91 11.83 8.45
CA VAL I 92 51.11 11.51 9.62
C VAL I 92 50.08 12.60 9.86
N ASP I 93 48.94 12.20 10.41
CA ASP I 93 47.91 13.13 10.85
C ASP I 93 48.04 13.25 12.37
N LEU I 94 48.54 14.40 12.83
CA LEU I 94 48.87 14.57 14.24
C LEU I 94 47.66 14.90 15.10
N THR I 95 46.46 14.90 14.55
CA THR I 95 45.23 15.02 15.33
C THR I 95 44.63 13.67 15.68
N THR I 96 45.36 12.58 15.42
CA THR I 96 44.88 11.22 15.65
C THR I 96 45.90 10.46 16.47
N ARG I 97 45.42 9.42 17.16
CA ARG I 97 46.33 8.57 17.93
C ARG I 97 47.30 7.84 17.02
N THR I 98 46.82 7.41 15.84
CA THR I 98 47.68 6.64 14.93
C THR I 98 48.83 7.49 14.41
N GLY I 99 48.54 8.73 14.02
CA GLY I 99 49.61 9.60 13.52
C GLY I 99 50.67 9.89 14.56
N ASN I 100 50.26 10.04 15.83
CA ASN I 100 51.22 10.35 16.88
C ASN I 100 51.98 9.12 17.34
N GLN I 101 51.29 7.98 17.52
CA GLN I 101 51.99 6.76 17.88
C GLN I 101 52.95 6.32 16.78
N SER I 102 52.66 6.67 15.52
CA SER I 102 53.57 6.35 14.43
C SER I 102 54.81 7.21 14.47
N MET I 103 54.65 8.51 14.72
CA MET I 103 55.80 9.41 14.81
C MET I 103 56.79 8.95 15.86
N ILE I 104 56.29 8.64 17.06
CA ILE I 104 57.17 8.21 18.14
C ILE I 104 57.80 6.86 17.86
N GLU I 105 57.06 5.98 17.17
CA GLU I 105 57.62 4.68 16.80
C GLU I 105 58.80 4.84 15.83
N ARG I 106 58.66 5.74 14.85
CA ARG I 106 59.75 5.96 13.90
C ARG I 106 60.87 6.78 14.52
N VAL I 107 60.56 7.61 15.51
CA VAL I 107 61.61 8.32 16.26
C VAL I 107 62.46 7.31 17.02
N LEU I 108 61.80 6.50 17.86
CA LEU I 108 62.50 5.50 18.66
C LEU I 108 63.24 4.50 17.78
N GLU I 109 62.76 4.28 16.55
CA GLU I 109 63.39 3.30 15.69
C GLU I 109 64.73 3.80 15.15
N ARG I 110 64.81 5.08 14.80
CA ARG I 110 66.02 5.60 14.17
C ARG I 110 67.09 5.95 15.19
N PHE I 111 66.74 6.78 16.18
CA PHE I 111 67.71 7.27 17.15
C PHE I 111 67.69 6.50 18.47
N GLY I 112 66.70 5.65 18.69
CA GLY I 112 66.68 4.80 19.88
C GLY I 112 66.29 5.48 21.16
N ARG I 113 66.03 6.79 21.14
CA ARG I 113 65.75 7.52 22.37
C ARG I 113 64.98 8.79 22.05
N LEU I 114 64.18 9.24 23.01
CA LEU I 114 63.43 10.49 22.89
C LEU I 114 63.53 11.21 24.24
N ASP I 115 64.37 12.23 24.30
CA ASP I 115 64.57 13.00 25.53
C ASP I 115 63.85 14.33 25.52
N SER I 116 63.66 14.94 24.34
CA SER I 116 62.99 16.23 24.22
C SER I 116 61.94 16.15 23.12
N ALA I 117 60.87 16.92 23.28
CA ALA I 117 59.79 16.95 22.30
C ALA I 117 59.08 18.29 22.40
N CYS I 118 59.07 19.04 21.29
CA CYS I 118 58.33 20.28 21.19
C CYS I 118 57.13 20.03 20.27
N LEU I 119 55.95 19.94 20.87
CA LEU I 119 54.72 19.60 20.15
C LEU I 119 53.96 20.88 19.83
N VAL I 120 54.20 21.43 18.65
CA VAL I 120 53.43 22.56 18.16
C VAL I 120 52.04 22.08 17.79
N THR I 121 51.01 22.71 18.37
CA THR I 121 49.63 22.32 18.15
C THR I 121 48.77 23.54 17.89
N GLY I 122 47.67 23.33 17.18
CA GLY I 122 46.62 24.33 17.09
C GLY I 122 46.51 24.91 15.68
N LEU I 123 45.33 25.47 15.42
CA LEU I 123 45.04 26.16 14.16
C LEU I 123 44.08 27.29 14.47
N ILE I 124 44.43 28.51 14.03
CA ILE I 124 43.71 29.69 14.47
C ILE I 124 42.32 29.75 13.85
N VAL I 125 41.36 30.27 14.63
CA VAL I 125 40.00 30.53 14.17
C VAL I 125 39.40 31.63 15.02
N THR I 126 38.85 32.66 14.39
CA THR I 126 38.29 33.80 15.08
C THR I 126 36.91 34.13 14.53
N GLY I 127 36.20 35.00 15.22
CA GLY I 127 34.86 35.39 14.87
C GLY I 127 33.93 35.35 16.07
N LYS I 128 32.72 35.87 15.84
CA LYS I 128 31.71 35.90 16.89
C LYS I 128 31.34 34.48 17.30
N PHE I 129 31.10 34.31 18.61
CA PHE I 129 30.74 32.99 19.13
C PHE I 129 29.47 32.46 18.48
N LEU I 130 28.47 33.32 18.31
CA LEU I 130 27.20 32.91 17.72
C LEU I 130 27.28 32.72 16.21
N ASP I 131 28.45 32.95 15.61
CA ASP I 131 28.66 32.73 14.18
C ASP I 131 29.51 31.49 13.92
N MET I 132 29.84 30.73 14.96
CA MET I 132 30.74 29.59 14.81
C MET I 132 29.96 28.36 14.37
N THR I 133 30.36 27.77 13.26
CA THR I 133 29.73 26.58 12.73
C THR I 133 30.21 25.34 13.49
N CYS I 134 29.45 24.26 13.35
CA CYS I 134 29.86 22.99 13.95
C CYS I 134 31.15 22.47 13.34
N ASP I 135 31.46 22.86 12.10
CA ASP I 135 32.74 22.50 11.49
C ASP I 135 33.90 23.19 12.20
N GLN I 136 33.75 24.49 12.48
CA GLN I 136 34.79 25.21 13.20
C GLN I 136 34.97 24.66 14.61
N TRP I 137 33.87 24.35 15.28
CA TRP I 137 33.94 23.75 16.61
C TRP I 137 34.67 22.41 16.56
N ALA I 138 34.39 21.60 15.55
CA ALA I 138 35.06 20.30 15.43
C ALA I 138 36.54 20.48 15.08
N LYS I 139 36.86 21.47 14.25
CA LYS I 139 38.25 21.68 13.84
C LYS I 139 39.10 22.17 15.01
N VAL I 140 38.57 23.10 15.81
CA VAL I 140 39.38 23.66 16.89
C VAL I 140 39.55 22.64 18.02
N LYS I 141 38.63 21.69 18.15
CA LYS I 141 38.81 20.62 19.13
C LYS I 141 39.87 19.64 18.68
N ALA I 142 40.08 19.50 17.37
CA ALA I 142 41.07 18.56 16.86
C ALA I 142 42.47 19.14 16.86
N THR I 143 42.61 20.44 16.58
CA THR I 143 43.93 21.04 16.53
C THR I 143 44.41 21.48 17.91
N ASN I 144 43.50 22.04 18.72
CA ASN I 144 43.92 22.57 20.02
C ASN I 144 43.98 21.50 21.10
N LEU I 145 43.14 20.48 21.02
CA LEU I 145 43.06 19.47 22.08
C LEU I 145 43.51 18.08 21.65
N ASP I 146 43.12 17.63 20.45
CA ASP I 146 43.44 16.26 20.05
C ASP I 146 44.94 16.07 19.86
N MET I 147 45.60 17.00 19.16
CA MET I 147 47.04 16.91 19.01
C MET I 147 47.75 16.91 20.36
N VAL I 148 47.19 17.61 21.35
CA VAL I 148 47.79 17.63 22.68
C VAL I 148 47.58 16.29 23.39
N PHE I 149 46.34 15.80 23.38
CA PHE I 149 46.04 14.54 24.05
C PHE I 149 46.80 13.38 23.42
N HIS I 150 46.77 13.29 22.09
CA HIS I 150 47.45 12.19 21.41
C HIS I 150 48.96 12.40 21.38
N GLY I 151 49.41 13.64 21.18
CA GLY I 151 50.84 13.90 21.15
C GLY I 151 51.51 13.61 22.48
N LEU I 152 50.82 13.90 23.59
CA LEU I 152 51.39 13.61 24.90
C LEU I 152 51.36 12.13 25.22
N GLN I 153 50.24 11.45 24.89
CA GLN I 153 50.17 10.01 25.07
C GLN I 153 51.23 9.28 24.28
N ALA I 154 51.74 9.87 23.20
CA ALA I 154 52.74 9.24 22.36
C ALA I 154 54.16 9.46 22.89
N VAL I 155 54.49 10.66 23.35
CA VAL I 155 55.87 10.98 23.73
C VAL I 155 56.20 10.64 25.18
N LEU I 156 55.20 10.35 26.00
CA LEU I 156 55.40 10.15 27.43
C LEU I 156 55.87 8.76 27.83
N PRO I 157 55.36 7.66 27.23
CA PRO I 157 55.89 6.36 27.57
C PRO I 157 57.40 6.23 27.34
N PRO I 158 57.96 6.75 26.23
CA PRO I 158 59.44 6.60 26.06
C PRO I 158 60.25 7.37 27.10
N MET I 159 59.68 8.42 27.69
CA MET I 159 60.43 9.20 28.69
C MET I 159 60.22 8.68 30.11
N VAL I 160 59.01 8.24 30.44
CA VAL I 160 58.76 7.67 31.76
C VAL I 160 59.64 6.45 31.99
N ALA I 161 59.87 5.66 30.93
CA ALA I 161 60.74 4.50 31.03
C ALA I 161 62.20 4.92 31.19
N ALA I 162 62.64 5.90 30.39
CA ALA I 162 64.02 6.37 30.46
C ALA I 162 64.30 7.17 31.72
N GLY I 163 63.27 7.49 32.52
CA GLY I 163 63.45 8.22 33.75
C GLY I 163 63.72 9.71 33.59
N ALA I 164 63.74 10.23 32.36
CA ALA I 164 64.04 11.63 32.14
C ALA I 164 63.49 12.05 30.79
N GLY I 165 62.86 13.22 30.76
CA GLY I 165 62.32 13.77 29.53
C GLY I 165 61.90 15.21 29.71
N GLN I 166 61.82 15.92 28.59
CA GLN I 166 61.43 17.32 28.60
C GLN I 166 60.49 17.58 27.44
N CYS I 167 59.27 18.01 27.73
CA CYS I 167 58.26 18.27 26.71
CA CYS I 167 58.25 18.26 26.73
C CYS I 167 57.77 19.70 26.83
N VAL I 168 57.66 20.37 25.70
CA VAL I 168 57.10 21.72 25.62
C VAL I 168 55.98 21.67 24.59
N VAL I 169 54.75 21.85 25.05
CA VAL I 169 53.59 21.90 24.17
C VAL I 169 53.31 23.35 23.83
N PHE I 170 53.15 23.64 22.54
CA PHE I 170 52.90 25.00 22.09
C PHE I 170 51.40 25.21 21.95
N THR I 171 50.84 26.04 22.83
CA THR I 171 49.44 26.40 22.75
C THR I 171 49.31 27.80 22.17
N SER I 172 48.72 28.72 22.92
CA SER I 172 48.58 30.10 22.47
C SER I 172 48.52 31.01 23.68
N ALA I 173 48.98 32.25 23.51
CA ALA I 173 48.84 33.24 24.56
C ALA I 173 47.37 33.57 24.83
N THR I 174 46.48 33.22 23.90
CA THR I 174 45.05 33.37 24.14
C THR I 174 44.54 32.41 25.21
N GLY I 175 45.31 31.38 25.54
CA GLY I 175 44.91 30.48 26.61
C GLY I 175 44.94 31.14 27.98
N GLY I 176 45.82 32.13 28.16
CA GLY I 176 45.85 32.88 29.39
C GLY I 176 44.76 33.93 29.52
N ARG I 177 44.24 34.42 28.40
CA ARG I 177 43.17 35.42 28.39
C ARG I 177 42.24 35.13 27.22
N PRO I 178 41.37 34.12 27.35
CA PRO I 178 40.38 33.86 26.29
C PRO I 178 39.42 35.02 26.15
N ASP I 179 39.56 35.77 25.06
CA ASP I 179 38.92 37.06 24.87
C ASP I 179 37.84 37.00 23.81
N PRO I 180 36.98 38.03 23.74
CA PRO I 180 36.00 38.10 22.66
C PRO I 180 36.63 37.95 21.28
N MET I 181 35.83 37.41 20.35
CA MET I 181 36.20 37.07 18.98
C MET I 181 37.22 35.92 18.92
N VAL I 182 37.65 35.39 20.06
CA VAL I 182 38.53 34.22 20.11
C VAL I 182 37.91 33.26 21.11
N SER I 183 36.60 33.07 21.02
CA SER I 183 35.87 32.30 22.03
C SER I 183 36.33 30.85 22.06
N ILE I 184 36.13 30.13 20.96
CA ILE I 184 36.41 28.71 20.98
C ILE I 184 37.90 28.42 20.79
N TYR I 185 38.62 29.28 20.07
CA TYR I 185 40.06 29.10 19.97
C TYR I 185 40.73 29.32 21.31
N GLY I 186 40.48 30.48 21.93
CA GLY I 186 41.06 30.76 23.23
C GLY I 186 40.61 29.78 24.30
N GLY I 187 39.31 29.45 24.30
CA GLY I 187 38.81 28.53 25.30
C GLY I 187 39.46 27.17 25.23
N THR I 188 39.63 26.64 24.02
CA THR I 188 40.26 25.34 23.87
C THR I 188 41.74 25.40 24.22
N ARG I 189 42.41 26.51 23.90
CA ARG I 189 43.80 26.68 24.31
C ARG I 189 43.93 26.67 25.83
N ALA I 190 42.98 27.28 26.53
CA ALA I 190 42.98 27.24 27.98
C ALA I 190 42.82 25.82 28.49
N GLY I 191 41.98 25.03 27.83
CA GLY I 191 41.86 23.62 28.19
C GLY I 191 43.12 22.84 27.89
N ALA I 192 43.80 23.18 26.80
CA ALA I 192 45.08 22.55 26.50
C ALA I 192 46.09 22.83 27.62
N ASN I 193 46.14 24.07 28.10
CA ASN I 193 47.03 24.40 29.21
C ASN I 193 46.64 23.63 30.47
N GLY I 194 45.34 23.54 30.75
CA GLY I 194 44.89 22.75 31.89
C GLY I 194 45.31 21.29 31.80
N ILE I 195 45.33 20.74 30.59
CA ILE I 195 45.80 19.38 30.41
C ILE I 195 47.31 19.30 30.66
N VAL I 196 48.06 20.23 30.07
CA VAL I 196 49.51 20.25 30.25
C VAL I 196 49.88 20.40 31.72
N ARG I 197 49.07 21.12 32.49
CA ARG I 197 49.34 21.27 33.91
C ARG I 197 49.23 19.93 34.63
N ALA I 198 48.08 19.27 34.53
CA ALA I 198 47.88 17.99 35.21
C ALA I 198 48.84 16.93 34.70
N VAL I 199 49.19 16.97 33.41
CA VAL I 199 50.11 15.99 32.86
C VAL I 199 51.53 16.27 33.32
N GLY I 200 51.91 17.55 33.39
CA GLY I 200 53.24 17.89 33.89
C GLY I 200 53.44 17.52 35.34
N LEU I 201 52.36 17.47 36.12
CA LEU I 201 52.44 17.06 37.52
C LEU I 201 52.29 15.56 37.69
N GLU I 202 51.51 14.90 36.82
CA GLU I 202 51.32 13.45 36.92
C GLU I 202 52.65 12.72 36.80
N HIS I 203 53.48 13.13 35.84
CA HIS I 203 54.68 12.40 35.48
C HIS I 203 55.96 13.08 35.95
N ALA I 204 55.85 14.03 36.88
CA ALA I 204 57.05 14.60 37.47
C ALA I 204 57.77 13.58 38.37
N ARG I 205 57.04 12.61 38.92
CA ARG I 205 57.67 11.54 39.69
C ARG I 205 58.68 10.77 38.85
N HIS I 206 58.41 10.63 37.55
CA HIS I 206 59.31 9.91 36.65
C HIS I 206 60.38 10.80 36.04
N GLY I 207 60.48 12.05 36.50
CA GLY I 207 61.54 12.93 36.05
C GLY I 207 61.38 13.49 34.66
N VAL I 208 60.15 13.61 34.17
CA VAL I 208 59.89 14.19 32.85
C VAL I 208 59.06 15.46 33.04
N GLN I 209 59.48 16.54 32.39
CA GLN I 209 58.84 17.84 32.50
C GLN I 209 57.95 18.09 31.28
N VAL I 210 56.72 18.51 31.53
CA VAL I 210 55.80 18.95 30.49
C VAL I 210 55.39 20.39 30.80
N ASN I 211 55.67 21.30 29.87
CA ASN I 211 55.33 22.70 30.05
C ASN I 211 54.73 23.24 28.76
N ALA I 212 53.90 24.27 28.91
CA ALA I 212 53.24 24.91 27.78
C ALA I 212 53.81 26.29 27.55
N ILE I 213 53.98 26.66 26.29
CA ILE I 213 54.41 27.99 25.89
C ILE I 213 53.33 28.55 24.97
N GLY I 214 52.65 29.60 25.44
CA GLY I 214 51.64 30.26 24.63
C GLY I 214 52.11 31.61 24.14
N THR I 215 52.12 31.81 22.83
CA THR I 215 52.70 32.99 22.23
C THR I 215 51.63 33.77 21.46
N ASN I 216 52.00 34.99 21.07
CA ASN I 216 51.16 35.87 20.29
C ASN I 216 52.02 37.04 19.82
N TYR I 217 51.58 37.70 18.75
CA TYR I 217 52.31 38.80 18.14
C TYR I 217 53.73 38.36 17.78
N MET I 218 53.80 37.38 16.89
CA MET I 218 55.07 36.87 16.38
C MET I 218 55.41 37.51 15.04
N ASP I 219 56.69 37.44 14.69
CA ASP I 219 57.19 37.93 13.41
C ASP I 219 57.55 36.73 12.55
N PHE I 220 56.53 36.16 11.91
CA PHE I 220 56.71 35.09 10.94
C PHE I 220 55.56 35.19 9.94
N PRO I 221 55.75 34.70 8.70
CA PRO I 221 54.74 34.93 7.65
C PRO I 221 53.32 34.54 8.02
N GLY I 222 53.16 33.65 8.99
CA GLY I 222 51.83 33.24 9.42
C GLY I 222 51.03 34.35 10.05
N PHE I 223 51.55 34.92 11.15
CA PHE I 223 50.86 36.02 11.81
C PHE I 223 50.94 37.31 11.01
N LEU I 224 52.02 37.50 10.26
CA LEU I 224 52.17 38.72 9.47
C LEU I 224 51.14 38.80 8.35
N LYS I 225 50.74 37.65 7.80
CA LYS I 225 49.74 37.65 6.73
C LYS I 225 48.32 37.65 7.28
N ALA I 226 48.11 37.06 8.46
CA ALA I 226 46.76 37.03 9.03
C ALA I 226 46.33 38.40 9.53
N SER I 227 47.28 39.24 9.94
CA SER I 227 46.98 40.58 10.43
C SER I 227 47.08 41.64 9.34
N ARG I 228 47.18 41.23 8.07
CA ARG I 228 47.34 42.13 6.94
C ARG I 228 48.55 43.05 7.09
N ALA I 229 49.54 42.63 7.87
CA ALA I 229 50.71 43.46 8.12
C ALA I 229 51.74 43.38 6.99
N ASP I 230 51.74 42.31 6.22
CA ASP I 230 52.66 42.17 5.09
C ASP I 230 52.20 43.06 3.95
N GLY I 231 52.96 44.12 3.66
CA GLY I 231 52.66 45.05 2.58
C GLY I 231 52.30 46.44 3.07
N ASP I 232 51.66 46.55 4.23
CA ASP I 232 51.24 47.84 4.77
C ASP I 232 51.96 48.10 6.09
N PRO I 233 52.95 48.99 6.12
CA PRO I 233 53.61 49.31 7.40
C PRO I 233 52.68 49.92 8.42
N GLU I 234 51.56 50.53 7.99
CA GLU I 234 50.59 51.06 8.95
C GLU I 234 49.92 49.96 9.74
N ARG I 235 49.70 48.79 9.12
CA ARG I 235 49.14 47.66 9.86
C ARG I 235 50.17 47.08 10.82
N ARG I 236 51.41 46.90 10.36
CA ARG I 236 52.48 46.43 11.24
C ARG I 236 52.66 47.39 12.41
N ALA I 237 52.56 48.69 12.17
CA ALA I 237 52.69 49.66 13.25
C ALA I 237 51.51 49.57 14.20
N MET I 238 50.28 49.61 13.68
CA MET I 238 49.09 49.50 14.51
C MET I 238 49.02 48.15 15.22
N ILE I 239 49.72 47.13 14.72
CA ILE I 239 49.74 45.83 15.39
C ILE I 239 50.60 45.89 16.64
N GLU I 240 51.86 46.32 16.50
CA GLU I 240 52.75 46.40 17.64
C GLU I 240 52.34 47.50 18.62
N ALA I 241 51.44 48.40 18.22
CA ALA I 241 50.89 49.37 19.17
C ALA I 241 50.01 48.71 20.22
N GLN I 242 49.52 47.50 19.95
CA GLN I 242 48.75 46.74 20.93
C GLN I 242 49.63 45.86 21.81
N VAL I 243 50.91 45.71 21.49
CA VAL I 243 51.85 44.95 22.31
C VAL I 243 52.46 45.89 23.34
N PRO I 244 52.53 45.48 24.61
CA PRO I 244 53.19 46.34 25.61
C PRO I 244 54.64 46.66 25.28
N LEU I 245 55.38 45.72 24.70
CA LEU I 245 56.77 45.98 24.30
C LEU I 245 56.88 46.65 22.94
N ARG I 246 55.76 46.91 22.28
CA ARG I 246 55.71 47.71 21.04
C ARG I 246 56.65 47.13 19.99
N ARG I 247 56.57 45.82 19.81
CA ARG I 247 57.40 45.11 18.84
C ARG I 247 56.81 43.73 18.62
N LEU I 248 57.31 43.06 17.59
CA LEU I 248 56.92 41.69 17.27
C LEU I 248 58.03 40.74 17.69
N GLY I 249 57.65 39.58 18.21
CA GLY I 249 58.62 38.62 18.71
C GLY I 249 59.31 37.89 17.56
N THR I 250 60.63 37.83 17.62
CA THR I 250 61.42 37.15 16.60
C THR I 250 61.52 35.66 16.92
N MET I 251 61.80 34.88 15.89
CA MET I 251 61.87 33.43 16.07
C MET I 251 63.14 33.00 16.80
N ASP I 252 64.23 33.76 16.67
CA ASP I 252 65.44 33.44 17.41
C ASP I 252 65.25 33.66 18.91
N GLU I 253 64.39 34.61 19.28
CA GLU I 253 64.06 34.83 20.68
C GLU I 253 63.29 33.66 21.25
N LEU I 254 62.16 33.32 20.64
CA LEU I 254 61.32 32.24 21.14
C LEU I 254 62.08 30.93 21.21
N SER I 255 62.92 30.65 20.21
CA SER I 255 63.69 29.41 20.23
C SER I 255 64.61 29.35 21.44
N SER I 256 65.15 30.50 21.86
CA SER I 256 66.01 30.51 23.04
C SER I 256 65.24 30.15 24.30
N VAL I 257 64.02 30.69 24.47
CA VAL I 257 63.22 30.37 25.63
C VAL I 257 62.78 28.90 25.59
N THR I 258 62.35 28.43 24.42
CA THR I 258 61.92 27.04 24.30
C THR I 258 63.08 26.08 24.51
N ALA I 259 64.23 26.35 23.88
CA ALA I 259 65.38 25.48 24.01
C ALA I 259 65.79 25.33 25.47
N GLY I 260 65.61 26.38 26.27
CA GLY I 260 65.96 26.30 27.67
C GLY I 260 65.12 25.29 28.43
N LEU I 261 63.94 24.99 27.93
CA LEU I 261 63.05 24.01 28.55
C LEU I 261 63.16 22.63 27.90
N LEU I 262 64.11 22.45 26.98
CA LEU I 262 64.25 21.17 26.30
C LEU I 262 65.69 20.70 26.18
N ASP I 263 66.67 21.44 26.71
CA ASP I 263 68.08 21.10 26.58
C ASP I 263 68.68 20.55 27.86
N GLY I 264 67.86 20.28 28.88
CA GLY I 264 68.34 19.72 30.12
C GLY I 264 68.93 20.70 31.10
N SER I 265 69.06 21.98 30.73
CA SER I 265 69.61 22.96 31.65
C SER I 265 68.66 23.24 32.81
N ASN I 266 67.37 23.32 32.53
CA ASN I 266 66.35 23.62 33.53
C ASN I 266 65.51 22.36 33.73
N ARG I 267 65.54 21.82 34.96
CA ARG I 267 64.78 20.62 35.31
C ARG I 267 63.99 20.83 36.60
N PHE I 268 63.57 22.07 36.88
CA PHE I 268 62.79 22.36 38.06
C PHE I 268 61.48 23.08 37.73
N GLN I 269 61.02 22.97 36.48
CA GLN I 269 59.77 23.58 36.05
C GLN I 269 58.95 22.53 35.30
N THR I 270 57.76 22.24 35.80
CA THR I 270 56.87 21.29 35.14
C THR I 270 55.42 21.72 35.35
N GLY I 271 54.57 21.31 34.42
CA GLY I 271 53.14 21.60 34.51
C GLY I 271 52.81 23.08 34.51
N GLN I 272 53.61 23.90 33.85
CA GLN I 272 53.45 25.35 33.90
C GLN I 272 53.21 25.91 32.50
N PHE I 273 52.66 27.13 32.49
CA PHE I 273 52.34 27.85 31.26
C PHE I 273 53.10 29.17 31.26
N PHE I 274 53.89 29.39 30.23
CA PHE I 274 54.72 30.59 30.11
C PHE I 274 54.21 31.44 28.95
N ASP I 275 53.67 32.61 29.27
CA ASP I 275 53.22 33.52 28.23
C ASP I 275 54.41 34.11 27.48
N PHE I 276 54.23 34.33 26.18
CA PHE I 276 55.26 34.91 25.32
C PHE I 276 54.54 35.83 24.32
N SER I 277 54.04 36.95 24.82
CA SER I 277 53.29 37.90 24.00
C SER I 277 53.76 39.34 24.20
N GLY I 278 54.96 39.52 24.74
CA GLY I 278 55.48 40.87 24.95
C GLY I 278 54.78 41.62 26.04
N GLY I 279 54.23 40.91 27.02
CA GLY I 279 53.39 41.51 28.03
C GLY I 279 51.92 41.56 27.68
N TRP I 280 51.53 41.14 26.47
CA TRP I 280 50.13 41.17 26.09
C TRP I 280 49.30 40.22 26.95
N GLY I 281 49.90 39.13 27.41
CA GLY I 281 49.18 38.17 28.23
C GLY I 281 49.71 38.08 29.65
N ALA I 282 50.31 39.17 30.13
CA ALA I 282 50.84 39.20 31.49
C ALA I 282 49.73 39.49 32.50
N ASN J 26 18.21 35.95 69.84
CA ASN J 26 19.65 35.82 69.67
C ASN J 26 20.08 36.28 68.28
N ARG J 27 19.81 37.54 67.98
CA ARG J 27 20.15 38.07 66.66
C ARG J 27 21.66 38.17 66.50
N PRO J 28 22.24 37.59 65.46
CA PRO J 28 23.69 37.71 65.26
C PRO J 28 24.10 39.15 64.98
N VAL J 29 25.39 39.40 65.12
CA VAL J 29 25.95 40.75 65.01
C VAL J 29 26.86 40.83 63.80
N ALA J 30 26.78 41.96 63.08
CA ALA J 30 27.55 42.17 61.86
C ALA J 30 28.28 43.50 61.96
N LEU J 31 29.60 43.46 61.82
CA LEU J 31 30.43 44.66 61.84
C LEU J 31 30.65 45.15 60.42
N ILE J 32 30.46 46.45 60.21
CA ILE J 32 30.64 47.08 58.90
C ILE J 32 31.45 48.35 59.11
N THR J 33 32.69 48.36 58.65
CA THR J 33 33.55 49.54 58.75
C THR J 33 33.33 50.46 57.56
N MET J 34 33.70 51.72 57.75
CA MET J 34 33.53 52.78 56.74
C MET J 34 32.08 52.86 56.27
N ALA J 35 31.14 52.55 57.16
CA ALA J 35 29.72 52.47 56.82
C ALA J 35 29.08 53.82 56.56
N THR J 36 29.82 54.93 56.69
CA THR J 36 29.27 56.24 56.35
C THR J 36 29.14 56.45 54.86
N GLY J 37 29.63 55.53 54.05
CA GLY J 37 29.50 55.61 52.61
C GLY J 37 29.82 54.28 51.97
N TYR J 38 29.86 54.27 50.65
CA TYR J 38 30.24 53.08 49.87
C TYR J 38 29.17 52.02 50.11
N VAL J 39 29.54 50.75 50.30
CA VAL J 39 28.55 49.68 50.44
C VAL J 39 27.89 49.73 51.81
N GLY J 40 28.60 50.19 52.84
CA GLY J 40 28.15 50.22 54.21
C GLY J 40 26.67 50.52 54.43
N PRO J 41 26.18 51.64 53.87
CA PRO J 41 24.75 51.97 54.02
C PRO J 41 23.82 50.86 53.55
N ALA J 42 23.83 50.59 52.24
CA ALA J 42 22.92 49.59 51.69
C ALA J 42 23.20 48.20 52.24
N LEU J 43 24.46 47.92 52.59
CA LEU J 43 24.76 46.66 53.27
C LEU J 43 24.06 46.60 54.62
N ALA J 44 24.09 47.71 55.37
CA ALA J 44 23.48 47.73 56.69
C ALA J 44 21.98 47.44 56.62
N ARG J 45 21.29 48.02 55.64
CA ARG J 45 19.85 47.79 55.51
C ARG J 45 19.56 46.32 55.20
N THR J 46 20.21 45.78 54.17
CA THR J 46 19.98 44.38 53.80
C THR J 46 20.37 43.44 54.92
N MET J 47 21.45 43.76 55.65
CA MET J 47 21.88 42.89 56.73
C MET J 47 20.89 42.92 57.89
N ALA J 48 20.29 44.08 58.16
CA ALA J 48 19.24 44.14 59.17
C ALA J 48 18.03 43.32 58.75
N ASP J 49 17.79 43.20 57.44
CA ASP J 49 16.70 42.37 56.94
C ASP J 49 16.95 40.89 57.19
N ARG J 50 18.21 40.45 57.11
CA ARG J 50 18.55 39.07 57.44
C ARG J 50 18.39 38.78 58.93
N GLY J 51 18.16 39.80 59.75
CA GLY J 51 17.98 39.60 61.18
C GLY J 51 19.27 39.77 61.96
N PHE J 52 20.04 40.79 61.59
CA PHE J 52 21.36 41.01 62.17
C PHE J 52 21.39 42.29 62.99
N ASP J 53 22.17 42.26 64.06
CA ASP J 53 22.48 43.46 64.82
C ASP J 53 23.76 44.07 64.26
N LEU J 54 23.78 45.39 64.15
CA LEU J 54 24.81 46.08 63.38
C LEU J 54 25.75 46.88 64.28
N VAL J 55 27.01 46.94 63.87
CA VAL J 55 28.01 47.82 64.46
C VAL J 55 28.61 48.60 63.30
N LEU J 56 28.14 49.82 63.11
CA LEU J 56 28.57 50.64 61.97
C LEU J 56 29.73 51.54 62.38
N HIS J 57 30.71 51.64 61.50
CA HIS J 57 31.85 52.54 61.67
C HIS J 57 31.92 53.50 60.49
N GLY J 58 32.35 54.72 60.75
CA GLY J 58 32.53 55.70 59.69
C GLY J 58 32.81 57.06 60.25
N THR J 59 32.71 58.05 59.37
CA THR J 59 32.93 59.44 59.74
C THR J 59 31.70 60.00 60.41
N ALA J 60 31.89 60.66 61.55
CA ALA J 60 30.79 61.31 62.25
C ALA J 60 30.55 62.70 61.67
N GLY J 61 29.29 63.13 61.71
CA GLY J 61 28.86 64.38 61.14
C GLY J 61 27.70 64.19 60.20
N ASP J 62 27.27 65.30 59.58
CA ASP J 62 26.16 65.25 58.65
C ASP J 62 26.70 65.10 57.22
N GLY J 63 25.83 65.33 56.23
CA GLY J 63 26.23 65.17 54.85
C GLY J 63 27.19 66.22 54.32
N THR J 64 27.25 67.38 54.98
CA THR J 64 28.14 68.44 54.52
C THR J 64 29.61 68.12 54.77
N MET J 65 29.89 67.19 55.68
CA MET J 65 31.27 66.81 55.96
C MET J 65 31.83 65.94 54.83
N VAL J 66 33.14 65.82 54.80
CA VAL J 66 33.82 65.03 53.78
C VAL J 66 33.83 63.57 54.20
N GLY J 67 33.52 62.69 53.25
CA GLY J 67 33.48 61.27 53.51
C GLY J 67 32.17 60.77 54.06
N VAL J 68 31.15 61.62 54.13
CA VAL J 68 29.82 61.25 54.65
C VAL J 68 28.84 61.38 53.50
N GLU J 69 28.44 60.24 52.93
CA GLU J 69 27.39 60.21 51.92
C GLU J 69 26.02 59.88 52.50
N GLU J 70 25.99 59.15 53.62
CA GLU J 70 24.75 58.87 54.33
C GLU J 70 25.02 59.05 55.82
N SER J 71 24.29 59.97 56.45
CA SER J 71 24.57 60.34 57.82
C SER J 71 24.36 59.16 58.77
N PHE J 72 25.13 59.16 59.86
CA PHE J 72 25.04 58.09 60.84
C PHE J 72 23.67 58.06 61.51
N ASP J 73 23.05 59.23 61.69
CA ASP J 73 21.74 59.26 62.35
C ASP J 73 20.66 58.64 61.48
N SER J 74 20.67 58.95 60.17
CA SER J 74 19.64 58.44 59.28
C SER J 74 19.71 56.92 59.15
N GLN J 75 20.92 56.36 59.07
CA GLN J 75 21.06 54.91 58.99
C GLN J 75 20.59 54.24 60.27
N ILE J 76 20.89 54.84 61.42
CA ILE J 76 20.49 54.25 62.70
C ILE J 76 18.97 54.26 62.84
N ALA J 77 18.30 55.27 62.29
CA ALA J 77 16.84 55.32 62.36
C ALA J 77 16.22 54.27 61.43
N ASP J 78 16.78 54.10 60.24
CA ASP J 78 16.25 53.11 59.31
C ASP J 78 16.48 51.69 59.80
N LEU J 79 17.67 51.42 60.34
CA LEU J 79 17.95 50.09 60.89
C LEU J 79 17.04 49.80 62.09
N ALA J 80 16.69 50.83 62.85
CA ALA J 80 15.72 50.64 63.93
C ALA J 80 14.35 50.27 63.38
N LYS J 81 13.96 50.88 62.26
CA LYS J 81 12.71 50.51 61.61
C LYS J 81 12.74 49.06 61.15
N ARG J 82 13.90 48.59 60.71
CA ARG J 82 14.10 47.20 60.36
C ARG J 82 14.31 46.30 61.58
N GLY J 83 14.21 46.87 62.78
CA GLY J 83 14.35 46.10 64.00
C GLY J 83 15.77 45.73 64.35
N ALA J 84 16.73 46.62 64.09
CA ALA J 84 18.14 46.33 64.30
C ALA J 84 18.72 47.28 65.33
N ASP J 85 19.50 46.73 66.26
CA ASP J 85 20.25 47.51 67.22
C ASP J 85 21.61 47.86 66.62
N VAL J 86 21.93 49.15 66.57
CA VAL J 86 23.14 49.64 65.92
C VAL J 86 24.00 50.35 66.95
N LEU J 87 25.28 50.00 67.00
CA LEU J 87 26.26 50.64 67.87
C LEU J 87 27.16 51.54 67.03
N THR J 88 27.48 52.73 67.57
CA THR J 88 28.18 53.76 66.83
C THR J 88 29.64 53.80 67.24
N ILE J 89 30.53 53.71 66.26
CA ILE J 89 31.98 53.77 66.49
C ILE J 89 32.58 54.71 65.46
N SER J 90 33.27 55.76 65.92
CA SER J 90 33.80 56.77 65.03
C SER J 90 35.13 57.35 65.50
N ASP J 91 35.76 56.78 66.53
CA ASP J 91 36.94 57.36 67.16
C ASP J 91 38.09 56.38 67.19
N VAL J 92 38.26 55.60 66.11
CA VAL J 92 39.33 54.62 66.03
C VAL J 92 40.08 54.81 64.72
N ASP J 93 41.39 54.56 64.77
CA ASP J 93 42.25 54.60 63.59
C ASP J 93 42.44 53.16 63.11
N LEU J 94 41.77 52.79 62.03
CA LEU J 94 41.73 51.40 61.58
C LEU J 94 43.05 50.92 61.01
N THR J 95 44.01 51.81 60.78
CA THR J 95 45.32 51.41 60.27
C THR J 95 46.26 50.93 61.36
N THR J 96 45.84 50.98 62.63
CA THR J 96 46.67 50.58 63.75
C THR J 96 46.05 49.39 64.47
N ARG J 97 46.88 48.69 65.25
CA ARG J 97 46.39 47.55 66.02
C ARG J 97 45.44 48.01 67.12
N THR J 98 45.71 49.15 67.75
CA THR J 98 44.87 49.62 68.84
C THR J 98 43.49 50.02 68.35
N GLY J 99 43.42 50.73 67.22
CA GLY J 99 42.12 51.11 66.67
C GLY J 99 41.27 49.90 66.31
N ASN J 100 41.90 48.84 65.82
CA ASN J 100 41.18 47.62 65.49
C ASN J 100 40.83 46.82 66.74
N GLN J 101 41.77 46.70 67.67
CA GLN J 101 41.53 45.90 68.87
C GLN J 101 40.49 46.54 69.77
N SER J 102 40.50 47.88 69.86
CA SER J 102 39.45 48.56 70.63
C SER J 102 38.10 48.45 69.94
N MET J 103 38.09 48.33 68.62
CA MET J 103 36.84 48.21 67.88
C MET J 103 36.11 46.92 68.24
N ILE J 104 36.84 45.80 68.26
CA ILE J 104 36.21 44.52 68.57
C ILE J 104 35.94 44.40 70.07
N GLU J 105 36.69 45.13 70.88
CA GLU J 105 36.42 45.14 72.31
C GLU J 105 35.06 45.77 72.61
N ARG J 106 34.74 46.85 71.88
CA ARG J 106 33.44 47.49 72.04
C ARG J 106 32.32 46.72 71.38
N VAL J 107 32.63 45.82 70.45
CA VAL J 107 31.60 44.96 69.86
C VAL J 107 31.21 43.86 70.82
N LEU J 108 32.20 43.17 71.40
CA LEU J 108 31.93 42.12 72.37
C LEU J 108 31.34 42.65 73.68
N GLU J 109 31.37 43.96 73.89
CA GLU J 109 30.75 44.55 75.07
C GLU J 109 29.27 44.85 74.83
N ARG J 110 28.96 45.54 73.74
CA ARG J 110 27.57 45.93 73.48
C ARG J 110 26.69 44.72 73.18
N PHE J 111 27.12 43.89 72.22
CA PHE J 111 26.31 42.76 71.79
C PHE J 111 26.80 41.41 72.30
N GLY J 112 28.07 41.30 72.70
CA GLY J 112 28.58 40.05 73.23
C GLY J 112 28.87 38.97 72.22
N ARG J 113 28.85 39.29 70.93
CA ARG J 113 29.10 38.30 69.89
C ARG J 113 29.46 39.02 68.60
N LEU J 114 30.35 38.39 67.83
CA LEU J 114 30.76 38.89 66.51
C LEU J 114 30.66 37.72 65.53
N ASP J 115 29.61 37.72 64.70
CA ASP J 115 29.37 36.66 63.74
C ASP J 115 29.83 37.02 62.33
N SER J 116 29.68 38.28 61.92
CA SER J 116 30.04 38.70 60.58
C SER J 116 30.77 40.04 60.65
N ALA J 117 31.72 40.23 59.74
CA ALA J 117 32.50 41.45 59.68
C ALA J 117 32.82 41.78 58.23
N CYS J 118 32.56 43.03 57.84
CA CYS J 118 32.87 43.54 56.51
C CYS J 118 33.87 44.68 56.67
N LEU J 119 35.13 44.41 56.32
CA LEU J 119 36.24 45.34 56.59
C LEU J 119 36.58 46.08 55.30
N VAL J 120 35.97 47.25 55.10
CA VAL J 120 36.34 48.11 53.99
C VAL J 120 37.69 48.75 54.27
N THR J 121 38.62 48.63 53.32
CA THR J 121 39.97 49.13 53.48
C THR J 121 40.39 49.85 52.21
N GLY J 122 41.48 50.61 52.32
CA GLY J 122 42.18 51.13 51.17
C GLY J 122 41.93 52.62 50.96
N LEU J 123 42.82 53.22 50.18
CA LEU J 123 42.68 54.61 49.73
C LEU J 123 43.31 54.70 48.35
N ILE J 124 42.54 55.20 47.38
CA ILE J 124 42.98 55.20 45.99
C ILE J 124 44.16 56.15 45.82
N VAL J 125 45.15 55.72 45.05
CA VAL J 125 46.26 56.57 44.68
C VAL J 125 46.80 56.10 43.33
N THR J 126 46.90 57.01 42.38
CA THR J 126 47.31 56.72 41.02
C THR J 126 48.52 57.55 40.65
N GLY J 127 49.08 57.27 39.47
CA GLY J 127 50.22 58.01 38.98
C GLY J 127 51.36 57.12 38.52
N LYS J 128 52.30 57.69 37.77
CA LYS J 128 53.44 56.94 37.29
C LYS J 128 54.23 56.35 38.45
N PHE J 129 54.86 55.20 38.21
CA PHE J 129 55.58 54.51 39.27
C PHE J 129 56.76 55.33 39.78
N LEU J 130 57.53 55.90 38.86
CA LEU J 130 58.71 56.68 39.24
C LEU J 130 58.37 58.04 39.83
N ASP J 131 57.09 58.40 39.90
CA ASP J 131 56.66 59.65 40.51
C ASP J 131 56.08 59.46 41.91
N MET J 132 56.11 58.23 42.43
CA MET J 132 55.51 57.94 43.73
C MET J 132 56.40 58.44 44.85
N THR J 133 55.90 59.41 45.61
CA THR J 133 56.63 59.91 46.75
C THR J 133 56.64 58.87 47.87
N CYS J 134 57.68 58.95 48.72
CA CYS J 134 57.79 58.02 49.83
C CYS J 134 56.61 58.12 50.79
N ASP J 135 55.87 59.23 50.75
CA ASP J 135 54.64 59.33 51.54
C ASP J 135 53.52 58.51 50.91
N GLN J 136 53.36 58.61 49.59
CA GLN J 136 52.36 57.80 48.90
C GLN J 136 52.62 56.31 49.13
N TRP J 137 53.88 55.90 49.06
CA TRP J 137 54.23 54.50 49.34
C TRP J 137 53.83 54.11 50.76
N ALA J 138 54.22 54.93 51.74
CA ALA J 138 53.90 54.62 53.14
C ALA J 138 52.40 54.69 53.40
N LYS J 139 51.69 55.59 52.73
CA LYS J 139 50.25 55.71 52.95
C LYS J 139 49.50 54.51 52.36
N VAL J 140 49.88 54.07 51.16
CA VAL J 140 49.15 52.97 50.53
C VAL J 140 49.43 51.66 51.25
N LYS J 141 50.60 51.51 51.87
CA LYS J 141 50.83 50.35 52.73
C LYS J 141 49.93 50.39 53.95
N ALA J 142 49.62 51.58 54.45
CA ALA J 142 48.78 51.69 55.63
C ALA J 142 47.33 51.37 55.31
N THR J 143 46.82 51.89 54.19
CA THR J 143 45.40 51.74 53.90
C THR J 143 45.08 50.38 53.27
N ASN J 144 45.98 49.84 52.45
CA ASN J 144 45.72 48.60 51.75
C ASN J 144 46.12 47.36 52.53
N LEU J 145 47.19 47.42 53.32
CA LEU J 145 47.71 46.27 54.03
C LEU J 145 47.54 46.36 55.53
N ASP J 146 47.90 47.50 56.14
CA ASP J 146 47.82 47.62 57.59
C ASP J 146 46.38 47.53 58.07
N MET J 147 45.44 48.08 57.30
CA MET J 147 44.03 47.96 57.67
C MET J 147 43.57 46.51 57.64
N VAL J 148 44.11 45.71 56.72
CA VAL J 148 43.70 44.32 56.60
C VAL J 148 44.35 43.47 57.69
N PHE J 149 45.64 43.67 57.92
CA PHE J 149 46.37 42.85 58.89
C PHE J 149 45.80 43.04 60.30
N HIS J 150 45.74 44.28 60.77
CA HIS J 150 45.18 44.54 62.09
C HIS J 150 43.68 44.25 62.12
N GLY J 151 42.98 44.53 61.01
CA GLY J 151 41.56 44.25 60.96
C GLY J 151 41.25 42.77 61.07
N LEU J 152 42.04 41.92 60.40
CA LEU J 152 41.83 40.49 60.50
C LEU J 152 42.27 39.96 61.86
N GLN J 153 43.40 40.44 62.37
CA GLN J 153 43.86 40.02 63.69
C GLN J 153 42.89 40.43 64.79
N ALA J 154 42.02 41.40 64.52
CA ALA J 154 41.07 41.88 65.52
C ALA J 154 39.74 41.13 65.49
N VAL J 155 39.26 40.76 64.29
CA VAL J 155 37.96 40.10 64.18
C VAL J 155 38.04 38.57 64.22
N LEU J 156 39.24 38.00 64.23
CA LEU J 156 39.37 36.56 64.10
C LEU J 156 39.35 35.82 65.43
N PRO J 157 40.02 36.30 66.49
CA PRO J 157 39.97 35.60 67.79
C PRO J 157 38.55 35.36 68.31
N PRO J 158 37.61 36.33 68.19
CA PRO J 158 36.27 36.03 68.73
C PRO J 158 35.48 35.04 67.88
N MET J 159 35.72 35.01 66.57
CA MET J 159 35.04 34.05 65.71
C MET J 159 35.60 32.65 65.87
N VAL J 160 36.91 32.53 66.11
CA VAL J 160 37.53 31.20 66.27
C VAL J 160 37.03 30.54 67.55
N ALA J 161 36.90 31.31 68.63
CA ALA J 161 36.39 30.75 69.89
C ALA J 161 34.95 30.30 69.74
N ALA J 162 34.13 31.11 69.06
CA ALA J 162 32.74 30.71 68.82
C ALA J 162 32.62 29.56 67.84
N GLY J 163 33.63 29.35 66.99
CA GLY J 163 33.61 28.26 66.04
C GLY J 163 32.84 28.53 64.77
N ALA J 164 32.35 29.76 64.56
CA ALA J 164 31.58 30.09 63.38
C ALA J 164 31.66 31.59 63.14
N GLY J 165 31.82 31.96 61.88
CA GLY J 165 31.93 33.36 61.53
C GLY J 165 32.18 33.52 60.04
N GLN J 166 31.87 34.72 59.55
CA GLN J 166 32.01 35.05 58.14
C GLN J 166 32.63 36.42 58.01
N CYS J 167 33.60 36.55 57.11
CA CYS J 167 34.37 37.78 56.99
C CYS J 167 34.59 38.11 55.52
N VAL J 168 34.33 39.37 55.16
CA VAL J 168 34.58 39.86 53.81
C VAL J 168 35.45 41.11 53.91
N VAL J 169 36.64 41.05 53.33
CA VAL J 169 37.58 42.16 53.34
C VAL J 169 37.52 42.84 51.98
N PHE J 170 37.25 44.14 51.96
CA PHE J 170 37.07 44.88 50.73
C PHE J 170 38.42 45.42 50.27
N THR J 171 38.93 44.89 49.16
CA THR J 171 40.15 45.40 48.56
C THR J 171 39.82 46.18 47.30
N SER J 172 40.34 45.75 46.16
CA SER J 172 40.07 46.43 44.90
C SER J 172 40.17 45.45 43.75
N ALA J 173 39.36 45.69 42.71
CA ALA J 173 39.47 44.89 41.49
C ALA J 173 40.84 45.00 40.86
N THR J 174 41.57 46.10 41.14
CA THR J 174 42.93 46.24 40.66
C THR J 174 43.86 45.18 41.21
N GLY J 175 43.47 44.50 42.29
CA GLY J 175 44.28 43.42 42.82
C GLY J 175 44.39 42.25 41.85
N GLY J 176 43.39 42.09 40.98
CA GLY J 176 43.47 41.04 39.97
C GLY J 176 44.28 41.43 38.75
N ARG J 177 44.31 42.73 38.42
CA ARG J 177 45.09 43.23 37.29
C ARG J 177 45.79 44.52 37.69
N PRO J 178 46.90 44.42 38.43
CA PRO J 178 47.70 45.61 38.71
C PRO J 178 48.28 46.21 37.44
N ASP J 179 47.65 47.28 36.95
CA ASP J 179 47.95 47.88 35.67
C ASP J 179 48.84 49.11 35.83
N PRO J 180 49.49 49.56 34.75
CA PRO J 180 50.23 50.83 34.80
C PRO J 180 49.39 52.00 35.31
N MET J 181 50.06 53.01 35.85
CA MET J 181 49.47 54.18 36.51
C MET J 181 48.78 53.81 37.82
N VAL J 182 48.68 52.53 38.17
CA VAL J 182 48.11 52.07 39.43
C VAL J 182 49.10 51.07 40.03
N SER J 183 50.40 51.38 39.94
CA SER J 183 51.42 50.40 40.29
C SER J 183 51.35 50.00 41.74
N ILE J 184 51.59 50.96 42.65
CA ILE J 184 51.66 50.61 44.07
C ILE J 184 50.29 50.46 44.70
N TYR J 185 49.24 51.04 44.11
CA TYR J 185 47.89 50.80 44.62
C TYR J 185 47.44 49.38 44.29
N GLY J 186 47.53 48.99 43.02
CA GLY J 186 47.10 47.66 42.63
C GLY J 186 47.96 46.55 43.20
N GLY J 187 49.27 46.81 43.30
CA GLY J 187 50.16 45.81 43.86
C GLY J 187 49.86 45.50 45.30
N THR J 188 49.59 46.52 46.11
CA THR J 188 49.28 46.30 47.51
C THR J 188 47.92 45.63 47.69
N ARG J 189 46.97 45.92 46.80
CA ARG J 189 45.70 45.20 46.84
C ARG J 189 45.88 43.73 46.49
N ALA J 190 46.81 43.43 45.58
CA ALA J 190 47.15 42.04 45.30
C ALA J 190 47.73 41.37 46.53
N GLY J 191 48.56 42.09 47.29
CA GLY J 191 49.04 41.57 48.55
C GLY J 191 47.93 41.37 49.56
N ALA J 192 47.00 42.32 49.64
CA ALA J 192 45.85 42.18 50.51
C ALA J 192 45.05 40.93 50.17
N ASN J 193 44.87 40.67 48.87
CA ASN J 193 44.17 39.44 48.45
C ASN J 193 44.97 38.21 48.85
N GLY J 194 46.29 38.24 48.67
CA GLY J 194 47.11 37.10 49.07
C GLY J 194 46.99 36.80 50.55
N ILE J 195 46.93 37.84 51.37
CA ILE J 195 46.76 37.64 52.82
C ILE J 195 45.40 37.02 53.10
N VAL J 196 44.34 37.55 52.47
CA VAL J 196 43.00 37.03 52.69
C VAL J 196 42.92 35.57 52.28
N ARG J 197 43.65 35.19 51.24
CA ARG J 197 43.65 33.78 50.82
C ARG J 197 44.26 32.90 51.90
N ALA J 198 45.45 33.25 52.38
CA ALA J 198 46.10 32.44 53.41
C ALA J 198 45.29 32.45 54.70
N VAL J 199 44.76 33.60 55.09
CA VAL J 199 43.98 33.68 56.33
C VAL J 199 42.68 32.91 56.19
N GLY J 200 42.01 33.03 55.04
CA GLY J 200 40.78 32.29 54.82
C GLY J 200 40.98 30.78 54.86
N LEU J 201 42.14 30.32 54.35
CA LEU J 201 42.44 28.90 54.42
C LEU J 201 42.95 28.48 55.79
N GLU J 202 43.70 29.36 56.46
CA GLU J 202 44.30 29.01 57.74
C GLU J 202 43.24 28.82 58.82
N HIS J 203 42.28 29.72 58.90
CA HIS J 203 41.22 29.63 59.88
C HIS J 203 39.98 28.91 59.34
N ALA J 204 40.10 28.28 58.17
CA ALA J 204 39.03 27.43 57.68
C ALA J 204 38.78 26.26 58.63
N ARG J 205 39.79 25.83 59.36
CA ARG J 205 39.66 24.74 60.34
C ARG J 205 38.97 25.19 61.62
N HIS J 206 38.42 26.40 61.67
CA HIS J 206 37.69 26.88 62.83
C HIS J 206 36.27 27.30 62.48
N GLY J 207 35.77 26.84 61.32
CA GLY J 207 34.42 27.16 60.91
C GLY J 207 34.18 28.61 60.54
N VAL J 208 35.22 29.35 60.18
CA VAL J 208 35.10 30.76 59.83
C VAL J 208 35.65 30.96 58.43
N GLN J 209 34.97 31.80 57.66
CA GLN J 209 35.33 32.09 56.27
C GLN J 209 35.85 33.51 56.16
N VAL J 210 36.95 33.69 55.45
CA VAL J 210 37.50 35.01 55.13
C VAL J 210 37.63 35.09 53.62
N ASN J 211 36.86 35.98 53.00
CA ASN J 211 36.90 36.20 51.57
C ASN J 211 37.12 37.67 51.29
N ALA J 212 37.53 37.97 50.07
CA ALA J 212 37.78 39.34 49.64
C ALA J 212 36.92 39.66 48.43
N ILE J 213 36.50 40.93 48.35
CA ILE J 213 35.69 41.43 47.24
C ILE J 213 36.35 42.70 46.73
N GLY J 214 36.79 42.68 45.48
CA GLY J 214 37.40 43.84 44.86
C GLY J 214 36.53 44.43 43.77
N THR J 215 36.18 45.70 43.90
CA THR J 215 35.25 46.35 42.99
C THR J 215 35.97 47.39 42.13
N ASN J 216 35.21 47.94 41.18
CA ASN J 216 35.63 49.02 40.29
C ASN J 216 34.42 49.44 39.47
N TYR J 217 34.41 50.70 39.05
CA TYR J 217 33.33 51.26 38.25
C TYR J 217 31.99 51.16 39.00
N MET J 218 31.98 51.74 40.19
CA MET J 218 30.79 51.74 41.04
C MET J 218 30.07 53.08 40.98
N ASP J 219 28.82 53.07 41.43
CA ASP J 219 27.97 54.25 41.45
C ASP J 219 27.81 54.72 42.90
N PHE J 220 28.78 55.50 43.37
CA PHE J 220 28.75 56.13 44.67
C PHE J 220 29.65 57.36 44.61
N PRO J 221 29.24 58.50 45.19
CA PRO J 221 29.91 59.79 44.91
C PRO J 221 31.43 59.77 44.92
N GLY J 222 32.03 58.79 45.59
CA GLY J 222 33.48 58.68 45.60
C GLY J 222 34.06 58.46 44.21
N PHE J 223 33.55 57.45 43.51
CA PHE J 223 34.08 57.14 42.18
C PHE J 223 33.62 58.17 41.14
N LEU J 224 32.39 58.64 41.25
CA LEU J 224 31.91 59.70 40.34
C LEU J 224 32.71 60.98 40.54
N ALA J 226 35.85 61.17 41.44
CA ALA J 226 37.26 61.02 41.10
C ALA J 226 37.46 60.96 39.58
N SER J 227 36.50 60.35 38.89
CA SER J 227 36.56 60.21 37.45
C SER J 227 35.98 61.40 36.70
N ARG J 228 35.67 62.50 37.40
CA ARG J 228 35.10 63.70 36.81
C ARG J 228 33.78 63.41 36.09
N ALA J 229 33.04 62.42 36.59
CA ALA J 229 31.78 62.02 35.97
C ALA J 229 30.59 62.78 36.51
N ASP J 230 30.65 63.23 37.76
CA ASP J 230 29.55 63.99 38.36
C ASP J 230 29.56 65.39 37.76
N GLY J 231 28.69 65.63 36.79
CA GLY J 231 28.60 66.90 36.09
C GLY J 231 28.97 66.84 34.62
N ASP J 232 29.67 65.79 34.20
CA ASP J 232 30.06 65.59 32.80
C ASP J 232 29.45 64.27 32.32
N PRO J 233 28.21 64.27 31.87
CA PRO J 233 27.61 63.02 31.35
C PRO J 233 28.33 62.46 30.15
N GLU J 234 29.06 63.30 29.39
CA GLU J 234 29.88 62.78 28.30
C GLU J 234 31.06 61.98 28.81
N ARG J 235 31.59 62.34 29.97
CA ARG J 235 32.68 61.57 30.57
C ARG J 235 32.16 60.35 31.32
N ARG J 236 30.96 60.45 31.91
CA ARG J 236 30.37 59.29 32.59
C ARG J 236 30.05 58.18 31.59
N ALA J 237 29.64 58.55 30.38
CA ALA J 237 29.39 57.54 29.35
C ALA J 237 30.68 56.88 28.90
N MET J 238 31.73 57.69 28.67
CA MET J 238 33.03 57.13 28.31
C MET J 238 33.58 56.25 29.42
N ILE J 239 33.23 56.53 30.67
CA ILE J 239 33.64 55.66 31.77
C ILE J 239 32.92 54.33 31.69
N GLU J 240 31.61 54.34 31.39
CA GLU J 240 30.87 53.10 31.21
C GLU J 240 31.25 52.40 29.92
N ALA J 241 31.86 53.10 28.97
CA ALA J 241 32.32 52.47 27.74
C ALA J 241 33.53 51.58 27.95
N GLN J 242 34.19 51.68 29.10
CA GLN J 242 35.28 50.77 29.46
C GLN J 242 34.81 49.57 30.25
N VAL J 243 33.58 49.58 30.75
CA VAL J 243 33.01 48.43 31.44
C VAL J 243 32.45 47.46 30.41
N PRO J 244 32.73 46.16 30.51
CA PRO J 244 32.12 45.20 29.57
C PRO J 244 30.60 45.25 29.56
N LEU J 245 29.96 45.37 30.73
CA LEU J 245 28.51 45.44 30.81
C LEU J 245 27.96 46.83 30.53
N ARG J 246 28.82 47.78 30.16
CA ARG J 246 28.41 49.11 29.70
C ARG J 246 27.53 49.82 30.73
N ARG J 247 27.91 49.74 32.00
CA ARG J 247 27.15 50.38 33.07
C ARG J 247 28.00 50.44 34.31
N LEU J 248 27.54 51.23 35.28
CA LEU J 248 28.19 51.41 36.57
C LEU J 248 27.39 50.68 37.64
N GLY J 249 28.06 49.84 38.43
CA GLY J 249 27.38 49.03 39.40
C GLY J 249 26.80 49.85 40.53
N THR J 250 25.63 49.43 41.02
CA THR J 250 24.94 50.11 42.10
C THR J 250 25.29 49.48 43.44
N MET J 251 25.02 50.24 44.51
CA MET J 251 25.31 49.77 45.86
C MET J 251 24.30 48.72 46.34
N ASP J 252 23.09 48.70 45.76
CA ASP J 252 22.14 47.66 46.11
C ASP J 252 22.59 46.30 45.55
N GLU J 253 23.19 46.30 44.37
CA GLU J 253 23.78 45.07 43.84
C GLU J 253 24.94 44.60 44.70
N LEU J 254 25.86 45.51 45.06
CA LEU J 254 27.01 45.15 45.90
C LEU J 254 26.55 44.60 47.24
N SER J 255 25.57 45.25 47.86
CA SER J 255 25.10 44.77 49.16
C SER J 255 24.53 43.37 49.05
N SER J 256 23.97 43.01 47.90
CA SER J 256 23.38 41.69 47.72
C SER J 256 24.45 40.60 47.72
N VAL J 257 25.54 40.81 46.98
CA VAL J 257 26.57 39.78 46.89
C VAL J 257 27.35 39.69 48.20
N THR J 258 27.68 40.83 48.80
CA THR J 258 28.43 40.82 50.06
C THR J 258 27.63 40.16 51.18
N ALA J 259 26.33 40.48 51.26
CA ALA J 259 25.50 39.89 52.32
C ALA J 259 25.38 38.38 52.15
N GLY J 260 25.40 37.88 50.92
CA GLY J 260 25.37 36.45 50.69
C GLY J 260 26.58 35.72 51.25
N LEU J 261 27.67 36.45 51.52
CA LEU J 261 28.89 35.87 52.05
C LEU J 261 29.03 36.08 53.55
N LEU J 262 28.12 36.81 54.19
CA LEU J 262 28.20 37.08 55.61
C LEU J 262 26.93 36.72 56.38
N ASP J 263 25.89 36.22 55.72
CA ASP J 263 24.62 35.96 56.37
C ASP J 263 24.43 34.51 56.76
N GLY J 264 25.43 33.65 56.56
CA GLY J 264 25.32 32.25 56.88
C GLY J 264 24.65 31.40 55.82
N SER J 265 24.07 32.01 54.79
CA SER J 265 23.47 31.22 53.71
C SER J 265 24.54 30.43 52.96
N ASN J 266 25.62 31.09 52.57
CA ASN J 266 26.76 30.45 51.93
C ASN J 266 27.85 30.27 52.97
N ARG J 267 28.32 29.03 53.12
CA ARG J 267 29.37 28.69 54.07
C ARG J 267 30.26 27.60 53.47
N PHE J 268 30.64 27.78 52.20
CA PHE J 268 31.48 26.82 51.50
C PHE J 268 32.47 27.53 50.57
N GLN J 269 32.83 28.76 50.89
CA GLN J 269 33.78 29.55 50.10
C GLN J 269 34.67 30.31 51.06
N THR J 270 35.96 29.98 51.08
CA THR J 270 36.92 30.65 51.97
C THR J 270 38.19 30.99 51.20
N GLY J 271 38.81 32.09 51.58
CA GLY J 271 40.08 32.49 51.00
C GLY J 271 40.04 32.79 49.52
N GLN J 272 38.90 33.26 49.01
CA GLN J 272 38.72 33.53 47.59
C GLN J 272 38.53 35.03 47.35
N PHE J 273 38.86 35.44 46.13
CA PHE J 273 38.76 36.84 45.72
C PHE J 273 37.75 36.93 44.58
N PHE J 274 36.73 37.78 44.76
CA PHE J 274 35.64 37.91 43.80
C PHE J 274 35.72 39.29 43.16
N ASP J 275 36.02 39.32 41.87
CA ASP J 275 35.99 40.56 41.12
C ASP J 275 34.55 41.05 40.97
N PHE J 276 34.36 42.37 41.10
CA PHE J 276 33.05 42.99 40.97
C PHE J 276 33.21 44.30 40.20
N SER J 277 33.46 44.19 38.89
CA SER J 277 33.79 45.36 38.07
C SER J 277 33.06 45.31 36.72
N GLY J 278 31.95 44.59 36.65
CA GLY J 278 31.22 44.47 35.41
C GLY J 278 31.98 43.70 34.34
N GLY J 279 32.87 42.79 34.75
CA GLY J 279 33.70 42.06 33.82
C GLY J 279 35.00 42.73 33.49
N TRP J 280 35.29 43.89 34.07
CA TRP J 280 36.54 44.59 33.78
C TRP J 280 37.75 43.79 34.26
N GLY J 281 37.59 43.04 35.34
CA GLY J 281 38.68 42.22 35.85
C GLY J 281 38.39 40.75 35.82
N ALA J 282 37.85 40.26 34.70
CA ALA J 282 37.53 38.84 34.57
C ALA J 282 38.67 38.10 33.88
OAA ME7 K . -28.18 -17.01 32.23
OAB ME7 K . -24.40 -15.32 30.23
OAC ME7 K . -26.95 -18.49 28.49
OAD ME7 K . -26.90 -14.15 26.98
CAE ME7 K . -25.81 -17.47 32.59
CAF ME7 K . -24.70 -16.97 32.01
CAG ME7 K . -25.79 -17.43 26.61
CAH ME7 K . -25.79 -16.17 26.17
CAI ME7 K . -27.35 -15.06 30.20
CAJ ME7 K . -28.07 -15.83 29.10
CAK ME7 K . -26.99 -16.83 31.99
CAL ME7 K . -25.11 -15.98 30.99
CAM ME7 K . -26.67 -17.51 27.80
CAN ME7 K . -26.65 -15.35 27.05
NAO ME7 K . -26.51 -15.94 31.02
NAP ME7 K . -27.15 -16.22 28.01
S SO4 L . -16.40 9.14 27.22
O1 SO4 L . -16.31 8.19 26.11
O2 SO4 L . -16.74 8.43 28.44
O3 SO4 L . -17.42 10.13 26.93
O4 SO4 L . -15.11 9.81 27.38
S SO4 M . -14.51 4.58 22.67
O1 SO4 M . -15.13 3.34 22.24
O2 SO4 M . -13.19 4.30 23.20
O3 SO4 M . -14.40 5.50 21.55
O4 SO4 M . -15.33 5.19 23.72
S SO4 N . -11.30 0.43 19.88
O1 SO4 N . -11.87 -0.47 20.89
O2 SO4 N . -10.36 -0.31 19.05
O3 SO4 N . -10.61 1.53 20.54
O4 SO4 N . -12.38 0.96 19.05
S SO4 O . -11.34 6.15 15.71
O1 SO4 O . -10.49 5.02 16.07
O2 SO4 O . -11.87 6.78 16.91
O3 SO4 O . -10.55 7.13 14.95
O4 SO4 O . -12.46 5.68 14.88
S SO4 P . -20.44 6.57 31.18
O1 SO4 P . -20.94 5.22 30.92
O2 SO4 P . -20.15 6.73 32.59
O3 SO4 P . -19.23 6.80 30.40
O4 SO4 P . -21.47 7.54 30.78
OAA ME7 Q . -18.18 32.95 -11.48
OAB ME7 Q . -21.63 35.74 -12.67
OAC ME7 Q . -19.93 36.48 -9.61
OAD ME7 Q . -20.46 32.32 -7.75
CAE ME7 Q . -18.26 34.93 -12.93
CAF ME7 Q . -19.27 35.74 -13.27
CAG ME7 Q . -18.77 35.37 -7.77
CAH ME7 Q . -18.92 34.16 -7.24
CAI ME7 Q . -21.08 33.32 -11.09
CAJ ME7 Q . -21.57 34.05 -9.86
CAK ME7 Q . -18.78 33.88 -12.02
CAL ME7 Q . -20.51 35.26 -12.61
CAM ME7 Q . -19.76 35.52 -8.88
CAN ME7 Q . -20.02 33.45 -7.94
NAO ME7 Q . -20.14 34.14 -11.88
NAP ME7 Q . -20.48 34.33 -8.92
S SO4 R . -17.57 7.36 -8.45
O1 SO4 R . -18.64 6.38 -8.29
O2 SO4 R . -16.29 6.66 -8.55
O3 SO4 R . -17.55 8.27 -7.31
O4 SO4 R . -17.80 8.13 -9.68
S SO4 S . -20.42 10.73 -11.82
O1 SO4 S . -21.68 10.36 -11.17
O2 SO4 S . -19.31 10.45 -10.91
O3 SO4 S . -20.25 9.96 -13.05
O4 SO4 S . -20.43 12.16 -12.14
S SO4 T . -14.03 11.12 -3.74
O1 SO4 T . -13.07 10.43 -4.62
O2 SO4 T . -14.14 10.38 -2.48
O3 SO4 T . -13.57 12.48 -3.47
O4 SO4 T . -15.33 11.16 -4.39
S SO4 U . -35.71 32.97 7.98
O1 SO4 U . -36.77 31.95 7.90
O2 SO4 U . -35.71 33.57 9.30
O3 SO4 U . -34.42 32.33 7.73
O4 SO4 U . -35.94 34.00 6.96
S SO4 V . -39.44 29.33 10.78
O1 SO4 V . -40.77 28.78 10.51
O2 SO4 V . -39.20 29.29 12.21
O3 SO4 V . -39.37 30.71 10.32
O4 SO4 V . -38.43 28.53 10.10
S SO4 W . -42.53 25.34 7.02
O1 SO4 W . -42.58 24.15 7.85
O2 SO4 W . -43.54 26.30 7.45
O3 SO4 W . -41.20 25.95 7.12
O4 SO4 W . -42.78 24.97 5.62
S SO4 X . -44.81 -5.57 8.61
O1 SO4 X . -44.88 -6.91 9.17
O2 SO4 X . -44.61 -4.59 9.68
O3 SO4 X . -43.69 -5.48 7.67
O4 SO4 X . -46.06 -5.27 7.90
S SO4 Y . -41.65 -9.98 11.38
O1 SO4 Y . -42.09 -10.61 10.13
O2 SO4 Y . -41.59 -10.99 12.43
O3 SO4 Y . -40.33 -9.39 11.18
O4 SO4 Y . -42.60 -8.94 11.75
S SO4 Z . -46.66 -0.63 13.00
O1 SO4 Z . -47.76 -1.53 12.67
O2 SO4 Z . -46.87 -0.06 14.33
O3 SO4 Z . -45.40 -1.37 12.97
O4 SO4 Z . -46.60 0.45 12.01
S SO4 AA . 10.59 -2.00 11.45
O1 SO4 AA . 10.86 -3.40 11.15
O2 SO4 AA . 11.21 -1.64 12.71
O3 SO4 AA . 11.13 -1.17 10.37
O4 SO4 AA . 9.15 -1.80 11.53
S SO4 BA . 14.94 -1.19 15.02
O1 SO4 BA . 15.94 -2.02 14.34
O2 SO4 BA . 14.36 -1.94 16.12
O3 SO4 BA . 13.90 -0.82 14.06
O4 SO4 BA . 15.59 0.02 15.53
S SO4 CA . 9.86 2.93 6.34
O1 SO4 CA . 8.66 3.52 6.95
O2 SO4 CA . 10.55 2.10 7.34
O3 SO4 CA . 10.75 4.00 5.90
O4 SO4 CA . 9.48 2.11 5.20
S SO4 DA . 8.66 7.35 3.89
O1 SO4 DA . 7.66 7.03 4.91
O2 SO4 DA . 8.92 6.16 3.07
O3 SO4 DA . 9.90 7.78 4.54
O4 SO4 DA . 8.15 8.42 3.04
S SO4 EA . 10.56 -1.10 -24.27
O1 SO4 EA . 12.01 -1.02 -24.16
O2 SO4 EA . 10.01 -1.83 -23.12
O3 SO4 EA . 10.19 -1.78 -25.50
O4 SO4 EA . 10.01 0.26 -24.28
S SO4 FA . 12.13 -5.23 -28.02
O1 SO4 FA . 11.41 -6.45 -28.36
O2 SO4 FA . 13.28 -5.54 -27.19
O3 SO4 FA . 12.58 -4.58 -29.25
O4 SO4 FA . 11.24 -4.32 -27.30
S SO4 GA . 6.13 -3.41 -19.06
O1 SO4 GA . 5.03 -4.32 -18.76
O2 SO4 GA . 6.75 -2.98 -17.80
O3 SO4 GA . 7.13 -4.09 -19.88
O4 SO4 GA . 5.63 -2.25 -19.78
OAA ME7 HA . 4.77 -28.41 -27.57
OAB ME7 HA . 1.15 -25.67 -26.85
OAC ME7 HA . 3.17 -29.76 -25.38
OAD ME7 HA . 2.31 -26.12 -22.71
CAE ME7 HA . 2.57 -28.30 -28.64
CAF ME7 HA . 1.51 -27.50 -28.43
CAG ME7 HA . 1.37 -29.30 -23.79
CAH ME7 HA . 1.12 -28.24 -23.01
CAI ME7 HA . 3.88 -26.16 -25.87
CAJ ME7 HA . 4.23 -27.10 -24.72
CAK ME7 HA . 3.65 -27.92 -27.69
CAL ME7 HA . 1.84 -26.56 -27.34
CAM ME7 HA . 2.60 -29.04 -24.56
CAN ME7 HA . 2.18 -27.23 -23.23
NAO ME7 HA . 3.14 -26.86 -26.93
NAP ME7 HA . 3.04 -27.77 -24.18
S SO4 IA . 4.78 -51.53 -29.25
O1 SO4 IA . 4.01 -52.66 -29.75
O2 SO4 IA . 4.57 -51.41 -27.80
O3 SO4 IA . 6.20 -51.75 -29.51
O4 SO4 IA . 4.34 -50.30 -29.91
S SO4 JA . -4.71 -50.79 -30.68
O1 SO4 JA . -3.50 -51.50 -30.30
O2 SO4 JA . -5.29 -50.14 -29.51
O3 SO4 JA . -5.68 -51.74 -31.24
O4 SO4 JA . -4.39 -49.78 -31.70
S SO4 KA . 0.51 -54.41 -30.22
O1 SO4 KA . -0.04 -55.70 -29.81
O2 SO4 KA . 1.23 -53.82 -29.10
O3 SO4 KA . 1.44 -54.62 -31.34
O4 SO4 KA . -0.56 -53.52 -30.65
OAA ME7 LA . -14.95 -75.56 -66.08
OAB ME7 LA . -13.75 -71.12 -66.15
OAC ME7 LA . -16.92 -72.10 -66.69
OAD ME7 LA . -16.29 -73.63 -70.98
CAE ME7 LA . -14.90 -73.86 -64.33
CAF ME7 LA . -14.55 -72.57 -64.34
CAG ME7 LA . -18.48 -73.02 -68.34
CAH ME7 LA . -18.30 -73.46 -69.59
CAI ME7 LA . -14.02 -73.46 -67.92
CAJ ME7 LA . -14.81 -72.43 -68.72
CAK ME7 LA . -14.75 -74.41 -65.68
CAL ME7 LA . -14.15 -72.21 -65.73
CAM ME7 LA . -17.18 -72.57 -67.80
CAN ME7 LA . -16.86 -73.33 -69.93
NAO ME7 LA . -14.29 -73.36 -66.48
NAP ME7 LA . -16.24 -72.78 -68.81
S SO4 MA . -23.19 -51.90 -61.21
O1 SO4 MA . -23.04 -53.28 -61.65
O2 SO4 MA . -23.37 -51.88 -59.76
O3 SO4 MA . -21.99 -51.14 -61.56
O4 SO4 MA . -24.35 -51.30 -61.86
S SO4 NA . -23.63 -50.06 -55.96
O1 SO4 NA . -24.08 -51.33 -56.52
O2 SO4 NA . -24.01 -49.99 -54.55
O3 SO4 NA . -22.17 -49.96 -56.09
O4 SO4 NA . -24.26 -48.96 -56.69
OAA ME7 OA . 30.16 19.90 11.40
OAB ME7 OA . 30.07 15.31 11.42
OAC ME7 OA . 27.45 16.56 13.33
OAD ME7 OA . 30.14 19.21 15.92
CAE ME7 OA . 29.28 18.29 9.78
CAF ME7 OA . 29.25 16.95 9.79
CAG ME7 OA . 26.94 18.44 14.79
CAH ME7 OA . 27.73 19.21 15.56
CAI ME7 OA . 31.04 17.60 13.00
CAJ ME7 OA . 30.26 16.90 14.10
CAK ME7 OA . 29.95 18.75 11.02
CAL ME7 OA . 29.91 16.46 11.03
CAM ME7 OA . 27.80 17.44 14.11
CAN ME7 OA . 29.13 18.76 15.41
NAO ME7 OA . 30.32 17.61 11.73
NAP ME7 OA . 29.10 17.68 14.52
S SO4 PA . 50.81 33.37 17.24
O1 SO4 PA . 49.79 32.92 18.18
O2 SO4 PA . 52.09 33.51 17.93
O3 SO4 PA . 50.95 32.40 16.16
O4 SO4 PA . 50.42 34.66 16.68
S SO4 QA . 50.49 28.25 15.51
O1 SO4 QA . 49.53 27.56 14.66
O2 SO4 QA . 50.51 27.61 16.82
O3 SO4 QA . 51.82 28.18 14.91
O4 SO4 QA . 50.10 29.65 15.66
S SO4 RA . 46.21 35.81 17.30
O1 SO4 RA . 45.19 35.67 18.33
O2 SO4 RA . 47.29 34.85 17.56
O3 SO4 RA . 46.76 37.17 17.33
O4 SO4 RA . 45.63 35.56 15.99
S SO4 SA . 40.09 52.96 39.81
O1 SO4 SA . 39.95 52.01 40.90
O2 SO4 SA . 39.57 52.38 38.57
O3 SO4 SA . 41.50 53.29 39.63
O4 SO4 SA . 39.34 54.17 40.12
S SO4 TA . 35.45 51.74 42.98
O1 SO4 TA . 35.13 50.41 43.49
O2 SO4 TA . 35.43 52.70 44.08
O3 SO4 TA . 36.78 51.73 42.38
O4 SO4 TA . 34.46 52.13 41.97
#